data_8IHR
#
_entry.id   8IHR
#
_cell.length_a   1.00
_cell.length_b   1.00
_cell.length_c   1.00
_cell.angle_alpha   90.00
_cell.angle_beta   90.00
_cell.angle_gamma   90.00
#
_symmetry.space_group_name_H-M   'P 1'
#
loop_
_entity.id
_entity.type
_entity.pdbx_description
1 polymer 'Amidohydrolase family protein'
2 non-polymer 'ZINC ION'
3 non-polymer PHENYLALANINE
#
_entity_poly.entity_id   1
_entity_poly.type   'polypeptide(L)'
_entity_poly.pdbx_seq_one_letter_code
;MPIRRRFASLLLLACAPAWAEPVAVQCGRLFDARSGQLKGPHTLLVADGRIRQVLPGTGADAAGARVVDLGDKVCLPGWT
DLHVHLGSQSSPQSYSEDFRLDPVDHAFRAVGYAEKTLMAGFTSVRDLGGEVSPHLRDAINQGLVRGPRIFAAGKSIATT
GGHADPTNGWNERLAHLVGAPGPAEGVVNSVDEARQAVRQRYKEGSDLI(KCX)ITATGGVLSYARSGDAPQFTVDEIKA
VVDTARDYGFRVAAHAHGTEGMKRAVQAGVTSIEHGTYMDDEVMRLMKQHGTWYVPTFYAGRFVTEKAAIDGYFPEVVRP
KAARIGALISQTAAKAYRNGVRIAFGTDQGVGPHGDNAREFVYMVEAGIPAAYALQAATVHAAQVLGVDDQGVLEPGKRA
DVIALAGNPLEDINAVLDVRFVMKDGVIYKQ
;
_entity_poly.pdbx_strand_id   A,B,C,D,E,F,G,H
#
loop_
_chem_comp.id
_chem_comp.type
_chem_comp.name
_chem_comp.formula
ZN non-polymer 'ZINC ION' 'Zn 2'
#
# COMPACT_ATOMS: atom_id res chain seq x y z
N PRO A 22 56.57 1.54 -17.80
CA PRO A 22 57.40 1.12 -18.94
C PRO A 22 58.28 -0.08 -18.60
N VAL A 23 57.90 -1.27 -19.07
CA VAL A 23 58.62 -2.49 -18.77
C VAL A 23 58.90 -3.24 -20.07
N ALA A 24 59.82 -4.19 -19.99
CA ALA A 24 60.20 -5.03 -21.13
C ALA A 24 60.07 -6.49 -20.72
N VAL A 25 59.14 -7.20 -21.32
CA VAL A 25 58.90 -8.61 -21.02
C VAL A 25 59.53 -9.44 -22.13
N GLN A 26 60.51 -10.26 -21.78
CA GLN A 26 61.19 -11.14 -22.72
C GLN A 26 60.58 -12.52 -22.62
N CYS A 27 59.82 -12.91 -23.64
CA CYS A 27 59.12 -14.19 -23.70
C CYS A 27 59.91 -15.18 -24.53
N GLY A 28 60.08 -16.40 -23.99
CA GLY A 28 60.80 -17.42 -24.72
C GLY A 28 60.08 -17.88 -25.98
N ARG A 29 58.75 -17.94 -25.92
CA ARG A 29 57.95 -18.31 -27.08
C ARG A 29 56.63 -17.55 -27.03
N LEU A 30 56.23 -17.00 -28.17
CA LEU A 30 55.05 -16.16 -28.27
C LEU A 30 54.00 -16.83 -29.14
N PHE A 31 52.75 -16.84 -28.67
CA PHE A 31 51.64 -17.39 -29.43
C PHE A 31 50.91 -16.25 -30.13
N ASP A 32 50.76 -16.38 -31.44
CA ASP A 32 50.05 -15.38 -32.24
C ASP A 32 48.58 -15.79 -32.32
N ALA A 33 47.70 -14.98 -31.74
CA ALA A 33 46.27 -15.31 -31.76
C ALA A 33 45.66 -15.05 -33.12
N ARG A 34 46.22 -14.12 -33.90
CA ARG A 34 45.64 -13.80 -35.20
C ARG A 34 45.84 -14.94 -36.18
N SER A 35 47.05 -15.49 -36.26
CA SER A 35 47.34 -16.56 -37.19
C SER A 35 47.23 -17.95 -36.58
N GLY A 36 47.18 -18.05 -35.25
CA GLY A 36 47.08 -19.35 -34.60
C GLY A 36 48.36 -20.13 -34.52
N GLN A 37 49.52 -19.50 -34.75
CA GLN A 37 50.80 -20.18 -34.75
C GLN A 37 51.66 -19.70 -33.59
N LEU A 38 52.56 -20.57 -33.15
CA LEU A 38 53.46 -20.28 -32.04
C LEU A 38 54.81 -19.85 -32.60
N LYS A 39 55.26 -18.65 -32.22
CA LYS A 39 56.50 -18.09 -32.72
C LYS A 39 57.64 -18.38 -31.74
N GLY A 40 58.79 -17.75 -31.98
CA GLY A 40 59.95 -17.95 -31.14
C GLY A 40 60.12 -16.85 -30.11
N PRO A 41 61.37 -16.63 -29.68
CA PRO A 41 61.63 -15.61 -28.65
C PRO A 41 61.20 -14.23 -29.11
N HIS A 42 60.69 -13.43 -28.18
CA HIS A 42 60.19 -12.11 -28.50
C HIS A 42 60.34 -11.21 -27.28
N THR A 43 60.26 -9.91 -27.52
CA THR A 43 60.27 -8.91 -26.45
C THR A 43 59.06 -8.00 -26.62
N LEU A 44 58.40 -7.68 -25.52
CA LEU A 44 57.27 -6.77 -25.51
C LEU A 44 57.59 -5.57 -24.63
N LEU A 45 57.55 -4.38 -25.22
CA LEU A 45 57.76 -3.14 -24.51
C LEU A 45 56.40 -2.54 -24.20
N VAL A 46 56.11 -2.34 -22.93
CA VAL A 46 54.80 -1.95 -22.43
C VAL A 46 54.92 -0.59 -21.77
N ALA A 47 54.01 0.33 -22.12
CA ALA A 47 53.98 1.66 -21.54
C ALA A 47 52.54 2.14 -21.46
N ASP A 48 52.17 2.70 -20.30
CA ASP A 48 50.85 3.29 -20.08
C ASP A 48 49.73 2.27 -20.29
N GLY A 49 49.95 1.03 -19.87
CA GLY A 49 48.92 0.02 -19.96
C GLY A 49 48.63 -0.47 -21.35
N ARG A 50 49.53 -0.23 -22.30
CA ARG A 50 49.37 -0.68 -23.67
C ARG A 50 50.66 -1.36 -24.12
N ILE A 51 50.53 -2.23 -25.13
CA ILE A 51 51.69 -2.85 -25.75
C ILE A 51 52.31 -1.82 -26.68
N ARG A 52 53.38 -1.17 -26.22
CA ARG A 52 54.01 -0.12 -27.02
C ARG A 52 54.69 -0.71 -28.26
N GLN A 53 55.44 -1.79 -28.08
CA GLN A 53 56.15 -2.33 -29.24
C GLN A 53 56.45 -3.81 -29.04
N VAL A 54 56.62 -4.52 -30.15
CA VAL A 54 56.95 -5.94 -30.16
C VAL A 54 58.21 -6.11 -31.00
N LEU A 55 59.27 -6.66 -30.40
CA LEU A 55 60.56 -6.83 -31.04
C LEU A 55 60.84 -8.32 -31.24
N PRO A 56 61.04 -8.78 -32.46
CA PRO A 56 61.45 -10.17 -32.66
C PRO A 56 62.84 -10.43 -32.10
N GLY A 57 63.06 -11.65 -31.64
CA GLY A 57 64.34 -12.04 -31.08
C GLY A 57 64.58 -11.47 -29.69
N ALA A 65 61.69 -0.60 -19.27
CA ALA A 65 62.81 -0.37 -18.35
C ALA A 65 63.12 -1.63 -17.56
N ARG A 66 62.26 -1.95 -16.60
CA ARG A 66 62.44 -3.16 -15.81
C ARG A 66 62.21 -4.39 -16.69
N VAL A 67 63.08 -5.38 -16.53
CA VAL A 67 63.09 -6.58 -17.36
C VAL A 67 62.32 -7.68 -16.64
N VAL A 68 61.37 -8.29 -17.35
CA VAL A 68 60.65 -9.46 -16.86
C VAL A 68 61.01 -10.64 -17.76
N ASP A 69 61.75 -11.60 -17.20
CA ASP A 69 62.31 -12.70 -17.97
C ASP A 69 61.41 -13.92 -17.83
N LEU A 70 60.65 -14.22 -18.90
CA LEU A 70 59.91 -15.47 -18.97
C LEU A 70 60.44 -16.30 -20.12
N GLY A 71 61.77 -16.36 -20.23
CA GLY A 71 62.43 -16.97 -21.38
C GLY A 71 62.28 -18.47 -21.49
N ASP A 72 61.72 -19.13 -20.48
CA ASP A 72 61.46 -20.56 -20.52
C ASP A 72 59.97 -20.87 -20.47
N LYS A 73 59.13 -19.91 -20.84
CA LYS A 73 57.68 -20.06 -20.75
C LYS A 73 57.03 -19.61 -22.05
N VAL A 74 55.81 -20.08 -22.27
CA VAL A 74 55.04 -19.74 -23.47
C VAL A 74 54.11 -18.59 -23.12
N CYS A 75 54.22 -17.50 -23.87
CA CYS A 75 53.43 -16.29 -23.62
C CYS A 75 52.20 -16.27 -24.50
N LEU A 76 51.09 -15.78 -23.95
CA LEU A 76 49.80 -15.73 -24.62
C LEU A 76 49.06 -14.47 -24.21
N PRO A 77 48.10 -14.01 -25.01
CA PRO A 77 47.21 -12.95 -24.55
C PRO A 77 46.29 -13.43 -23.44
N GLY A 78 45.80 -12.48 -22.66
CA GLY A 78 44.88 -12.83 -21.59
C GLY A 78 43.59 -13.43 -22.14
N TRP A 79 43.08 -14.43 -21.43
CA TRP A 79 41.90 -15.14 -21.88
C TRP A 79 40.63 -14.39 -21.50
N THR A 80 39.57 -14.65 -22.26
CA THR A 80 38.26 -14.08 -21.99
C THR A 80 37.23 -15.21 -21.89
N ASP A 81 36.50 -15.24 -20.78
CA ASP A 81 35.40 -16.17 -20.59
C ASP A 81 34.09 -15.42 -20.86
N LEU A 82 33.34 -15.87 -21.85
CA LEU A 82 32.16 -15.16 -22.30
C LEU A 82 30.89 -15.55 -21.57
N HIS A 83 30.98 -16.42 -20.56
CA HIS A 83 29.80 -16.84 -19.81
C HIS A 83 30.24 -17.16 -18.38
N VAL A 84 30.00 -16.23 -17.46
CA VAL A 84 30.24 -16.43 -16.05
C VAL A 84 29.09 -15.82 -15.25
N HIS A 85 28.96 -16.29 -14.01
CA HIS A 85 28.03 -15.70 -13.02
C HIS A 85 28.85 -15.51 -11.75
N LEU A 86 29.52 -14.35 -11.65
CA LEU A 86 30.41 -14.11 -10.53
C LEU A 86 29.67 -13.85 -9.22
N GLY A 87 28.35 -13.68 -9.26
CA GLY A 87 27.55 -13.46 -8.07
C GLY A 87 27.00 -14.70 -7.43
N SER A 88 27.41 -15.89 -7.86
CA SER A 88 26.87 -17.11 -7.30
C SER A 88 27.84 -18.26 -7.57
N GLN A 89 27.63 -19.36 -6.85
CA GLN A 89 28.34 -20.61 -7.08
C GLN A 89 27.49 -21.74 -6.54
N SER A 90 27.37 -22.81 -7.32
CA SER A 90 26.46 -23.90 -6.99
C SER A 90 26.92 -24.64 -5.74
N SER A 91 25.95 -25.04 -4.92
CA SER A 91 26.19 -25.78 -3.69
C SER A 91 24.91 -26.51 -3.32
N PRO A 92 24.97 -27.46 -2.39
CA PRO A 92 23.73 -28.12 -1.94
C PRO A 92 22.73 -27.18 -1.29
N GLN A 93 23.16 -26.00 -0.84
CA GLN A 93 22.29 -25.03 -0.19
C GLN A 93 21.83 -23.93 -1.14
N SER A 94 21.98 -24.12 -2.45
CA SER A 94 21.74 -23.06 -3.41
C SER A 94 20.27 -22.64 -3.45
N TYR A 95 19.34 -23.58 -3.33
CA TYR A 95 17.93 -23.31 -3.53
C TYR A 95 17.24 -22.77 -2.29
N SER A 96 17.99 -22.27 -1.32
CA SER A 96 17.42 -21.57 -0.17
C SER A 96 18.03 -20.20 0.07
N GLU A 97 19.17 -19.88 -0.54
CA GLU A 97 19.83 -18.60 -0.30
C GLU A 97 18.91 -17.42 -0.62
N ASP A 98 18.08 -17.55 -1.65
CA ASP A 98 17.20 -16.47 -2.05
C ASP A 98 16.21 -16.10 -0.95
N PHE A 99 16.02 -16.97 0.04
CA PHE A 99 15.15 -16.66 1.17
C PHE A 99 15.92 -16.38 2.45
N ARG A 100 17.24 -16.57 2.47
CA ARG A 100 18.01 -16.42 3.70
C ARG A 100 19.18 -15.46 3.60
N LEU A 101 19.75 -15.27 2.42
CA LEU A 101 20.96 -14.48 2.25
C LEU A 101 20.66 -13.14 1.62
N ASP A 102 21.47 -12.15 1.95
CA ASP A 102 21.39 -10.79 1.45
C ASP A 102 22.47 -10.56 0.40
N PRO A 103 22.31 -9.54 -0.44
CA PRO A 103 23.32 -9.27 -1.48
C PRO A 103 24.71 -8.99 -0.94
N VAL A 104 24.84 -8.50 0.26
CA VAL A 104 26.15 -8.14 0.88
C VAL A 104 26.99 -9.41 1.09
N ASP A 105 26.35 -10.54 1.43
CA ASP A 105 27.05 -11.82 1.55
C ASP A 105 27.53 -12.30 0.17
N HIS A 106 26.69 -12.13 -0.85
CA HIS A 106 27.08 -12.49 -2.21
C HIS A 106 28.26 -11.65 -2.67
N ALA A 107 28.31 -10.37 -2.30
CA ALA A 107 29.44 -9.52 -2.66
C ALA A 107 30.73 -9.99 -1.97
N PHE A 108 30.63 -10.34 -0.68
CA PHE A 108 31.81 -10.82 0.03
C PHE A 108 32.33 -12.13 -0.57
N ARG A 109 31.43 -12.99 -1.05
CA ARG A 109 31.87 -14.19 -1.78
C ARG A 109 32.46 -13.84 -3.14
N ALA A 110 31.85 -12.86 -3.83
CA ALA A 110 32.29 -12.50 -5.17
C ALA A 110 33.69 -11.92 -5.17
N VAL A 111 34.12 -11.32 -4.06
CA VAL A 111 35.50 -10.84 -3.98
C VAL A 111 36.47 -11.99 -4.21
N GLY A 112 36.30 -13.09 -3.47
CA GLY A 112 37.15 -14.25 -3.66
C GLY A 112 36.96 -14.92 -5.01
N TYR A 113 35.72 -14.96 -5.50
CA TYR A 113 35.47 -15.54 -6.82
C TYR A 113 36.24 -14.78 -7.90
N ALA A 114 36.19 -13.45 -7.85
CA ALA A 114 36.88 -12.62 -8.84
C ALA A 114 38.40 -12.77 -8.73
N GLU A 115 38.92 -12.84 -7.50
CA GLU A 115 40.36 -13.05 -7.34
C GLU A 115 40.79 -14.38 -7.95
N LYS A 116 40.02 -15.45 -7.70
CA LYS A 116 40.37 -16.76 -8.23
C LYS A 116 40.25 -16.79 -9.75
N THR A 117 39.27 -16.08 -10.31
CA THR A 117 39.14 -16.01 -11.76
C THR A 117 40.32 -15.28 -12.39
N LEU A 118 40.74 -14.16 -11.79
CA LEU A 118 41.88 -13.43 -12.34
C LEU A 118 43.17 -14.23 -12.22
N MET A 119 43.34 -15.02 -11.16
CA MET A 119 44.63 -15.73 -10.97
C MET A 119 44.68 -16.99 -11.85
N ALA A 120 43.57 -17.35 -12.48
CA ALA A 120 43.58 -18.50 -13.37
C ALA A 120 43.96 -18.14 -14.80
N GLY A 121 44.19 -16.86 -15.09
CA GLY A 121 44.61 -16.43 -16.41
C GLY A 121 43.57 -15.71 -17.24
N PHE A 122 42.41 -15.40 -16.69
CA PHE A 122 41.34 -14.72 -17.41
C PHE A 122 41.30 -13.26 -17.00
N THR A 123 41.72 -12.38 -17.92
CA THR A 123 41.75 -10.95 -17.65
C THR A 123 40.46 -10.24 -18.04
N SER A 124 39.53 -10.92 -18.68
CA SER A 124 38.24 -10.34 -19.02
C SER A 124 37.17 -11.42 -18.93
N VAL A 125 35.97 -11.02 -18.53
CA VAL A 125 34.82 -11.91 -18.46
C VAL A 125 33.58 -11.17 -18.91
N ARG A 126 32.60 -11.94 -19.39
CA ARG A 126 31.26 -11.45 -19.68
C ARG A 126 30.30 -12.11 -18.68
N ASP A 127 29.69 -11.30 -17.82
CA ASP A 127 28.74 -11.79 -16.83
C ASP A 127 27.35 -11.74 -17.44
N LEU A 128 26.66 -12.89 -17.43
CA LEU A 128 25.41 -13.07 -18.16
C LEU A 128 24.21 -13.21 -17.23
N GLY A 129 24.19 -12.43 -16.15
CA GLY A 129 23.07 -12.48 -15.23
C GLY A 129 23.49 -12.30 -13.79
N GLY A 130 22.75 -11.47 -13.06
CA GLY A 130 23.10 -11.13 -11.70
C GLY A 130 23.18 -9.64 -11.46
N GLU A 131 22.66 -9.17 -10.34
CA GLU A 131 22.58 -7.75 -10.05
C GLU A 131 23.71 -7.23 -9.17
N VAL A 132 24.69 -8.09 -8.84
CA VAL A 132 25.85 -7.64 -8.08
C VAL A 132 27.06 -7.37 -8.98
N SER A 133 27.06 -7.91 -10.20
CA SER A 133 28.23 -7.78 -11.07
C SER A 133 28.53 -6.36 -11.54
N PRO A 134 27.54 -5.50 -11.87
CA PRO A 134 27.91 -4.11 -12.19
C PRO A 134 28.61 -3.39 -11.04
N HIS A 135 28.15 -3.63 -9.81
CA HIS A 135 28.81 -3.02 -8.65
C HIS A 135 30.22 -3.56 -8.48
N LEU A 136 30.41 -4.87 -8.69
CA LEU A 136 31.75 -5.45 -8.60
C LEU A 136 32.66 -4.90 -9.70
N ARG A 137 32.11 -4.68 -10.89
CA ARG A 137 32.89 -4.09 -11.97
C ARG A 137 33.32 -2.67 -11.63
N ASP A 138 32.41 -1.87 -11.05
CA ASP A 138 32.78 -0.54 -10.62
C ASP A 138 33.87 -0.57 -9.55
N ALA A 139 33.74 -1.49 -8.59
CA ALA A 139 34.73 -1.61 -7.52
C ALA A 139 36.10 -2.01 -8.07
N ILE A 140 36.13 -2.95 -9.03
CA ILE A 140 37.40 -3.35 -9.62
C ILE A 140 38.01 -2.21 -10.42
N ASN A 141 37.18 -1.48 -11.18
CA ASN A 141 37.69 -0.36 -11.96
C ASN A 141 38.27 0.73 -11.05
N GLN A 142 37.64 0.96 -9.90
CA GLN A 142 38.14 1.96 -8.97
C GLN A 142 39.42 1.52 -8.26
N GLY A 143 39.72 0.23 -8.25
CA GLY A 143 40.89 -0.29 -7.59
C GLY A 143 40.67 -0.83 -6.20
N LEU A 144 39.42 -0.94 -5.74
CA LEU A 144 39.15 -1.41 -4.39
C LEU A 144 39.50 -2.89 -4.24
N VAL A 145 39.16 -3.70 -5.24
CA VAL A 145 39.42 -5.14 -5.21
C VAL A 145 40.07 -5.56 -6.52
N ARG A 146 40.67 -6.74 -6.50
CA ARG A 146 41.30 -7.30 -7.68
C ARG A 146 40.34 -8.22 -8.42
N GLY A 147 40.51 -8.28 -9.74
CA GLY A 147 39.68 -9.13 -10.57
C GLY A 147 39.87 -8.84 -12.04
N PRO A 148 39.06 -9.47 -12.88
CA PRO A 148 39.15 -9.24 -14.33
C PRO A 148 38.34 -8.02 -14.74
N ARG A 149 38.38 -7.73 -16.03
CA ARG A 149 37.55 -6.70 -16.62
C ARG A 149 36.19 -7.28 -16.96
N ILE A 150 35.13 -6.72 -16.38
CA ILE A 150 33.80 -7.32 -16.42
C ILE A 150 32.93 -6.57 -17.43
N PHE A 151 32.32 -7.32 -18.33
CA PHE A 151 31.25 -6.81 -19.19
C PHE A 151 29.96 -7.40 -18.65
N ALA A 152 29.15 -6.58 -17.99
CA ALA A 152 28.02 -7.06 -17.21
C ALA A 152 26.72 -6.89 -17.98
N ALA A 153 25.85 -7.90 -17.89
CA ALA A 153 24.54 -7.84 -18.51
C ALA A 153 23.44 -7.39 -17.56
N GLY A 154 23.65 -7.52 -16.25
CA GLY A 154 22.62 -7.17 -15.29
C GLY A 154 21.56 -8.24 -15.14
N LYS A 155 20.31 -7.83 -14.99
CA LYS A 155 19.21 -8.77 -14.85
C LYS A 155 18.80 -9.28 -16.22
N SER A 156 18.54 -10.58 -16.31
CA SER A 156 18.19 -11.21 -17.57
C SER A 156 16.70 -11.06 -17.86
N ILE A 157 16.37 -10.75 -19.11
CA ILE A 157 14.98 -10.53 -19.52
C ILE A 157 14.32 -11.87 -19.81
N ALA A 158 13.11 -12.06 -19.30
CA ALA A 158 12.36 -13.30 -19.48
C ALA A 158 10.88 -12.97 -19.57
N THR A 159 10.07 -14.00 -19.82
CA THR A 159 8.62 -13.88 -19.81
C THR A 159 8.08 -14.45 -18.49
N THR A 160 6.75 -14.45 -18.37
CA THR A 160 6.11 -14.98 -17.18
C THR A 160 6.32 -16.49 -17.09
N GLY A 161 6.87 -16.96 -15.97
CA GLY A 161 7.20 -18.35 -15.81
C GLY A 161 8.45 -18.80 -16.52
N GLY A 162 9.25 -17.87 -17.06
CA GLY A 162 10.41 -18.22 -17.83
C GLY A 162 11.57 -18.69 -16.98
N HIS A 163 12.64 -19.08 -17.68
CA HIS A 163 13.83 -19.60 -17.01
C HIS A 163 14.45 -18.57 -16.07
N ALA A 164 14.35 -17.29 -16.39
CA ALA A 164 14.91 -16.23 -15.57
C ALA A 164 13.86 -15.49 -14.75
N ASP A 165 12.65 -16.02 -14.65
CA ASP A 165 11.65 -15.42 -13.78
C ASP A 165 12.08 -15.58 -12.33
N PRO A 166 12.13 -14.49 -11.56
CA PRO A 166 12.65 -14.56 -10.19
C PRO A 166 11.63 -15.00 -9.15
N THR A 167 10.45 -15.48 -9.55
CA THR A 167 9.41 -15.85 -8.62
C THR A 167 8.96 -17.30 -8.84
N ASN A 168 9.64 -18.04 -9.70
CA ASN A 168 9.30 -19.44 -9.94
C ASN A 168 9.48 -20.25 -8.67
N GLY A 169 8.47 -21.08 -8.36
CA GLY A 169 8.53 -21.96 -7.22
C GLY A 169 8.12 -21.34 -5.90
N TRP A 170 7.76 -20.07 -5.87
CA TRP A 170 7.33 -19.43 -4.64
C TRP A 170 5.86 -19.75 -4.36
N ASN A 171 5.53 -19.91 -3.08
CA ASN A 171 4.15 -20.21 -2.72
C ASN A 171 3.26 -18.99 -2.95
N GLU A 172 1.96 -19.17 -2.73
CA GLU A 172 1.00 -18.11 -3.04
C GLU A 172 1.20 -16.89 -2.15
N ARG A 173 1.58 -17.11 -0.88
CA ARG A 173 1.74 -16.00 0.05
C ARG A 173 2.90 -15.10 -0.36
N LEU A 174 4.07 -15.67 -0.60
CA LEU A 174 5.23 -14.87 -0.98
C LEU A 174 5.00 -14.18 -2.32
N ALA A 175 4.40 -14.89 -3.28
CA ALA A 175 4.10 -14.28 -4.58
C ALA A 175 3.08 -13.16 -4.45
N HIS A 176 2.17 -13.26 -3.49
CA HIS A 176 1.18 -12.20 -3.30
C HIS A 176 1.81 -10.97 -2.67
N LEU A 177 2.70 -11.09 -1.76
CA LEU A 177 3.37 -9.93 -1.11
C LEU A 177 4.46 -9.39 -2.04
N VAL A 178 4.83 -10.19 -3.06
CA VAL A 178 5.77 -9.69 -4.05
C VAL A 178 5.05 -9.01 -5.22
N GLY A 179 3.97 -9.61 -5.69
CA GLY A 179 3.30 -9.13 -6.88
C GLY A 179 3.84 -9.77 -8.14
N ALA A 180 3.12 -9.57 -9.23
CA ALA A 180 3.56 -10.10 -10.51
C ALA A 180 4.73 -9.28 -11.05
N PRO A 181 5.88 -9.89 -11.29
CA PRO A 181 7.03 -9.12 -11.80
C PRO A 181 6.74 -8.50 -13.17
N GLY A 182 7.23 -7.28 -13.35
CA GLY A 182 7.02 -6.55 -14.58
C GLY A 182 8.33 -6.15 -15.24
N PRO A 183 8.27 -5.19 -16.16
CA PRO A 183 9.49 -4.80 -16.90
C PRO A 183 10.61 -4.31 -16.01
N ALA A 184 10.30 -3.63 -14.91
CA ALA A 184 11.33 -3.18 -13.99
C ALA A 184 12.05 -4.36 -13.35
N GLU A 185 11.35 -5.48 -13.19
CA GLU A 185 11.92 -6.70 -12.64
C GLU A 185 12.44 -7.65 -13.72
N GLY A 186 12.30 -7.28 -15.00
CA GLY A 186 12.83 -8.09 -16.08
C GLY A 186 11.86 -9.06 -16.72
N VAL A 187 10.57 -8.96 -16.44
CA VAL A 187 9.57 -9.87 -16.99
C VAL A 187 8.70 -9.09 -17.96
N VAL A 188 8.63 -9.56 -19.21
CA VAL A 188 7.90 -8.86 -20.27
C VAL A 188 6.92 -9.83 -20.92
N ASN A 189 5.86 -9.25 -21.49
CA ASN A 189 4.85 -10.04 -22.19
C ASN A 189 4.37 -9.37 -23.47
N SER A 190 4.99 -8.26 -23.89
CA SER A 190 4.58 -7.58 -25.11
C SER A 190 5.76 -6.76 -25.62
N VAL A 191 5.55 -6.12 -26.79
CA VAL A 191 6.60 -5.36 -27.44
C VAL A 191 6.98 -4.15 -26.61
N ASP A 192 5.98 -3.42 -26.11
CA ASP A 192 6.25 -2.22 -25.32
C ASP A 192 6.94 -2.57 -24.00
N GLU A 193 6.55 -3.68 -23.39
CA GLU A 193 7.21 -4.13 -22.17
C GLU A 193 8.67 -4.51 -22.45
N ALA A 194 8.93 -5.12 -23.60
CA ALA A 194 10.32 -5.44 -23.97
C ALA A 194 11.15 -4.17 -24.15
N ARG A 195 10.57 -3.16 -24.80
CA ARG A 195 11.25 -1.87 -24.93
C ARG A 195 11.55 -1.27 -23.56
N GLN A 196 10.58 -1.29 -22.66
CA GLN A 196 10.78 -0.74 -21.33
C GLN A 196 11.84 -1.52 -20.57
N ALA A 197 11.87 -2.84 -20.74
CA ALA A 197 12.86 -3.65 -20.02
C ALA A 197 14.27 -3.36 -20.51
N VAL A 198 14.45 -3.22 -21.82
CA VAL A 198 15.78 -2.87 -22.35
C VAL A 198 16.20 -1.51 -21.84
N ARG A 199 15.28 -0.54 -21.83
CA ARG A 199 15.62 0.80 -21.34
C ARG A 199 15.92 0.78 -19.84
N GLN A 200 15.22 -0.06 -19.08
CA GLN A 200 15.47 -0.17 -17.65
C GLN A 200 16.84 -0.80 -17.38
N ARG A 201 17.23 -1.78 -18.20
CA ARG A 201 18.58 -2.32 -18.07
C ARG A 201 19.63 -1.27 -18.39
N TYR A 202 19.37 -0.44 -19.40
CA TYR A 202 20.29 0.66 -19.69
C TYR A 202 20.38 1.64 -18.53
N LYS A 203 19.24 1.91 -17.87
CA LYS A 203 19.22 2.86 -16.76
C LYS A 203 20.07 2.38 -15.60
N GLU A 204 20.29 1.08 -15.47
CA GLU A 204 21.01 0.49 -14.35
C GLU A 204 22.47 0.19 -14.67
N GLY A 205 22.99 0.72 -15.78
CA GLY A 205 24.40 0.58 -16.08
C GLY A 205 24.83 -0.75 -16.67
N SER A 206 23.95 -1.44 -17.39
CA SER A 206 24.33 -2.67 -18.04
C SER A 206 25.20 -2.40 -19.26
N ASP A 207 26.02 -3.40 -19.63
CA ASP A 207 26.85 -3.31 -20.81
C ASP A 207 26.28 -4.05 -22.01
N LEU A 208 25.34 -4.97 -21.80
CA LEU A 208 24.72 -5.72 -22.88
C LEU A 208 23.38 -6.25 -22.37
N ILE A 209 22.74 -7.09 -23.18
CA ILE A 209 21.43 -7.63 -22.85
C ILE A 209 21.45 -9.16 -22.86
N KCX A 210 20.76 -9.75 -21.89
CA KCX A 210 20.62 -11.21 -21.82
CB KCX A 210 21.36 -11.75 -20.60
CG KCX A 210 22.11 -13.07 -20.82
CD KCX A 210 21.18 -14.18 -21.24
CE KCX A 210 21.87 -15.53 -21.12
NZ KCX A 210 22.14 -15.87 -19.71
C KCX A 210 19.16 -11.61 -21.75
O KCX A 210 18.41 -11.14 -20.89
CX KCX A 210 22.28 -17.14 -19.34
OQ1 KCX A 210 22.51 -17.41 -18.15
OQ2 KCX A 210 22.19 -18.03 -20.18
N ILE A 211 18.73 -12.48 -22.66
CA ILE A 211 17.37 -13.03 -22.63
C ILE A 211 17.42 -14.55 -22.56
N THR A 212 16.36 -15.15 -22.02
CA THR A 212 16.18 -16.59 -22.01
C THR A 212 15.07 -16.91 -23.00
N ALA A 213 15.43 -17.45 -24.16
CA ALA A 213 14.45 -17.71 -25.20
C ALA A 213 13.62 -18.95 -24.90
N THR A 214 14.20 -19.94 -24.22
CA THR A 214 13.48 -21.16 -23.89
C THR A 214 13.56 -21.43 -22.39
N GLY A 215 13.10 -22.61 -21.98
CA GLY A 215 13.25 -23.02 -20.60
C GLY A 215 14.67 -23.45 -20.30
N GLY A 216 14.92 -23.78 -19.04
CA GLY A 216 16.25 -24.13 -18.60
C GLY A 216 16.24 -25.34 -17.68
N VAL A 217 17.43 -25.67 -17.19
CA VAL A 217 17.62 -26.84 -16.33
C VAL A 217 17.49 -26.46 -14.86
N LEU A 218 18.20 -25.41 -14.42
CA LEU A 218 18.28 -25.09 -13.01
C LEU A 218 17.09 -24.26 -12.52
N SER A 219 16.18 -23.87 -13.40
CA SER A 219 15.01 -23.12 -12.98
C SER A 219 14.03 -24.02 -12.26
N TYR A 220 13.20 -23.40 -11.42
CA TYR A 220 12.17 -24.12 -10.66
C TYR A 220 10.85 -24.15 -11.45
N ALA A 221 10.95 -24.66 -12.68
CA ALA A 221 9.83 -24.71 -13.60
C ALA A 221 9.76 -26.08 -14.25
N ARG A 222 8.59 -26.40 -14.80
CA ARG A 222 8.35 -27.74 -15.34
C ARG A 222 9.16 -27.99 -16.60
N SER A 223 9.16 -27.04 -17.53
CA SER A 223 9.72 -27.26 -18.86
C SER A 223 11.22 -26.93 -18.89
N GLY A 224 11.91 -27.54 -19.85
CA GLY A 224 13.33 -27.35 -20.00
C GLY A 224 13.75 -26.79 -21.34
N ASP A 225 12.89 -26.91 -22.36
CA ASP A 225 13.25 -26.42 -23.68
C ASP A 225 12.09 -25.83 -24.48
N ALA A 226 10.94 -25.56 -23.86
CA ALA A 226 9.80 -25.06 -24.61
C ALA A 226 10.00 -23.60 -25.01
N PRO A 227 9.50 -23.19 -26.18
CA PRO A 227 9.69 -21.79 -26.62
C PRO A 227 8.90 -20.83 -25.76
N GLN A 228 9.58 -19.82 -25.25
CA GLN A 228 9.00 -18.89 -24.28
C GLN A 228 9.03 -17.44 -24.77
N PHE A 229 9.39 -17.20 -26.02
CA PHE A 229 9.42 -15.87 -26.60
C PHE A 229 8.78 -15.94 -27.98
N THR A 230 8.00 -14.92 -28.32
CA THR A 230 7.52 -14.77 -29.68
C THR A 230 8.53 -13.96 -30.49
N VAL A 231 8.44 -14.09 -31.81
CA VAL A 231 9.41 -13.43 -32.69
C VAL A 231 9.32 -11.92 -32.57
N ASP A 232 8.09 -11.41 -32.37
CA ASP A 232 7.89 -9.97 -32.23
C ASP A 232 8.61 -9.43 -30.99
N GLU A 233 8.51 -10.14 -29.87
CA GLU A 233 9.16 -9.69 -28.63
C GLU A 233 10.68 -9.67 -28.77
N ILE A 234 11.25 -10.71 -29.39
CA ILE A 234 12.70 -10.74 -29.57
C ILE A 234 13.13 -9.65 -30.53
N LYS A 235 12.35 -9.41 -31.58
CA LYS A 235 12.67 -8.33 -32.52
C LYS A 235 12.65 -6.98 -31.83
N ALA A 236 11.66 -6.75 -30.96
CA ALA A 236 11.61 -5.51 -30.20
C ALA A 236 12.83 -5.37 -29.29
N VAL A 237 13.22 -6.46 -28.63
CA VAL A 237 14.40 -6.43 -27.76
C VAL A 237 15.64 -6.06 -28.56
N VAL A 238 15.81 -6.70 -29.73
CA VAL A 238 17.01 -6.49 -30.54
C VAL A 238 17.05 -5.06 -31.08
N ASP A 239 15.91 -4.54 -31.55
CA ASP A 239 15.88 -3.17 -32.05
C ASP A 239 16.18 -2.16 -30.95
N THR A 240 15.56 -2.34 -29.78
CA THR A 240 15.83 -1.42 -28.67
C THR A 240 17.29 -1.48 -28.24
N ALA A 241 17.87 -2.68 -28.19
CA ALA A 241 19.28 -2.81 -27.85
C ALA A 241 20.17 -2.15 -28.89
N ARG A 242 19.84 -2.30 -30.17
CA ARG A 242 20.59 -1.62 -31.22
C ARG A 242 20.54 -0.11 -31.07
N ASP A 243 19.41 0.42 -30.57
CA ASP A 243 19.34 1.86 -30.34
C ASP A 243 20.34 2.33 -29.28
N TYR A 244 20.60 1.50 -28.27
CA TYR A 244 21.47 1.89 -27.17
C TYR A 244 22.88 1.32 -27.28
N GLY A 245 23.21 0.68 -28.40
CA GLY A 245 24.53 0.12 -28.59
C GLY A 245 24.81 -1.14 -27.79
N PHE A 246 23.78 -1.95 -27.56
CA PHE A 246 23.91 -3.19 -26.80
C PHE A 246 23.85 -4.39 -27.75
N ARG A 247 24.60 -5.43 -27.41
CA ARG A 247 24.49 -6.72 -28.07
C ARG A 247 23.65 -7.66 -27.21
N VAL A 248 22.98 -8.61 -27.86
CA VAL A 248 22.02 -9.48 -27.19
C VAL A 248 22.55 -10.92 -27.21
N ALA A 249 22.62 -11.52 -26.04
CA ALA A 249 22.89 -12.95 -25.89
C ALA A 249 21.60 -13.67 -25.53
N ALA A 250 21.42 -14.87 -26.08
CA ALA A 250 20.19 -15.63 -25.89
C ALA A 250 20.50 -17.01 -25.34
N HIS A 251 19.78 -17.40 -24.29
CA HIS A 251 19.83 -18.74 -23.73
C HIS A 251 18.76 -19.57 -24.41
N ALA A 252 19.13 -20.70 -25.01
CA ALA A 252 18.18 -21.52 -25.73
C ALA A 252 18.62 -22.98 -25.71
N HIS A 253 17.67 -23.86 -25.38
CA HIS A 253 17.86 -25.30 -25.45
C HIS A 253 17.07 -25.93 -26.58
N GLY A 254 15.78 -25.62 -26.70
CA GLY A 254 14.96 -26.19 -27.74
C GLY A 254 15.18 -25.57 -29.10
N THR A 255 14.72 -26.29 -30.14
CA THR A 255 15.00 -25.88 -31.51
C THR A 255 14.17 -24.67 -31.92
N GLU A 256 12.89 -24.63 -31.53
CA GLU A 256 12.01 -23.55 -31.99
C GLU A 256 12.43 -22.21 -31.42
N GLY A 257 12.71 -22.15 -30.12
CA GLY A 257 13.17 -20.90 -29.52
C GLY A 257 14.51 -20.45 -30.07
N MET A 258 15.42 -21.41 -30.30
CA MET A 258 16.70 -21.08 -30.92
C MET A 258 16.51 -20.50 -32.31
N LYS A 259 15.60 -21.08 -33.10
CA LYS A 259 15.33 -20.57 -34.43
C LYS A 259 14.76 -19.16 -34.39
N ARG A 260 13.82 -18.91 -33.47
CA ARG A 260 13.28 -17.56 -33.32
C ARG A 260 14.35 -16.57 -32.94
N ALA A 261 15.22 -16.93 -31.97
CA ALA A 261 16.28 -16.03 -31.55
C ALA A 261 17.25 -15.74 -32.67
N VAL A 262 17.63 -16.76 -33.44
CA VAL A 262 18.58 -16.57 -34.53
C VAL A 262 17.96 -15.69 -35.62
N GLN A 263 16.71 -15.95 -35.98
CA GLN A 263 16.08 -15.16 -37.04
C GLN A 263 15.77 -13.74 -36.59
N ALA A 264 15.68 -13.49 -35.28
CA ALA A 264 15.47 -12.12 -34.82
C ALA A 264 16.74 -11.29 -34.93
N GLY A 265 17.91 -11.91 -34.76
CA GLY A 265 19.16 -11.20 -34.93
C GLY A 265 20.02 -11.08 -33.69
N VAL A 266 19.94 -12.05 -32.78
CA VAL A 266 20.80 -12.03 -31.60
C VAL A 266 22.26 -12.28 -32.00
N THR A 267 23.16 -11.86 -31.12
CA THR A 267 24.59 -11.94 -31.43
C THR A 267 25.16 -13.33 -31.13
N SER A 268 24.78 -13.93 -30.01
CA SER A 268 25.30 -15.23 -29.61
C SER A 268 24.18 -16.10 -29.07
N ILE A 269 24.36 -17.42 -29.19
CA ILE A 269 23.41 -18.41 -28.70
C ILE A 269 24.11 -19.24 -27.63
N GLU A 270 23.41 -19.49 -26.53
CA GLU A 270 23.99 -20.16 -25.36
C GLU A 270 23.44 -21.58 -25.24
N HIS A 271 24.37 -22.53 -25.12
CA HIS A 271 24.19 -23.96 -24.83
C HIS A 271 23.66 -24.78 -26.01
N GLY A 272 23.04 -24.14 -27.01
CA GLY A 272 22.69 -24.75 -28.28
C GLY A 272 22.30 -26.23 -28.26
N THR A 273 21.53 -26.66 -27.26
CA THR A 273 21.48 -28.10 -26.95
C THR A 273 20.84 -28.92 -28.07
N TYR A 274 19.68 -28.51 -28.55
CA TYR A 274 18.93 -29.27 -29.56
C TYR A 274 19.06 -28.65 -30.95
N MET A 275 20.25 -28.15 -31.26
CA MET A 275 20.50 -27.55 -32.56
C MET A 275 20.44 -28.60 -33.67
N ASP A 276 19.83 -28.23 -34.79
CA ASP A 276 19.74 -29.15 -35.93
C ASP A 276 20.26 -28.51 -37.20
N ASP A 277 20.04 -29.16 -38.35
CA ASP A 277 20.67 -28.73 -39.60
C ASP A 277 20.10 -27.40 -40.08
N GLU A 278 18.78 -27.20 -39.95
CA GLU A 278 18.19 -25.94 -40.38
C GLU A 278 18.68 -24.78 -39.50
N VAL A 279 18.72 -24.98 -38.19
CA VAL A 279 19.25 -23.96 -37.30
C VAL A 279 20.72 -23.70 -37.58
N MET A 280 21.48 -24.76 -37.87
CA MET A 280 22.89 -24.60 -38.22
C MET A 280 23.05 -23.75 -39.48
N ARG A 281 22.23 -24.01 -40.50
CA ARG A 281 22.28 -23.23 -41.73
C ARG A 281 21.94 -21.77 -41.47
N LEU A 282 20.91 -21.52 -40.66
CA LEU A 282 20.54 -20.15 -40.33
C LEU A 282 21.67 -19.44 -39.57
N MET A 283 22.29 -20.14 -38.62
CA MET A 283 23.43 -19.57 -37.89
C MET A 283 24.57 -19.23 -38.84
N LYS A 284 24.87 -20.12 -39.77
CA LYS A 284 25.97 -19.85 -40.71
C LYS A 284 25.65 -18.67 -41.62
N GLN A 285 24.42 -18.57 -42.11
CA GLN A 285 24.07 -17.46 -43.00
C GLN A 285 23.89 -16.13 -42.26
N HIS A 286 23.63 -16.17 -40.96
CA HIS A 286 23.45 -14.95 -40.19
C HIS A 286 24.73 -14.46 -39.53
N GLY A 287 25.67 -15.35 -39.26
CA GLY A 287 26.88 -14.99 -38.55
C GLY A 287 26.78 -15.00 -37.05
N THR A 288 25.82 -15.75 -36.49
CA THR A 288 25.65 -15.82 -35.05
C THR A 288 26.74 -16.67 -34.43
N TRP A 289 27.20 -16.26 -33.24
CA TRP A 289 28.22 -16.99 -32.51
C TRP A 289 27.59 -18.04 -31.60
N TYR A 290 28.33 -19.13 -31.38
CA TYR A 290 27.85 -20.26 -30.58
C TYR A 290 28.75 -20.44 -29.38
N VAL A 291 28.15 -20.57 -28.20
CA VAL A 291 28.86 -20.79 -26.95
C VAL A 291 28.34 -22.10 -26.34
N PRO A 292 29.13 -23.19 -26.46
CA PRO A 292 28.61 -24.50 -26.02
C PRO A 292 28.53 -24.69 -24.51
N THR A 293 29.57 -24.28 -23.76
CA THR A 293 29.67 -24.46 -22.32
C THR A 293 29.64 -25.95 -21.93
N PHE A 294 30.72 -26.63 -22.30
CA PHE A 294 30.90 -28.04 -21.93
C PHE A 294 30.87 -28.23 -20.41
N TYR A 295 31.50 -27.32 -19.68
CA TYR A 295 31.70 -27.49 -18.24
C TYR A 295 30.37 -27.58 -17.50
N ALA A 296 29.42 -26.71 -17.84
CA ALA A 296 28.13 -26.71 -17.15
C ALA A 296 27.37 -28.00 -17.42
N GLY A 297 27.41 -28.49 -18.65
CA GLY A 297 26.75 -29.75 -18.96
C GLY A 297 27.34 -30.91 -18.17
N ARG A 298 28.67 -31.00 -18.13
CA ARG A 298 29.29 -32.07 -17.35
C ARG A 298 28.96 -31.95 -15.87
N PHE A 299 28.97 -30.72 -15.33
CA PHE A 299 28.69 -30.53 -13.91
C PHE A 299 27.26 -30.94 -13.56
N VAL A 300 26.29 -30.52 -14.39
CA VAL A 300 24.90 -30.86 -14.07
C VAL A 300 24.65 -32.35 -14.29
N THR A 301 25.36 -32.98 -15.23
CA THR A 301 25.22 -34.42 -15.40
C THR A 301 25.77 -35.17 -14.20
N GLU A 302 26.91 -34.73 -13.67
CA GLU A 302 27.52 -35.43 -12.53
C GLU A 302 26.73 -35.19 -11.25
N LYS A 303 26.21 -33.98 -11.05
CA LYS A 303 25.55 -33.64 -9.80
C LYS A 303 24.11 -34.14 -9.72
N ALA A 304 23.52 -34.58 -10.83
CA ALA A 304 22.18 -35.13 -10.78
C ALA A 304 22.16 -36.55 -10.24
N ALA A 305 23.30 -37.23 -10.22
CA ALA A 305 23.37 -38.58 -9.67
C ALA A 305 23.34 -38.58 -8.14
N ILE A 306 23.78 -37.49 -7.52
CA ILE A 306 23.75 -37.39 -6.06
C ILE A 306 22.33 -37.10 -5.61
N ASP A 307 21.82 -37.95 -4.71
CA ASP A 307 20.45 -37.80 -4.25
C ASP A 307 20.31 -36.58 -3.35
N GLY A 308 19.30 -35.76 -3.62
CA GLY A 308 19.01 -34.60 -2.80
C GLY A 308 19.82 -33.37 -3.11
N TYR A 309 20.76 -33.43 -4.05
CA TYR A 309 21.54 -32.24 -4.41
C TYR A 309 20.66 -31.23 -5.13
N PHE A 310 19.90 -31.69 -6.13
CA PHE A 310 18.96 -30.86 -6.87
C PHE A 310 17.54 -31.14 -6.41
N PRO A 311 16.65 -30.15 -6.51
CA PRO A 311 15.23 -30.41 -6.23
C PRO A 311 14.66 -31.43 -7.19
N GLU A 312 13.57 -32.07 -6.76
CA GLU A 312 12.96 -33.14 -7.55
C GLU A 312 12.49 -32.68 -8.91
N VAL A 313 12.19 -31.39 -9.08
CA VAL A 313 11.77 -30.90 -10.40
C VAL A 313 12.97 -30.61 -11.29
N VAL A 314 14.15 -30.39 -10.72
CA VAL A 314 15.33 -30.04 -11.52
C VAL A 314 16.09 -31.28 -11.99
N ARG A 315 16.12 -32.33 -11.18
CA ARG A 315 16.98 -33.49 -11.46
C ARG A 315 16.69 -34.15 -12.80
N PRO A 316 15.44 -34.46 -13.18
CA PRO A 316 15.23 -35.08 -14.50
C PRO A 316 15.69 -34.22 -15.66
N LYS A 317 15.43 -32.90 -15.60
CA LYS A 317 15.88 -32.02 -16.67
C LYS A 317 17.40 -32.00 -16.77
N ALA A 318 18.09 -31.95 -15.62
CA ALA A 318 19.55 -31.98 -15.62
C ALA A 318 20.06 -33.27 -16.26
N ALA A 319 19.50 -34.41 -15.82
CA ALA A 319 19.96 -35.70 -16.34
C ALA A 319 19.73 -35.80 -17.83
N ARG A 320 18.59 -35.30 -18.33
CA ARG A 320 18.30 -35.42 -19.75
C ARG A 320 19.15 -34.47 -20.59
N ILE A 321 19.32 -33.23 -20.14
CA ILE A 321 19.90 -32.21 -21.01
C ILE A 321 21.42 -32.12 -20.91
N GLY A 322 22.01 -32.48 -19.76
CA GLY A 322 23.44 -32.31 -19.60
C GLY A 322 24.27 -33.14 -20.57
N ALA A 323 23.81 -34.36 -20.87
CA ALA A 323 24.59 -35.28 -21.69
C ALA A 323 24.27 -35.18 -23.18
N LEU A 324 24.27 -33.95 -23.71
CA LEU A 324 24.14 -33.74 -25.15
C LEU A 324 25.04 -32.64 -25.68
N ILE A 325 25.56 -31.79 -24.80
CA ILE A 325 26.35 -30.60 -25.24
C ILE A 325 27.54 -31.03 -26.08
N SER A 326 28.29 -32.05 -25.63
CA SER A 326 29.53 -32.46 -26.33
C SER A 326 29.21 -32.92 -27.76
N GLN A 327 28.15 -33.72 -27.92
CA GLN A 327 27.76 -34.23 -29.26
C GLN A 327 27.30 -33.06 -30.13
N THR A 328 26.52 -32.14 -29.55
CA THR A 328 26.00 -31.02 -30.34
C THR A 328 27.12 -30.07 -30.77
N ALA A 329 28.06 -29.78 -29.86
CA ALA A 329 29.13 -28.85 -30.18
C ALA A 329 30.10 -29.45 -31.20
N ALA A 330 30.39 -30.75 -31.09
CA ALA A 330 31.23 -31.38 -32.10
C ALA A 330 30.57 -31.36 -33.47
N LYS A 331 29.26 -31.64 -33.51
CA LYS A 331 28.54 -31.59 -34.79
C LYS A 331 28.53 -30.18 -35.35
N ALA A 332 28.33 -29.17 -34.50
CA ALA A 332 28.30 -27.79 -34.96
C ALA A 332 29.68 -27.35 -35.48
N TYR A 333 30.74 -27.77 -34.81
CA TYR A 333 32.08 -27.42 -35.29
C TYR A 333 32.37 -28.10 -36.63
N ARG A 334 31.95 -29.35 -36.79
CA ARG A 334 32.19 -30.03 -38.06
C ARG A 334 31.43 -29.41 -39.21
N ASN A 335 30.35 -28.66 -38.93
CA ASN A 335 29.52 -28.06 -39.97
C ASN A 335 29.86 -26.60 -40.25
N GLY A 336 30.87 -26.04 -39.59
CA GLY A 336 31.32 -24.70 -39.88
C GLY A 336 30.70 -23.59 -39.06
N VAL A 337 30.04 -23.90 -37.95
CA VAL A 337 29.46 -22.88 -37.09
C VAL A 337 30.57 -22.25 -36.26
N ARG A 338 30.53 -20.92 -36.14
CA ARG A 338 31.55 -20.21 -35.38
C ARG A 338 31.33 -20.40 -33.88
N ILE A 339 32.38 -20.83 -33.18
CA ILE A 339 32.31 -21.20 -31.77
C ILE A 339 33.28 -20.31 -30.99
N ALA A 340 32.81 -19.81 -29.84
CA ALA A 340 33.60 -18.97 -28.97
C ALA A 340 33.61 -19.55 -27.55
N PHE A 341 34.64 -19.19 -26.79
CA PHE A 341 34.90 -19.80 -25.50
C PHE A 341 33.97 -19.25 -24.43
N GLY A 342 33.35 -20.15 -23.68
CA GLY A 342 32.49 -19.79 -22.56
C GLY A 342 32.18 -21.01 -21.71
N THR A 343 32.20 -20.85 -20.38
CA THR A 343 32.14 -21.99 -19.48
C THR A 343 30.91 -22.03 -18.59
N ASP A 344 30.25 -20.90 -18.34
CA ASP A 344 29.08 -20.81 -17.40
C ASP A 344 29.53 -21.06 -15.95
N GLN A 345 30.71 -20.59 -15.54
CA GLN A 345 31.16 -20.73 -14.12
C GLN A 345 30.11 -20.01 -13.25
N GLY A 346 29.75 -20.60 -12.12
CA GLY A 346 28.61 -20.13 -11.32
C GLY A 346 27.82 -21.38 -11.11
N VAL A 347 27.93 -22.33 -12.06
CA VAL A 347 27.38 -23.69 -11.88
C VAL A 347 28.61 -24.47 -11.43
N GLY A 348 29.71 -24.36 -12.17
CA GLY A 348 30.96 -24.94 -11.73
C GLY A 348 31.75 -23.96 -10.88
N PRO A 349 32.76 -24.46 -10.18
CA PRO A 349 33.53 -23.60 -9.27
C PRO A 349 34.39 -22.59 -10.02
N HIS A 350 34.41 -21.36 -9.50
CA HIS A 350 35.21 -20.31 -10.10
C HIS A 350 36.70 -20.60 -9.95
N GLY A 351 37.46 -20.29 -11.00
CA GLY A 351 38.89 -20.54 -11.02
C GLY A 351 39.30 -21.81 -11.72
N ASP A 352 38.36 -22.71 -12.02
CA ASP A 352 38.63 -23.93 -12.78
C ASP A 352 38.15 -23.82 -14.23
N ASN A 353 38.10 -22.60 -14.77
CA ASN A 353 37.57 -22.37 -16.10
C ASN A 353 38.39 -23.06 -17.19
N ALA A 354 39.72 -23.06 -17.08
CA ALA A 354 40.59 -23.55 -18.14
C ALA A 354 40.36 -25.02 -18.47
N ARG A 355 39.75 -25.79 -17.56
CA ARG A 355 39.41 -27.17 -17.87
C ARG A 355 38.52 -27.29 -19.09
N GLU A 356 37.74 -26.24 -19.39
CA GLU A 356 36.95 -26.24 -20.62
C GLU A 356 37.80 -26.48 -21.84
N PHE A 357 39.01 -25.90 -21.90
CA PHE A 357 39.92 -26.17 -23.00
C PHE A 357 40.13 -27.66 -23.16
N VAL A 358 40.38 -28.37 -22.06
CA VAL A 358 40.61 -29.81 -22.11
C VAL A 358 39.37 -30.52 -22.66
N TYR A 359 38.18 -30.02 -22.32
CA TYR A 359 36.97 -30.62 -22.84
C TYR A 359 36.80 -30.33 -24.33
N MET A 360 37.32 -29.20 -24.80
CA MET A 360 37.17 -28.85 -26.21
C MET A 360 38.05 -29.73 -27.09
N VAL A 361 39.32 -29.90 -26.71
CA VAL A 361 40.24 -30.67 -27.54
C VAL A 361 39.82 -32.14 -27.58
N GLU A 362 39.31 -32.67 -26.46
CA GLU A 362 38.82 -34.04 -26.46
C GLU A 362 37.50 -34.18 -27.21
N ALA A 363 36.88 -33.07 -27.61
CA ALA A 363 35.65 -33.12 -28.41
C ALA A 363 35.93 -33.04 -29.91
N GLY A 364 37.20 -33.02 -30.31
CA GLY A 364 37.57 -32.96 -31.71
C GLY A 364 37.91 -31.60 -32.24
N ILE A 365 38.08 -30.60 -31.38
CA ILE A 365 38.42 -29.24 -31.79
C ILE A 365 39.92 -29.03 -31.57
N PRO A 366 40.67 -28.56 -32.55
CA PRO A 366 42.11 -28.37 -32.37
C PRO A 366 42.42 -27.35 -31.28
N ALA A 367 43.57 -27.53 -30.63
CA ALA A 367 43.95 -26.67 -29.52
C ALA A 367 44.16 -25.22 -29.97
N ALA A 368 44.72 -25.03 -31.17
CA ALA A 368 44.95 -23.67 -31.66
C ALA A 368 43.63 -22.93 -31.83
N TYR A 369 42.62 -23.58 -32.40
CA TYR A 369 41.31 -22.96 -32.50
C TYR A 369 40.70 -22.73 -31.13
N ALA A 370 40.96 -23.63 -30.18
CA ALA A 370 40.45 -23.45 -28.83
C ALA A 370 41.02 -22.21 -28.18
N LEU A 371 42.31 -21.95 -28.38
CA LEU A 371 42.91 -20.73 -27.82
C LEU A 371 42.45 -19.49 -28.56
N GLN A 372 42.28 -19.60 -29.89
CA GLN A 372 41.77 -18.47 -30.66
C GLN A 372 40.37 -18.09 -30.21
N ALA A 373 39.53 -19.08 -29.90
CA ALA A 373 38.16 -18.83 -29.44
C ALA A 373 38.12 -18.10 -28.11
N ALA A 374 39.18 -18.18 -27.31
CA ALA A 374 39.24 -17.46 -26.06
C ALA A 374 40.02 -16.16 -26.16
N THR A 375 40.76 -15.94 -27.25
CA THR A 375 41.53 -14.70 -27.38
C THR A 375 40.95 -13.75 -28.42
N VAL A 376 40.82 -14.16 -29.68
CA VAL A 376 40.47 -13.20 -30.74
C VAL A 376 39.00 -13.30 -31.12
N HIS A 377 38.44 -14.52 -31.18
CA HIS A 377 37.01 -14.65 -31.41
C HIS A 377 36.20 -14.11 -30.25
N ALA A 378 36.71 -14.22 -29.02
CA ALA A 378 36.03 -13.63 -27.87
C ALA A 378 35.95 -12.12 -27.99
N ALA A 379 37.04 -11.49 -28.45
CA ALA A 379 37.02 -10.04 -28.67
C ALA A 379 36.06 -9.67 -29.79
N GLN A 380 35.98 -10.50 -30.83
CA GLN A 380 34.99 -10.26 -31.88
C GLN A 380 33.57 -10.34 -31.33
N VAL A 381 33.31 -11.31 -30.44
CA VAL A 381 31.99 -11.44 -29.84
C VAL A 381 31.66 -10.23 -28.98
N LEU A 382 32.63 -9.77 -28.19
CA LEU A 382 32.39 -8.63 -27.30
C LEU A 382 32.20 -7.32 -28.06
N GLY A 383 32.64 -7.25 -29.32
CA GLY A 383 32.50 -6.03 -30.08
C GLY A 383 33.54 -4.98 -29.80
N VAL A 384 34.71 -5.37 -29.28
CA VAL A 384 35.79 -4.43 -28.99
C VAL A 384 36.98 -4.81 -29.85
N ASP A 385 37.91 -3.86 -29.98
CA ASP A 385 39.11 -4.05 -30.79
C ASP A 385 40.39 -3.67 -30.07
N ASP A 386 40.33 -3.41 -28.76
CA ASP A 386 41.50 -3.03 -27.99
C ASP A 386 42.12 -4.19 -27.23
N GLN A 387 41.68 -5.42 -27.49
CA GLN A 387 42.20 -6.59 -26.79
C GLN A 387 42.07 -7.80 -27.70
N GLY A 388 42.74 -8.88 -27.30
CA GLY A 388 42.65 -10.14 -28.02
C GLY A 388 43.95 -10.64 -28.59
N VAL A 389 44.78 -9.75 -29.12
CA VAL A 389 46.05 -10.13 -29.72
C VAL A 389 47.16 -9.25 -29.13
N LEU A 390 48.38 -9.79 -29.17
CA LEU A 390 49.55 -9.09 -28.65
C LEU A 390 50.15 -8.25 -29.77
N GLU A 391 49.52 -7.11 -30.02
CA GLU A 391 49.89 -6.21 -31.09
C GLU A 391 49.99 -4.79 -30.55
N PRO A 392 50.77 -3.93 -31.21
CA PRO A 392 50.91 -2.55 -30.72
C PRO A 392 49.58 -1.81 -30.70
N GLY A 393 49.43 -0.95 -29.71
CA GLY A 393 48.22 -0.17 -29.54
C GLY A 393 47.11 -0.85 -28.77
N LYS A 394 47.34 -2.05 -28.27
CA LYS A 394 46.31 -2.83 -27.58
C LYS A 394 46.65 -2.97 -26.10
N ARG A 395 45.64 -3.35 -25.33
CA ARG A 395 45.81 -3.50 -23.89
C ARG A 395 46.87 -4.55 -23.57
N ALA A 396 47.64 -4.30 -22.51
CA ALA A 396 48.74 -5.19 -22.12
C ALA A 396 48.24 -6.24 -21.13
N ASP A 397 47.47 -7.17 -21.66
CA ASP A 397 46.99 -8.33 -20.90
C ASP A 397 47.79 -9.54 -21.38
N VAL A 398 48.70 -10.03 -20.53
CA VAL A 398 49.64 -11.07 -20.92
C VAL A 398 49.64 -12.17 -19.86
N ILE A 399 49.62 -13.43 -20.30
CA ILE A 399 49.75 -14.55 -19.40
C ILE A 399 50.85 -15.46 -19.92
N ALA A 400 51.38 -16.31 -19.04
CA ALA A 400 52.44 -17.23 -19.40
C ALA A 400 52.17 -18.59 -18.81
N LEU A 401 52.58 -19.63 -19.54
CA LEU A 401 52.43 -21.01 -19.12
C LEU A 401 53.80 -21.70 -19.12
N ALA A 402 53.95 -22.67 -18.21
CA ALA A 402 55.19 -23.42 -18.13
C ALA A 402 55.40 -24.27 -19.37
N GLY A 403 54.37 -24.98 -19.81
CA GLY A 403 54.46 -25.88 -20.93
C GLY A 403 53.80 -25.33 -22.19
N ASN A 404 54.09 -25.99 -23.30
CA ASN A 404 53.52 -25.60 -24.59
C ASN A 404 52.15 -26.24 -24.74
N PRO A 405 51.07 -25.46 -24.89
CA PRO A 405 49.73 -26.04 -24.94
C PRO A 405 49.33 -26.60 -26.29
N LEU A 406 50.15 -26.44 -27.33
CA LEU A 406 49.83 -26.97 -28.64
C LEU A 406 50.19 -28.44 -28.78
N GLU A 407 50.85 -29.03 -27.78
CA GLU A 407 51.12 -30.46 -27.73
C GLU A 407 50.34 -31.16 -26.63
N ASP A 408 50.39 -30.63 -25.41
CA ASP A 408 49.60 -31.12 -24.30
C ASP A 408 48.66 -30.01 -23.84
N ILE A 409 47.35 -30.28 -23.87
CA ILE A 409 46.39 -29.26 -23.48
C ILE A 409 46.39 -29.01 -21.98
N ASN A 410 46.71 -30.02 -21.16
CA ASN A 410 46.73 -29.86 -19.71
C ASN A 410 47.76 -28.84 -19.24
N ALA A 411 48.54 -28.25 -20.14
CA ALA A 411 49.41 -27.15 -19.78
C ALA A 411 48.64 -25.88 -19.46
N VAL A 412 47.37 -25.79 -19.86
CA VAL A 412 46.58 -24.59 -19.54
C VAL A 412 46.18 -24.53 -18.08
N LEU A 413 46.36 -25.61 -17.33
CA LEU A 413 45.99 -25.64 -15.92
C LEU A 413 47.09 -25.11 -15.01
N ASP A 414 48.25 -24.75 -15.55
CA ASP A 414 49.39 -24.26 -14.76
C ASP A 414 49.80 -22.90 -15.32
N VAL A 415 49.19 -21.84 -14.79
CA VAL A 415 49.50 -20.48 -15.19
C VAL A 415 50.53 -19.91 -14.23
N ARG A 416 51.61 -19.36 -14.78
CA ARG A 416 52.73 -18.86 -13.98
C ARG A 416 52.80 -17.35 -13.89
N PHE A 417 52.41 -16.64 -14.94
CA PHE A 417 52.53 -15.19 -15.00
C PHE A 417 51.23 -14.59 -15.49
N VAL A 418 50.73 -13.60 -14.77
CA VAL A 418 49.50 -12.89 -15.10
C VAL A 418 49.74 -11.39 -14.99
N MET A 419 49.44 -10.66 -16.06
CA MET A 419 49.54 -9.20 -16.11
C MET A 419 48.29 -8.66 -16.81
N LYS A 420 47.71 -7.61 -16.23
CA LYS A 420 46.49 -7.00 -16.77
C LYS A 420 46.65 -5.49 -16.77
N ASP A 421 46.41 -4.87 -17.93
CA ASP A 421 46.51 -3.42 -18.09
C ASP A 421 47.90 -2.89 -17.74
N GLY A 422 48.93 -3.72 -17.95
CA GLY A 422 50.29 -3.33 -17.63
C GLY A 422 50.71 -3.55 -16.20
N VAL A 423 49.82 -4.01 -15.34
CA VAL A 423 50.10 -4.24 -13.92
C VAL A 423 50.27 -5.74 -13.72
N ILE A 424 51.38 -6.12 -13.12
CA ILE A 424 51.66 -7.54 -12.88
C ILE A 424 50.89 -7.99 -11.64
N TYR A 425 50.09 -9.03 -11.79
CA TYR A 425 49.33 -9.60 -10.68
C TYR A 425 49.85 -10.95 -10.23
N LYS A 426 50.58 -11.66 -11.08
CA LYS A 426 51.20 -12.91 -10.65
C LYS A 426 52.53 -13.07 -11.40
N GLN A 427 53.59 -13.36 -10.68
CA GLN A 427 54.90 -13.58 -11.28
C GLN A 427 55.75 -14.50 -10.42
N PRO B 22 -3.64 55.66 -20.21
CA PRO B 22 -3.35 56.44 -21.43
C PRO B 22 -2.12 57.32 -21.28
N VAL B 23 -1.00 56.90 -21.87
CA VAL B 23 0.26 57.63 -21.75
C VAL B 23 0.84 57.84 -23.15
N ALA B 24 1.79 58.76 -23.24
CA ALA B 24 2.49 59.07 -24.48
C ALA B 24 3.99 58.97 -24.24
N VAL B 25 4.62 57.99 -24.88
CA VAL B 25 6.05 57.75 -24.75
C VAL B 25 6.74 58.33 -25.98
N GLN B 26 7.60 59.32 -25.78
CA GLN B 26 8.36 59.95 -26.86
C GLN B 26 9.74 59.33 -26.90
N CYS B 27 9.99 58.52 -27.92
CA CYS B 27 11.25 57.80 -28.10
C CYS B 27 12.14 58.55 -29.08
N GLY B 28 13.41 58.73 -28.71
CA GLY B 28 14.34 59.41 -29.59
C GLY B 28 14.64 58.63 -30.85
N ARG B 29 14.70 57.31 -30.75
CA ARG B 29 14.93 56.45 -31.90
C ARG B 29 14.18 55.14 -31.70
N LEU B 30 13.49 54.68 -32.73
CA LEU B 30 12.64 53.50 -32.67
C LEU B 30 13.20 52.42 -33.57
N PHE B 31 13.28 51.19 -33.05
CA PHE B 31 13.73 50.03 -33.81
C PHE B 31 12.52 49.28 -34.33
N ASP B 32 12.47 49.07 -35.64
CA ASP B 32 11.39 48.33 -36.28
C ASP B 32 11.78 46.86 -36.33
N ALA B 33 11.05 46.02 -35.61
CA ALA B 33 11.37 44.59 -35.60
C ALA B 33 10.94 43.90 -36.89
N ARG B 34 9.93 44.43 -37.57
CA ARG B 34 9.44 43.79 -38.80
C ARG B 34 10.45 43.93 -39.92
N SER B 35 11.00 45.12 -40.12
CA SER B 35 11.95 45.37 -41.20
C SER B 35 13.40 45.28 -40.75
N GLY B 36 13.67 45.31 -39.45
CA GLY B 36 15.03 45.22 -38.96
C GLY B 36 15.82 46.50 -39.03
N GLN B 37 15.16 47.65 -39.24
CA GLN B 37 15.84 48.93 -39.39
C GLN B 37 15.50 49.84 -38.23
N LEU B 38 16.43 50.77 -37.93
CA LEU B 38 16.28 51.72 -36.84
C LEU B 38 15.78 53.04 -37.41
N LYS B 39 14.64 53.51 -36.90
CA LYS B 39 14.02 54.73 -37.40
C LYS B 39 14.42 55.91 -36.51
N GLY B 40 13.79 57.07 -36.73
CA GLY B 40 14.08 58.26 -35.97
C GLY B 40 13.12 58.49 -34.83
N PRO B 41 12.95 59.75 -34.43
CA PRO B 41 12.06 60.07 -33.30
C PRO B 41 10.64 59.63 -33.57
N HIS B 42 9.96 59.16 -32.52
CA HIS B 42 8.60 58.66 -32.66
C HIS B 42 7.86 58.88 -31.35
N THR B 43 6.54 58.79 -31.42
CA THR B 43 5.69 58.87 -30.24
C THR B 43 4.75 57.66 -30.23
N LEU B 44 4.57 57.05 -29.07
CA LEU B 44 3.68 55.92 -28.90
C LEU B 44 2.59 56.30 -27.89
N LEU B 45 1.34 56.24 -28.33
CA LEU B 45 0.19 56.50 -27.47
C LEU B 45 -0.37 55.15 -27.04
N VAL B 46 -0.41 54.93 -25.74
CA VAL B 46 -0.74 53.64 -25.13
C VAL B 46 -2.01 53.80 -24.31
N ALA B 47 -2.96 52.89 -24.51
CA ALA B 47 -4.22 52.90 -23.77
C ALA B 47 -4.69 51.46 -23.56
N ASP B 48 -5.10 51.16 -22.32
CA ASP B 48 -5.65 49.85 -21.97
C ASP B 48 -4.67 48.71 -22.25
N GLY B 49 -3.39 48.95 -21.99
CA GLY B 49 -2.40 47.91 -22.15
C GLY B 49 -2.08 47.55 -23.58
N ARG B 50 -2.44 48.40 -24.54
CA ARG B 50 -2.16 48.17 -25.94
C ARG B 50 -1.54 49.43 -26.54
N ILE B 51 -0.80 49.25 -27.63
CA ILE B 51 -0.25 50.37 -28.38
C ILE B 51 -1.40 50.95 -29.20
N ARG B 52 -1.98 52.06 -28.72
CA ARG B 52 -3.12 52.65 -29.43
C ARG B 52 -2.68 53.26 -30.75
N GLN B 53 -1.59 54.02 -30.75
CA GLN B 53 -1.19 54.67 -31.99
C GLN B 53 0.29 54.96 -31.99
N VAL B 54 0.86 55.07 -33.19
CA VAL B 54 2.27 55.40 -33.39
C VAL B 54 2.34 56.61 -34.30
N LEU B 55 2.96 57.69 -33.82
CA LEU B 55 3.06 58.95 -34.55
C LEU B 55 4.51 59.21 -34.94
N PRO B 56 4.81 59.35 -36.21
CA PRO B 56 6.17 59.74 -36.60
C PRO B 56 6.50 61.15 -36.14
N GLY B 57 7.77 61.38 -35.85
CA GLY B 57 8.23 62.68 -35.39
C GLY B 57 7.83 63.00 -33.97
N ALA B 65 -1.68 60.68 -22.17
CA ALA B 65 -1.80 61.84 -21.29
C ALA B 65 -0.45 62.19 -20.67
N ARG B 66 -0.02 61.39 -19.71
CA ARG B 66 1.28 61.58 -19.09
C ARG B 66 2.39 61.32 -20.10
N VAL B 67 3.39 62.19 -20.11
CA VAL B 67 4.49 62.14 -21.07
C VAL B 67 5.66 61.40 -20.46
N VAL B 68 6.18 60.41 -21.19
CA VAL B 68 7.40 59.70 -20.81
C VAL B 68 8.45 60.02 -21.85
N ASP B 69 9.48 60.77 -21.47
CA ASP B 69 10.49 61.28 -22.39
C ASP B 69 11.71 60.37 -22.36
N LEU B 70 11.90 59.59 -23.42
CA LEU B 70 13.13 58.83 -23.60
C LEU B 70 13.81 59.29 -24.88
N GLY B 71 13.87 60.61 -25.08
CA GLY B 71 14.35 61.19 -26.32
C GLY B 71 15.82 61.03 -26.59
N ASP B 72 16.59 60.52 -25.63
CA ASP B 72 18.00 60.24 -25.81
C ASP B 72 18.31 58.75 -25.75
N LYS B 73 17.31 57.90 -25.96
CA LYS B 73 17.45 56.46 -25.82
C LYS B 73 16.85 55.76 -27.03
N VAL B 74 17.27 54.52 -27.25
CA VAL B 74 16.79 53.70 -28.34
C VAL B 74 15.69 52.80 -27.82
N CYS B 75 14.50 52.88 -28.44
CA CYS B 75 13.35 52.12 -28.01
C CYS B 75 13.21 50.83 -28.83
N LEU B 76 12.80 49.76 -28.16
CA LEU B 76 12.66 48.44 -28.75
C LEU B 76 11.46 47.74 -28.15
N PRO B 77 10.91 46.74 -28.84
CA PRO B 77 9.90 45.88 -28.22
C PRO B 77 10.52 45.01 -27.13
N GLY B 78 9.66 44.56 -26.22
CA GLY B 78 10.14 43.69 -25.15
C GLY B 78 10.67 42.38 -25.70
N TRP B 79 11.75 41.89 -25.10
CA TRP B 79 12.40 40.69 -25.57
C TRP B 79 11.70 39.44 -25.05
N THR B 80 11.86 38.35 -25.78
CA THR B 80 11.33 37.05 -25.38
C THR B 80 12.46 36.03 -25.37
N ASP B 81 12.62 35.35 -24.24
CA ASP B 81 13.57 34.25 -24.11
C ASP B 81 12.80 32.94 -24.22
N LEU B 82 13.12 32.14 -25.23
CA LEU B 82 12.35 30.94 -25.53
C LEU B 82 12.83 29.70 -24.79
N HIS B 83 13.82 29.84 -23.90
CA HIS B 83 14.33 28.69 -23.15
C HIS B 83 14.82 29.19 -21.79
N VAL B 84 14.00 29.01 -20.75
CA VAL B 84 14.38 29.32 -19.39
C VAL B 84 13.87 28.21 -18.47
N HIS B 85 14.48 28.12 -17.29
CA HIS B 85 14.02 27.26 -16.20
C HIS B 85 13.99 28.14 -14.95
N LEU B 86 12.86 28.82 -14.74
CA LEU B 86 12.75 29.76 -13.64
C LEU B 86 12.66 29.09 -12.27
N GLY B 87 12.47 27.78 -12.23
CA GLY B 87 12.39 27.04 -10.98
C GLY B 87 13.71 26.51 -10.47
N SER B 88 14.84 26.88 -11.07
CA SER B 88 16.13 26.36 -10.64
C SER B 88 17.23 27.31 -11.09
N GLN B 89 18.40 27.13 -10.51
CA GLN B 89 19.61 27.83 -10.92
C GLN B 89 20.81 26.99 -10.48
N SER B 90 21.77 26.83 -11.37
CA SER B 90 22.89 25.93 -11.14
C SER B 90 23.77 26.43 -10.00
N SER B 91 24.27 25.49 -9.20
CA SER B 91 25.15 25.80 -8.09
C SER B 91 25.91 24.52 -7.73
N PRO B 92 26.99 24.62 -6.94
CA PRO B 92 27.69 23.39 -6.52
C PRO B 92 26.84 22.45 -5.69
N GLN B 93 25.74 22.92 -5.11
CA GLN B 93 24.88 22.10 -4.27
C GLN B 93 23.65 21.58 -5.02
N SER B 94 23.65 21.65 -6.36
CA SER B 94 22.46 21.33 -7.12
C SER B 94 22.05 19.87 -6.98
N TYR B 95 23.01 18.95 -7.16
CA TYR B 95 22.70 17.53 -7.27
C TYR B 95 22.31 16.88 -5.96
N SER B 96 22.06 17.68 -4.91
CA SER B 96 21.49 17.18 -3.68
C SER B 96 20.16 17.83 -3.34
N GLU B 97 19.79 18.93 -4.01
CA GLU B 97 18.56 19.65 -3.66
C GLU B 97 17.34 18.74 -3.73
N ASP B 98 17.29 17.86 -4.72
CA ASP B 98 16.15 16.98 -4.90
C ASP B 98 15.90 16.07 -3.71
N PHE B 99 16.89 15.89 -2.84
CA PHE B 99 16.71 15.08 -1.64
C PHE B 99 16.58 15.91 -0.37
N ARG B 100 16.78 17.22 -0.44
CA ARG B 100 16.78 18.05 0.77
C ARG B 100 15.81 19.22 0.72
N LEU B 101 15.48 19.74 -0.45
CA LEU B 101 14.67 20.94 -0.57
C LEU B 101 13.26 20.62 -1.02
N ASP B 102 12.33 21.45 -0.59
CA ASP B 102 10.91 21.37 -0.93
C ASP B 102 10.55 22.38 -1.99
N PRO B 103 9.42 22.18 -2.69
CA PRO B 103 9.03 23.14 -3.74
C PRO B 103 8.84 24.57 -3.25
N VAL B 104 8.50 24.73 -1.98
CA VAL B 104 8.23 26.06 -1.37
C VAL B 104 9.51 26.91 -1.36
N ASP B 105 10.68 26.30 -1.15
CA ASP B 105 11.96 26.99 -1.23
C ASP B 105 12.27 27.42 -2.66
N HIS B 106 11.99 26.53 -3.62
CA HIS B 106 12.16 26.87 -5.03
C HIS B 106 11.26 28.02 -5.44
N ALA B 107 10.03 28.09 -4.93
CA ALA B 107 9.16 29.22 -5.23
C ALA B 107 9.70 30.53 -4.67
N PHE B 108 10.21 30.49 -3.43
CA PHE B 108 10.79 31.70 -2.84
C PHE B 108 12.02 32.16 -3.63
N ARG B 109 12.82 31.24 -4.17
CA ARG B 109 13.92 31.64 -5.04
C ARG B 109 13.41 32.16 -6.38
N ALA B 110 12.37 31.53 -6.93
CA ALA B 110 11.82 31.90 -8.21
C ALA B 110 11.24 33.31 -8.20
N VAL B 111 10.79 33.80 -7.05
CA VAL B 111 10.32 35.18 -6.98
C VAL B 111 11.43 36.14 -7.41
N GLY B 112 12.61 35.99 -6.81
CA GLY B 112 13.73 36.83 -7.17
C GLY B 112 14.23 36.57 -8.58
N TYR B 113 14.23 35.31 -9.01
CA TYR B 113 14.63 35.00 -10.37
C TYR B 113 13.74 35.72 -11.40
N ALA B 114 12.42 35.67 -11.18
CA ALA B 114 11.49 36.32 -12.10
C ALA B 114 11.65 37.84 -12.08
N GLU B 115 11.88 38.42 -10.90
CA GLU B 115 12.10 39.85 -10.85
C GLU B 115 13.36 40.25 -11.62
N LYS B 116 14.45 39.50 -11.46
CA LYS B 116 15.67 39.81 -12.18
C LYS B 116 15.51 39.61 -13.68
N THR B 117 14.74 38.60 -14.10
CA THR B 117 14.50 38.40 -15.52
C THR B 117 13.69 39.56 -16.11
N LEU B 118 12.66 40.02 -15.40
CA LEU B 118 11.87 41.14 -15.92
C LEU B 118 12.68 42.42 -15.95
N MET B 119 13.60 42.64 -15.02
CA MET B 119 14.34 43.93 -14.97
C MET B 119 15.47 43.93 -15.99
N ALA B 120 15.75 42.79 -16.61
CA ALA B 120 16.78 42.75 -17.64
C ALA B 120 16.25 43.07 -19.02
N GLY B 121 14.94 43.29 -19.17
CA GLY B 121 14.36 43.65 -20.45
C GLY B 121 13.53 42.58 -21.13
N PHE B 122 13.30 41.44 -20.49
CA PHE B 122 12.53 40.34 -21.08
C PHE B 122 11.13 40.34 -20.48
N THR B 123 10.15 40.72 -21.30
CA THR B 123 8.76 40.78 -20.86
C THR B 123 8.00 39.48 -21.09
N SER B 124 8.60 38.51 -21.77
CA SER B 124 7.98 37.21 -21.96
C SER B 124 9.07 36.14 -21.96
N VAL B 125 8.71 34.96 -21.47
CA VAL B 125 9.61 33.81 -21.45
C VAL B 125 8.81 32.55 -21.75
N ARG B 126 9.51 31.54 -22.28
CA ARG B 126 9.00 30.20 -22.42
C ARG B 126 9.76 29.28 -21.48
N ASP B 127 9.08 28.73 -20.50
CA ASP B 127 9.68 27.82 -19.53
C ASP B 127 9.56 26.39 -20.05
N LEU B 128 10.69 25.69 -20.15
CA LEU B 128 10.78 24.40 -20.83
C LEU B 128 11.02 23.26 -19.86
N GLY B 129 10.39 23.29 -18.70
CA GLY B 129 10.54 22.23 -17.73
C GLY B 129 10.54 22.72 -16.31
N GLY B 130 9.79 22.03 -15.44
CA GLY B 130 9.63 22.45 -14.07
C GLY B 130 8.18 22.56 -13.67
N GLU B 131 7.85 22.14 -12.45
CA GLU B 131 6.47 22.08 -11.99
C GLU B 131 6.08 23.24 -11.09
N VAL B 132 6.92 24.26 -10.96
CA VAL B 132 6.60 25.43 -10.14
C VAL B 132 6.22 26.57 -11.08
N SER B 133 6.65 26.47 -12.33
CA SER B 133 6.43 27.56 -13.28
C SER B 133 4.97 27.87 -13.57
N PRO B 134 4.07 26.90 -13.77
CA PRO B 134 2.65 27.27 -13.93
C PRO B 134 2.07 28.02 -12.74
N HIS B 135 2.44 27.62 -11.52
CA HIS B 135 1.98 28.34 -10.33
C HIS B 135 2.53 29.76 -10.30
N LEU B 136 3.80 29.93 -10.68
CA LEU B 136 4.39 31.26 -10.72
C LEU B 136 3.71 32.11 -11.79
N ARG B 137 3.35 31.51 -12.93
CA ARG B 137 2.63 32.24 -13.97
C ARG B 137 1.27 32.70 -13.47
N ASP B 138 0.55 31.82 -12.76
CA ASP B 138 -0.73 32.23 -12.18
C ASP B 138 -0.56 33.36 -11.18
N ALA B 139 0.47 33.28 -10.34
CA ALA B 139 0.72 34.32 -9.34
C ALA B 139 1.06 35.65 -10.00
N ILE B 140 1.87 35.63 -11.07
CA ILE B 140 2.20 36.87 -11.78
C ILE B 140 0.97 37.44 -12.45
N ASN B 141 0.15 36.59 -13.07
CA ASN B 141 -1.06 37.07 -13.72
C ASN B 141 -2.02 37.70 -12.72
N GLN B 142 -2.12 37.12 -11.52
CA GLN B 142 -3.00 37.68 -10.51
C GLN B 142 -2.47 38.98 -9.91
N GLY B 143 -1.18 39.27 -10.08
CA GLY B 143 -0.58 40.48 -9.54
C GLY B 143 0.12 40.32 -8.22
N LEU B 144 0.28 39.09 -7.72
CA LEU B 144 0.92 38.88 -6.43
C LEU B 144 2.41 39.22 -6.47
N VAL B 145 3.08 38.84 -7.55
CA VAL B 145 4.51 39.09 -7.70
C VAL B 145 4.76 39.66 -9.09
N ARG B 146 5.94 40.26 -9.25
CA ARG B 146 6.36 40.83 -10.52
C ARG B 146 7.17 39.83 -11.32
N GLY B 147 7.08 39.93 -12.64
CA GLY B 147 7.82 39.06 -13.52
C GLY B 147 7.35 39.18 -14.96
N PRO B 148 7.87 38.33 -15.82
CA PRO B 148 7.48 38.35 -17.23
C PRO B 148 6.21 37.52 -17.46
N ARG B 149 5.76 37.51 -18.70
CA ARG B 149 4.66 36.66 -19.12
C ARG B 149 5.20 35.28 -19.47
N ILE B 150 4.70 34.25 -18.78
CA ILE B 150 5.29 32.92 -18.81
C ILE B 150 4.43 32.01 -19.68
N PHE B 151 5.06 31.34 -20.64
CA PHE B 151 4.44 30.24 -21.37
C PHE B 151 5.10 28.97 -20.85
N ALA B 152 4.36 28.21 -20.05
CA ALA B 152 4.93 27.11 -19.29
C ALA B 152 4.66 25.76 -19.96
N ALA B 153 5.67 24.90 -19.96
CA ALA B 153 5.55 23.56 -20.50
C ALA B 153 5.21 22.52 -19.44
N GLY B 154 5.49 22.78 -18.17
CA GLY B 154 5.26 21.80 -17.12
C GLY B 154 6.35 20.75 -17.05
N LYS B 155 5.95 19.50 -16.81
CA LYS B 155 6.91 18.41 -16.72
C LYS B 155 7.26 17.93 -18.13
N SER B 156 8.54 17.66 -18.37
CA SER B 156 9.01 17.24 -19.68
C SER B 156 8.80 15.73 -19.88
N ILE B 157 8.36 15.36 -21.06
CA ILE B 157 8.09 13.95 -21.38
C ILE B 157 9.38 13.26 -21.80
N ALA B 158 9.63 12.07 -21.25
CA ALA B 158 10.82 11.31 -21.55
C ALA B 158 10.50 9.83 -21.52
N THR B 159 11.47 9.00 -21.85
CA THR B 159 11.36 7.56 -21.75
C THR B 159 12.09 7.07 -20.50
N THR B 160 12.10 5.75 -20.31
CA THR B 160 12.77 5.17 -19.16
C THR B 160 14.28 5.37 -19.27
N GLY B 161 14.88 5.97 -18.24
CA GLY B 161 16.28 6.30 -18.27
C GLY B 161 16.64 7.51 -19.09
N GLY B 162 15.66 8.29 -19.53
CA GLY B 162 15.91 9.41 -20.41
C GLY B 162 16.49 10.60 -19.68
N HIS B 163 16.78 11.64 -20.48
CA HIS B 163 17.38 12.86 -19.93
C HIS B 163 16.48 13.52 -18.90
N ALA B 164 15.17 13.42 -19.06
CA ALA B 164 14.22 14.03 -18.15
C ALA B 164 13.58 13.02 -17.19
N ASP B 165 14.12 11.82 -17.10
CA ASP B 165 13.63 10.86 -16.11
C ASP B 165 13.96 11.35 -14.71
N PRO B 166 12.97 11.47 -13.82
CA PRO B 166 13.22 12.04 -12.49
C PRO B 166 13.77 11.07 -11.47
N THR B 167 14.20 9.88 -11.87
CA THR B 167 14.69 8.87 -10.94
C THR B 167 16.09 8.40 -11.31
N ASN B 168 16.72 9.04 -12.30
CA ASN B 168 18.07 8.68 -12.69
C ASN B 168 19.05 8.90 -11.54
N GLY B 169 19.91 7.92 -11.29
CA GLY B 169 20.92 8.01 -10.27
C GLY B 169 20.48 7.68 -8.86
N TRP B 170 19.21 7.30 -8.67
CA TRP B 170 18.72 6.95 -7.35
C TRP B 170 19.07 5.50 -7.04
N ASN B 171 19.39 5.22 -5.78
CA ASN B 171 19.74 3.86 -5.40
C ASN B 171 18.48 2.98 -5.40
N GLU B 172 18.69 1.69 -5.16
CA GLU B 172 17.60 0.73 -5.28
C GLU B 172 16.50 0.98 -4.24
N ARG B 173 16.88 1.41 -3.04
CA ARG B 173 15.89 1.63 -1.99
C ARG B 173 14.94 2.77 -2.34
N LEU B 174 15.50 3.93 -2.71
CA LEU B 174 14.65 5.07 -3.06
C LEU B 174 13.80 4.77 -4.28
N ALA B 175 14.39 4.14 -5.30
CA ALA B 175 13.63 3.76 -6.48
C ALA B 175 12.54 2.75 -6.18
N HIS B 176 12.74 1.88 -5.17
CA HIS B 176 11.71 0.93 -4.80
C HIS B 176 10.57 1.60 -4.06
N LEU B 177 10.80 2.54 -3.23
CA LEU B 177 9.73 3.25 -2.49
C LEU B 177 9.09 4.31 -3.39
N VAL B 178 9.76 4.61 -4.53
CA VAL B 178 9.12 5.51 -5.49
C VAL B 178 8.31 4.73 -6.52
N GLY B 179 8.84 3.61 -7.01
CA GLY B 179 8.22 2.88 -8.09
C GLY B 179 8.71 3.37 -9.44
N ALA B 180 8.36 2.61 -10.47
CA ALA B 180 8.74 2.98 -11.83
C ALA B 180 7.86 4.12 -12.31
N PRO B 181 8.44 5.26 -12.69
CA PRO B 181 7.61 6.39 -13.15
C PRO B 181 6.83 6.03 -14.42
N GLY B 182 5.60 6.53 -14.49
CA GLY B 182 4.73 6.27 -15.60
C GLY B 182 4.25 7.54 -16.26
N PRO B 183 3.19 7.44 -17.06
CA PRO B 183 2.72 8.63 -17.80
C PRO B 183 2.33 9.81 -16.92
N ALA B 184 1.78 9.53 -15.73
CA ALA B 184 1.45 10.63 -14.81
C ALA B 184 2.70 11.35 -14.35
N GLU B 185 3.84 10.66 -14.29
CA GLU B 185 5.11 11.24 -13.93
C GLU B 185 5.92 11.71 -15.14
N GLY B 186 5.40 11.51 -16.34
CA GLY B 186 6.07 11.98 -17.55
C GLY B 186 6.96 10.98 -18.26
N VAL B 187 6.89 9.70 -17.91
CA VAL B 187 7.72 8.68 -18.52
C VAL B 187 6.83 7.76 -19.34
N VAL B 188 7.13 7.62 -20.63
CA VAL B 188 6.32 6.85 -21.56
C VAL B 188 7.19 5.83 -22.28
N ASN B 189 6.55 4.75 -22.72
CA ASN B 189 7.25 3.71 -23.46
C ASN B 189 6.43 3.17 -24.62
N SER B 190 5.29 3.77 -24.95
CA SER B 190 4.45 3.31 -26.04
C SER B 190 3.57 4.46 -26.51
N VAL B 191 2.81 4.21 -27.58
CA VAL B 191 1.97 5.24 -28.18
C VAL B 191 0.85 5.66 -27.23
N ASP B 192 0.20 4.69 -26.60
CA ASP B 192 -0.89 5.01 -25.67
C ASP B 192 -0.38 5.75 -24.44
N GLU B 193 0.80 5.38 -23.94
CA GLU B 193 1.39 6.11 -22.83
C GLU B 193 1.73 7.55 -23.23
N ALA B 194 2.22 7.76 -24.46
CA ALA B 194 2.47 9.12 -24.93
C ALA B 194 1.18 9.94 -24.99
N ARG B 195 0.10 9.34 -25.49
CA ARG B 195 -1.19 10.01 -25.49
C ARG B 195 -1.61 10.40 -24.08
N GLN B 196 -1.49 9.46 -23.14
CA GLN B 196 -1.87 9.73 -21.77
C GLN B 196 -1.01 10.82 -21.15
N ALA B 197 0.29 10.84 -21.49
CA ALA B 197 1.18 11.86 -20.93
C ALA B 197 0.83 13.25 -21.45
N VAL B 198 0.54 13.37 -22.74
CA VAL B 198 0.13 14.67 -23.28
C VAL B 198 -1.16 15.12 -22.63
N ARG B 199 -2.13 14.21 -22.46
CA ARG B 199 -3.38 14.57 -21.81
C ARG B 199 -3.18 14.94 -20.35
N GLN B 200 -2.26 14.28 -19.65
CA GLN B 200 -1.97 14.61 -18.26
C GLN B 200 -1.30 15.97 -18.14
N ARG B 201 -0.44 16.33 -19.09
CA ARG B 201 0.11 17.68 -19.10
C ARG B 201 -0.97 18.71 -19.34
N TYR B 202 -1.92 18.41 -20.23
CA TYR B 202 -3.04 19.31 -20.44
C TYR B 202 -3.86 19.47 -19.15
N LYS B 203 -4.08 18.37 -18.43
CA LYS B 203 -4.86 18.41 -17.21
C LYS B 203 -4.24 19.31 -16.14
N GLU B 204 -2.93 19.53 -16.19
CA GLU B 204 -2.23 20.31 -15.18
C GLU B 204 -1.97 21.75 -15.61
N GLY B 205 -2.62 22.21 -16.67
CA GLY B 205 -2.52 23.61 -17.06
C GLY B 205 -1.27 24.00 -17.82
N SER B 206 -0.68 23.08 -18.58
CA SER B 206 0.48 23.43 -19.39
C SER B 206 0.05 24.23 -20.61
N ASP B 207 1.00 25.02 -21.13
CA ASP B 207 0.77 25.80 -22.34
C ASP B 207 1.35 25.16 -23.58
N LEU B 208 2.29 24.23 -23.44
CA LEU B 208 2.90 23.54 -24.58
C LEU B 208 3.49 22.23 -24.07
N ILE B 209 4.22 21.55 -24.95
CA ILE B 209 4.80 20.26 -24.63
C ILE B 209 6.32 20.26 -24.81
N KCX B 210 7.02 19.62 -23.90
CA KCX B 210 8.48 19.47 -24.00
CB KCX B 210 9.17 20.26 -22.89
CG KCX B 210 10.44 20.99 -23.31
CD KCX B 210 11.50 20.03 -23.82
CE KCX B 210 12.85 20.71 -23.90
NZ KCX B 210 13.36 21.05 -22.55
C KCX B 210 8.88 18.01 -23.91
O KCX B 210 8.52 17.31 -22.97
CX KCX B 210 14.66 21.20 -22.36
OQ1 KCX B 210 15.08 21.49 -21.22
OQ2 KCX B 210 15.45 21.06 -23.29
N ILE B 211 9.64 17.53 -24.90
CA ILE B 211 10.17 16.18 -24.88
C ILE B 211 11.70 16.21 -24.99
N THR B 212 12.35 15.18 -24.47
CA THR B 212 13.79 14.98 -24.63
C THR B 212 13.98 13.82 -25.60
N ALA B 213 14.36 14.13 -26.84
CA ALA B 213 14.50 13.10 -27.86
C ALA B 213 15.76 12.27 -27.66
N THR B 214 16.83 12.88 -27.14
CA THR B 214 18.09 12.16 -26.93
C THR B 214 18.54 12.30 -25.48
N GLY B 215 19.76 11.86 -25.19
CA GLY B 215 20.34 12.08 -23.88
C GLY B 215 20.81 13.51 -23.71
N GLY B 216 21.29 13.81 -22.51
CA GLY B 216 21.69 15.16 -22.18
C GLY B 216 23.01 15.19 -21.42
N VAL B 217 23.39 16.40 -21.03
CA VAL B 217 24.65 16.62 -20.33
C VAL B 217 24.45 16.57 -18.82
N LEU B 218 23.48 17.30 -18.29
CA LEU B 218 23.33 17.45 -16.85
C LEU B 218 22.56 16.29 -16.21
N SER B 219 22.06 15.35 -17.00
CA SER B 219 21.37 14.20 -16.43
C SER B 219 22.35 13.24 -15.77
N TYR B 220 21.84 12.46 -14.83
CA TYR B 220 22.64 11.47 -14.11
C TYR B 220 22.58 10.11 -14.84
N ALA B 221 22.93 10.15 -16.12
CA ALA B 221 22.87 8.98 -16.98
C ALA B 221 24.15 8.88 -17.79
N ARG B 222 24.40 7.67 -18.32
CA ARG B 222 25.66 7.40 -19.00
C ARG B 222 25.76 8.15 -20.32
N SER B 223 24.70 8.11 -21.12
CA SER B 223 24.76 8.61 -22.49
C SER B 223 24.43 10.10 -22.56
N GLY B 224 24.90 10.74 -23.63
CA GLY B 224 24.70 12.16 -23.82
C GLY B 224 23.98 12.51 -25.11
N ASP B 225 23.98 11.61 -26.09
CA ASP B 225 23.34 11.91 -27.36
C ASP B 225 22.65 10.71 -28.02
N ALA B 226 22.46 9.60 -27.31
CA ALA B 226 21.86 8.42 -27.94
C ALA B 226 20.37 8.62 -28.17
N PRO B 227 19.82 8.06 -29.25
CA PRO B 227 18.38 8.24 -29.53
C PRO B 227 17.53 7.50 -28.51
N GLN B 228 16.59 8.22 -27.91
CA GLN B 228 15.79 7.68 -26.81
C GLN B 228 14.29 7.69 -27.12
N PHE B 229 13.91 8.01 -28.34
CA PHE B 229 12.52 8.02 -28.77
C PHE B 229 12.40 7.32 -30.11
N THR B 230 11.35 6.53 -30.28
CA THR B 230 11.05 5.99 -31.60
C THR B 230 10.14 6.97 -32.35
N VAL B 231 10.13 6.81 -33.68
CA VAL B 231 9.37 7.73 -34.52
C VAL B 231 7.88 7.64 -34.20
N ASP B 232 7.40 6.43 -33.89
CA ASP B 232 6.00 6.25 -33.56
C ASP B 232 5.62 7.02 -32.30
N GLU B 233 6.46 6.98 -31.27
CA GLU B 233 6.16 7.69 -30.04
C GLU B 233 6.13 9.21 -30.24
N ILE B 234 7.08 9.74 -31.00
CA ILE B 234 7.09 11.18 -31.25
C ILE B 234 5.89 11.58 -32.10
N LYS B 235 5.53 10.75 -33.08
CA LYS B 235 4.34 11.03 -33.88
C LYS B 235 3.08 11.03 -33.03
N ALA B 236 2.97 10.08 -32.09
CA ALA B 236 1.83 10.07 -31.17
C ALA B 236 1.80 11.33 -30.33
N VAL B 237 2.96 11.77 -29.81
CA VAL B 237 3.02 12.98 -29.02
C VAL B 237 2.56 14.19 -29.83
N VAL B 238 3.05 14.32 -31.06
CA VAL B 238 2.71 15.48 -31.88
C VAL B 238 1.23 15.46 -32.27
N ASP B 239 0.71 14.29 -32.62
CA ASP B 239 -0.70 14.19 -32.98
C ASP B 239 -1.61 14.50 -31.80
N THR B 240 -1.27 14.01 -30.60
CA THR B 240 -2.06 14.32 -29.42
C THR B 240 -1.99 15.81 -29.08
N ALA B 241 -0.80 16.41 -29.21
CA ALA B 241 -0.66 17.82 -28.91
C ALA B 241 -1.43 18.70 -29.89
N ARG B 242 -1.51 18.28 -31.16
CA ARG B 242 -2.27 19.06 -32.13
C ARG B 242 -3.75 19.17 -31.77
N ASP B 243 -4.30 18.14 -31.11
CA ASP B 243 -5.70 18.18 -30.72
C ASP B 243 -5.99 19.21 -29.65
N TYR B 244 -5.03 19.43 -28.74
CA TYR B 244 -5.21 20.35 -27.63
C TYR B 244 -4.63 21.72 -27.90
N GLY B 245 -4.16 21.97 -29.11
CA GLY B 245 -3.58 23.27 -29.44
C GLY B 245 -2.21 23.52 -28.83
N PHE B 246 -1.40 22.48 -28.69
CA PHE B 246 -0.07 22.59 -28.11
C PHE B 246 0.99 22.46 -29.18
N ARG B 247 2.07 23.22 -29.03
CA ARG B 247 3.28 23.07 -29.83
C ARG B 247 4.30 22.26 -29.06
N VAL B 248 5.17 21.56 -29.78
CA VAL B 248 6.11 20.62 -29.19
C VAL B 248 7.53 21.14 -29.40
N ALA B 249 8.28 21.27 -28.32
CA ALA B 249 9.70 21.53 -28.35
C ALA B 249 10.46 20.25 -28.03
N ALA B 250 11.59 20.04 -28.71
CA ALA B 250 12.36 18.81 -28.57
C ALA B 250 13.80 19.13 -28.20
N HIS B 251 14.30 18.46 -27.17
CA HIS B 251 15.70 18.53 -26.79
C HIS B 251 16.45 17.42 -27.50
N ALA B 252 17.49 17.77 -28.25
CA ALA B 252 18.22 16.77 -29.04
C ALA B 252 19.68 17.19 -29.20
N HIS B 253 20.59 16.25 -28.94
CA HIS B 253 22.01 16.42 -29.19
C HIS B 253 22.50 15.58 -30.35
N GLY B 254 22.16 14.28 -30.37
CA GLY B 254 22.61 13.42 -31.43
C GLY B 254 21.82 13.57 -32.71
N THR B 255 22.40 13.06 -33.81
CA THR B 255 21.83 13.28 -35.13
C THR B 255 20.58 12.43 -35.35
N GLU B 256 20.59 11.17 -34.90
CA GLU B 256 19.46 10.28 -35.17
C GLU B 256 18.19 10.74 -34.46
N GLY B 257 18.30 11.10 -33.18
CA GLY B 257 17.14 11.60 -32.47
C GLY B 257 16.63 12.92 -33.03
N MET B 258 17.56 13.80 -33.42
CA MET B 258 17.15 15.04 -34.06
C MET B 258 16.39 14.78 -35.36
N LYS B 259 16.87 13.83 -36.16
CA LYS B 259 16.19 13.49 -37.40
C LYS B 259 14.80 12.95 -37.14
N ARG B 260 14.67 12.06 -36.15
CA ARG B 260 13.35 11.53 -35.81
C ARG B 260 12.40 12.64 -35.35
N ALA B 261 12.89 13.54 -34.51
CA ALA B 261 12.05 14.64 -34.02
C ALA B 261 11.63 15.56 -35.15
N VAL B 262 12.55 15.88 -36.06
CA VAL B 262 12.22 16.77 -37.17
C VAL B 262 11.22 16.12 -38.11
N GLN B 263 11.43 14.84 -38.44
CA GLN B 263 10.52 14.16 -39.36
C GLN B 263 9.16 13.88 -38.73
N ALA B 264 9.07 13.86 -37.39
CA ALA B 264 7.77 13.69 -36.76
C ALA B 264 6.93 14.97 -36.81
N GLY B 265 7.57 16.14 -36.78
CA GLY B 265 6.84 17.37 -36.92
C GLY B 265 6.88 18.30 -35.71
N VAL B 266 7.97 18.26 -34.94
CA VAL B 266 8.09 19.17 -33.81
C VAL B 266 8.30 20.60 -34.31
N THR B 267 7.99 21.56 -33.44
CA THR B 267 8.04 22.96 -33.82
C THR B 267 9.46 23.53 -33.72
N SER B 268 10.18 23.21 -32.65
CA SER B 268 11.52 23.74 -32.45
C SER B 268 12.45 22.63 -31.96
N ILE B 269 13.73 22.81 -32.25
CA ILE B 269 14.78 21.87 -31.84
C ILE B 269 15.74 22.62 -30.91
N GLU B 270 16.12 21.97 -29.82
CA GLU B 270 16.93 22.60 -28.78
C GLU B 270 18.36 22.05 -28.80
N HIS B 271 19.31 22.98 -28.84
CA HIS B 271 20.77 22.80 -28.73
C HIS B 271 21.43 22.21 -29.97
N GLY B 272 20.67 21.54 -30.85
CA GLY B 272 21.13 21.12 -32.16
C GLY B 272 22.59 20.73 -32.30
N THR B 273 23.15 20.00 -31.34
CA THR B 273 24.61 19.95 -31.20
C THR B 273 25.29 19.26 -32.38
N TYR B 274 24.82 18.07 -32.74
CA TYR B 274 25.46 17.27 -33.79
C TYR B 274 24.67 17.34 -35.10
N MET B 275 24.14 18.51 -35.41
CA MET B 275 23.39 18.71 -36.65
C MET B 275 24.31 18.60 -37.86
N ASP B 276 23.82 17.95 -38.91
CA ASP B 276 24.56 17.76 -40.15
C ASP B 276 23.75 18.27 -41.34
N ASP B 277 24.25 17.98 -42.54
CA ASP B 277 23.67 18.56 -43.75
C ASP B 277 22.28 17.98 -44.05
N GLU B 278 22.10 16.68 -43.81
CA GLU B 278 20.79 16.07 -44.05
C GLU B 278 19.74 16.62 -43.09
N VAL B 279 20.09 16.74 -41.81
CA VAL B 279 19.15 17.31 -40.84
C VAL B 279 18.86 18.77 -41.18
N MET B 280 19.88 19.51 -41.63
CA MET B 280 19.68 20.89 -42.04
C MET B 280 18.71 20.98 -43.21
N ARG B 281 18.86 20.11 -44.21
CA ARG B 281 17.95 20.10 -45.35
C ARG B 281 16.53 19.75 -44.93
N LEU B 282 16.39 18.75 -44.05
CA LEU B 282 15.06 18.38 -43.57
C LEU B 282 14.41 19.52 -42.80
N MET B 283 15.18 20.22 -41.97
CA MET B 283 14.65 21.34 -41.21
C MET B 283 14.24 22.48 -42.12
N LYS B 284 15.03 22.77 -43.15
CA LYS B 284 14.67 23.81 -44.09
C LYS B 284 13.39 23.47 -44.85
N GLN B 285 13.25 22.21 -45.26
CA GLN B 285 12.04 21.81 -45.98
C GLN B 285 10.83 21.69 -45.06
N HIS B 286 11.04 21.52 -43.76
CA HIS B 286 9.94 21.38 -42.82
C HIS B 286 9.54 22.69 -42.16
N GLY B 287 10.48 23.63 -42.02
CA GLY B 287 10.20 24.87 -41.34
C GLY B 287 10.39 24.82 -39.83
N THR B 288 11.26 23.94 -39.35
CA THR B 288 11.53 23.83 -37.92
C THR B 288 12.41 24.97 -37.45
N TRP B 289 12.13 25.48 -36.26
CA TRP B 289 12.92 26.54 -35.64
C TRP B 289 14.07 25.93 -34.84
N TYR B 290 15.19 26.67 -34.81
CA TYR B 290 16.41 26.22 -34.14
C TYR B 290 16.74 27.18 -33.00
N VAL B 291 17.01 26.62 -31.83
CA VAL B 291 17.39 27.38 -30.65
C VAL B 291 18.76 26.89 -30.19
N PRO B 292 19.82 27.65 -30.47
CA PRO B 292 21.17 27.14 -30.17
C PRO B 292 21.54 27.14 -28.70
N THR B 293 21.23 28.21 -27.95
CA THR B 293 21.59 28.38 -26.55
C THR B 293 23.11 28.36 -26.35
N PHE B 294 23.75 29.43 -26.85
CA PHE B 294 25.19 29.61 -26.67
C PHE B 294 25.56 29.65 -25.19
N TYR B 295 24.74 30.32 -24.37
CA TYR B 295 25.09 30.59 -22.98
C TYR B 295 25.27 29.30 -22.19
N ALA B 296 24.36 28.34 -22.37
CA ALA B 296 24.46 27.09 -21.63
C ALA B 296 25.70 26.29 -22.02
N GLY B 297 26.03 26.26 -23.32
CA GLY B 297 27.24 25.59 -23.74
C GLY B 297 28.49 26.20 -23.13
N ARG B 298 28.60 27.54 -23.17
CA ARG B 298 29.75 28.18 -22.55
C ARG B 298 29.80 27.93 -21.04
N PHE B 299 28.65 27.98 -20.36
CA PHE B 299 28.64 27.77 -18.91
C PHE B 299 29.08 26.35 -18.56
N VAL B 300 28.56 25.34 -19.26
CA VAL B 300 28.94 23.97 -18.94
C VAL B 300 30.39 23.70 -19.32
N THR B 301 30.90 24.35 -20.37
CA THR B 301 32.31 24.20 -20.70
C THR B 301 33.20 24.80 -19.63
N GLU B 302 32.83 25.97 -19.11
CA GLU B 302 33.67 26.62 -18.09
C GLU B 302 33.58 25.90 -16.75
N LYS B 303 32.40 25.40 -16.39
CA LYS B 303 32.22 24.81 -15.07
C LYS B 303 32.73 23.38 -14.97
N ALA B 304 33.01 22.73 -16.10
CA ALA B 304 33.58 21.39 -16.07
C ALA B 304 35.06 21.39 -15.70
N ALA B 305 35.73 22.54 -15.83
CA ALA B 305 37.15 22.62 -15.44
C ALA B 305 37.32 22.64 -13.93
N ILE B 306 36.32 23.13 -13.20
CA ILE B 306 36.40 23.17 -11.75
C ILE B 306 36.18 21.76 -11.20
N ASP B 307 37.12 21.29 -10.39
CA ASP B 307 37.03 19.94 -9.85
C ASP B 307 35.92 19.86 -8.79
N GLY B 308 35.08 18.84 -8.90
CA GLY B 308 34.03 18.60 -7.94
C GLY B 308 32.77 19.39 -8.13
N TYR B 309 32.72 20.30 -9.12
CA TYR B 309 31.50 21.06 -9.37
C TYR B 309 30.40 20.16 -9.92
N PHE B 310 30.73 19.35 -10.92
CA PHE B 310 29.81 18.39 -11.51
C PHE B 310 30.14 16.98 -11.02
N PRO B 311 29.14 16.09 -10.96
CA PRO B 311 29.43 14.70 -10.64
C PRO B 311 30.33 14.06 -11.70
N GLU B 312 31.01 12.98 -11.30
CA GLU B 312 31.98 12.35 -12.18
C GLU B 312 31.35 11.81 -13.46
N VAL B 313 30.05 11.51 -13.45
CA VAL B 313 29.41 11.02 -14.67
C VAL B 313 29.02 12.18 -15.59
N VAL B 314 28.86 13.39 -15.03
CA VAL B 314 28.42 14.52 -15.84
C VAL B 314 29.60 15.25 -16.50
N ARG B 315 30.75 15.32 -15.82
CA ARG B 315 31.85 16.16 -16.29
C ARG B 315 32.35 15.81 -17.68
N PRO B 316 32.61 14.54 -18.04
CA PRO B 316 33.06 14.27 -19.41
C PRO B 316 32.06 14.67 -20.49
N LYS B 317 30.76 14.42 -20.26
CA LYS B 317 29.75 14.84 -21.22
C LYS B 317 29.72 16.35 -21.38
N ALA B 318 29.81 17.09 -20.27
CA ALA B 318 29.85 18.54 -20.35
C ALA B 318 31.06 19.01 -21.15
N ALA B 319 32.24 18.48 -20.83
CA ALA B 319 33.45 18.90 -21.52
C ALA B 319 33.37 18.61 -23.02
N ARG B 320 32.82 17.46 -23.38
CA ARG B 320 32.74 17.09 -24.80
C ARG B 320 31.71 17.92 -25.55
N ILE B 321 30.53 18.10 -24.96
CA ILE B 321 29.41 18.63 -25.74
C ILE B 321 29.34 20.15 -25.70
N GLY B 322 29.86 20.78 -24.65
CA GLY B 322 29.72 22.22 -24.52
C GLY B 322 30.42 23.00 -25.63
N ALA B 323 31.58 22.53 -26.06
CA ALA B 323 32.40 23.27 -27.02
C ALA B 323 32.10 22.87 -28.46
N LEU B 324 30.82 22.85 -28.85
CA LEU B 324 30.43 22.66 -30.24
C LEU B 324 29.27 23.54 -30.67
N ILE B 325 28.59 24.20 -29.73
CA ILE B 325 27.35 24.91 -30.03
C ILE B 325 27.62 26.09 -30.95
N SER B 326 28.68 26.85 -30.70
CA SER B 326 28.97 28.03 -31.51
C SER B 326 29.23 27.63 -32.96
N GLN B 327 30.06 26.61 -33.18
CA GLN B 327 30.34 26.15 -34.54
C GLN B 327 29.09 25.65 -35.22
N THR B 328 28.30 24.83 -34.53
CA THR B 328 27.09 24.29 -35.15
C THR B 328 26.11 25.39 -35.50
N ALA B 329 25.94 26.37 -34.61
CA ALA B 329 24.97 27.43 -34.87
C ALA B 329 25.43 28.35 -35.99
N ALA B 330 26.73 28.65 -36.05
CA ALA B 330 27.24 29.45 -37.17
C ALA B 330 27.05 28.71 -38.49
N LYS B 331 27.33 27.41 -38.52
CA LYS B 331 27.13 26.63 -39.73
C LYS B 331 25.67 26.59 -40.12
N ALA B 332 24.76 26.44 -39.15
CA ALA B 332 23.34 26.40 -39.45
C ALA B 332 22.84 27.75 -39.97
N TYR B 333 23.33 28.85 -39.40
CA TYR B 333 22.94 30.16 -39.90
C TYR B 333 23.43 30.37 -41.32
N ARG B 334 24.66 29.95 -41.62
CA ARG B 334 25.17 30.11 -42.98
C ARG B 334 24.40 29.29 -44.00
N ASN B 335 23.70 28.24 -43.58
CA ASN B 335 22.98 27.37 -44.49
C ASN B 335 21.49 27.71 -44.60
N GLY B 336 21.02 28.75 -43.92
CA GLY B 336 19.65 29.19 -44.07
C GLY B 336 18.64 28.61 -43.10
N VAL B 337 19.10 28.00 -42.01
CA VAL B 337 18.20 27.47 -40.99
C VAL B 337 17.67 28.61 -40.15
N ARG B 338 16.37 28.60 -39.87
CA ARG B 338 15.76 29.66 -39.07
C ARG B 338 16.13 29.51 -37.61
N ILE B 339 16.65 30.60 -37.02
CA ILE B 339 17.18 30.60 -35.66
C ILE B 339 16.39 31.59 -34.82
N ALA B 340 16.05 31.18 -33.60
CA ALA B 340 15.32 32.03 -32.67
C ALA B 340 16.07 32.10 -31.34
N PHE B 341 15.80 33.17 -30.59
CA PHE B 341 16.57 33.49 -29.40
C PHE B 341 16.15 32.62 -28.21
N GLY B 342 17.13 32.04 -27.52
CA GLY B 342 16.88 31.19 -26.33
C GLY B 342 18.19 30.96 -25.61
N THR B 343 18.18 30.84 -24.28
CA THR B 343 19.47 30.78 -23.54
C THR B 343 19.61 29.57 -22.62
N ASP B 344 18.49 28.97 -22.16
CA ASP B 344 18.56 27.87 -21.16
C ASP B 344 18.95 28.45 -19.78
N GLN B 345 18.57 29.69 -19.42
CA GLN B 345 18.87 30.23 -18.08
C GLN B 345 18.26 29.29 -17.04
N GLY B 346 19.00 28.96 -15.99
CA GLY B 346 18.62 27.88 -15.05
C GLY B 346 19.89 27.08 -14.98
N VAL B 347 20.72 27.16 -16.02
CA VAL B 347 22.09 26.59 -16.02
C VAL B 347 22.91 27.84 -15.70
N GLY B 348 22.77 28.89 -16.51
CA GLY B 348 23.40 30.18 -16.21
C GLY B 348 22.52 31.02 -15.31
N PRO B 349 23.07 32.08 -14.65
CA PRO B 349 22.34 32.88 -13.66
C PRO B 349 21.25 33.74 -14.31
N HIS B 350 20.07 33.74 -13.69
CA HIS B 350 18.96 34.53 -14.20
C HIS B 350 19.27 36.01 -14.15
N GLY B 351 18.85 36.73 -15.19
CA GLY B 351 19.11 38.15 -15.30
C GLY B 351 20.27 38.52 -16.20
N ASP B 352 21.12 37.57 -16.56
CA ASP B 352 22.23 37.79 -17.48
C ASP B 352 21.94 37.26 -18.87
N ASN B 353 20.66 37.19 -19.25
CA ASN B 353 20.27 36.58 -20.52
C ASN B 353 20.83 37.35 -21.72
N ALA B 354 20.83 38.68 -21.66
CA ALA B 354 21.19 39.51 -22.81
C ALA B 354 22.61 39.26 -23.31
N ARG B 355 23.49 38.71 -22.47
CA ARG B 355 24.83 38.35 -22.92
C ARG B 355 24.79 37.41 -24.13
N GLU B 356 23.74 36.59 -24.24
CA GLU B 356 23.59 35.74 -25.42
C GLU B 356 23.67 36.53 -26.71
N PHE B 357 23.06 37.72 -26.74
CA PHE B 357 23.15 38.57 -27.92
C PHE B 357 24.59 38.77 -28.34
N VAL B 358 25.48 39.06 -27.39
CA VAL B 358 26.89 39.24 -27.71
C VAL B 358 27.45 37.96 -28.33
N TYR B 359 27.15 36.80 -27.73
CA TYR B 359 27.64 35.55 -28.28
C TYR B 359 27.08 35.30 -29.68
N MET B 360 25.92 35.88 -29.98
CA MET B 360 25.36 35.71 -31.31
C MET B 360 26.09 36.56 -32.34
N VAL B 361 26.62 37.71 -31.92
CA VAL B 361 27.26 38.60 -32.88
C VAL B 361 28.71 38.20 -33.10
N GLU B 362 29.36 37.66 -32.08
CA GLU B 362 30.72 37.17 -32.25
C GLU B 362 30.78 35.83 -32.96
N ALA B 363 29.65 35.19 -33.20
CA ALA B 363 29.58 33.96 -33.97
C ALA B 363 29.27 34.19 -35.45
N GLY B 364 29.14 35.44 -35.87
CA GLY B 364 28.91 35.76 -37.26
C GLY B 364 27.49 36.09 -37.64
N ILE B 365 26.60 36.27 -36.69
CA ILE B 365 25.20 36.60 -36.95
C ILE B 365 25.03 38.11 -36.76
N PRO B 366 24.44 38.83 -37.72
CA PRO B 366 24.29 40.28 -37.58
C PRO B 366 23.41 40.65 -36.41
N ALA B 367 23.67 41.83 -35.85
CA ALA B 367 22.94 42.28 -34.66
C ALA B 367 21.46 42.49 -34.96
N ALA B 368 21.11 43.00 -36.14
CA ALA B 368 19.71 43.21 -36.48
C ALA B 368 18.94 41.90 -36.49
N TYR B 369 19.52 40.86 -37.08
CA TYR B 369 18.87 39.56 -37.04
C TYR B 369 18.83 39.00 -35.62
N ALA B 370 19.84 39.30 -34.80
CA ALA B 370 19.83 38.85 -33.42
C ALA B 370 18.67 39.47 -32.64
N LEU B 371 18.41 40.76 -32.86
CA LEU B 371 17.27 41.40 -32.19
C LEU B 371 15.94 40.92 -32.76
N GLN B 372 15.90 40.67 -34.07
CA GLN B 372 14.68 40.11 -34.66
C GLN B 372 14.36 38.73 -34.11
N ALA B 373 15.38 37.90 -33.88
CA ALA B 373 15.19 36.56 -33.34
C ALA B 373 14.62 36.58 -31.93
N ALA B 374 14.78 37.68 -31.20
CA ALA B 374 14.22 37.82 -29.86
C ALA B 374 12.92 38.60 -29.84
N THR B 375 12.59 39.33 -30.92
CA THR B 375 11.36 40.11 -30.93
C THR B 375 10.29 39.53 -31.85
N VAL B 376 10.57 39.39 -33.15
CA VAL B 376 9.52 39.07 -34.10
C VAL B 376 9.49 37.59 -34.45
N HIS B 377 10.64 36.92 -34.45
CA HIS B 377 10.65 35.47 -34.69
C HIS B 377 10.21 34.69 -33.46
N ALA B 378 10.46 35.21 -32.27
CA ALA B 378 10.03 34.55 -31.05
C ALA B 378 8.51 34.45 -30.98
N ALA B 379 7.80 35.48 -31.44
CA ALA B 379 6.34 35.41 -31.47
C ALA B 379 5.85 34.35 -32.46
N GLN B 380 6.51 34.21 -33.60
CA GLN B 380 6.17 33.15 -34.53
C GLN B 380 6.40 31.78 -33.91
N VAL B 381 7.50 31.62 -33.17
CA VAL B 381 7.75 30.37 -32.48
C VAL B 381 6.66 30.09 -31.45
N LEU B 382 6.25 31.11 -30.69
CA LEU B 382 5.23 30.93 -29.67
C LEU B 382 3.85 30.74 -30.26
N GLY B 383 3.64 31.11 -31.52
CA GLY B 383 2.34 30.97 -32.15
C GLY B 383 1.33 32.03 -31.78
N VAL B 384 1.78 33.21 -31.36
CA VAL B 384 0.90 34.32 -31.01
C VAL B 384 1.17 35.47 -31.97
N ASP B 385 0.21 36.39 -32.03
CA ASP B 385 0.31 37.55 -32.92
C ASP B 385 0.00 38.86 -32.21
N ASP B 386 -0.08 38.87 -30.89
CA ASP B 386 -0.36 40.08 -30.14
C ASP B 386 0.89 40.73 -29.56
N GLN B 387 2.07 40.27 -29.94
CA GLN B 387 3.31 40.81 -29.42
C GLN B 387 4.41 40.63 -30.45
N GLY B 388 5.53 41.31 -30.22
CA GLY B 388 6.68 41.18 -31.09
C GLY B 388 7.13 42.45 -31.77
N VAL B 389 6.16 43.26 -32.23
CA VAL B 389 6.47 44.50 -32.94
C VAL B 389 5.68 45.63 -32.30
N LEU B 390 6.20 46.85 -32.46
CA LEU B 390 5.58 48.05 -31.91
C LEU B 390 4.60 48.60 -32.95
N GLU B 391 3.44 47.97 -33.04
CA GLU B 391 2.41 48.29 -34.01
C GLU B 391 1.07 48.43 -33.30
N PRO B 392 0.14 49.18 -33.88
CA PRO B 392 -1.16 49.35 -33.23
C PRO B 392 -1.90 48.03 -33.06
N GLY B 393 -2.64 47.94 -31.96
CA GLY B 393 -3.39 46.75 -31.64
C GLY B 393 -2.62 45.67 -30.91
N LYS B 394 -1.37 45.91 -30.57
CA LYS B 394 -0.51 44.91 -29.93
C LYS B 394 -0.19 45.32 -28.50
N ARG B 395 0.29 44.34 -27.73
CA ARG B 395 0.61 44.58 -26.33
C ARG B 395 1.69 45.65 -26.19
N ALA B 396 1.57 46.47 -25.15
CA ALA B 396 2.50 47.59 -24.93
C ALA B 396 3.66 47.12 -24.05
N ASP B 397 4.53 46.32 -24.66
CA ASP B 397 5.77 45.87 -24.02
C ASP B 397 6.91 46.64 -24.68
N VAL B 398 7.50 47.59 -23.94
CA VAL B 398 8.49 48.50 -24.50
C VAL B 398 9.71 48.54 -23.59
N ILE B 399 10.90 48.49 -24.18
CA ILE B 399 12.13 48.66 -23.43
C ILE B 399 12.97 49.72 -24.11
N ALA B 400 13.92 50.28 -23.36
CA ALA B 400 14.79 51.32 -23.88
C ALA B 400 16.22 51.07 -23.45
N LEU B 401 17.16 51.45 -24.33
CA LEU B 401 18.58 51.30 -24.08
C LEU B 401 19.26 52.66 -24.22
N ALA B 402 20.33 52.84 -23.44
CA ALA B 402 21.09 54.08 -23.50
C ALA B 402 21.78 54.24 -24.85
N GLY B 403 22.42 53.17 -25.34
CA GLY B 403 23.19 53.22 -26.57
C GLY B 403 22.49 52.49 -27.72
N ASN B 404 23.00 52.73 -28.91
CA ASN B 404 22.46 52.10 -30.11
C ASN B 404 23.08 50.71 -30.27
N PRO B 405 22.28 49.64 -30.28
CA PRO B 405 22.84 48.29 -30.32
C PRO B 405 23.24 47.81 -31.71
N LEU B 406 22.95 48.59 -32.76
CA LEU B 406 23.33 48.20 -34.11
C LEU B 406 24.78 48.54 -34.44
N GLU B 407 25.49 49.24 -33.55
CA GLU B 407 26.91 49.48 -33.69
C GLU B 407 27.73 48.77 -32.64
N ASP B 408 27.35 48.89 -31.37
CA ASP B 408 27.98 48.14 -30.28
C ASP B 408 26.92 47.25 -29.65
N ILE B 409 27.20 45.94 -29.59
CA ILE B 409 26.23 44.99 -29.06
C ILE B 409 26.12 45.06 -27.55
N ASN B 410 27.20 45.44 -26.86
CA ASN B 410 27.19 45.51 -25.40
C ASN B 410 26.18 46.50 -24.86
N ALA B 411 25.63 47.37 -25.72
CA ALA B 411 24.55 48.25 -25.31
C ALA B 411 23.32 47.49 -24.82
N VAL B 412 23.17 46.21 -25.20
CA VAL B 412 22.06 45.43 -24.67
C VAL B 412 22.22 45.10 -23.20
N LEU B 413 23.39 45.32 -22.63
CA LEU B 413 23.64 45.03 -21.22
C LEU B 413 23.21 46.15 -20.29
N ASP B 414 22.75 47.28 -20.83
CA ASP B 414 22.35 48.44 -20.03
C ASP B 414 20.92 48.83 -20.43
N VAL B 415 19.94 48.26 -19.74
CA VAL B 415 18.55 48.56 -19.97
C VAL B 415 18.10 49.65 -19.00
N ARG B 416 17.48 50.69 -19.52
CA ARG B 416 17.08 51.84 -18.72
C ARG B 416 15.59 51.93 -18.45
N PHE B 417 14.76 51.51 -19.40
CA PHE B 417 13.32 51.65 -19.28
C PHE B 417 12.66 50.32 -19.63
N VAL B 418 11.75 49.86 -18.76
CA VAL B 418 11.01 48.62 -18.95
C VAL B 418 9.55 48.88 -18.67
N MET B 419 8.68 48.53 -19.62
CA MET B 419 7.24 48.63 -19.50
C MET B 419 6.61 47.37 -20.07
N LYS B 420 5.63 46.83 -19.34
CA LYS B 420 4.96 45.59 -19.74
C LYS B 420 3.46 45.76 -19.56
N ASP B 421 2.70 45.46 -20.62
CA ASP B 421 1.24 45.56 -20.61
C ASP B 421 0.76 46.98 -20.25
N GLY B 422 1.56 47.98 -20.62
CA GLY B 422 1.22 49.37 -20.33
C GLY B 422 1.61 49.85 -18.96
N VAL B 423 2.16 48.99 -18.11
CA VAL B 423 2.57 49.34 -16.76
C VAL B 423 4.08 49.51 -16.74
N ILE B 424 4.55 50.66 -16.25
CA ILE B 424 5.98 50.92 -16.19
C ILE B 424 6.57 50.22 -14.99
N TYR B 425 7.59 49.40 -15.22
CA TYR B 425 8.28 48.69 -14.16
C TYR B 425 9.69 49.22 -13.90
N LYS B 426 10.29 49.91 -14.87
CA LYS B 426 11.58 50.55 -14.63
C LYS B 426 11.65 51.82 -15.45
N GLN B 427 12.02 52.91 -14.81
CA GLN B 427 12.17 54.20 -15.51
C GLN B 427 13.19 55.08 -14.81
N PRO C 22 -57.73 -4.19 -13.04
CA PRO C 22 -58.64 -3.96 -14.17
C PRO C 22 -59.50 -2.72 -13.97
N VAL C 23 -59.16 -1.63 -14.66
CA VAL C 23 -59.87 -0.37 -14.52
C VAL C 23 -60.24 0.15 -15.91
N ALA C 24 -61.17 1.11 -15.92
CA ALA C 24 -61.63 1.74 -17.16
C ALA C 24 -61.49 3.25 -17.00
N VAL C 25 -60.60 3.84 -17.79
CA VAL C 25 -60.35 5.28 -17.76
C VAL C 25 -61.06 5.92 -18.94
N GLN C 26 -62.03 6.78 -18.66
CA GLN C 26 -62.78 7.49 -19.69
C GLN C 26 -62.16 8.87 -19.87
N CYS C 27 -61.49 9.07 -21.00
CA CYS C 27 -60.80 10.31 -21.32
C CYS C 27 -61.65 11.15 -22.24
N GLY C 28 -61.79 12.43 -21.92
CA GLY C 28 -62.57 13.34 -22.75
C GLY C 28 -61.95 13.56 -24.12
N ARG C 29 -60.63 13.63 -24.17
CA ARG C 29 -59.92 13.80 -25.44
C ARG C 29 -58.59 13.05 -25.35
N LEU C 30 -58.27 12.31 -26.41
CA LEU C 30 -57.08 11.45 -26.45
C LEU C 30 -56.12 11.96 -27.50
N PHE C 31 -54.84 12.06 -27.13
CA PHE C 31 -53.78 12.46 -28.04
C PHE C 31 -53.10 11.22 -28.59
N ASP C 32 -53.05 11.10 -29.92
CA ASP C 32 -52.40 9.99 -30.59
C ASP C 32 -50.94 10.36 -30.85
N ALA C 33 -50.02 9.66 -30.20
CA ALA C 33 -48.60 9.97 -30.38
C ALA C 33 -48.08 9.49 -31.72
N ARG C 34 -48.69 8.44 -32.28
CA ARG C 34 -48.21 7.89 -33.55
C ARG C 34 -48.48 8.86 -34.70
N SER C 35 -49.70 9.39 -34.78
CA SER C 35 -50.07 10.29 -35.86
C SER C 35 -49.92 11.76 -35.51
N GLY C 36 -49.80 12.09 -34.23
CA GLY C 36 -49.65 13.47 -33.82
C GLY C 36 -50.93 14.27 -33.76
N GLN C 37 -52.09 13.62 -33.80
CA GLN C 37 -53.38 14.29 -33.82
C GLN C 37 -54.14 14.02 -32.53
N LEU C 38 -55.02 14.95 -32.18
CA LEU C 38 -55.83 14.87 -30.97
C LEU C 38 -57.22 14.35 -31.33
N LYS C 39 -57.60 13.22 -30.76
CA LYS C 39 -58.88 12.59 -31.06
C LYS C 39 -59.94 13.05 -30.06
N GLY C 40 -61.10 12.41 -30.10
CA GLY C 40 -62.20 12.75 -29.22
C GLY C 40 -62.29 11.85 -28.00
N PRO C 41 -63.50 11.72 -27.45
CA PRO C 41 -63.67 10.89 -26.24
C PRO C 41 -63.28 9.44 -26.50
N HIS C 42 -62.69 8.83 -25.48
CA HIS C 42 -62.21 7.46 -25.61
C HIS C 42 -62.27 6.78 -24.24
N THR C 43 -62.18 5.45 -24.26
CA THR C 43 -62.12 4.67 -23.03
C THR C 43 -60.92 3.72 -23.14
N LEU C 44 -60.18 3.60 -22.05
CA LEU C 44 -59.04 2.70 -21.98
C LEU C 44 -59.29 1.66 -20.88
N LEU C 45 -59.29 0.39 -21.27
CA LEU C 45 -59.45 -0.71 -20.33
C LEU C 45 -58.06 -1.26 -20.04
N VAL C 46 -57.68 -1.23 -18.77
CA VAL C 46 -56.32 -1.55 -18.31
C VAL C 46 -56.38 -2.77 -17.42
N ALA C 47 -55.51 -3.74 -17.68
CA ALA C 47 -55.42 -4.96 -16.88
C ALA C 47 -53.98 -5.43 -16.83
N ASP C 48 -53.52 -5.79 -15.62
CA ASP C 48 -52.17 -6.34 -15.40
C ASP C 48 -51.08 -5.38 -15.86
N GLY C 49 -51.28 -4.08 -15.64
CA GLY C 49 -50.26 -3.11 -15.98
C GLY C 49 -50.08 -2.86 -17.45
N ARG C 50 -51.05 -3.26 -18.28
CA ARG C 50 -50.99 -3.04 -19.71
C ARG C 50 -52.31 -2.45 -20.18
N ILE C 51 -52.26 -1.77 -21.32
CA ILE C 51 -53.47 -1.24 -21.96
C ILE C 51 -54.15 -2.42 -22.64
N ARG C 52 -55.19 -2.97 -22.00
CA ARG C 52 -55.86 -4.14 -22.57
C ARG C 52 -56.63 -3.76 -23.82
N GLN C 53 -57.38 -2.67 -23.79
CA GLN C 53 -58.18 -2.33 -24.96
C GLN C 53 -58.47 -0.84 -25.00
N VAL C 54 -58.72 -0.33 -26.20
CA VAL C 54 -59.07 1.07 -26.42
C VAL C 54 -60.38 1.11 -27.18
N LEU C 55 -61.39 1.77 -26.60
CA LEU C 55 -62.73 1.83 -27.17
C LEU C 55 -63.04 3.26 -27.59
N PRO C 56 -63.34 3.51 -28.86
CA PRO C 56 -63.77 4.85 -29.27
C PRO C 56 -65.12 5.20 -28.65
N GLY C 57 -65.30 6.49 -28.40
CA GLY C 57 -66.54 6.98 -27.81
C GLY C 57 -66.68 6.65 -26.34
N ALA C 65 -62.96 -2.30 -14.46
CA ALA C 65 -64.00 -2.36 -13.44
C ALA C 65 -64.26 -0.99 -12.85
N ARG C 66 -63.33 -0.51 -12.02
CA ARG C 66 -63.46 0.82 -11.44
C ARG C 66 -63.30 1.88 -12.53
N VAL C 67 -64.18 2.88 -12.48
CA VAL C 67 -64.25 3.92 -13.50
C VAL C 67 -63.43 5.12 -13.03
N VAL C 68 -62.54 5.60 -13.91
CA VAL C 68 -61.78 6.83 -13.68
C VAL C 68 -62.23 7.84 -14.72
N ASP C 69 -62.93 8.88 -14.29
CA ASP C 69 -63.55 9.84 -15.19
C ASP C 69 -62.64 11.06 -15.34
N LEU C 70 -62.01 11.20 -16.50
CA LEU C 70 -61.27 12.41 -16.84
C LEU C 70 -61.90 13.02 -18.08
N GLY C 71 -63.22 13.08 -18.11
CA GLY C 71 -63.96 13.50 -19.29
C GLY C 71 -63.83 14.96 -19.67
N ASP C 72 -63.19 15.76 -18.83
CA ASP C 72 -62.94 17.17 -19.13
C ASP C 72 -61.45 17.48 -19.23
N LYS C 73 -60.63 16.46 -19.49
CA LYS C 73 -59.18 16.61 -19.53
C LYS C 73 -58.63 15.93 -20.78
N VAL C 74 -57.43 16.35 -21.17
CA VAL C 74 -56.74 15.81 -22.35
C VAL C 74 -55.79 14.72 -21.87
N CYS C 75 -55.95 13.52 -22.42
CA CYS C 75 -55.14 12.37 -22.03
C CYS C 75 -53.97 12.19 -22.98
N LEU C 76 -52.82 11.80 -22.44
CA LEU C 76 -51.59 11.62 -23.18
C LEU C 76 -50.81 10.44 -22.62
N PRO C 77 -49.91 9.85 -23.39
CA PRO C 77 -48.98 8.87 -22.83
C PRO C 77 -47.99 9.54 -21.89
N GLY C 78 -47.44 8.73 -21.00
CA GLY C 78 -46.44 9.24 -20.08
C GLY C 78 -45.20 9.73 -20.81
N TRP C 79 -44.65 10.84 -20.32
CA TRP C 79 -43.51 11.47 -20.97
C TRP C 79 -42.20 10.78 -20.57
N THR C 80 -41.20 10.89 -21.44
CA THR C 80 -39.87 10.37 -21.17
C THR C 80 -38.85 11.49 -21.35
N ASP C 81 -38.04 11.71 -20.31
CA ASP C 81 -36.93 12.65 -20.36
C ASP C 81 -35.64 11.86 -20.59
N LEU C 82 -34.97 12.13 -21.71
CA LEU C 82 -33.82 11.34 -22.11
C LEU C 82 -32.49 11.85 -21.56
N HIS C 83 -32.52 12.88 -20.71
CA HIS C 83 -31.29 13.42 -20.13
C HIS C 83 -31.63 13.97 -18.75
N VAL C 84 -31.32 13.20 -17.70
CA VAL C 84 -31.45 13.65 -16.32
C VAL C 84 -30.24 13.17 -15.53
N HIS C 85 -30.02 13.85 -14.40
CA HIS C 85 -29.02 13.43 -13.39
C HIS C 85 -29.74 13.46 -12.05
N LEU C 86 -30.39 12.35 -11.70
CA LEU C 86 -31.19 12.30 -10.48
C LEU C 86 -30.36 12.27 -9.22
N GLY C 87 -29.05 12.07 -9.33
CA GLY C 87 -28.17 12.05 -8.18
C GLY C 87 -27.56 13.38 -7.80
N SER C 88 -28.01 14.49 -8.40
CA SER C 88 -27.45 15.79 -8.10
C SER C 88 -28.44 16.87 -8.49
N GLN C 89 -28.19 18.07 -7.99
CA GLN C 89 -28.93 19.27 -8.37
C GLN C 89 -28.04 20.47 -8.09
N SER C 90 -27.99 21.39 -9.05
CA SER C 90 -27.06 22.52 -8.98
C SER C 90 -27.42 23.46 -7.83
N SER C 91 -26.40 23.99 -7.18
CA SER C 91 -26.56 24.92 -6.08
C SER C 91 -25.25 25.69 -5.92
N PRO C 92 -25.25 26.81 -5.17
CA PRO C 92 -23.98 27.51 -4.94
C PRO C 92 -22.94 26.69 -4.20
N GLN C 93 -23.33 25.63 -3.50
CA GLN C 93 -22.43 24.80 -2.74
C GLN C 93 -22.01 23.53 -3.48
N SER C 94 -22.24 23.48 -4.79
CA SER C 94 -22.02 22.24 -5.53
C SER C 94 -20.55 21.84 -5.56
N TYR C 95 -19.66 22.77 -5.91
CA TYR C 95 -18.27 22.44 -6.18
C TYR C 95 -17.46 22.11 -4.93
N SER C 96 -18.12 21.94 -3.79
CA SER C 96 -17.48 21.41 -2.59
C SER C 96 -18.08 20.10 -2.11
N GLU C 97 -19.26 19.70 -2.61
CA GLU C 97 -19.93 18.50 -2.11
C GLU C 97 -19.04 17.27 -2.24
N ASP C 98 -18.28 17.17 -3.33
CA ASP C 98 -17.43 16.02 -3.56
C ASP C 98 -16.37 15.82 -2.48
N PHE C 99 -16.09 16.85 -1.69
CA PHE C 99 -15.14 16.73 -0.59
C PHE C 99 -15.81 16.66 0.78
N ARG C 100 -17.12 16.87 0.87
CA ARG C 100 -17.79 16.93 2.16
C ARG C 100 -18.96 15.97 2.30
N LEU C 101 -19.62 15.58 1.22
CA LEU C 101 -20.84 14.78 1.29
C LEU C 101 -20.56 13.34 0.87
N ASP C 102 -21.35 12.43 1.43
CA ASP C 102 -21.30 11.01 1.17
C ASP C 102 -22.45 10.60 0.24
N PRO C 103 -22.33 9.44 -0.41
CA PRO C 103 -23.41 9.01 -1.31
C PRO C 103 -24.77 8.84 -0.64
N VAL C 104 -24.77 8.58 0.66
CA VAL C 104 -26.02 8.35 1.44
C VAL C 104 -26.86 9.64 1.48
N ASP C 105 -26.23 10.80 1.56
CA ASP C 105 -26.92 12.09 1.51
C ASP C 105 -27.52 12.33 0.12
N HIS C 106 -26.76 11.99 -0.92
CA HIS C 106 -27.27 12.10 -2.29
C HIS C 106 -28.46 11.19 -2.51
N ALA C 107 -28.47 9.99 -1.93
CA ALA C 107 -29.63 9.11 -2.05
C ALA C 107 -30.85 9.69 -1.36
N PHE C 108 -30.67 10.26 -0.16
CA PHE C 108 -31.79 10.88 0.54
C PHE C 108 -32.35 12.07 -0.25
N ARG C 109 -31.49 12.83 -0.93
CA ARG C 109 -32.00 13.90 -1.79
C ARG C 109 -32.68 13.32 -3.03
N ALA C 110 -32.12 12.25 -3.61
CA ALA C 110 -32.65 11.65 -4.81
C ALA C 110 -34.05 11.08 -4.60
N VAL C 111 -34.40 10.69 -3.38
CA VAL C 111 -35.76 10.23 -3.11
C VAL C 111 -36.76 11.32 -3.47
N GLY C 112 -36.54 12.54 -2.95
CA GLY C 112 -37.42 13.64 -3.27
C GLY C 112 -37.34 14.08 -4.72
N TYR C 113 -36.13 14.04 -5.30
CA TYR C 113 -35.98 14.37 -6.71
C TYR C 113 -36.82 13.44 -7.59
N ALA C 114 -36.76 12.13 -7.32
CA ALA C 114 -37.52 11.16 -8.10
C ALA C 114 -39.02 11.34 -7.91
N GLU C 115 -39.45 11.62 -6.67
CA GLU C 115 -40.86 11.86 -6.46
C GLU C 115 -41.36 13.08 -7.24
N LYS C 116 -40.58 14.17 -7.22
CA LYS C 116 -40.98 15.37 -7.96
C LYS C 116 -40.97 15.13 -9.47
N THR C 117 -40.02 14.33 -9.97
CA THR C 117 -40.00 14.01 -11.39
C THR C 117 -41.22 13.19 -11.79
N LEU C 118 -41.59 12.20 -10.98
CA LEU C 118 -42.77 11.39 -11.32
C LEU C 118 -44.04 12.21 -11.23
N MET C 119 -44.14 13.17 -10.33
CA MET C 119 -45.42 13.93 -10.15
C MET C 119 -45.54 15.01 -11.22
N ALA C 120 -44.48 15.25 -11.99
CA ALA C 120 -44.57 16.23 -13.06
C ALA C 120 -45.05 15.64 -14.37
N GLY C 121 -45.29 14.32 -14.43
CA GLY C 121 -45.81 13.68 -15.62
C GLY C 121 -44.83 12.82 -16.39
N PHE C 122 -43.63 12.60 -15.88
CA PHE C 122 -42.61 11.80 -16.56
C PHE C 122 -42.53 10.43 -15.91
N THR C 123 -43.01 9.42 -16.62
CA THR C 123 -43.02 8.05 -16.11
C THR C 123 -41.76 7.26 -16.46
N SER C 124 -40.88 7.83 -17.28
CA SER C 124 -39.61 7.19 -17.60
C SER C 124 -38.54 8.27 -17.79
N VAL C 125 -37.31 7.93 -17.42
CA VAL C 125 -36.17 8.82 -17.59
C VAL C 125 -34.96 8.00 -18.00
N ARG C 126 -34.03 8.67 -18.68
CA ARG C 126 -32.71 8.13 -18.97
C ARG C 126 -31.68 8.94 -18.18
N ASP C 127 -31.01 8.29 -17.25
CA ASP C 127 -30.00 8.93 -16.43
C ASP C 127 -28.64 8.78 -17.12
N LEU C 128 -27.96 9.90 -17.35
CA LEU C 128 -26.77 9.95 -18.19
C LEU C 128 -25.51 10.23 -17.38
N GLY C 129 -25.40 9.65 -16.19
CA GLY C 129 -24.22 9.85 -15.38
C GLY C 129 -24.53 9.91 -13.89
N GLY C 130 -23.74 9.20 -13.09
CA GLY C 130 -23.99 9.11 -11.66
C GLY C 130 -24.03 7.67 -11.20
N GLU C 131 -23.49 7.41 -10.01
CA GLU C 131 -23.37 6.05 -9.49
C GLU C 131 -24.41 5.71 -8.43
N VAL C 132 -25.41 6.57 -8.23
CA VAL C 132 -26.48 6.29 -7.26
C VAL C 132 -27.73 5.87 -8.03
N SER C 133 -27.78 6.24 -9.31
CA SER C 133 -28.99 5.99 -10.10
C SER C 133 -29.32 4.51 -10.29
N PRO C 134 -28.38 3.60 -10.55
CA PRO C 134 -28.76 2.17 -10.60
C PRO C 134 -29.36 1.66 -9.30
N HIS C 135 -28.83 2.08 -8.16
CA HIS C 135 -29.39 1.69 -6.87
C HIS C 135 -30.80 2.25 -6.69
N LEU C 136 -31.01 3.50 -7.10
CA LEU C 136 -32.34 4.10 -7.01
C LEU C 136 -33.31 3.38 -7.93
N ARG C 137 -32.86 2.96 -9.12
CA ARG C 137 -33.71 2.20 -10.02
C ARG C 137 -34.10 0.86 -9.41
N ASP C 138 -33.15 0.17 -8.78
CA ASP C 138 -33.48 -1.07 -8.09
C ASP C 138 -34.48 -0.85 -6.97
N ALA C 139 -34.29 0.22 -6.20
CA ALA C 139 -35.20 0.53 -5.09
C ALA C 139 -36.61 0.84 -5.60
N ILE C 140 -36.72 1.59 -6.71
CA ILE C 140 -38.03 1.90 -7.27
C ILE C 140 -38.69 0.64 -7.81
N ASN C 141 -37.92 -0.21 -8.48
CA ASN C 141 -38.47 -1.45 -9.01
C ASN C 141 -38.98 -2.36 -7.90
N GLN C 142 -38.26 -2.39 -6.77
CA GLN C 142 -38.69 -3.22 -5.65
C GLN C 142 -39.90 -2.66 -4.94
N GLY C 143 -40.21 -1.37 -5.12
CA GLY C 143 -41.34 -0.74 -4.47
C GLY C 143 -41.02 0.02 -3.22
N LEU C 144 -39.74 0.20 -2.88
CA LEU C 144 -39.37 0.90 -1.65
C LEU C 144 -39.71 2.38 -1.73
N VAL C 145 -39.47 3.00 -2.88
CA VAL C 145 -39.74 4.42 -3.07
C VAL C 145 -40.47 4.61 -4.38
N ARG C 146 -41.09 5.78 -4.53
CA ARG C 146 -41.81 6.15 -5.74
C ARG C 146 -40.91 6.92 -6.68
N GLY C 147 -41.17 6.76 -7.98
CA GLY C 147 -40.42 7.45 -9.00
C GLY C 147 -40.71 6.91 -10.39
N PRO C 148 -39.97 7.39 -11.37
CA PRO C 148 -40.16 6.92 -12.75
C PRO C 148 -39.37 5.64 -13.01
N ARG C 149 -39.51 5.13 -14.23
CA ARG C 149 -38.73 4.00 -14.69
C ARG C 149 -37.39 4.51 -15.23
N ILE C 150 -36.29 4.05 -14.65
CA ILE C 150 -34.97 4.63 -14.88
C ILE C 150 -34.18 3.71 -15.80
N PHE C 151 -33.63 4.30 -16.87
CA PHE C 151 -32.63 3.63 -17.70
C PHE C 151 -31.30 4.31 -17.37
N ALA C 152 -30.45 3.60 -16.63
CA ALA C 152 -29.26 4.20 -16.04
C ALA C 152 -28.02 3.89 -16.86
N ALA C 153 -27.16 4.90 -17.01
CA ALA C 153 -25.88 4.73 -17.71
C ALA C 153 -24.72 4.44 -16.77
N GLY C 154 -24.83 4.78 -15.49
CA GLY C 154 -23.73 4.59 -14.56
C GLY C 154 -22.67 5.68 -14.67
N LYS C 155 -21.40 5.28 -14.58
CA LYS C 155 -20.31 6.24 -14.66
C LYS C 155 -20.01 6.51 -16.13
N SER C 156 -19.77 7.78 -16.47
CA SER C 156 -19.51 8.18 -17.84
C SER C 156 -18.05 7.96 -18.21
N ILE C 157 -17.81 7.46 -19.42
CA ILE C 157 -16.46 7.16 -19.87
C ILE C 157 -15.82 8.42 -20.44
N ALA C 158 -14.58 8.68 -20.05
CA ALA C 158 -13.86 9.86 -20.50
C ALA C 158 -12.38 9.52 -20.64
N THR C 159 -11.60 10.48 -21.11
CA THR C 159 -10.16 10.36 -21.19
C THR C 159 -9.52 11.14 -20.04
N THR C 160 -8.18 11.15 -20.01
CA THR C 160 -7.46 11.87 -18.98
C THR C 160 -7.67 13.38 -19.14
N GLY C 161 -8.14 14.03 -18.07
CA GLY C 161 -8.47 15.43 -18.13
C GLY C 161 -9.77 15.76 -18.81
N GLY C 162 -10.60 14.76 -19.11
CA GLY C 162 -11.82 14.98 -19.86
C GLY C 162 -12.91 15.60 -19.01
N HIS C 163 -14.04 15.86 -19.69
CA HIS C 163 -15.18 16.50 -19.03
C HIS C 163 -15.72 15.65 -17.88
N ALA C 164 -15.63 14.33 -17.99
CA ALA C 164 -16.14 13.42 -16.96
C ALA C 164 -15.01 12.84 -16.11
N ASP C 165 -13.80 13.37 -16.18
CA ASP C 165 -12.74 12.92 -15.30
C ASP C 165 -13.06 13.32 -13.87
N PRO C 166 -13.06 12.37 -12.92
CA PRO C 166 -13.46 12.69 -11.54
C PRO C 166 -12.37 13.29 -10.68
N THR C 167 -11.24 13.69 -11.25
CA THR C 167 -10.12 14.21 -10.47
C THR C 167 -9.71 15.59 -10.96
N ASN C 168 -10.45 16.17 -11.89
CA ASN C 168 -10.14 17.51 -12.40
C ASN C 168 -10.22 18.54 -11.28
N GLY C 169 -9.21 19.40 -11.19
CA GLY C 169 -9.19 20.47 -10.21
C GLY C 169 -8.68 20.08 -8.84
N TRP C 170 -8.29 18.83 -8.63
CA TRP C 170 -7.78 18.40 -7.34
C TRP C 170 -6.30 18.75 -7.23
N ASN C 171 -5.87 19.13 -6.03
CA ASN C 171 -4.47 19.47 -5.83
C ASN C 171 -3.60 18.22 -5.89
N GLU C 172 -2.28 18.43 -5.82
CA GLU C 172 -1.35 17.33 -5.99
C GLU C 172 -1.47 16.29 -4.89
N ARG C 173 -1.74 16.72 -3.66
CA ARG C 173 -1.83 15.79 -2.54
C ARG C 173 -3.02 14.83 -2.72
N LEU C 174 -4.21 15.38 -2.96
CA LEU C 174 -5.38 14.53 -3.11
C LEU C 174 -5.24 13.61 -4.33
N ALA C 175 -4.73 14.15 -5.44
CA ALA C 175 -4.51 13.33 -6.63
C ALA C 175 -3.47 12.25 -6.39
N HIS C 176 -2.49 12.49 -5.53
CA HIS C 176 -1.50 11.47 -5.23
C HIS C 176 -2.07 10.37 -4.35
N LEU C 177 -2.91 10.65 -3.42
CA LEU C 177 -3.52 9.62 -2.54
C LEU C 177 -4.67 8.95 -3.27
N VAL C 178 -5.12 9.56 -4.40
CA VAL C 178 -6.13 8.89 -5.21
C VAL C 178 -5.48 8.02 -6.29
N GLY C 179 -4.43 8.52 -6.93
CA GLY C 179 -3.84 7.85 -8.07
C GLY C 179 -4.49 8.27 -9.37
N ALA C 180 -3.87 7.87 -10.46
CA ALA C 180 -4.40 8.18 -11.78
C ALA C 180 -5.59 7.29 -12.08
N PRO C 181 -6.77 7.86 -12.34
CA PRO C 181 -7.94 7.02 -12.63
C PRO C 181 -7.75 6.18 -13.89
N GLY C 182 -8.25 4.94 -13.83
CA GLY C 182 -8.13 4.02 -14.92
C GLY C 182 -9.47 3.52 -15.40
N PRO C 183 -9.48 2.42 -16.15
CA PRO C 183 -10.74 1.92 -16.72
C PRO C 183 -11.80 1.59 -15.68
N ALA C 184 -11.39 1.09 -14.51
CA ALA C 184 -12.36 0.82 -13.46
C ALA C 184 -13.03 2.09 -12.97
N GLU C 185 -12.32 3.22 -13.05
CA GLU C 185 -12.86 4.52 -12.68
C GLU C 185 -13.47 5.28 -13.86
N GLY C 186 -13.43 4.70 -15.07
CA GLY C 186 -14.04 5.32 -16.22
C GLY C 186 -13.14 6.16 -17.08
N VAL C 187 -11.82 6.09 -16.90
CA VAL C 187 -10.87 6.89 -17.67
C VAL C 187 -10.07 5.94 -18.55
N VAL C 188 -10.09 6.20 -19.87
CA VAL C 188 -9.44 5.33 -20.84
C VAL C 188 -8.51 6.15 -21.71
N ASN C 189 -7.49 5.49 -22.25
CA ASN C 189 -6.55 6.14 -23.15
C ASN C 189 -6.16 5.26 -24.33
N SER C 190 -6.80 4.10 -24.51
CA SER C 190 -6.48 3.22 -25.62
C SER C 190 -7.69 2.33 -25.90
N VAL C 191 -7.57 1.52 -26.96
CA VAL C 191 -8.66 0.66 -27.39
C VAL C 191 -8.96 -0.41 -26.34
N ASP C 192 -7.92 -1.05 -25.80
CA ASP C 192 -8.12 -2.08 -24.79
C ASP C 192 -8.70 -1.51 -23.51
N GLU C 193 -8.27 -0.31 -23.11
CA GLU C 193 -8.86 0.34 -21.95
C GLU C 193 -10.34 0.67 -22.19
N ALA C 194 -10.70 1.10 -23.40
CA ALA C 194 -12.11 1.33 -23.71
C ALA C 194 -12.93 0.06 -23.61
N ARG C 195 -12.40 -1.05 -24.13
CA ARG C 195 -13.07 -2.34 -23.98
C ARG C 195 -13.28 -2.69 -22.52
N GLN C 196 -12.23 -2.53 -21.71
CA GLN C 196 -12.33 -2.84 -20.29
C GLN C 196 -13.34 -1.94 -19.59
N ALA C 197 -13.40 -0.67 -19.99
CA ALA C 197 -14.34 0.26 -19.35
C ALA C 197 -15.78 -0.10 -19.68
N VAL C 198 -16.05 -0.45 -20.93
CA VAL C 198 -17.41 -0.88 -21.29
C VAL C 198 -17.79 -2.14 -20.52
N ARG C 199 -16.86 -3.10 -20.42
CA ARG C 199 -17.14 -4.32 -19.67
C ARG C 199 -17.33 -4.05 -18.18
N GLN C 200 -16.58 -3.10 -17.62
CA GLN C 200 -16.74 -2.74 -16.22
C GLN C 200 -18.08 -2.05 -15.97
N ARG C 201 -18.54 -1.23 -16.90
CA ARG C 201 -19.88 -0.67 -16.77
C ARG C 201 -20.95 -1.76 -16.83
N TYR C 202 -20.76 -2.75 -17.71
CA TYR C 202 -21.68 -3.88 -17.75
C TYR C 202 -21.68 -4.63 -16.41
N LYS C 203 -20.50 -4.83 -15.82
CA LYS C 203 -20.39 -5.54 -14.57
C LYS C 203 -21.15 -4.87 -13.43
N GLU C 204 -21.37 -3.56 -13.52
CA GLU C 204 -22.02 -2.80 -12.45
C GLU C 204 -23.50 -2.56 -12.72
N GLY C 205 -24.10 -3.25 -13.68
CA GLY C 205 -25.52 -3.16 -13.90
C GLY C 205 -26.01 -1.95 -14.67
N SER C 206 -25.18 -1.40 -15.56
CA SER C 206 -25.63 -0.28 -16.38
C SER C 206 -26.58 -0.76 -17.47
N ASP C 207 -27.42 0.17 -17.93
CA ASP C 207 -28.34 -0.11 -19.03
C ASP C 207 -27.86 0.40 -20.36
N LEU C 208 -26.92 1.34 -20.39
CA LEU C 208 -26.38 1.89 -21.62
C LEU C 208 -25.01 2.49 -21.31
N ILE C 209 -24.44 3.17 -22.30
CA ILE C 209 -23.12 3.76 -22.16
C ILE C 209 -23.15 5.27 -22.43
N KCX C 210 -22.39 6.01 -21.63
CA KCX C 210 -22.26 7.46 -21.82
CB KCX C 210 -22.91 8.21 -20.66
CG KCX C 210 -23.67 9.47 -21.05
CD KCX C 210 -22.79 10.49 -21.72
CE KCX C 210 -23.47 11.84 -21.78
NZ KCX C 210 -23.64 12.42 -20.43
C KCX C 210 -20.79 7.86 -21.93
O KCX C 210 -19.98 7.54 -21.06
CX KCX C 210 -23.76 13.73 -20.28
OQ1 KCX C 210 -23.91 14.20 -19.14
OQ2 KCX C 210 -23.73 14.47 -21.25
N ILE C 211 -20.44 8.56 -23.01
CA ILE C 211 -19.09 9.09 -23.16
C ILE C 211 -19.13 10.60 -23.35
N THR C 212 -18.05 11.28 -23.00
CA THR C 212 -17.87 12.70 -23.25
C THR C 212 -16.84 12.84 -24.37
N ALA C 213 -17.30 13.16 -25.57
CA ALA C 213 -16.39 13.24 -26.72
C ALA C 213 -15.55 14.52 -26.69
N THR C 214 -16.08 15.61 -26.15
CA THR C 214 -15.35 16.87 -26.08
C THR C 214 -15.31 17.38 -24.65
N GLY C 215 -14.84 18.61 -24.47
CA GLY C 215 -14.89 19.26 -23.18
C GLY C 215 -16.29 19.75 -22.86
N GLY C 216 -16.44 20.28 -21.66
CA GLY C 216 -17.74 20.72 -21.18
C GLY C 216 -17.67 22.06 -20.49
N VAL C 217 -18.83 22.48 -19.97
CA VAL C 217 -18.95 23.77 -19.30
C VAL C 217 -18.72 23.64 -17.80
N LEU C 218 -19.39 22.70 -17.15
CA LEU C 218 -19.36 22.62 -15.70
C LEU C 218 -18.14 21.89 -15.16
N SER C 219 -17.30 21.33 -16.03
CA SER C 219 -16.10 20.65 -15.56
C SER C 219 -15.05 21.66 -15.11
N TYR C 220 -14.18 21.20 -14.22
CA TYR C 220 -13.09 22.03 -13.70
C TYR C 220 -11.85 21.93 -14.57
N ALA C 221 -12.02 22.22 -15.86
CA ALA C 221 -10.95 22.11 -16.84
C ALA C 221 -10.95 23.35 -17.73
N ARG C 222 -9.82 23.55 -18.42
CA ARG C 222 -9.63 24.78 -19.19
C ARG C 222 -10.54 24.82 -20.42
N SER C 223 -10.61 23.71 -21.16
CA SER C 223 -11.27 23.71 -22.45
C SER C 223 -12.76 23.39 -22.32
N GLY C 224 -13.52 23.83 -23.32
CA GLY C 224 -14.95 23.62 -23.32
C GLY C 224 -15.46 22.85 -24.51
N ASP C 225 -14.68 22.79 -25.60
CA ASP C 225 -15.13 22.08 -26.79
C ASP C 225 -14.03 21.36 -27.56
N ALA C 226 -12.84 21.19 -26.99
CA ALA C 226 -11.75 20.56 -27.73
C ALA C 226 -11.98 19.05 -27.85
N PRO C 227 -11.56 18.45 -28.97
CA PRO C 227 -11.77 17.00 -29.15
C PRO C 227 -10.91 16.19 -28.19
N GLN C 228 -11.55 15.29 -27.47
CA GLN C 228 -10.90 14.54 -26.40
C GLN C 228 -10.94 13.03 -26.63
N PHE C 229 -11.41 12.59 -27.79
CA PHE C 229 -11.47 11.18 -28.14
C PHE C 229 -10.94 11.00 -29.55
N THR C 230 -10.19 9.93 -29.77
CA THR C 230 -9.81 9.56 -31.13
C THR C 230 -10.86 8.64 -31.71
N VAL C 231 -10.89 8.56 -33.05
CA VAL C 231 -11.90 7.77 -33.73
C VAL C 231 -11.77 6.29 -33.36
N ASP C 232 -10.53 5.83 -33.17
CA ASP C 232 -10.31 4.44 -32.80
C ASP C 232 -10.93 4.11 -31.44
N GLU C 233 -10.76 5.01 -30.46
CA GLU C 233 -11.31 4.77 -29.13
C GLU C 233 -12.83 4.73 -29.15
N ILE C 234 -13.46 5.66 -29.88
CA ILE C 234 -14.92 5.66 -29.96
C ILE C 234 -15.42 4.42 -30.69
N LYS C 235 -14.72 4.01 -31.74
CA LYS C 235 -15.09 2.79 -32.45
C LYS C 235 -14.99 1.57 -31.54
N ALA C 236 -13.93 1.50 -30.72
CA ALA C 236 -13.81 0.42 -29.76
C ALA C 236 -14.97 0.43 -28.76
N VAL C 237 -15.32 1.62 -28.26
CA VAL C 237 -16.44 1.72 -27.32
C VAL C 237 -17.73 1.23 -27.95
N VAL C 238 -18.01 1.67 -29.19
CA VAL C 238 -19.27 1.30 -29.84
C VAL C 238 -19.30 -0.19 -30.15
N ASP C 239 -18.18 -0.75 -30.62
CA ASP C 239 -18.13 -2.18 -30.92
C ASP C 239 -18.29 -3.03 -29.67
N THR C 240 -17.65 -2.62 -28.56
CA THR C 240 -17.83 -3.36 -27.31
C THR C 240 -19.25 -3.26 -26.80
N ALA C 241 -19.87 -2.09 -26.92
CA ALA C 241 -21.24 -1.91 -26.45
C ALA C 241 -22.22 -2.73 -27.27
N ARG C 242 -21.97 -2.87 -28.58
CA ARG C 242 -22.86 -3.67 -29.41
C ARG C 242 -22.92 -5.12 -28.96
N ASP C 243 -21.82 -5.65 -28.40
CA ASP C 243 -21.82 -7.04 -27.95
C ASP C 243 -22.71 -7.27 -26.75
N TYR C 244 -22.82 -6.26 -25.86
CA TYR C 244 -23.59 -6.38 -24.64
C TYR C 244 -24.99 -5.81 -24.77
N GLY C 245 -25.38 -5.39 -25.96
CA GLY C 245 -26.71 -4.82 -26.16
C GLY C 245 -26.88 -3.42 -25.59
N PHE C 246 -25.83 -2.61 -25.62
CA PHE C 246 -25.87 -1.26 -25.10
C PHE C 246 -25.87 -0.25 -26.23
N ARG C 247 -26.60 0.84 -26.03
CA ARG C 247 -26.55 2.01 -26.91
C ARG C 247 -25.65 3.06 -26.29
N VAL C 248 -25.04 3.90 -27.14
CA VAL C 248 -24.04 4.85 -26.70
C VAL C 248 -24.57 6.26 -26.93
N ALA C 249 -24.57 7.07 -25.87
CA ALA C 249 -24.84 8.48 -25.94
C ALA C 249 -23.52 9.25 -25.82
N ALA C 250 -23.39 10.34 -26.57
CA ALA C 250 -22.16 11.11 -26.62
C ALA C 250 -22.43 12.57 -26.28
N HIS C 251 -21.64 13.11 -25.36
CA HIS C 251 -21.66 14.53 -25.05
C HIS C 251 -20.63 15.24 -25.93
N ALA C 252 -21.07 16.25 -26.68
CA ALA C 252 -20.18 16.93 -27.62
C ALA C 252 -20.62 18.38 -27.79
N HIS C 253 -19.65 19.30 -27.70
CA HIS C 253 -19.86 20.71 -27.99
C HIS C 253 -19.15 21.13 -29.27
N GLY C 254 -17.88 20.79 -29.43
CA GLY C 254 -17.14 21.19 -30.62
C GLY C 254 -17.46 20.33 -31.83
N THR C 255 -17.08 20.86 -32.99
CA THR C 255 -17.45 20.22 -34.26
C THR C 255 -16.65 18.95 -34.52
N GLU C 256 -15.34 18.97 -34.23
CA GLU C 256 -14.49 17.84 -34.56
C GLU C 256 -14.87 16.60 -33.73
N GLY C 257 -15.06 16.77 -32.42
CA GLY C 257 -15.46 15.65 -31.60
C GLY C 257 -16.83 15.12 -31.95
N MET C 258 -17.76 16.03 -32.28
CA MET C 258 -19.09 15.60 -32.73
C MET C 258 -18.99 14.79 -34.01
N LYS C 259 -18.14 15.23 -34.96
CA LYS C 259 -17.97 14.50 -36.21
C LYS C 259 -17.39 13.11 -35.96
N ARG C 260 -16.38 13.02 -35.08
CA ARG C 260 -15.82 11.71 -34.75
C ARG C 260 -16.87 10.79 -34.12
N ALA C 261 -17.65 11.33 -33.18
CA ALA C 261 -18.68 10.52 -32.52
C ALA C 261 -19.74 10.05 -33.52
N VAL C 262 -20.18 10.93 -34.42
CA VAL C 262 -21.19 10.56 -35.39
C VAL C 262 -20.66 9.51 -36.35
N GLN C 263 -19.43 9.69 -36.85
CA GLN C 263 -18.88 8.72 -37.80
C GLN C 263 -18.52 7.41 -37.13
N ALA C 264 -18.34 7.37 -35.81
CA ALA C 264 -18.09 6.11 -35.14
C ALA C 264 -19.36 5.28 -34.99
N GLY C 265 -20.52 5.92 -34.85
CA GLY C 265 -21.77 5.18 -34.80
C GLY C 265 -22.53 5.29 -33.50
N VAL C 266 -22.41 6.41 -32.79
CA VAL C 266 -23.17 6.60 -31.56
C VAL C 266 -24.65 6.79 -31.89
N THR C 267 -25.49 6.53 -30.88
CA THR C 267 -26.94 6.58 -31.09
C THR C 267 -27.48 7.99 -30.99
N SER C 268 -27.02 8.77 -30.01
CA SER C 268 -27.53 10.13 -29.82
C SER C 268 -26.37 11.07 -29.51
N ILE C 269 -26.57 12.33 -29.84
CA ILE C 269 -25.59 13.40 -29.60
C ILE C 269 -26.22 14.40 -28.64
N GLU C 270 -25.44 14.83 -27.65
CA GLU C 270 -25.93 15.69 -26.58
C GLU C 270 -25.39 17.11 -26.74
N HIS C 271 -26.31 18.08 -26.71
CA HIS C 271 -26.12 19.53 -26.69
C HIS C 271 -25.68 20.13 -28.03
N GLY C 272 -25.13 19.33 -28.94
CA GLY C 272 -24.88 19.72 -30.32
C GLY C 272 -24.51 21.17 -30.58
N THR C 273 -23.66 21.76 -29.74
CA THR C 273 -23.59 23.23 -29.68
C THR C 273 -23.05 23.84 -30.96
N TYR C 274 -21.91 23.35 -31.46
CA TYR C 274 -21.26 23.92 -32.63
C TYR C 274 -21.48 23.08 -33.87
N MET C 275 -22.68 22.54 -34.01
CA MET C 275 -23.03 21.74 -35.17
C MET C 275 -23.06 22.58 -36.44
N ASP C 276 -22.54 22.03 -37.54
CA ASP C 276 -22.53 22.73 -38.81
C ASP C 276 -23.15 21.88 -39.91
N ASP C 277 -23.02 22.33 -41.17
CA ASP C 277 -23.74 21.70 -42.26
C ASP C 277 -23.21 20.30 -42.57
N GLU C 278 -21.89 20.12 -42.50
CA GLU C 278 -21.33 18.79 -42.76
C GLU C 278 -21.73 17.79 -41.67
N VAL C 279 -21.66 18.22 -40.41
CA VAL C 279 -22.11 17.36 -39.31
C VAL C 279 -23.59 17.07 -39.43
N MET C 280 -24.38 18.07 -39.84
CA MET C 280 -25.81 17.86 -40.05
C MET C 280 -26.06 16.82 -41.14
N ARG C 281 -25.32 16.90 -42.23
CA ARG C 281 -25.46 15.92 -43.31
C ARG C 281 -25.09 14.52 -42.84
N LEU C 282 -24.01 14.40 -42.07
CA LEU C 282 -23.61 13.10 -41.54
C LEU C 282 -24.66 12.54 -40.59
N MET C 283 -25.23 13.39 -39.73
CA MET C 283 -26.30 12.97 -38.83
C MET C 283 -27.51 12.47 -39.61
N LYS C 284 -27.89 13.19 -40.68
CA LYS C 284 -29.04 12.77 -41.47
C LYS C 284 -28.78 11.45 -42.17
N GLN C 285 -27.59 11.27 -42.73
CA GLN C 285 -27.30 10.03 -43.44
C GLN C 285 -27.06 8.85 -42.51
N HIS C 286 -26.71 9.10 -41.24
CA HIS C 286 -26.47 8.04 -40.29
C HIS C 286 -27.68 7.68 -39.45
N GLY C 287 -28.63 8.60 -39.29
CA GLY C 287 -29.77 8.36 -38.43
C GLY C 287 -29.54 8.61 -36.97
N THR C 288 -28.58 9.46 -36.62
CA THR C 288 -28.28 9.78 -35.23
C THR C 288 -29.33 10.74 -34.68
N TRP C 289 -29.70 10.54 -33.41
CA TRP C 289 -30.66 11.38 -32.73
C TRP C 289 -29.97 12.57 -32.07
N TYR C 290 -30.70 13.68 -31.98
CA TYR C 290 -30.18 14.92 -31.44
C TYR C 290 -30.98 15.32 -30.21
N VAL C 291 -30.29 15.64 -29.12
CA VAL C 291 -30.90 16.09 -27.89
C VAL C 291 -30.37 17.48 -27.55
N PRO C 292 -31.15 18.53 -27.78
CA PRO C 292 -30.61 19.89 -27.62
C PRO C 292 -30.43 20.33 -26.17
N THR C 293 -31.40 20.06 -25.30
CA THR C 293 -31.39 20.50 -23.89
C THR C 293 -31.35 22.02 -23.77
N PHE C 294 -32.46 22.64 -24.17
CA PHE C 294 -32.62 24.08 -24.03
C PHE C 294 -32.48 24.54 -22.58
N TYR C 295 -33.05 23.77 -21.65
CA TYR C 295 -33.14 24.18 -20.25
C TYR C 295 -31.76 24.38 -19.64
N ALA C 296 -30.83 23.45 -19.88
CA ALA C 296 -29.49 23.58 -19.31
C ALA C 296 -28.76 24.80 -19.86
N GLY C 297 -28.89 25.07 -21.16
CA GLY C 297 -28.27 26.26 -21.72
C GLY C 297 -28.80 27.54 -21.10
N ARG C 298 -30.14 27.65 -20.98
CA ARG C 298 -30.69 28.83 -20.34
C ARG C 298 -30.26 28.96 -18.88
N PHE C 299 -30.22 27.85 -18.14
CA PHE C 299 -29.84 27.90 -16.74
C PHE C 299 -28.39 28.35 -16.58
N VAL C 300 -27.48 27.79 -17.38
CA VAL C 300 -26.07 28.17 -17.24
C VAL C 300 -25.85 29.60 -17.73
N THR C 301 -26.62 30.06 -18.71
CA THR C 301 -26.52 31.46 -19.13
C THR C 301 -26.98 32.40 -18.03
N GLU C 302 -28.07 32.06 -17.35
CA GLU C 302 -28.59 32.95 -16.31
C GLU C 302 -27.71 32.93 -15.06
N LYS C 303 -27.17 31.76 -14.71
CA LYS C 303 -26.42 31.64 -13.46
C LYS C 303 -24.99 32.14 -13.57
N ALA C 304 -24.49 32.37 -14.78
CA ALA C 304 -23.15 32.92 -14.94
C ALA C 304 -23.11 34.42 -14.65
N ALA C 305 -24.26 35.10 -14.66
CA ALA C 305 -24.29 36.53 -14.34
C ALA C 305 -24.13 36.78 -12.85
N ILE C 306 -24.53 35.82 -12.01
CA ILE C 306 -24.38 35.97 -10.57
C ILE C 306 -22.93 35.75 -10.19
N ASP C 307 -22.35 36.73 -9.49
CA ASP C 307 -20.95 36.65 -9.11
C ASP C 307 -20.74 35.60 -8.03
N GLY C 308 -19.74 34.75 -8.22
CA GLY C 308 -19.39 33.75 -7.25
C GLY C 308 -20.21 32.47 -7.28
N TYR C 309 -21.22 32.39 -8.15
CA TYR C 309 -22.00 31.16 -8.24
C TYR C 309 -21.18 30.03 -8.85
N PHE C 310 -20.50 30.30 -9.95
CA PHE C 310 -19.62 29.36 -10.61
C PHE C 310 -18.16 29.70 -10.31
N PRO C 311 -17.27 28.70 -10.31
CA PRO C 311 -15.84 29.00 -10.17
C PRO C 311 -15.35 29.84 -11.35
N GLU C 312 -14.23 30.52 -11.12
CA GLU C 312 -13.70 31.45 -12.11
C GLU C 312 -13.33 30.75 -13.42
N VAL C 313 -13.03 29.45 -13.38
CA VAL C 313 -12.69 28.75 -14.62
C VAL C 313 -13.96 28.33 -15.37
N VAL C 314 -15.09 28.20 -14.66
CA VAL C 314 -16.32 27.73 -15.30
C VAL C 314 -17.12 28.88 -15.92
N ARG C 315 -17.10 30.07 -15.29
CA ARG C 315 -17.99 31.15 -15.71
C ARG C 315 -17.81 31.58 -17.16
N PRO C 316 -16.60 31.81 -17.69
CA PRO C 316 -16.49 32.20 -19.10
C PRO C 316 -17.03 31.15 -20.07
N LYS C 317 -16.76 29.86 -19.81
CA LYS C 317 -17.29 28.81 -20.66
C LYS C 317 -18.81 28.78 -20.63
N ALA C 318 -19.40 28.92 -19.45
CA ALA C 318 -20.85 28.98 -19.36
C ALA C 318 -21.42 30.15 -20.15
N ALA C 319 -20.85 31.34 -19.95
CA ALA C 319 -21.36 32.52 -20.65
C ALA C 319 -21.24 32.37 -22.16
N ARG C 320 -20.15 31.78 -22.64
CA ARG C 320 -19.95 31.64 -24.08
C ARG C 320 -20.87 30.58 -24.67
N ILE C 321 -20.99 29.43 -24.01
CA ILE C 321 -21.60 28.28 -24.66
C ILE C 321 -23.11 28.22 -24.43
N GLY C 322 -23.61 28.80 -23.33
CA GLY C 322 -25.03 28.68 -23.03
C GLY C 322 -25.93 29.32 -24.07
N ALA C 323 -25.51 30.46 -24.60
CA ALA C 323 -26.37 31.23 -25.51
C ALA C 323 -26.14 30.86 -26.97
N LEU C 324 -26.18 29.58 -27.29
CA LEU C 324 -26.15 29.11 -28.68
C LEU C 324 -27.09 27.94 -28.94
N ILE C 325 -27.63 27.30 -27.90
CA ILE C 325 -28.37 26.05 -28.04
C ILE C 325 -29.66 26.28 -28.83
N SER C 326 -30.37 27.37 -28.53
CA SER C 326 -31.64 27.63 -29.21
C SER C 326 -31.43 27.81 -30.71
N GLN C 327 -30.44 28.63 -31.09
CA GLN C 327 -30.15 28.84 -32.50
C GLN C 327 -29.73 27.55 -33.18
N THR C 328 -28.84 26.79 -32.56
CA THR C 328 -28.37 25.56 -33.18
C THR C 328 -29.51 24.55 -33.35
N ALA C 329 -30.38 24.44 -32.34
CA ALA C 329 -31.47 23.47 -32.42
C ALA C 329 -32.51 23.89 -33.45
N ALA C 330 -32.81 25.19 -33.54
CA ALA C 330 -33.73 25.64 -34.58
C ALA C 330 -33.17 25.38 -35.96
N LYS C 331 -31.87 25.66 -36.15
CA LYS C 331 -31.25 25.39 -37.45
C LYS C 331 -31.26 23.89 -37.77
N ALA C 332 -30.99 23.04 -36.78
CA ALA C 332 -30.99 21.61 -37.00
C ALA C 332 -32.40 21.09 -37.33
N TYR C 333 -33.41 21.63 -36.65
CA TYR C 333 -34.78 21.21 -36.97
C TYR C 333 -35.18 21.64 -38.38
N ARG C 334 -34.78 22.85 -38.79
CA ARG C 334 -35.12 23.30 -40.13
C ARG C 334 -34.43 22.48 -41.22
N ASN C 335 -33.35 21.79 -40.89
CA ASN C 335 -32.59 21.01 -41.87
C ASN C 335 -32.95 19.54 -41.88
N GLY C 336 -33.89 19.10 -41.04
CA GLY C 336 -34.35 17.73 -41.06
C GLY C 336 -33.66 16.77 -40.12
N VAL C 337 -32.91 17.27 -39.14
CA VAL C 337 -32.27 16.40 -38.16
C VAL C 337 -33.31 15.93 -37.15
N ARG C 338 -33.26 14.64 -36.81
CA ARG C 338 -34.21 14.07 -35.86
C ARG C 338 -33.88 14.53 -34.45
N ILE C 339 -34.88 15.08 -33.76
CA ILE C 339 -34.71 15.68 -32.44
C ILE C 339 -35.60 14.93 -31.45
N ALA C 340 -35.06 14.65 -30.27
CA ALA C 340 -35.78 13.97 -29.21
C ALA C 340 -35.68 14.78 -27.92
N PHE C 341 -36.65 14.55 -27.03
CA PHE C 341 -36.82 15.39 -25.85
C PHE C 341 -35.81 15.02 -24.76
N GLY C 342 -35.15 16.02 -24.19
CA GLY C 342 -34.16 15.82 -23.10
C GLY C 342 -33.84 17.16 -22.47
N THR C 343 -33.56 17.22 -21.17
CA THR C 343 -33.41 18.55 -20.51
C THR C 343 -32.09 18.71 -19.75
N ASP C 344 -31.45 17.62 -19.32
CA ASP C 344 -30.23 17.72 -18.46
C ASP C 344 -30.64 18.18 -17.05
N GLN C 345 -31.82 17.84 -16.52
CA GLN C 345 -32.19 18.21 -15.13
C GLN C 345 -31.13 17.64 -14.19
N GLY C 346 -30.68 18.41 -13.23
CA GLY C 346 -29.50 18.07 -12.41
C GLY C 346 -28.69 19.34 -12.50
N VAL C 347 -28.90 20.11 -13.57
CA VAL C 347 -28.34 21.48 -13.69
C VAL C 347 -29.54 22.33 -13.27
N GLY C 348 -30.69 22.10 -13.89
CA GLY C 348 -31.92 22.75 -13.45
C GLY C 348 -32.63 21.95 -12.38
N PRO C 349 -33.59 22.57 -11.71
CA PRO C 349 -34.28 21.89 -10.60
C PRO C 349 -35.21 20.79 -11.08
N HIS C 350 -35.14 19.64 -10.42
CA HIS C 350 -35.98 18.51 -10.77
C HIS C 350 -37.44 18.84 -10.55
N GLY C 351 -38.29 18.37 -11.47
CA GLY C 351 -39.71 18.63 -11.42
C GLY C 351 -40.19 19.75 -12.32
N ASP C 352 -39.29 20.57 -12.84
CA ASP C 352 -39.61 21.64 -13.77
C ASP C 352 -39.26 21.28 -15.21
N ASN C 353 -39.24 19.98 -15.53
CA ASN C 353 -38.79 19.53 -16.86
C ASN C 353 -39.70 20.03 -17.97
N ALA C 354 -41.02 20.05 -17.75
CA ALA C 354 -41.98 20.36 -18.80
C ALA C 354 -41.79 21.75 -19.40
N ARG C 355 -41.14 22.66 -18.68
CA ARG C 355 -40.84 23.98 -19.24
C ARG C 355 -40.06 23.89 -20.54
N GLU C 356 -39.26 22.82 -20.70
CA GLU C 356 -38.55 22.61 -21.96
C GLU C 356 -39.50 22.63 -23.15
N PHE C 357 -40.69 22.02 -23.01
CA PHE C 357 -41.67 22.06 -24.08
C PHE C 357 -41.91 23.49 -24.55
N VAL C 358 -42.09 24.42 -23.61
CA VAL C 358 -42.29 25.81 -23.99
C VAL C 358 -41.11 26.33 -24.78
N TYR C 359 -39.89 26.06 -24.30
CA TYR C 359 -38.70 26.51 -25.02
C TYR C 359 -38.63 25.88 -26.41
N MET C 360 -39.25 24.72 -26.59
CA MET C 360 -39.22 24.08 -27.90
C MET C 360 -40.18 24.77 -28.86
N VAL C 361 -41.27 25.35 -28.34
CA VAL C 361 -42.27 25.94 -29.23
C VAL C 361 -41.91 27.38 -29.55
N GLU C 362 -41.27 28.07 -28.62
CA GLU C 362 -40.81 29.42 -28.90
C GLU C 362 -39.57 29.45 -29.77
N ALA C 363 -38.96 28.29 -30.04
CA ALA C 363 -37.83 28.18 -30.96
C ALA C 363 -38.25 27.79 -32.36
N GLY C 364 -39.54 27.65 -32.62
CA GLY C 364 -40.03 27.36 -33.96
C GLY C 364 -40.41 25.92 -34.23
N ILE C 365 -40.46 25.07 -33.22
CA ILE C 365 -40.82 23.66 -33.38
C ILE C 365 -42.29 23.51 -32.99
N PRO C 366 -43.13 22.88 -33.83
CA PRO C 366 -44.55 22.76 -33.50
C PRO C 366 -44.78 21.93 -32.25
N ALA C 367 -45.88 22.23 -31.56
CA ALA C 367 -46.18 21.56 -30.30
C ALA C 367 -46.43 20.07 -30.49
N ALA C 368 -47.08 19.67 -31.59
CA ALA C 368 -47.34 18.25 -31.83
C ALA C 368 -46.04 17.48 -31.96
N TYR C 369 -45.07 18.01 -32.70
CA TYR C 369 -43.77 17.36 -32.79
C TYR C 369 -43.05 17.38 -31.45
N ALA C 370 -43.24 18.44 -30.65
CA ALA C 370 -42.62 18.48 -29.33
C ALA C 370 -43.15 17.37 -28.43
N LEU C 371 -44.45 17.11 -28.48
CA LEU C 371 -45.01 16.01 -27.68
C LEU C 371 -44.60 14.65 -28.23
N GLN C 372 -44.52 14.54 -29.56
CA GLN C 372 -44.03 13.30 -30.16
C GLN C 372 -42.61 12.99 -29.76
N ALA C 373 -41.75 14.02 -29.69
CA ALA C 373 -40.36 13.84 -29.31
C ALA C 373 -40.20 13.34 -27.88
N ALA C 374 -41.20 13.54 -27.03
CA ALA C 374 -41.17 13.05 -25.66
C ALA C 374 -41.96 11.76 -25.48
N THR C 375 -42.80 11.38 -26.43
CA THR C 375 -43.58 10.16 -26.30
C THR C 375 -43.12 9.04 -27.23
N VAL C 376 -43.14 9.27 -28.55
CA VAL C 376 -42.95 8.16 -29.49
C VAL C 376 -41.51 8.10 -30.01
N HIS C 377 -40.84 9.24 -30.16
CA HIS C 377 -39.44 9.23 -30.57
C HIS C 377 -38.51 8.84 -29.42
N ALA C 378 -38.90 9.15 -28.19
CA ALA C 378 -38.09 8.78 -27.03
C ALA C 378 -37.98 7.27 -26.90
N ALA C 379 -39.05 6.53 -27.19
CA ALA C 379 -38.99 5.08 -27.17
C ALA C 379 -38.07 4.53 -28.25
N GLN C 380 -38.06 5.15 -29.44
CA GLN C 380 -37.13 4.75 -30.47
C GLN C 380 -35.69 5.00 -30.04
N VAL C 381 -35.44 6.13 -29.37
CA VAL C 381 -34.11 6.41 -28.85
C VAL C 381 -33.71 5.36 -27.81
N LEU C 382 -34.63 5.00 -26.91
CA LEU C 382 -34.33 4.03 -25.88
C LEU C 382 -34.21 2.61 -26.42
N GLY C 383 -34.74 2.35 -27.62
CA GLY C 383 -34.67 1.02 -28.19
C GLY C 383 -35.68 0.04 -27.64
N VAL C 384 -36.80 0.52 -27.11
CA VAL C 384 -37.85 -0.33 -26.59
C VAL C 384 -39.12 -0.10 -27.40
N ASP C 385 -40.04 -1.06 -27.30
CA ASP C 385 -41.30 -1.00 -28.05
C ASP C 385 -42.51 -1.25 -27.18
N ASP C 386 -42.36 -1.28 -25.85
CA ASP C 386 -43.48 -1.51 -24.95
C ASP C 386 -44.05 -0.24 -24.35
N GLN C 387 -43.63 0.92 -24.85
CA GLN C 387 -44.10 2.20 -24.33
C GLN C 387 -44.04 3.25 -25.43
N GLY C 388 -44.72 4.37 -25.19
CA GLY C 388 -44.67 5.49 -26.11
C GLY C 388 -46.02 5.90 -26.66
N VAL C 389 -46.88 4.93 -26.95
CA VAL C 389 -48.20 5.21 -27.52
C VAL C 389 -49.25 4.46 -26.70
N LEU C 390 -50.48 4.99 -26.74
CA LEU C 390 -51.60 4.40 -26.02
C LEU C 390 -52.27 3.38 -26.94
N GLU C 391 -51.66 2.21 -27.04
CA GLU C 391 -52.09 1.13 -27.91
C GLU C 391 -52.14 -0.16 -27.13
N PRO C 392 -52.97 -1.12 -27.57
CA PRO C 392 -53.06 -2.39 -26.84
C PRO C 392 -51.73 -3.13 -26.80
N GLY C 393 -51.50 -3.82 -25.68
CA GLY C 393 -50.28 -4.56 -25.47
C GLY C 393 -49.12 -3.77 -24.92
N LYS C 394 -49.31 -2.49 -24.61
CA LYS C 394 -48.24 -1.62 -24.15
C LYS C 394 -48.47 -1.22 -22.70
N ARG C 395 -47.41 -0.71 -22.08
CA ARG C 395 -47.48 -0.33 -20.67
C ARG C 395 -48.51 0.77 -20.46
N ALA C 396 -49.21 0.70 -19.32
CA ALA C 396 -50.28 1.65 -19.01
C ALA C 396 -49.71 2.85 -18.25
N ASP C 397 -48.99 3.68 -18.99
CA ASP C 397 -48.46 4.95 -18.48
C ASP C 397 -49.30 6.06 -19.09
N VAL C 398 -50.15 6.69 -18.27
CA VAL C 398 -51.13 7.66 -18.76
C VAL C 398 -51.05 8.92 -17.91
N ILE C 399 -51.08 10.09 -18.56
CA ILE C 399 -51.15 11.35 -17.85
C ILE C 399 -52.28 12.17 -18.44
N ALA C 400 -52.75 13.15 -17.68
CA ALA C 400 -53.84 14.00 -18.11
C ALA C 400 -53.53 15.45 -17.78
N LEU C 401 -54.01 16.34 -18.65
CA LEU C 401 -53.84 17.78 -18.49
C LEU C 401 -55.20 18.47 -18.49
N ALA C 402 -55.29 19.57 -17.76
CA ALA C 402 -56.53 20.34 -17.71
C ALA C 402 -56.85 20.98 -19.05
N GLY C 403 -55.84 21.59 -19.69
CA GLY C 403 -56.03 22.28 -20.94
C GLY C 403 -55.46 21.52 -22.13
N ASN C 404 -55.84 21.98 -23.31
CA ASN C 404 -55.36 21.38 -24.55
C ASN C 404 -54.00 21.97 -24.92
N PRO C 405 -52.95 21.17 -25.01
CA PRO C 405 -51.61 21.71 -25.25
C PRO C 405 -51.31 22.04 -26.71
N LEU C 406 -52.21 21.71 -27.63
CA LEU C 406 -51.99 22.03 -29.04
C LEU C 406 -52.37 23.46 -29.39
N GLU C 407 -52.96 24.20 -28.46
CA GLU C 407 -53.23 25.63 -28.64
C GLU C 407 -52.39 26.50 -27.73
N ASP C 408 -52.36 26.19 -26.43
CA ASP C 408 -51.49 26.86 -25.47
C ASP C 408 -50.49 25.84 -24.95
N ILE C 409 -49.20 26.18 -25.05
CA ILE C 409 -48.17 25.24 -24.64
C ILE C 409 -47.96 25.22 -23.13
N ASN C 410 -48.42 26.24 -22.41
CA ASN C 410 -48.27 26.25 -20.96
C ASN C 410 -49.16 25.24 -20.26
N ALA C 411 -50.11 24.62 -20.97
CA ALA C 411 -50.97 23.61 -20.37
C ALA C 411 -50.19 22.41 -19.85
N VAL C 412 -48.97 22.18 -20.36
CA VAL C 412 -48.15 21.09 -19.86
C VAL C 412 -47.61 21.36 -18.46
N LEU C 413 -47.73 22.59 -17.96
CA LEU C 413 -47.28 22.92 -16.62
C LEU C 413 -48.27 22.56 -15.54
N ASP C 414 -49.46 22.07 -15.91
CA ASP C 414 -50.52 21.72 -14.96
C ASP C 414 -50.95 20.28 -15.24
N VAL C 415 -50.29 19.33 -14.60
CA VAL C 415 -50.61 17.92 -14.74
C VAL C 415 -51.57 17.53 -13.63
N ARG C 416 -52.69 16.90 -13.99
CA ARG C 416 -53.73 16.55 -13.04
C ARG C 416 -53.78 15.07 -12.69
N PHE C 417 -53.47 14.18 -13.63
CA PHE C 417 -53.60 12.75 -13.43
C PHE C 417 -52.33 12.07 -13.91
N VAL C 418 -51.77 11.21 -13.07
CA VAL C 418 -50.56 10.45 -13.37
C VAL C 418 -50.78 9.00 -12.98
N MET C 419 -50.56 8.08 -13.93
CA MET C 419 -50.65 6.65 -13.73
C MET C 419 -49.46 5.98 -14.41
N LYS C 420 -48.84 5.04 -13.71
CA LYS C 420 -47.66 4.34 -14.23
C LYS C 420 -47.80 2.85 -13.95
N ASP C 421 -47.64 2.04 -15.00
CA ASP C 421 -47.75 0.58 -14.91
C ASP C 421 -49.11 0.14 -14.37
N GLY C 422 -50.15 0.92 -14.64
CA GLY C 422 -51.48 0.60 -14.16
C GLY C 422 -51.80 1.06 -12.77
N VAL C 423 -50.83 1.66 -12.06
CA VAL C 423 -51.02 2.13 -10.70
C VAL C 423 -51.19 3.64 -10.73
N ILE C 424 -52.26 4.13 -10.13
CA ILE C 424 -52.52 5.56 -10.11
C ILE C 424 -51.67 6.21 -9.02
N TYR C 425 -50.88 7.21 -9.41
CA TYR C 425 -50.05 7.95 -8.47
C TYR C 425 -50.54 9.36 -8.22
N LYS C 426 -51.34 9.93 -9.13
CA LYS C 426 -51.94 11.23 -8.87
C LYS C 426 -53.31 11.27 -9.54
N GLN C 427 -54.32 11.68 -8.79
CA GLN C 427 -55.66 11.80 -9.33
C GLN C 427 -56.46 12.87 -8.57
N PRO D 22 2.48 -58.31 -10.63
CA PRO D 22 2.12 -59.28 -11.68
C PRO D 22 0.91 -60.12 -11.29
N VAL D 23 -0.27 -59.80 -11.86
CA VAL D 23 -1.50 -60.50 -11.53
C VAL D 23 -2.18 -60.94 -12.83
N ALA D 24 -3.14 -61.85 -12.68
CA ALA D 24 -3.92 -62.36 -13.80
C ALA D 24 -5.39 -62.20 -13.47
N VAL D 25 -6.08 -61.35 -14.22
CA VAL D 25 -7.50 -61.09 -14.03
C VAL D 25 -8.27 -61.86 -15.09
N GLN D 26 -9.11 -62.79 -14.66
CA GLN D 26 -9.94 -63.59 -15.55
C GLN D 26 -11.33 -62.98 -15.59
N CYS D 27 -11.66 -62.35 -16.72
CA CYS D 27 -12.94 -61.67 -16.92
C CYS D 27 -13.89 -62.58 -17.69
N GLY D 28 -15.13 -62.68 -17.20
CA GLY D 28 -16.11 -63.49 -17.88
C GLY D 28 -16.51 -62.93 -19.24
N ARG D 29 -16.58 -61.62 -19.36
CA ARG D 29 -16.90 -60.96 -20.62
C ARG D 29 -16.14 -59.65 -20.70
N LEU D 30 -15.53 -59.38 -21.84
CA LEU D 30 -14.69 -58.21 -22.04
C LEU D 30 -15.32 -57.29 -23.07
N PHE D 31 -15.37 -55.99 -22.76
CA PHE D 31 -15.88 -54.97 -23.67
C PHE D 31 -14.71 -54.33 -24.40
N ASP D 32 -14.76 -54.34 -25.73
CA ASP D 32 -13.74 -53.73 -26.56
C ASP D 32 -14.14 -52.29 -26.84
N ALA D 33 -13.36 -51.34 -26.33
CA ALA D 33 -13.69 -49.93 -26.54
C ALA D 33 -13.36 -49.48 -27.96
N ARG D 34 -12.39 -50.11 -28.61
CA ARG D 34 -12.02 -49.70 -29.96
C ARG D 34 -13.10 -50.02 -30.96
N SER D 35 -13.66 -51.23 -30.91
CA SER D 35 -14.69 -51.65 -31.86
C SER D 35 -16.10 -51.48 -31.33
N GLY D 36 -16.27 -51.28 -30.02
CA GLY D 36 -17.59 -51.10 -29.46
C GLY D 36 -18.37 -52.37 -29.25
N GLN D 37 -17.73 -53.54 -29.31
CA GLN D 37 -18.40 -54.82 -29.19
C GLN D 37 -17.97 -55.53 -27.91
N LEU D 38 -18.87 -56.38 -27.40
CA LEU D 38 -18.63 -57.13 -26.18
C LEU D 38 -18.17 -58.54 -26.54
N LYS D 39 -16.99 -58.92 -26.05
CA LYS D 39 -16.40 -60.21 -26.38
C LYS D 39 -16.73 -61.23 -25.27
N GLY D 40 -16.10 -62.39 -25.34
CA GLY D 40 -16.33 -63.45 -24.37
C GLY D 40 -15.28 -63.49 -23.29
N PRO D 41 -15.09 -64.67 -22.69
CA PRO D 41 -14.12 -64.79 -21.59
C PRO D 41 -12.72 -64.41 -22.04
N HIS D 42 -11.96 -63.78 -21.13
CA HIS D 42 -10.63 -63.31 -21.45
C HIS D 42 -9.79 -63.31 -20.18
N THR D 43 -8.47 -63.24 -20.37
CA THR D 43 -7.54 -63.12 -19.26
C THR D 43 -6.61 -61.94 -19.52
N LEU D 44 -6.36 -61.14 -18.50
CA LEU D 44 -5.45 -60.00 -18.59
C LEU D 44 -4.30 -60.20 -17.62
N LEU D 45 -3.08 -60.23 -18.16
CA LEU D 45 -1.88 -60.35 -17.36
C LEU D 45 -1.29 -58.96 -17.20
N VAL D 46 -1.16 -58.52 -15.95
CA VAL D 46 -0.78 -57.15 -15.60
C VAL D 46 0.54 -57.17 -14.87
N ALA D 47 1.47 -56.32 -15.29
CA ALA D 47 2.78 -56.20 -14.65
C ALA D 47 3.25 -54.76 -14.72
N ASP D 48 3.76 -54.24 -13.59
CA ASP D 48 4.33 -52.90 -13.51
C ASP D 48 3.32 -51.82 -13.91
N GLY D 49 2.06 -52.00 -13.52
CA GLY D 49 1.06 -50.99 -13.78
C GLY D 49 0.63 -50.88 -15.22
N ARG D 50 0.92 -51.89 -16.04
CA ARG D 50 0.54 -51.90 -17.44
C ARG D 50 -0.12 -53.24 -17.76
N ILE D 51 -0.93 -53.23 -18.82
CA ILE D 51 -1.53 -54.47 -19.32
C ILE D 51 -0.45 -55.19 -20.11
N ARG D 52 0.18 -56.20 -19.50
CA ARG D 52 1.26 -56.91 -20.17
C ARG D 52 0.74 -57.74 -21.32
N GLN D 53 -0.36 -58.48 -21.12
CA GLN D 53 -0.83 -59.33 -22.20
C GLN D 53 -2.32 -59.61 -22.04
N VAL D 54 -2.97 -59.91 -23.16
CA VAL D 54 -4.39 -60.26 -23.20
C VAL D 54 -4.51 -61.61 -23.89
N LEU D 55 -5.09 -62.59 -23.18
CA LEU D 55 -5.23 -63.95 -23.67
C LEU D 55 -6.71 -64.27 -23.90
N PRO D 56 -7.11 -64.62 -25.11
CA PRO D 56 -8.49 -65.06 -25.32
C PRO D 56 -8.77 -66.37 -24.61
N GLY D 57 -10.02 -66.54 -24.18
CA GLY D 57 -10.43 -67.74 -23.48
C GLY D 57 -9.92 -67.81 -22.06
N ALA D 65 0.43 -63.60 -11.56
CA ALA D 65 0.61 -64.58 -10.50
C ALA D 65 -0.69 -64.81 -9.74
N ARG D 66 -1.06 -63.84 -8.89
CA ARG D 66 -2.30 -63.93 -8.15
C ARG D 66 -3.49 -63.82 -9.11
N VAL D 67 -4.48 -64.67 -8.90
CA VAL D 67 -5.63 -64.78 -9.78
C VAL D 67 -6.78 -63.94 -9.22
N VAL D 68 -7.35 -63.10 -10.07
CA VAL D 68 -8.54 -62.31 -9.73
C VAL D 68 -9.68 -62.80 -10.62
N ASP D 69 -10.66 -63.47 -10.02
CA ASP D 69 -11.72 -64.14 -10.77
C ASP D 69 -12.95 -63.23 -10.81
N LEU D 70 -13.23 -62.65 -11.98
CA LEU D 70 -14.46 -61.92 -12.20
C LEU D 70 -15.23 -62.59 -13.33
N GLY D 71 -15.30 -63.92 -13.28
CA GLY D 71 -15.86 -64.71 -14.37
C GLY D 71 -17.35 -64.59 -14.57
N ASP D 72 -18.05 -63.90 -13.65
CA ASP D 72 -19.48 -63.65 -13.79
C ASP D 72 -19.79 -62.17 -13.94
N LYS D 73 -18.81 -61.37 -14.36
CA LYS D 73 -18.96 -59.93 -14.45
C LYS D 73 -18.43 -59.44 -15.79
N VAL D 74 -18.90 -58.26 -16.20
CA VAL D 74 -18.50 -57.64 -17.45
C VAL D 74 -17.37 -56.67 -17.16
N CYS D 75 -16.24 -56.86 -17.85
CA CYS D 75 -15.05 -56.04 -17.65
C CYS D 75 -14.99 -54.92 -18.67
N LEU D 76 -14.53 -53.75 -18.23
CA LEU D 76 -14.44 -52.55 -19.05
C LEU D 76 -13.21 -51.76 -18.68
N PRO D 77 -12.72 -50.90 -19.56
CA PRO D 77 -11.68 -49.95 -19.17
C PRO D 77 -12.22 -48.91 -18.20
N GLY D 78 -11.30 -48.32 -17.45
CA GLY D 78 -11.70 -47.28 -16.52
C GLY D 78 -12.27 -46.07 -17.24
N TRP D 79 -13.32 -45.49 -16.65
CA TRP D 79 -14.01 -44.38 -17.27
C TRP D 79 -13.28 -43.06 -17.02
N THR D 80 -13.50 -42.10 -17.92
CA THR D 80 -12.95 -40.76 -17.78
C THR D 80 -14.07 -39.75 -17.87
N ASP D 81 -14.16 -38.88 -16.85
CA ASP D 81 -15.11 -37.77 -16.85
C ASP D 81 -14.35 -36.50 -17.23
N LEU D 82 -14.75 -35.88 -18.34
CA LEU D 82 -14.02 -34.75 -18.89
C LEU D 82 -14.45 -33.40 -18.34
N HIS D 83 -15.37 -33.38 -17.37
CA HIS D 83 -15.83 -32.12 -16.79
C HIS D 83 -16.21 -32.39 -15.34
N VAL D 84 -15.32 -32.03 -14.41
CA VAL D 84 -15.59 -32.10 -12.98
C VAL D 84 -15.02 -30.86 -12.31
N HIS D 85 -15.55 -30.57 -11.12
CA HIS D 85 -15.01 -29.53 -10.22
C HIS D 85 -14.88 -30.18 -8.86
N LEU D 86 -13.73 -30.82 -8.61
CA LEU D 86 -13.54 -31.57 -7.38
C LEU D 86 -13.35 -30.68 -6.16
N GLY D 87 -13.16 -29.38 -6.36
CA GLY D 87 -13.00 -28.44 -5.26
C GLY D 87 -14.28 -27.81 -4.76
N SER D 88 -15.45 -28.27 -5.19
CA SER D 88 -16.70 -27.69 -4.77
C SER D 88 -17.83 -28.69 -4.97
N GLN D 89 -18.96 -28.40 -4.33
CA GLN D 89 -20.19 -29.15 -4.53
C GLN D 89 -21.35 -28.25 -4.15
N SER D 90 -22.38 -28.24 -4.99
CA SER D 90 -23.48 -27.30 -4.83
C SER D 90 -24.28 -27.59 -3.57
N SER D 91 -24.72 -26.53 -2.90
CA SER D 91 -25.52 -26.63 -1.68
C SER D 91 -26.26 -25.31 -1.50
N PRO D 92 -27.27 -25.27 -0.62
CA PRO D 92 -27.95 -23.98 -0.36
C PRO D 92 -27.05 -22.92 0.22
N GLN D 93 -25.90 -23.29 0.79
CA GLN D 93 -24.98 -22.35 1.41
C GLN D 93 -23.82 -21.97 0.49
N SER D 94 -23.92 -22.27 -0.80
CA SER D 94 -22.79 -22.09 -1.69
C SER D 94 -22.38 -20.62 -1.84
N TYR D 95 -23.35 -19.74 -2.10
CA TYR D 95 -23.06 -18.37 -2.48
C TYR D 95 -22.58 -17.50 -1.32
N SER D 96 -22.25 -18.11 -0.18
CA SER D 96 -21.60 -17.41 0.90
C SER D 96 -20.23 -18.01 1.25
N GLU D 97 -19.91 -19.21 0.75
CA GLU D 97 -18.66 -19.86 1.13
C GLU D 97 -17.45 -19.00 0.81
N ASP D 98 -17.48 -18.29 -0.31
CA ASP D 98 -16.36 -17.47 -0.73
C ASP D 98 -16.02 -16.36 0.27
N PHE D 99 -16.95 -16.03 1.17
CA PHE D 99 -16.69 -15.04 2.20
C PHE D 99 -16.46 -15.63 3.58
N ARG D 100 -16.66 -16.94 3.75
CA ARG D 100 -16.56 -17.54 5.07
C ARG D 100 -15.59 -18.72 5.16
N LEU D 101 -15.35 -19.43 4.07
CA LEU D 101 -14.54 -20.64 4.10
C LEU D 101 -13.16 -20.41 3.50
N ASP D 102 -12.20 -21.16 3.99
CA ASP D 102 -10.81 -21.14 3.54
C ASP D 102 -10.53 -22.32 2.64
N PRO D 103 -9.45 -22.25 1.84
CA PRO D 103 -9.14 -23.38 0.94
C PRO D 103 -8.89 -24.70 1.65
N VAL D 104 -8.47 -24.65 2.90
CA VAL D 104 -8.15 -25.86 3.71
C VAL D 104 -9.42 -26.68 3.96
N ASP D 105 -10.57 -26.04 4.14
CA ASP D 105 -11.85 -26.73 4.28
C ASP D 105 -12.26 -27.39 2.97
N HIS D 106 -12.05 -26.68 1.85
CA HIS D 106 -12.32 -27.26 0.54
C HIS D 106 -11.46 -28.47 0.27
N ALA D 107 -10.19 -28.45 0.69
CA ALA D 107 -9.33 -29.62 0.52
C ALA D 107 -9.83 -30.81 1.33
N PHE D 108 -10.24 -30.56 2.58
CA PHE D 108 -10.77 -31.65 3.41
C PHE D 108 -12.05 -32.24 2.80
N ARG D 109 -12.89 -31.41 2.18
CA ARG D 109 -14.06 -31.94 1.48
C ARG D 109 -13.64 -32.69 0.21
N ALA D 110 -12.65 -32.17 -0.51
CA ALA D 110 -12.20 -32.76 -1.76
C ALA D 110 -11.61 -34.15 -1.55
N VAL D 111 -11.07 -34.44 -0.37
CA VAL D 111 -10.59 -35.79 -0.10
C VAL D 111 -11.72 -36.80 -0.27
N GLY D 112 -12.85 -36.54 0.38
CA GLY D 112 -13.99 -37.43 0.25
C GLY D 112 -14.60 -37.41 -1.15
N TYR D 113 -14.63 -36.23 -1.78
CA TYR D 113 -15.13 -36.16 -3.14
C TYR D 113 -14.32 -37.05 -4.09
N ALA D 114 -12.99 -36.98 -3.99
CA ALA D 114 -12.13 -37.78 -4.84
C ALA D 114 -12.28 -39.27 -4.56
N GLU D 115 -12.41 -39.64 -3.28
CA GLU D 115 -12.62 -41.04 -2.97
C GLU D 115 -13.92 -41.56 -3.57
N LYS D 116 -15.00 -40.78 -3.45
CA LYS D 116 -16.29 -41.20 -4.02
C LYS D 116 -16.23 -41.26 -5.54
N THR D 117 -15.50 -40.34 -6.18
CA THR D 117 -15.36 -40.39 -7.63
C THR D 117 -14.60 -41.64 -8.07
N LEU D 118 -13.51 -41.98 -7.37
CA LEU D 118 -12.76 -43.17 -7.75
C LEU D 118 -13.56 -44.44 -7.50
N MET D 119 -14.40 -44.49 -6.47
CA MET D 119 -15.13 -45.75 -6.15
C MET D 119 -16.33 -45.92 -7.08
N ALA D 120 -16.67 -44.89 -7.86
CA ALA D 120 -17.77 -45.03 -8.80
C ALA D 120 -17.34 -45.58 -10.14
N GLY D 121 -16.05 -45.83 -10.35
CA GLY D 121 -15.56 -46.40 -11.59
C GLY D 121 -14.79 -45.47 -12.50
N PHE D 122 -14.51 -44.24 -12.08
CA PHE D 122 -13.80 -43.26 -12.91
C PHE D 122 -12.36 -43.17 -12.43
N THR D 123 -11.44 -43.69 -13.24
CA THR D 123 -10.02 -43.68 -12.90
C THR D 123 -9.29 -42.44 -13.41
N SER D 124 -9.95 -41.59 -14.19
CA SER D 124 -9.36 -40.35 -14.65
C SER D 124 -10.45 -39.30 -14.76
N VAL D 125 -10.06 -38.05 -14.48
CA VAL D 125 -10.96 -36.91 -14.60
C VAL D 125 -10.19 -35.72 -15.17
N ARG D 126 -10.94 -34.82 -15.81
CA ARG D 126 -10.44 -33.52 -16.22
C ARG D 126 -11.14 -32.45 -15.39
N ASP D 127 -10.39 -31.74 -14.58
CA ASP D 127 -10.92 -30.68 -13.73
C ASP D 127 -10.86 -29.36 -14.49
N LEU D 128 -11.99 -28.68 -14.63
CA LEU D 128 -12.14 -27.53 -15.51
C LEU D 128 -12.32 -26.23 -14.74
N GLY D 129 -11.60 -26.07 -13.63
CA GLY D 129 -11.69 -24.86 -12.85
C GLY D 129 -11.58 -25.10 -11.37
N GLY D 130 -10.77 -24.28 -10.69
CA GLY D 130 -10.50 -24.47 -9.28
C GLY D 130 -9.02 -24.50 -8.98
N GLU D 131 -8.61 -23.88 -7.88
CA GLU D 131 -7.20 -23.76 -7.54
C GLU D 131 -6.73 -24.75 -6.49
N VAL D 132 -7.56 -25.72 -6.12
CA VAL D 132 -7.18 -26.74 -5.14
C VAL D 132 -6.86 -28.03 -5.90
N SER D 133 -7.38 -28.14 -7.11
CA SER D 133 -7.22 -29.38 -7.88
C SER D 133 -5.78 -29.74 -8.21
N PRO D 134 -4.91 -28.82 -8.64
CA PRO D 134 -3.50 -29.23 -8.84
C PRO D 134 -2.83 -29.76 -7.59
N HIS D 135 -3.11 -29.17 -6.43
CA HIS D 135 -2.56 -29.68 -5.17
C HIS D 135 -3.09 -31.07 -4.86
N LEU D 136 -4.39 -31.29 -5.11
CA LEU D 136 -4.97 -32.61 -4.88
C LEU D 136 -4.37 -33.63 -5.83
N ARG D 137 -4.10 -33.23 -7.08
CA ARG D 137 -3.46 -34.13 -8.03
C ARG D 137 -2.06 -34.51 -7.57
N ASP D 138 -1.29 -33.53 -7.07
CA ASP D 138 0.03 -33.84 -6.53
C ASP D 138 -0.06 -34.78 -5.34
N ALA D 139 -1.03 -34.55 -4.45
CA ALA D 139 -1.20 -35.40 -3.28
C ALA D 139 -1.57 -36.83 -3.67
N ILE D 140 -2.46 -36.98 -4.67
CA ILE D 140 -2.83 -38.32 -5.12
C ILE D 140 -1.65 -39.01 -5.78
N ASN D 141 -0.88 -38.28 -6.60
CA ASN D 141 0.28 -38.87 -7.24
C ASN D 141 1.31 -39.33 -6.23
N GLN D 142 1.49 -38.56 -5.14
CA GLN D 142 2.45 -38.94 -4.12
C GLN D 142 1.98 -40.11 -3.28
N GLY D 143 0.68 -40.42 -3.30
CA GLY D 143 0.13 -41.51 -2.52
C GLY D 143 -0.47 -41.13 -1.19
N LEU D 144 -0.60 -39.83 -0.90
CA LEU D 144 -1.15 -39.40 0.38
C LEU D 144 -2.63 -39.73 0.50
N VAL D 145 -3.39 -39.54 -0.57
CA VAL D 145 -4.82 -39.81 -0.57
C VAL D 145 -5.17 -40.60 -1.82
N ARG D 146 -6.35 -41.21 -1.79
CA ARG D 146 -6.87 -42.00 -2.91
C ARG D 146 -7.74 -41.13 -3.79
N GLY D 147 -7.74 -41.45 -5.08
CA GLY D 147 -8.55 -40.75 -6.05
C GLY D 147 -8.19 -41.11 -7.48
N PRO D 148 -8.78 -40.41 -8.43
CA PRO D 148 -8.49 -40.67 -9.84
C PRO D 148 -7.25 -39.90 -10.30
N ARG D 149 -6.89 -40.11 -11.56
CA ARG D 149 -5.83 -39.35 -12.19
C ARG D 149 -6.40 -38.05 -12.73
N ILE D 150 -5.86 -36.92 -12.26
CA ILE D 150 -6.46 -35.61 -12.48
C ILE D 150 -5.67 -34.87 -13.55
N PHE D 151 -6.38 -34.36 -14.56
CA PHE D 151 -5.82 -33.41 -15.52
C PHE D 151 -6.45 -32.07 -15.17
N ALA D 152 -5.66 -31.18 -14.57
CA ALA D 152 -6.17 -29.97 -13.96
C ALA D 152 -5.97 -28.77 -14.88
N ALA D 153 -6.98 -27.90 -14.94
CA ALA D 153 -6.91 -26.67 -15.72
C ALA D 153 -6.50 -25.47 -14.88
N GLY D 154 -6.68 -25.51 -13.56
CA GLY D 154 -6.38 -24.36 -12.72
C GLY D 154 -7.46 -23.31 -12.75
N LYS D 155 -7.06 -22.04 -12.75
CA LYS D 155 -8.02 -20.94 -12.78
C LYS D 155 -8.47 -20.71 -14.22
N SER D 156 -9.77 -20.48 -14.40
CA SER D 156 -10.33 -20.28 -15.73
C SER D 156 -10.15 -18.83 -16.20
N ILE D 157 -9.81 -18.67 -17.46
CA ILE D 157 -9.57 -17.34 -18.02
C ILE D 157 -10.89 -16.72 -18.46
N ALA D 158 -11.10 -15.46 -18.11
CA ALA D 158 -12.32 -14.75 -18.45
C ALA D 158 -12.00 -13.28 -18.69
N THR D 159 -13.00 -12.52 -19.08
CA THR D 159 -12.89 -11.09 -19.24
C THR D 159 -13.53 -10.39 -18.04
N THR D 160 -13.53 -9.05 -18.08
CA THR D 160 -14.12 -8.28 -17.00
C THR D 160 -15.64 -8.48 -16.96
N GLY D 161 -16.15 -8.90 -15.80
CA GLY D 161 -17.55 -9.21 -15.67
C GLY D 161 -17.96 -10.55 -16.25
N GLY D 162 -17.01 -11.40 -16.62
CA GLY D 162 -17.32 -12.65 -17.27
C GLY D 162 -17.83 -13.70 -16.31
N HIS D 163 -18.18 -14.85 -16.89
CA HIS D 163 -18.73 -15.95 -16.10
C HIS D 163 -17.75 -16.44 -15.04
N ALA D 164 -16.45 -16.37 -15.32
CA ALA D 164 -15.43 -16.83 -14.38
C ALA D 164 -14.74 -15.68 -13.67
N ASP D 165 -15.28 -14.47 -13.74
CA ASP D 165 -14.71 -13.36 -12.97
C ASP D 165 -14.94 -13.61 -11.49
N PRO D 166 -13.88 -13.57 -10.66
CA PRO D 166 -14.03 -13.91 -9.24
C PRO D 166 -14.51 -12.77 -8.36
N THR D 167 -14.99 -11.66 -8.93
CA THR D 167 -15.40 -10.51 -8.15
C THR D 167 -16.83 -10.11 -8.49
N ASN D 168 -17.53 -10.90 -9.30
CA ASN D 168 -18.91 -10.60 -9.65
C ASN D 168 -19.80 -10.62 -8.41
N GLY D 169 -20.64 -9.60 -8.27
CA GLY D 169 -21.57 -9.51 -7.17
C GLY D 169 -21.03 -8.94 -5.88
N TRP D 170 -19.75 -8.55 -5.84
CA TRP D 170 -19.17 -7.98 -4.65
C TRP D 170 -19.50 -6.50 -4.56
N ASN D 171 -19.73 -6.01 -3.35
CA ASN D 171 -20.06 -4.59 -3.18
C ASN D 171 -18.81 -3.74 -3.43
N GLU D 172 -19.01 -2.42 -3.40
CA GLU D 172 -17.94 -1.51 -3.76
C GLU D 172 -16.77 -1.58 -2.78
N ARG D 173 -17.05 -1.80 -1.49
CA ARG D 173 -15.99 -1.84 -0.50
C ARG D 173 -15.06 -3.03 -0.72
N LEU D 174 -15.63 -4.24 -0.86
CA LEU D 174 -14.81 -5.42 -1.06
C LEU D 174 -14.05 -5.34 -2.37
N ALA D 175 -14.72 -4.89 -3.44
CA ALA D 175 -14.05 -4.73 -4.72
C ALA D 175 -12.94 -3.69 -4.67
N HIS D 176 -13.08 -2.66 -3.82
CA HIS D 176 -12.02 -1.66 -3.69
C HIS D 176 -10.83 -2.20 -2.94
N LEU D 177 -10.99 -2.99 -1.94
CA LEU D 177 -9.87 -3.56 -1.17
C LEU D 177 -9.29 -4.76 -1.92
N VAL D 178 -10.04 -5.25 -2.95
CA VAL D 178 -9.47 -6.30 -3.78
C VAL D 178 -8.74 -5.72 -4.98
N GLY D 179 -9.31 -4.70 -5.61
CA GLY D 179 -8.78 -4.17 -6.84
C GLY D 179 -9.36 -4.87 -8.06
N ALA D 180 -9.10 -4.31 -9.22
CA ALA D 180 -9.57 -4.90 -10.47
C ALA D 180 -8.73 -6.11 -10.81
N PRO D 181 -9.33 -7.29 -10.94
CA PRO D 181 -8.53 -8.49 -11.27
C PRO D 181 -7.84 -8.36 -12.63
N GLY D 182 -6.62 -8.87 -12.71
CA GLY D 182 -5.83 -8.80 -13.91
C GLY D 182 -5.40 -10.17 -14.38
N PRO D 183 -4.39 -10.22 -15.25
CA PRO D 183 -3.97 -11.52 -15.82
C PRO D 183 -3.51 -12.53 -14.78
N ALA D 184 -2.88 -12.06 -13.70
CA ALA D 184 -2.48 -12.99 -12.64
C ALA D 184 -3.69 -13.62 -11.97
N GLU D 185 -4.82 -12.91 -11.94
CA GLU D 185 -6.06 -13.42 -11.39
C GLU D 185 -6.95 -14.08 -12.44
N GLY D 186 -6.53 -14.11 -13.71
CA GLY D 186 -7.29 -14.77 -14.75
C GLY D 186 -8.23 -13.89 -15.54
N VAL D 187 -8.12 -12.58 -15.44
CA VAL D 187 -9.02 -11.65 -16.14
C VAL D 187 -8.18 -10.90 -17.17
N VAL D 188 -8.59 -10.98 -18.45
CA VAL D 188 -7.86 -10.39 -19.55
C VAL D 188 -8.78 -9.49 -20.36
N ASN D 189 -8.19 -8.51 -21.03
CA ASN D 189 -8.94 -7.61 -21.88
C ASN D 189 -8.21 -7.28 -23.18
N SER D 190 -7.10 -7.93 -23.47
CA SER D 190 -6.35 -7.67 -24.69
C SER D 190 -5.51 -8.90 -25.02
N VAL D 191 -4.82 -8.83 -26.17
CA VAL D 191 -4.02 -9.95 -26.65
C VAL D 191 -2.83 -10.21 -25.72
N ASP D 192 -2.14 -9.16 -25.31
CA ASP D 192 -0.98 -9.32 -24.44
C ASP D 192 -1.39 -9.84 -23.06
N GLU D 193 -2.54 -9.37 -22.55
CA GLU D 193 -3.04 -9.90 -21.29
C GLU D 193 -3.40 -11.38 -21.41
N ALA D 194 -3.98 -11.80 -22.55
CA ALA D 194 -4.25 -13.22 -22.76
C ALA D 194 -2.97 -14.05 -22.77
N ARG D 195 -1.93 -13.55 -23.45
CA ARG D 195 -0.64 -14.22 -23.43
C ARG D 195 -0.11 -14.36 -22.01
N GLN D 196 -0.17 -13.27 -21.24
CA GLN D 196 0.32 -13.31 -19.87
C GLN D 196 -0.50 -14.27 -19.01
N ALA D 197 -1.81 -14.35 -19.25
CA ALA D 197 -2.65 -15.25 -18.45
C ALA D 197 -2.34 -16.71 -18.75
N VAL D 198 -2.14 -17.04 -20.03
CA VAL D 198 -1.76 -18.42 -20.36
C VAL D 198 -0.42 -18.77 -19.74
N ARG D 199 0.55 -17.84 -19.81
CA ARG D 199 1.85 -18.09 -19.20
C ARG D 199 1.76 -18.21 -17.68
N GLN D 200 0.89 -17.43 -17.04
CA GLN D 200 0.71 -17.52 -15.60
C GLN D 200 0.05 -18.84 -15.20
N ARG D 201 -0.88 -19.34 -16.01
CA ARG D 201 -1.42 -20.67 -15.74
C ARG D 201 -0.35 -21.74 -15.88
N TYR D 202 0.53 -21.60 -16.88
CA TYR D 202 1.64 -22.53 -17.01
C TYR D 202 2.55 -22.48 -15.79
N LYS D 203 2.82 -21.27 -15.28
CA LYS D 203 3.69 -21.10 -14.13
C LYS D 203 3.16 -21.80 -12.88
N GLU D 204 1.85 -22.02 -12.80
CA GLU D 204 1.22 -22.61 -11.62
C GLU D 204 0.94 -24.10 -11.78
N GLY D 205 1.51 -24.75 -12.79
CA GLY D 205 1.40 -26.18 -12.92
C GLY D 205 0.10 -26.69 -13.51
N SER D 206 -0.56 -25.91 -14.37
CA SER D 206 -1.76 -26.38 -15.03
C SER D 206 -1.43 -27.39 -16.12
N ASP D 207 -2.41 -28.25 -16.42
CA ASP D 207 -2.26 -29.22 -17.50
C ASP D 207 -2.94 -28.80 -18.79
N LEU D 208 -3.87 -27.85 -18.73
CA LEU D 208 -4.56 -27.37 -19.92
C LEU D 208 -5.12 -25.99 -19.61
N ILE D 209 -5.92 -25.46 -20.53
CA ILE D 209 -6.48 -24.12 -20.39
C ILE D 209 -8.01 -24.16 -20.47
N KCX D 210 -8.65 -23.36 -19.62
CA KCX D 210 -10.11 -23.22 -19.64
CB KCX D 210 -10.71 -23.81 -18.36
CG KCX D 210 -12.01 -24.58 -18.56
CD KCX D 210 -13.10 -23.73 -19.14
CE KCX D 210 -14.45 -24.40 -19.00
NZ KCX D 210 -14.86 -24.50 -17.58
C KCX D 210 -10.51 -21.76 -19.77
O KCX D 210 -10.09 -20.91 -18.98
CX KCX D 210 -16.15 -24.61 -17.26
OQ1 KCX D 210 -16.47 -24.69 -16.07
OQ2 KCX D 210 -17.00 -24.62 -18.15
N ILE D 211 -11.34 -21.45 -20.77
CA ILE D 211 -11.89 -20.12 -20.92
C ILE D 211 -13.41 -20.16 -20.92
N THR D 212 -14.04 -19.05 -20.54
CA THR D 212 -15.48 -18.87 -20.63
C THR D 212 -15.75 -17.89 -21.76
N ALA D 213 -16.22 -18.41 -22.90
CA ALA D 213 -16.44 -17.56 -24.07
C ALA D 213 -17.69 -16.70 -23.92
N THR D 214 -18.72 -17.21 -23.23
CA THR D 214 -19.96 -16.46 -23.05
C THR D 214 -20.30 -16.35 -21.57
N GLY D 215 -21.50 -15.86 -21.26
CA GLY D 215 -21.98 -15.85 -19.90
C GLY D 215 -22.43 -17.22 -19.45
N GLY D 216 -22.81 -17.31 -18.19
CA GLY D 216 -23.18 -18.58 -17.60
C GLY D 216 -24.43 -18.47 -16.75
N VAL D 217 -24.78 -19.59 -16.14
CA VAL D 217 -25.99 -19.69 -15.31
C VAL D 217 -25.67 -19.38 -13.85
N LEU D 218 -24.66 -20.02 -13.28
CA LEU D 218 -24.40 -19.92 -11.85
C LEU D 218 -23.60 -18.67 -11.48
N SER D 219 -23.16 -17.88 -12.45
CA SER D 219 -22.44 -16.66 -12.14
C SER D 219 -23.37 -15.59 -11.58
N TYR D 220 -22.80 -14.67 -10.83
CA TYR D 220 -23.56 -13.56 -10.23
C TYR D 220 -23.55 -12.35 -11.18
N ALA D 221 -24.00 -12.60 -12.41
CA ALA D 221 -24.01 -11.60 -13.46
C ALA D 221 -25.35 -11.62 -14.18
N ARG D 222 -25.65 -10.53 -14.89
CA ARG D 222 -26.95 -10.37 -15.50
C ARG D 222 -27.14 -11.33 -16.67
N SER D 223 -26.14 -11.44 -17.54
CA SER D 223 -26.30 -12.16 -18.80
C SER D 223 -25.97 -13.64 -18.63
N GLY D 224 -26.52 -14.45 -19.54
CA GLY D 224 -26.32 -15.89 -19.50
C GLY D 224 -25.70 -16.46 -20.76
N ASP D 225 -25.77 -15.73 -21.88
CA ASP D 225 -25.23 -16.25 -23.13
C ASP D 225 -24.60 -15.18 -24.03
N ALA D 226 -24.36 -13.97 -23.54
CA ALA D 226 -23.82 -12.92 -24.40
C ALA D 226 -22.34 -13.16 -24.70
N PRO D 227 -21.88 -12.81 -25.90
CA PRO D 227 -20.46 -13.03 -26.24
C PRO D 227 -19.54 -12.13 -25.43
N GLN D 228 -18.56 -12.75 -24.79
CA GLN D 228 -17.68 -12.04 -23.86
C GLN D 228 -16.21 -12.11 -24.27
N PHE D 229 -15.92 -12.63 -25.45
CA PHE D 229 -14.57 -12.73 -25.97
C PHE D 229 -14.55 -12.27 -27.41
N THR D 230 -13.52 -11.52 -27.80
CA THR D 230 -13.32 -11.22 -29.21
C THR D 230 -12.47 -12.31 -29.85
N VAL D 231 -12.55 -12.39 -31.18
CA VAL D 231 -11.86 -13.44 -31.90
C VAL D 231 -10.35 -13.31 -31.72
N ASP D 232 -9.85 -12.07 -31.66
CA ASP D 232 -8.43 -11.84 -31.47
C ASP D 232 -7.95 -12.39 -30.12
N GLU D 233 -8.72 -12.17 -29.06
CA GLU D 233 -8.32 -12.66 -27.74
C GLU D 233 -8.30 -14.19 -27.69
N ILE D 234 -9.30 -14.84 -28.27
CA ILE D 234 -9.31 -16.30 -28.28
C ILE D 234 -8.18 -16.84 -29.13
N LYS D 235 -7.90 -16.19 -30.26
CA LYS D 235 -6.77 -16.61 -31.09
C LYS D 235 -5.45 -16.47 -30.35
N ALA D 236 -5.28 -15.38 -29.59
CA ALA D 236 -4.07 -15.23 -28.78
C ALA D 236 -3.97 -16.33 -27.73
N VAL D 237 -5.09 -16.66 -27.07
CA VAL D 237 -5.08 -17.72 -26.07
C VAL D 237 -4.67 -19.05 -26.70
N VAL D 238 -5.26 -19.38 -27.85
CA VAL D 238 -4.97 -20.67 -28.49
C VAL D 238 -3.53 -20.73 -28.98
N ASP D 239 -3.03 -19.63 -29.56
CA ASP D 239 -1.65 -19.61 -30.04
C ASP D 239 -0.66 -19.72 -28.89
N THR D 240 -0.92 -19.03 -27.78
CA THR D 240 -0.04 -19.14 -26.62
C THR D 240 -0.07 -20.54 -26.03
N ALA D 241 -1.27 -21.16 -25.96
CA ALA D 241 -1.38 -22.50 -25.42
C ALA D 241 -0.67 -23.53 -26.29
N ARG D 242 -0.68 -23.34 -27.61
CA ARG D 242 0.00 -24.28 -28.49
C ARG D 242 1.51 -24.33 -28.22
N ASP D 243 2.09 -23.20 -27.79
CA ASP D 243 3.52 -23.18 -27.51
C ASP D 243 3.90 -24.02 -26.30
N TYR D 244 3.01 -24.08 -25.30
CA TYR D 244 3.28 -24.79 -24.06
C TYR D 244 2.69 -26.19 -24.05
N GLY D 245 2.13 -26.64 -25.17
CA GLY D 245 1.54 -27.97 -25.23
C GLY D 245 0.22 -28.10 -24.49
N PHE D 246 -0.59 -27.05 -24.47
CA PHE D 246 -1.87 -27.05 -23.78
C PHE D 246 -3.01 -27.10 -24.77
N ARG D 247 -4.07 -27.81 -24.41
CA ARG D 247 -5.33 -27.79 -25.14
C ARG D 247 -6.30 -26.86 -24.44
N VAL D 248 -7.23 -26.29 -25.21
CA VAL D 248 -8.12 -25.25 -24.71
C VAL D 248 -9.55 -25.79 -24.73
N ALA D 249 -10.22 -25.73 -23.59
CA ALA D 249 -11.64 -25.99 -23.47
C ALA D 249 -12.38 -24.67 -23.32
N ALA D 250 -13.55 -24.56 -23.93
CA ALA D 250 -14.32 -23.33 -23.95
C ALA D 250 -15.73 -23.57 -23.43
N HIS D 251 -16.15 -22.73 -22.49
CA HIS D 251 -17.53 -22.73 -22.00
C HIS D 251 -18.33 -21.74 -22.83
N ALA D 252 -19.43 -22.21 -23.43
CA ALA D 252 -20.22 -21.36 -24.32
C ALA D 252 -21.68 -21.79 -24.30
N HIS D 253 -22.58 -20.82 -24.14
CA HIS D 253 -24.01 -21.02 -24.25
C HIS D 253 -24.59 -20.38 -25.50
N GLY D 254 -24.27 -19.12 -25.76
CA GLY D 254 -24.80 -18.43 -26.92
C GLY D 254 -24.11 -18.81 -28.21
N THR D 255 -24.77 -18.49 -29.33
CA THR D 255 -24.30 -18.94 -30.63
C THR D 255 -23.07 -18.15 -31.09
N GLU D 256 -23.06 -16.83 -30.85
CA GLU D 256 -21.96 -16.00 -31.36
C GLU D 256 -20.63 -16.34 -30.68
N GLY D 257 -20.64 -16.47 -29.36
CA GLY D 257 -19.43 -16.84 -28.65
C GLY D 257 -18.95 -18.24 -29.01
N MET D 258 -19.88 -19.17 -29.17
CA MET D 258 -19.53 -20.52 -29.61
C MET D 258 -18.87 -20.49 -30.99
N LYS D 259 -19.43 -19.69 -31.91
CA LYS D 259 -18.85 -19.59 -33.24
C LYS D 259 -17.45 -19.00 -33.20
N ARG D 260 -17.25 -17.95 -32.39
CA ARG D 260 -15.91 -17.38 -32.25
C ARG D 260 -14.93 -18.40 -31.68
N ALA D 261 -15.33 -19.13 -30.65
CA ALA D 261 -14.45 -20.13 -30.05
C ALA D 261 -14.11 -21.24 -31.04
N VAL D 262 -15.10 -21.72 -31.79
CA VAL D 262 -14.85 -22.79 -32.76
C VAL D 262 -13.92 -22.31 -33.87
N GLN D 263 -14.16 -21.10 -34.39
CA GLN D 263 -13.32 -20.60 -35.47
C GLN D 263 -11.92 -20.23 -35.00
N ALA D 264 -11.74 -19.98 -33.71
CA ALA D 264 -10.39 -19.71 -33.21
C ALA D 264 -9.55 -20.98 -33.10
N GLY D 265 -10.17 -22.12 -32.83
CA GLY D 265 -9.45 -23.38 -32.81
C GLY D 265 -9.39 -24.07 -31.46
N VAL D 266 -10.42 -23.89 -30.63
CA VAL D 266 -10.45 -24.60 -29.35
C VAL D 266 -10.69 -26.09 -29.58
N THR D 267 -10.31 -26.89 -28.59
CA THR D 267 -10.38 -28.34 -28.72
C THR D 267 -11.78 -28.87 -28.42
N SER D 268 -12.42 -28.37 -27.37
CA SER D 268 -13.74 -28.85 -26.98
C SER D 268 -14.64 -27.67 -26.62
N ILE D 269 -15.94 -27.88 -26.78
CA ILE D 269 -16.96 -26.88 -26.46
C ILE D 269 -17.84 -27.46 -25.35
N GLU D 270 -18.14 -26.63 -24.36
CA GLU D 270 -18.87 -27.06 -23.17
C GLU D 270 -20.30 -26.52 -23.18
N HIS D 271 -21.25 -27.43 -22.99
CA HIS D 271 -22.69 -27.23 -22.80
C HIS D 271 -23.45 -26.85 -24.07
N GLY D 272 -22.76 -26.35 -25.09
CA GLY D 272 -23.32 -26.16 -26.42
C GLY D 272 -24.79 -25.79 -26.53
N THR D 273 -25.28 -24.90 -25.67
CA THR D 273 -26.73 -24.82 -25.43
C THR D 273 -27.49 -24.33 -26.65
N TYR D 274 -27.07 -23.23 -27.25
CA TYR D 274 -27.78 -22.62 -28.37
C TYR D 274 -27.09 -22.91 -29.70
N MET D 275 -26.58 -24.12 -29.84
CA MET D 275 -25.91 -24.53 -31.07
C MET D 275 -26.90 -24.62 -32.23
N ASP D 276 -26.47 -24.15 -33.40
CA ASP D 276 -27.33 -24.21 -34.59
C ASP D 276 -26.63 -24.89 -35.75
N ASP D 277 -27.23 -24.82 -36.94
CA ASP D 277 -26.73 -25.60 -38.08
C ASP D 277 -25.37 -25.08 -38.56
N GLU D 278 -25.18 -23.77 -38.56
CA GLU D 278 -23.91 -23.22 -39.01
C GLU D 278 -22.78 -23.59 -38.05
N VAL D 279 -23.03 -23.50 -36.74
CA VAL D 279 -22.03 -23.89 -35.76
C VAL D 279 -21.75 -25.39 -35.86
N MET D 280 -22.80 -26.18 -36.11
CA MET D 280 -22.61 -27.62 -36.29
C MET D 280 -21.73 -27.92 -37.49
N ARG D 281 -21.96 -27.23 -38.62
CA ARG D 281 -21.14 -27.42 -39.81
C ARG D 281 -19.70 -27.01 -39.55
N LEU D 282 -19.49 -25.88 -38.88
CA LEU D 282 -18.13 -25.44 -38.56
C LEU D 282 -17.42 -26.44 -37.66
N MET D 283 -18.13 -26.97 -36.66
CA MET D 283 -17.54 -27.95 -35.77
C MET D 283 -17.18 -29.23 -36.50
N LYS D 284 -18.05 -29.69 -37.41
CA LYS D 284 -17.75 -30.88 -38.18
C LYS D 284 -16.54 -30.68 -39.08
N GLN D 285 -16.43 -29.51 -39.70
CA GLN D 285 -15.28 -29.25 -40.57
C GLN D 285 -14.01 -28.98 -39.78
N HIS D 286 -14.12 -28.59 -38.51
CA HIS D 286 -12.95 -28.31 -37.70
C HIS D 286 -12.51 -29.48 -36.85
N GLY D 287 -13.42 -30.38 -36.49
CA GLY D 287 -13.07 -31.49 -35.62
C GLY D 287 -13.16 -31.18 -34.14
N THR D 288 -13.99 -30.22 -33.75
CA THR D 288 -14.15 -29.87 -32.34
C THR D 288 -14.99 -30.91 -31.62
N TRP D 289 -14.62 -31.21 -30.38
CA TRP D 289 -15.36 -32.14 -29.55
C TRP D 289 -16.45 -31.40 -28.77
N TYR D 290 -17.56 -32.11 -28.53
CA TYR D 290 -18.72 -31.55 -27.86
C TYR D 290 -18.97 -32.30 -26.55
N VAL D 291 -19.15 -31.54 -25.48
CA VAL D 291 -19.44 -32.09 -24.16
C VAL D 291 -20.77 -31.52 -23.69
N PRO D 292 -21.85 -32.31 -23.76
CA PRO D 292 -23.18 -31.75 -23.45
C PRO D 292 -23.44 -31.49 -21.97
N THR D 293 -23.06 -32.43 -21.08
CA THR D 293 -23.31 -32.35 -19.65
C THR D 293 -24.82 -32.28 -19.34
N PHE D 294 -25.48 -33.42 -19.60
CA PHE D 294 -26.91 -33.56 -19.29
C PHE D 294 -27.17 -33.34 -17.80
N TYR D 295 -26.29 -33.87 -16.94
CA TYR D 295 -26.53 -33.90 -15.51
C TYR D 295 -26.65 -32.48 -14.94
N ALA D 296 -25.77 -31.58 -15.34
CA ALA D 296 -25.81 -30.21 -14.82
C ALA D 296 -27.09 -29.50 -15.25
N GLY D 297 -27.52 -29.69 -16.50
CA GLY D 297 -28.77 -29.09 -16.94
C GLY D 297 -29.96 -29.58 -16.15
N ARG D 298 -30.06 -30.90 -15.95
CA ARG D 298 -31.15 -31.42 -15.14
C ARG D 298 -31.10 -30.92 -13.70
N PHE D 299 -29.90 -30.85 -13.11
CA PHE D 299 -29.78 -30.40 -11.73
C PHE D 299 -30.21 -28.94 -11.59
N VAL D 300 -29.75 -28.07 -12.49
CA VAL D 300 -30.11 -26.66 -12.38
C VAL D 300 -31.59 -26.45 -12.69
N THR D 301 -32.17 -27.27 -13.57
CA THR D 301 -33.60 -27.17 -13.82
C THR D 301 -34.41 -27.57 -12.60
N GLU D 302 -33.99 -28.64 -11.91
CA GLU D 302 -34.75 -29.09 -10.74
C GLU D 302 -34.56 -28.16 -9.55
N LYS D 303 -33.36 -27.61 -9.37
CA LYS D 303 -33.09 -26.81 -8.19
C LYS D 303 -33.60 -25.38 -8.30
N ALA D 304 -33.97 -24.93 -9.50
CA ALA D 304 -34.54 -23.60 -9.65
C ALA D 304 -35.99 -23.53 -9.18
N ALA D 305 -36.67 -24.67 -9.06
CA ALA D 305 -38.04 -24.67 -8.57
C ALA D 305 -38.10 -24.44 -7.07
N ILE D 306 -37.06 -24.80 -6.33
CA ILE D 306 -37.03 -24.60 -4.89
C ILE D 306 -36.77 -23.12 -4.61
N ASP D 307 -37.65 -22.51 -3.82
CA ASP D 307 -37.53 -21.09 -3.53
C ASP D 307 -36.35 -20.84 -2.59
N GLY D 308 -35.53 -19.86 -2.94
CA GLY D 308 -34.41 -19.47 -2.10
C GLY D 308 -33.15 -20.29 -2.26
N TYR D 309 -33.18 -21.35 -3.08
CA TYR D 309 -31.97 -22.14 -3.29
C TYR D 309 -30.92 -21.36 -4.06
N PHE D 310 -31.33 -20.73 -5.16
CA PHE D 310 -30.47 -19.89 -5.97
C PHE D 310 -30.77 -18.42 -5.70
N PRO D 311 -29.78 -17.54 -5.86
CA PRO D 311 -30.05 -16.10 -5.76
C PRO D 311 -31.03 -15.66 -6.84
N GLU D 312 -31.68 -14.52 -6.59
CA GLU D 312 -32.71 -14.03 -7.49
C GLU D 312 -32.18 -13.74 -8.89
N VAL D 313 -30.89 -13.44 -9.04
CA VAL D 313 -30.35 -13.17 -10.35
C VAL D 313 -30.02 -14.48 -11.09
N VAL D 314 -29.81 -15.57 -10.36
CA VAL D 314 -29.42 -16.83 -10.98
C VAL D 314 -30.64 -17.65 -11.41
N ARG D 315 -31.74 -17.60 -10.66
CA ARG D 315 -32.87 -18.49 -10.89
C ARG D 315 -33.47 -18.38 -12.28
N PRO D 316 -33.77 -17.20 -12.83
CA PRO D 316 -34.32 -17.15 -14.19
C PRO D 316 -33.40 -17.74 -15.25
N LYS D 317 -32.09 -17.47 -15.16
CA LYS D 317 -31.15 -18.05 -16.11
C LYS D 317 -31.12 -19.57 -16.01
N ALA D 318 -31.12 -20.10 -14.79
CA ALA D 318 -31.16 -21.55 -14.63
C ALA D 318 -32.42 -22.14 -15.24
N ALA D 319 -33.58 -21.55 -14.93
CA ALA D 319 -34.84 -22.08 -15.45
C ALA D 319 -34.87 -22.05 -16.98
N ARG D 320 -34.35 -20.98 -17.57
CA ARG D 320 -34.38 -20.85 -19.02
C ARG D 320 -33.40 -21.81 -19.70
N ILE D 321 -32.18 -21.90 -19.18
CA ILE D 321 -31.12 -22.55 -19.93
C ILE D 321 -31.04 -24.05 -19.64
N GLY D 322 -31.48 -24.49 -18.46
CA GLY D 322 -31.32 -25.89 -18.10
C GLY D 322 -32.09 -26.84 -19.01
N ALA D 323 -33.28 -26.44 -19.42
CA ALA D 323 -34.16 -27.33 -20.18
C ALA D 323 -33.98 -27.18 -21.69
N LEU D 324 -32.73 -27.24 -22.16
CA LEU D 324 -32.44 -27.28 -23.60
C LEU D 324 -31.31 -28.24 -23.95
N ILE D 325 -30.56 -28.73 -22.97
CA ILE D 325 -29.34 -29.49 -23.23
C ILE D 325 -29.67 -30.81 -23.92
N SER D 326 -30.71 -31.50 -23.46
CA SER D 326 -31.05 -32.80 -24.04
C SER D 326 -31.41 -32.66 -25.51
N GLN D 327 -32.27 -31.69 -25.84
CA GLN D 327 -32.65 -31.46 -27.23
C GLN D 327 -31.46 -31.09 -28.08
N THR D 328 -30.62 -30.17 -27.59
CA THR D 328 -29.46 -29.75 -28.39
C THR D 328 -28.50 -30.90 -28.62
N ALA D 329 -28.26 -31.72 -27.59
CA ALA D 329 -27.31 -32.82 -27.73
C ALA D 329 -27.85 -33.91 -28.64
N ALA D 330 -29.15 -34.21 -28.56
CA ALA D 330 -29.73 -35.18 -29.49
C ALA D 330 -29.64 -34.68 -30.92
N LYS D 331 -29.94 -33.40 -31.15
CA LYS D 331 -29.83 -32.84 -32.49
C LYS D 331 -28.40 -32.88 -32.99
N ALA D 332 -27.43 -32.57 -32.13
CA ALA D 332 -26.04 -32.59 -32.53
C ALA D 332 -25.56 -34.01 -32.85
N TYR D 333 -26.00 -34.99 -32.06
CA TYR D 333 -25.64 -36.37 -32.36
C TYR D 333 -26.24 -36.83 -33.68
N ARG D 334 -27.49 -36.44 -33.96
CA ARG D 334 -28.10 -36.84 -35.23
C ARG D 334 -27.40 -36.21 -36.44
N ASN D 335 -26.69 -35.11 -36.25
CA ASN D 335 -26.04 -34.40 -37.35
C ASN D 335 -24.56 -34.77 -37.51
N GLY D 336 -24.04 -35.68 -36.70
CA GLY D 336 -22.68 -36.15 -36.87
C GLY D 336 -21.61 -35.41 -36.09
N VAL D 337 -21.99 -34.62 -35.09
CA VAL D 337 -21.01 -33.94 -34.25
C VAL D 337 -20.42 -34.93 -33.26
N ARG D 338 -19.09 -34.87 -33.09
CA ARG D 338 -18.42 -35.78 -32.17
C ARG D 338 -18.69 -35.39 -30.73
N ILE D 339 -19.15 -36.35 -29.92
CA ILE D 339 -19.58 -36.12 -28.55
C ILE D 339 -18.73 -36.96 -27.62
N ALA D 340 -18.30 -36.36 -26.51
CA ALA D 340 -17.50 -37.04 -25.51
C ALA D 340 -18.15 -36.88 -24.13
N PHE D 341 -17.81 -37.79 -23.23
CA PHE D 341 -18.49 -37.91 -21.94
C PHE D 341 -17.99 -36.84 -20.96
N GLY D 342 -18.93 -36.12 -20.36
CA GLY D 342 -18.63 -35.13 -19.34
C GLY D 342 -19.89 -34.74 -18.58
N THR D 343 -19.79 -34.60 -17.26
CA THR D 343 -20.97 -34.44 -16.42
C THR D 343 -21.05 -33.11 -15.69
N ASP D 344 -19.95 -32.39 -15.52
CA ASP D 344 -19.92 -31.14 -14.75
C ASP D 344 -20.27 -31.37 -13.29
N GLN D 345 -19.77 -32.46 -12.71
CA GLN D 345 -19.95 -32.69 -11.29
C GLN D 345 -19.22 -31.61 -10.48
N GLY D 346 -19.80 -31.28 -9.33
CA GLY D 346 -19.56 -30.02 -8.66
C GLY D 346 -20.79 -29.13 -8.66
N VAL D 347 -21.61 -29.25 -9.70
CA VAL D 347 -23.00 -28.83 -9.60
C VAL D 347 -23.84 -29.97 -9.02
N GLY D 348 -23.67 -31.17 -9.57
CA GLY D 348 -24.27 -32.36 -9.00
C GLY D 348 -23.35 -33.02 -8.01
N PRO D 349 -23.88 -33.95 -7.21
CA PRO D 349 -23.07 -34.59 -6.16
C PRO D 349 -22.04 -35.55 -6.73
N HIS D 350 -20.82 -35.45 -6.21
CA HIS D 350 -19.74 -36.32 -6.66
C HIS D 350 -20.05 -37.78 -6.33
N GLY D 351 -19.69 -38.66 -7.27
CA GLY D 351 -19.95 -40.08 -7.11
C GLY D 351 -21.17 -40.59 -7.85
N ASP D 352 -22.05 -39.71 -8.30
CA ASP D 352 -23.22 -40.07 -9.08
C ASP D 352 -23.04 -39.79 -10.57
N ASN D 353 -21.79 -39.79 -11.05
CA ASN D 353 -21.51 -39.41 -12.43
C ASN D 353 -22.14 -40.37 -13.44
N ALA D 354 -22.13 -41.67 -13.14
CA ALA D 354 -22.57 -42.68 -14.10
C ALA D 354 -24.02 -42.51 -14.54
N ARG D 355 -24.84 -41.83 -13.74
CA ARG D 355 -26.22 -41.54 -14.15
C ARG D 355 -26.27 -40.81 -15.49
N GLU D 356 -25.24 -40.04 -15.82
CA GLU D 356 -25.19 -39.39 -17.13
C GLU D 356 -25.35 -40.40 -18.26
N PHE D 357 -24.74 -41.58 -18.14
CA PHE D 357 -24.91 -42.61 -19.15
C PHE D 357 -26.38 -42.88 -19.42
N VAL D 358 -27.19 -43.00 -18.36
CA VAL D 358 -28.62 -43.22 -18.54
C VAL D 358 -29.23 -42.06 -19.33
N TYR D 359 -28.90 -40.82 -18.96
CA TYR D 359 -29.43 -39.67 -19.68
C TYR D 359 -28.98 -39.67 -21.13
N MET D 360 -27.84 -40.30 -21.42
CA MET D 360 -27.38 -40.36 -22.80
C MET D 360 -28.18 -41.37 -23.61
N VAL D 361 -28.68 -42.42 -22.97
CA VAL D 361 -29.38 -43.47 -23.71
C VAL D 361 -30.84 -43.10 -23.88
N GLU D 362 -31.42 -42.39 -22.93
CA GLU D 362 -32.79 -41.93 -23.08
C GLU D 362 -32.91 -40.73 -24.00
N ALA D 363 -31.80 -40.15 -24.42
CA ALA D 363 -31.80 -39.06 -25.40
C ALA D 363 -31.60 -39.55 -26.83
N GLY D 364 -31.49 -40.85 -27.05
CA GLY D 364 -31.37 -41.41 -28.37
C GLY D 364 -29.98 -41.80 -28.80
N ILE D 365 -29.01 -41.82 -27.90
CA ILE D 365 -27.63 -42.20 -28.20
C ILE D 365 -27.44 -43.65 -27.77
N PRO D 366 -26.92 -44.53 -28.64
CA PRO D 366 -26.76 -45.94 -28.26
C PRO D 366 -25.78 -46.11 -27.11
N ALA D 367 -26.00 -47.17 -26.34
CA ALA D 367 -25.18 -47.42 -25.15
C ALA D 367 -23.72 -47.69 -25.51
N ALA D 368 -23.46 -48.39 -26.62
CA ALA D 368 -22.08 -48.67 -27.02
C ALA D 368 -21.33 -47.39 -27.31
N TYR D 369 -21.95 -46.46 -28.03
CA TYR D 369 -21.32 -45.17 -28.25
C TYR D 369 -21.17 -44.38 -26.96
N ALA D 370 -22.11 -44.53 -26.03
CA ALA D 370 -22.00 -43.85 -24.74
C ALA D 370 -20.78 -44.34 -23.96
N LEU D 371 -20.53 -45.64 -23.98
CA LEU D 371 -19.35 -46.17 -23.30
C LEU D 371 -18.07 -45.80 -24.03
N GLN D 372 -18.12 -45.78 -25.36
CA GLN D 372 -16.95 -45.34 -26.13
C GLN D 372 -16.61 -43.89 -25.84
N ALA D 373 -17.61 -43.02 -25.69
CA ALA D 373 -17.38 -41.61 -25.40
C ALA D 373 -16.71 -41.39 -24.06
N ALA D 374 -16.81 -42.35 -23.14
CA ALA D 374 -16.15 -42.26 -21.84
C ALA D 374 -14.85 -43.04 -21.78
N THR D 375 -14.59 -43.94 -22.74
CA THR D 375 -13.37 -44.72 -22.71
C THR D 375 -12.37 -44.31 -23.80
N VAL D 376 -12.75 -44.40 -25.07
CA VAL D 376 -11.77 -44.25 -26.14
C VAL D 376 -11.78 -42.85 -26.74
N HIS D 377 -12.92 -42.18 -26.77
CA HIS D 377 -12.97 -40.80 -27.25
C HIS D 377 -12.44 -39.82 -26.21
N ALA D 378 -12.60 -40.13 -24.93
CA ALA D 378 -12.09 -39.27 -23.88
C ALA D 378 -10.56 -39.17 -23.93
N ALA D 379 -9.88 -40.27 -24.27
CA ALA D 379 -8.43 -40.22 -24.42
C ALA D 379 -8.02 -39.34 -25.60
N GLN D 380 -8.77 -39.40 -26.70
CA GLN D 380 -8.50 -38.51 -27.83
C GLN D 380 -8.70 -37.05 -27.43
N VAL D 381 -9.73 -36.76 -26.64
CA VAL D 381 -9.94 -35.41 -26.16
C VAL D 381 -8.78 -34.97 -25.28
N LEU D 382 -8.31 -35.84 -24.39
CA LEU D 382 -7.22 -35.50 -23.49
C LEU D 382 -5.88 -35.42 -24.21
N GLY D 383 -5.77 -36.00 -25.40
CA GLY D 383 -4.52 -35.98 -26.13
C GLY D 383 -3.48 -36.96 -25.67
N VAL D 384 -3.89 -38.05 -25.02
CA VAL D 384 -2.99 -39.09 -24.56
C VAL D 384 -3.31 -40.39 -25.28
N ASP D 385 -2.35 -41.31 -25.25
CA ASP D 385 -2.51 -42.60 -25.92
C ASP D 385 -2.14 -43.78 -25.03
N ASP D 386 -1.96 -43.56 -23.73
CA ASP D 386 -1.62 -44.63 -22.80
C ASP D 386 -2.81 -45.16 -22.03
N GLN D 387 -4.03 -44.75 -22.39
CA GLN D 387 -5.23 -45.20 -21.70
C GLN D 387 -6.40 -45.19 -22.67
N GLY D 388 -7.49 -45.84 -22.26
CA GLY D 388 -8.70 -45.83 -23.04
C GLY D 388 -9.19 -47.20 -23.47
N VAL D 389 -8.27 -48.08 -23.84
CA VAL D 389 -8.61 -49.42 -24.30
C VAL D 389 -7.77 -50.44 -23.53
N LEU D 390 -8.30 -51.66 -23.45
CA LEU D 390 -7.62 -52.76 -22.75
C LEU D 390 -6.73 -53.48 -23.75
N GLU D 391 -5.58 -52.88 -24.03
CA GLU D 391 -4.62 -53.36 -25.00
C GLU D 391 -3.23 -53.39 -24.38
N PRO D 392 -2.34 -54.24 -24.90
CA PRO D 392 -0.99 -54.30 -24.33
C PRO D 392 -0.25 -52.97 -24.44
N GLY D 393 0.56 -52.70 -23.43
CA GLY D 393 1.33 -51.47 -23.37
C GLY D 393 0.61 -50.28 -22.78
N LYS D 394 -0.61 -50.45 -22.31
CA LYS D 394 -1.42 -49.36 -21.79
C LYS D 394 -1.64 -49.51 -20.30
N ARG D 395 -2.06 -48.42 -19.67
CA ARG D 395 -2.27 -48.41 -18.23
C ARG D 395 -3.34 -49.43 -17.83
N ALA D 396 -3.14 -50.07 -16.68
CA ALA D 396 -4.04 -51.12 -16.20
C ALA D 396 -5.14 -50.51 -15.33
N ASP D 397 -6.06 -49.82 -16.00
CA ASP D 397 -7.24 -49.26 -15.36
C ASP D 397 -8.43 -50.12 -15.79
N VAL D 398 -8.95 -50.92 -14.86
CA VAL D 398 -9.98 -51.91 -15.18
C VAL D 398 -11.12 -51.78 -14.18
N ILE D 399 -12.36 -51.83 -14.68
CA ILE D 399 -13.53 -51.86 -13.82
C ILE D 399 -14.41 -53.02 -14.25
N ALA D 400 -15.29 -53.44 -13.35
CA ALA D 400 -16.19 -54.54 -13.62
C ALA D 400 -17.59 -54.21 -13.14
N LEU D 401 -18.58 -54.72 -13.86
CA LEU D 401 -19.99 -54.54 -13.53
C LEU D 401 -20.67 -55.89 -13.39
N ALA D 402 -21.68 -55.94 -12.53
CA ALA D 402 -22.43 -57.17 -12.32
C ALA D 402 -23.23 -57.54 -13.57
N GLY D 403 -23.92 -56.56 -14.17
CA GLY D 403 -24.75 -56.80 -15.31
C GLY D 403 -24.14 -56.30 -16.61
N ASN D 404 -24.75 -56.73 -17.71
CA ASN D 404 -24.31 -56.32 -19.03
C ASN D 404 -24.94 -54.98 -19.39
N PRO D 405 -24.15 -53.93 -19.63
CA PRO D 405 -24.72 -52.60 -19.87
C PRO D 405 -25.21 -52.38 -21.29
N LEU D 406 -25.01 -53.32 -22.20
CA LEU D 406 -25.49 -53.16 -23.57
C LEU D 406 -26.96 -53.54 -23.72
N GLU D 407 -27.59 -54.07 -22.68
CA GLU D 407 -29.02 -54.34 -22.67
C GLU D 407 -29.76 -53.44 -21.70
N ASP D 408 -29.29 -53.34 -20.46
CA ASP D 408 -29.84 -52.42 -19.47
C ASP D 408 -28.74 -51.44 -19.09
N ILE D 409 -29.03 -50.14 -19.23
CA ILE D 409 -28.02 -49.12 -18.94
C ILE D 409 -27.81 -48.92 -17.45
N ASN D 410 -28.83 -49.18 -16.63
CA ASN D 410 -28.71 -49.00 -15.18
C ASN D 410 -27.65 -49.90 -14.56
N ALA D 411 -27.17 -50.89 -15.30
CA ALA D 411 -26.05 -51.70 -14.83
C ALA D 411 -24.80 -50.88 -14.56
N VAL D 412 -24.68 -49.68 -15.16
CA VAL D 412 -23.53 -48.83 -14.87
C VAL D 412 -23.59 -48.25 -13.46
N LEU D 413 -24.72 -48.37 -12.77
CA LEU D 413 -24.86 -47.83 -11.43
C LEU D 413 -24.36 -48.79 -10.35
N ASP D 414 -23.92 -50.00 -10.72
CA ASP D 414 -23.47 -51.01 -9.77
C ASP D 414 -22.07 -51.47 -10.18
N VAL D 415 -21.04 -50.79 -9.69
CA VAL D 415 -19.66 -51.13 -9.98
C VAL D 415 -19.15 -52.04 -8.87
N ARG D 416 -18.55 -53.16 -9.26
CA ARG D 416 -18.10 -54.17 -8.30
C ARG D 416 -16.59 -54.22 -8.13
N PHE D 417 -15.83 -53.96 -9.18
CA PHE D 417 -14.37 -54.08 -9.15
C PHE D 417 -13.75 -52.84 -9.77
N VAL D 418 -12.79 -52.25 -9.07
CA VAL D 418 -12.08 -51.07 -9.53
C VAL D 418 -10.59 -51.27 -9.30
N MET D 419 -9.80 -51.12 -10.37
CA MET D 419 -8.34 -51.20 -10.35
C MET D 419 -7.77 -50.06 -11.15
N LYS D 420 -6.75 -49.40 -10.60
CA LYS D 420 -6.12 -48.25 -11.26
C LYS D 420 -4.61 -48.40 -11.16
N ASP D 421 -3.93 -48.29 -12.30
CA ASP D 421 -2.47 -48.40 -12.40
C ASP D 421 -1.97 -49.74 -11.85
N GLY D 422 -2.77 -50.79 -11.97
CA GLY D 422 -2.40 -52.09 -11.47
C GLY D 422 -2.69 -52.34 -10.01
N VAL D 423 -3.19 -51.35 -9.28
CA VAL D 423 -3.49 -51.46 -7.87
C VAL D 423 -4.99 -51.60 -7.71
N ILE D 424 -5.42 -52.66 -7.00
CA ILE D 424 -6.84 -52.90 -6.78
C ILE D 424 -7.34 -51.99 -5.68
N TYR D 425 -8.37 -51.21 -5.98
CA TYR D 425 -9.00 -50.34 -4.99
C TYR D 425 -10.38 -50.80 -4.55
N LYS D 426 -11.04 -51.64 -5.34
CA LYS D 426 -12.30 -52.22 -4.90
C LYS D 426 -12.43 -53.61 -5.49
N GLN D 427 -12.75 -54.59 -4.65
CA GLN D 427 -12.93 -55.96 -5.10
C GLN D 427 -13.90 -56.71 -4.18
N PRO E 22 -25.77 -49.20 20.61
CA PRO E 22 -26.14 -50.18 21.63
C PRO E 22 -25.31 -51.45 21.54
N VAL E 23 -24.10 -51.41 22.10
CA VAL E 23 -23.16 -52.52 22.00
C VAL E 23 -22.69 -52.89 23.40
N ALA E 24 -22.16 -54.10 23.54
CA ALA E 24 -21.58 -54.57 24.80
C ALA E 24 -20.21 -55.14 24.51
N VAL E 25 -19.19 -54.61 25.18
CA VAL E 25 -17.81 -55.03 25.00
C VAL E 25 -17.40 -55.86 26.21
N GLN E 26 -16.87 -57.06 25.96
CA GLN E 26 -16.50 -58.00 27.01
C GLN E 26 -14.98 -58.11 27.01
N CYS E 27 -14.34 -57.57 28.05
CA CYS E 27 -12.89 -57.57 28.17
C CYS E 27 -12.46 -58.59 29.21
N GLY E 28 -11.43 -59.37 28.87
CA GLY E 28 -10.91 -60.36 29.81
C GLY E 28 -10.25 -59.73 31.01
N ARG E 29 -9.57 -58.61 30.83
CA ARG E 29 -8.96 -57.86 31.92
C ARG E 29 -9.13 -56.37 31.67
N LEU E 30 -9.44 -55.63 32.72
CA LEU E 30 -9.71 -54.20 32.64
C LEU E 30 -8.74 -53.42 33.51
N PHE E 31 -8.35 -52.24 33.04
CA PHE E 31 -7.47 -51.36 33.78
C PHE E 31 -8.28 -50.23 34.38
N ASP E 32 -8.06 -49.97 35.67
CA ASP E 32 -8.73 -48.89 36.38
C ASP E 32 -7.78 -47.71 36.50
N ALA E 33 -8.01 -46.68 35.68
CA ALA E 33 -7.13 -45.52 35.69
C ALA E 33 -7.25 -44.71 36.97
N ARG E 34 -8.39 -44.79 37.67
CA ARG E 34 -8.55 -44.03 38.90
C ARG E 34 -7.64 -44.53 40.00
N SER E 35 -7.41 -45.85 40.06
CA SER E 35 -6.57 -46.43 41.10
C SER E 35 -5.24 -46.98 40.60
N GLY E 36 -5.12 -47.27 39.30
CA GLY E 36 -3.88 -47.79 38.78
C GLY E 36 -3.71 -49.28 38.87
N GLN E 37 -4.79 -50.03 39.04
CA GLN E 37 -4.73 -51.49 39.18
C GLN E 37 -5.44 -52.16 38.01
N LEU E 38 -5.05 -53.40 37.76
CA LEU E 38 -5.63 -54.20 36.68
C LEU E 38 -6.64 -55.16 37.28
N LYS E 39 -7.90 -55.03 36.84
CA LYS E 39 -8.98 -55.84 37.37
C LYS E 39 -9.17 -57.10 36.52
N GLY E 40 -10.26 -57.83 36.77
CA GLY E 40 -10.54 -59.04 36.05
C GLY E 40 -11.51 -58.83 34.90
N PRO E 41 -12.23 -59.88 34.51
CA PRO E 41 -13.17 -59.77 33.41
C PRO E 41 -14.26 -58.73 33.69
N HIS E 42 -14.67 -58.04 32.64
CA HIS E 42 -15.70 -57.01 32.79
C HIS E 42 -16.49 -56.88 31.49
N THR E 43 -17.68 -56.32 31.61
CA THR E 43 -18.53 -56.02 30.47
C THR E 43 -18.93 -54.55 30.53
N LEU E 44 -18.81 -53.86 29.40
CA LEU E 44 -19.13 -52.44 29.32
C LEU E 44 -20.25 -52.24 28.31
N LEU E 45 -21.31 -51.55 28.74
CA LEU E 45 -22.47 -51.30 27.87
C LEU E 45 -22.35 -49.90 27.29
N VAL E 46 -22.16 -49.81 25.98
CA VAL E 46 -21.95 -48.55 25.28
C VAL E 46 -23.23 -48.21 24.53
N ALA E 47 -23.78 -47.03 24.81
CA ALA E 47 -25.00 -46.56 24.16
C ALA E 47 -24.95 -45.04 24.05
N ASP E 48 -25.32 -44.52 22.89
CA ASP E 48 -25.39 -43.08 22.63
C ASP E 48 -24.02 -42.40 22.83
N GLY E 49 -22.95 -43.14 22.54
CA GLY E 49 -21.62 -42.58 22.60
C GLY E 49 -21.04 -42.45 23.99
N ARG E 50 -21.75 -42.89 25.02
CA ARG E 50 -21.27 -42.82 26.40
C ARG E 50 -21.18 -44.22 26.97
N ILE E 51 -20.39 -44.34 28.03
CA ILE E 51 -20.32 -45.59 28.79
C ILE E 51 -21.51 -45.62 29.73
N ARG E 52 -22.38 -46.62 29.57
CA ARG E 52 -23.63 -46.64 30.32
C ARG E 52 -23.50 -47.38 31.64
N GLN E 53 -22.91 -48.57 31.62
CA GLN E 53 -22.90 -49.39 32.83
C GLN E 53 -21.85 -50.50 32.70
N VAL E 54 -21.16 -50.76 33.80
CA VAL E 54 -20.08 -51.75 33.88
C VAL E 54 -20.55 -52.91 34.73
N LEU E 55 -20.36 -54.13 34.22
CA LEU E 55 -20.74 -55.36 34.90
C LEU E 55 -19.48 -56.13 35.26
N PRO E 56 -19.23 -56.40 36.54
CA PRO E 56 -18.13 -57.32 36.89
C PRO E 56 -18.32 -58.68 36.25
N GLY E 57 -17.20 -59.29 35.87
CA GLY E 57 -17.23 -60.60 35.25
C GLY E 57 -17.69 -60.57 33.80
N ALA E 65 -27.12 -55.59 23.02
CA ALA E 65 -27.36 -56.09 21.68
C ALA E 65 -26.15 -56.82 21.12
N ARG E 66 -25.41 -56.14 20.24
CA ARG E 66 -24.20 -56.74 19.67
C ARG E 66 -23.14 -56.94 20.74
N VAL E 67 -22.33 -57.97 20.56
CA VAL E 67 -21.29 -58.35 21.50
C VAL E 67 -19.94 -58.26 20.81
N VAL E 68 -19.02 -57.48 21.40
CA VAL E 68 -17.62 -57.45 20.99
C VAL E 68 -16.83 -58.22 22.03
N ASP E 69 -15.99 -59.14 21.56
CA ASP E 69 -15.28 -60.07 22.44
C ASP E 69 -13.79 -59.78 22.39
N LEU E 70 -13.22 -59.33 23.51
CA LEU E 70 -11.79 -59.14 23.67
C LEU E 70 -11.31 -59.88 24.91
N GLY E 71 -11.75 -61.14 25.04
CA GLY E 71 -11.52 -61.91 26.27
C GLY E 71 -10.07 -62.25 26.51
N ASP E 72 -9.23 -62.22 25.48
CA ASP E 72 -7.80 -62.48 25.62
C ASP E 72 -6.97 -61.21 25.53
N LYS E 73 -7.61 -60.05 25.63
CA LYS E 73 -6.94 -58.76 25.50
C LYS E 73 -7.18 -57.93 26.75
N VAL E 74 -6.35 -56.92 26.93
CA VAL E 74 -6.41 -56.00 28.07
C VAL E 74 -7.09 -54.72 27.60
N CYS E 75 -8.15 -54.32 28.29
CA CYS E 75 -8.91 -53.12 27.93
C CYS E 75 -8.42 -51.93 28.75
N LEU E 76 -8.33 -50.77 28.09
CA LEU E 76 -7.89 -49.53 28.70
C LEU E 76 -8.69 -48.37 28.12
N PRO E 77 -8.77 -47.25 28.83
CA PRO E 77 -9.31 -46.03 28.22
C PRO E 77 -8.41 -45.53 27.11
N GLY E 78 -9.00 -44.82 26.16
CA GLY E 78 -8.21 -44.25 25.09
C GLY E 78 -7.20 -43.23 25.60
N TRP E 79 -6.02 -43.24 25.02
CA TRP E 79 -4.93 -42.40 25.48
C TRP E 79 -5.11 -40.97 24.97
N THR E 80 -4.43 -40.04 25.66
CA THR E 80 -4.40 -38.65 25.27
C THR E 80 -2.94 -38.20 25.17
N ASP E 81 -2.60 -37.55 24.07
CA ASP E 81 -1.27 -36.99 23.86
C ASP E 81 -1.38 -35.47 23.96
N LEU E 82 -0.73 -34.89 24.96
CA LEU E 82 -0.92 -33.48 25.29
C LEU E 82 0.03 -32.56 24.55
N HIS E 83 0.86 -33.07 23.64
CA HIS E 83 1.77 -32.21 22.87
C HIS E 83 1.98 -32.86 21.51
N VAL E 84 1.25 -32.39 20.50
CA VAL E 84 1.43 -32.83 19.11
C VAL E 84 1.39 -31.62 18.20
N HIS E 85 1.94 -31.79 17.00
CA HIS E 85 1.86 -30.80 15.92
C HIS E 85 1.41 -31.55 14.68
N LEU E 86 0.11 -31.68 14.48
CA LEU E 86 -0.45 -32.47 13.40
C LEU E 86 -0.32 -31.80 12.04
N GLY E 87 0.09 -30.54 11.99
CA GLY E 87 0.29 -29.83 10.74
C GLY E 87 1.71 -29.85 10.20
N SER E 88 2.59 -30.68 10.74
CA SER E 88 3.97 -30.74 10.28
C SER E 88 4.59 -32.06 10.69
N GLN E 89 5.73 -32.36 10.09
CA GLN E 89 6.55 -33.51 10.49
C GLN E 89 7.97 -33.26 10.04
N SER E 90 8.93 -33.45 10.94
CA SER E 90 10.32 -33.10 10.66
C SER E 90 10.88 -33.98 9.55
N SER E 91 11.67 -33.35 8.67
CA SER E 91 12.25 -34.02 7.52
C SER E 91 13.49 -33.24 7.10
N PRO E 92 14.33 -33.80 6.23
CA PRO E 92 15.49 -33.04 5.73
C PRO E 92 15.11 -31.79 4.94
N GLN E 93 13.87 -31.70 4.45
CA GLN E 93 13.44 -30.57 3.64
C GLN E 93 12.57 -29.57 4.42
N SER E 94 12.57 -29.67 5.75
CA SER E 94 11.65 -28.87 6.55
C SER E 94 11.93 -27.37 6.41
N TYR E 95 13.19 -26.98 6.52
CA TYR E 95 13.53 -25.57 6.65
C TYR E 95 13.43 -24.79 5.34
N SER E 96 12.78 -25.37 4.32
CA SER E 96 12.42 -24.64 3.12
C SER E 96 10.92 -24.63 2.88
N GLU E 97 10.14 -25.46 3.59
CA GLU E 97 8.71 -25.56 3.33
C GLU E 97 7.97 -24.26 3.59
N ASP E 98 8.56 -23.32 4.33
CA ASP E 98 7.93 -22.03 4.55
C ASP E 98 7.90 -21.17 3.31
N PHE E 99 8.64 -21.53 2.25
CA PHE E 99 8.72 -20.72 1.06
C PHE E 99 8.21 -21.43 -0.19
N ARG E 100 7.96 -22.73 -0.14
CA ARG E 100 7.57 -23.50 -1.31
C ARG E 100 6.22 -24.19 -1.20
N LEU E 101 5.65 -24.31 -0.02
CA LEU E 101 4.44 -25.09 0.20
C LEU E 101 3.30 -24.21 0.68
N ASP E 102 2.09 -24.56 0.27
CA ASP E 102 0.85 -23.91 0.65
C ASP E 102 0.16 -24.67 1.78
N PRO E 103 -0.77 -24.02 2.50
CA PRO E 103 -1.48 -24.72 3.57
C PRO E 103 -2.25 -25.96 3.12
N VAL E 104 -2.77 -25.99 1.89
CA VAL E 104 -3.50 -27.16 1.41
C VAL E 104 -2.58 -28.36 1.31
N ASP E 105 -1.33 -28.13 0.90
CA ASP E 105 -0.34 -29.21 0.87
C ASP E 105 -0.12 -29.80 2.26
N HIS E 106 -0.15 -28.95 3.29
CA HIS E 106 -0.01 -29.44 4.65
C HIS E 106 -1.25 -30.18 5.13
N ALA E 107 -2.44 -29.72 4.72
CA ALA E 107 -3.67 -30.39 5.11
C ALA E 107 -3.75 -31.80 4.53
N PHE E 108 -3.30 -31.96 3.29
CA PHE E 108 -3.32 -33.28 2.67
C PHE E 108 -2.41 -34.27 3.41
N ARG E 109 -1.31 -33.78 3.99
CA ARG E 109 -0.47 -34.64 4.84
C ARG E 109 -1.11 -34.86 6.21
N ALA E 110 -1.75 -33.83 6.74
CA ALA E 110 -2.37 -33.92 8.05
C ALA E 110 -3.49 -34.96 8.09
N VAL E 111 -4.15 -35.20 6.95
CA VAL E 111 -5.17 -36.25 6.93
C VAL E 111 -4.56 -37.60 7.32
N GLY E 112 -3.46 -37.98 6.67
CA GLY E 112 -2.79 -39.22 7.02
C GLY E 112 -2.17 -39.20 8.40
N TYR E 113 -1.62 -38.05 8.81
CA TYR E 113 -1.06 -37.95 10.15
C TYR E 113 -2.10 -38.23 11.21
N ALA E 114 -3.29 -37.62 11.08
CA ALA E 114 -4.36 -37.83 12.04
C ALA E 114 -4.86 -39.27 12.00
N GLU E 115 -4.95 -39.86 10.80
CA GLU E 115 -5.37 -41.25 10.72
C GLU E 115 -4.40 -42.16 11.47
N LYS E 116 -3.10 -41.97 11.27
CA LYS E 116 -2.11 -42.78 11.99
C LYS E 116 -2.16 -42.55 13.49
N THR E 117 -2.33 -41.30 13.92
CA THR E 117 -2.42 -40.99 15.35
C THR E 117 -3.61 -41.71 15.99
N LEU E 118 -4.78 -41.63 15.35
CA LEU E 118 -5.95 -42.32 15.89
C LEU E 118 -5.74 -43.82 15.89
N MET E 119 -5.16 -44.36 14.82
CA MET E 119 -4.97 -45.81 14.72
C MET E 119 -3.95 -46.33 15.73
N ALA E 120 -3.05 -45.48 16.21
CA ALA E 120 -2.03 -45.91 17.17
C ALA E 120 -2.57 -46.03 18.60
N GLY E 121 -3.81 -45.64 18.84
CA GLY E 121 -4.42 -45.77 20.15
C GLY E 121 -4.72 -44.46 20.86
N PHE E 122 -4.46 -43.32 20.23
CA PHE E 122 -4.67 -42.01 20.85
C PHE E 122 -5.95 -41.41 20.30
N THR E 123 -7.00 -41.41 21.12
CA THR E 123 -8.30 -40.88 20.73
C THR E 123 -8.45 -39.40 21.03
N SER E 124 -7.47 -38.77 21.66
CA SER E 124 -7.52 -37.36 21.99
C SER E 124 -6.12 -36.79 21.93
N VAL E 125 -6.00 -35.57 21.40
CA VAL E 125 -4.72 -34.88 21.32
C VAL E 125 -4.89 -33.41 21.64
N ARG E 126 -3.82 -32.80 22.14
CA ARG E 126 -3.73 -31.36 22.35
C ARG E 126 -2.67 -30.81 21.39
N ASP E 127 -3.13 -30.10 20.37
CA ASP E 127 -2.23 -29.50 19.39
C ASP E 127 -1.74 -28.16 19.91
N LEU E 128 -0.42 -27.98 19.93
CA LEU E 128 0.22 -26.84 20.59
C LEU E 128 0.83 -25.85 19.61
N GLY E 129 0.22 -25.71 18.44
CA GLY E 129 0.70 -24.74 17.47
C GLY E 129 0.45 -25.13 16.03
N GLY E 130 -0.03 -24.18 15.24
CA GLY E 130 -0.36 -24.43 13.85
C GLY E 130 -1.71 -23.87 13.46
N GLU E 131 -1.80 -23.32 12.25
CA GLU E 131 -3.03 -22.69 11.77
C GLU E 131 -3.91 -23.66 10.99
N VAL E 132 -3.45 -24.88 10.75
CA VAL E 132 -4.26 -25.87 10.03
C VAL E 132 -5.05 -26.75 11.00
N SER E 133 -4.55 -26.93 12.22
CA SER E 133 -5.18 -27.85 13.17
C SER E 133 -6.63 -27.51 13.52
N PRO E 134 -7.03 -26.26 13.74
CA PRO E 134 -8.47 -26.00 13.99
C PRO E 134 -9.37 -26.44 12.84
N HIS E 135 -8.92 -26.26 11.59
CA HIS E 135 -9.69 -26.72 10.45
C HIS E 135 -9.78 -28.23 10.42
N LEU E 136 -8.69 -28.92 10.75
CA LEU E 136 -8.72 -30.38 10.83
C LEU E 136 -9.65 -30.86 11.94
N ARG E 137 -9.68 -30.14 13.06
CA ARG E 137 -10.61 -30.47 14.14
C ARG E 137 -12.05 -30.32 13.68
N ASP E 138 -12.36 -29.23 12.98
CA ASP E 138 -13.71 -29.05 12.45
C ASP E 138 -14.07 -30.14 11.46
N ALA E 139 -13.13 -30.52 10.59
CA ALA E 139 -13.39 -31.57 9.62
C ALA E 139 -13.64 -32.91 10.29
N ILE E 140 -12.85 -33.25 11.32
CA ILE E 140 -13.06 -34.50 12.04
C ILE E 140 -14.40 -34.48 12.76
N ASN E 141 -14.76 -33.35 13.37
CA ASN E 141 -16.04 -33.26 14.06
C ASN E 141 -17.21 -33.42 13.09
N GLN E 142 -17.10 -32.84 11.89
CA GLN E 142 -18.14 -33.01 10.89
C GLN E 142 -18.16 -34.40 10.27
N GLY E 143 -17.11 -35.19 10.46
CA GLY E 143 -17.07 -36.54 9.94
C GLY E 143 -16.43 -36.70 8.58
N LEU E 144 -15.80 -35.65 8.05
CA LEU E 144 -15.21 -35.74 6.72
C LEU E 144 -13.98 -36.65 6.70
N VAL E 145 -13.17 -36.61 7.76
CA VAL E 145 -11.96 -37.41 7.85
C VAL E 145 -11.93 -38.06 9.23
N ARG E 146 -11.13 -39.12 9.34
CA ARG E 146 -10.95 -39.84 10.59
C ARG E 146 -9.76 -39.28 11.35
N GLY E 147 -9.90 -39.19 12.66
CA GLY E 147 -8.84 -38.73 13.52
C GLY E 147 -9.26 -38.68 14.96
N PRO E 148 -8.35 -38.25 15.84
CA PRO E 148 -8.68 -38.12 17.26
C PRO E 148 -9.47 -36.84 17.53
N ARG E 149 -9.81 -36.66 18.80
CA ARG E 149 -10.50 -35.46 19.25
C ARG E 149 -9.44 -34.41 19.61
N ILE E 150 -9.52 -33.26 18.94
CA ILE E 150 -8.43 -32.28 18.94
C ILE E 150 -8.80 -31.11 19.84
N PHE E 151 -7.90 -30.73 20.74
CA PHE E 151 -7.94 -29.46 21.44
C PHE E 151 -6.80 -28.62 20.89
N ALA E 152 -7.13 -27.59 20.12
CA ALA E 152 -6.16 -26.85 19.34
C ALA E 152 -5.90 -25.48 19.96
N ALA E 153 -4.65 -25.03 19.88
CA ALA E 153 -4.27 -23.72 20.38
C ALA E 153 -4.19 -22.66 19.30
N GLY E 154 -4.01 -23.04 18.04
CA GLY E 154 -3.86 -22.08 16.97
C GLY E 154 -2.45 -21.55 16.88
N LYS E 155 -2.32 -20.26 16.59
CA LYS E 155 -1.00 -19.63 16.54
C LYS E 155 -0.41 -19.52 17.95
N SER E 156 0.89 -19.68 18.04
CA SER E 156 1.60 -19.54 19.31
C SER E 156 2.03 -18.09 19.51
N ILE E 157 1.93 -17.62 20.75
CA ILE E 157 2.25 -16.23 21.08
C ILE E 157 3.70 -16.14 21.51
N ALA E 158 4.45 -15.23 20.89
CA ALA E 158 5.86 -15.00 21.20
C ALA E 158 6.13 -13.51 21.20
N THR E 159 7.38 -13.15 21.46
CA THR E 159 7.86 -11.78 21.37
C THR E 159 8.71 -11.61 20.12
N THR E 160 9.20 -10.39 19.90
CA THR E 160 10.03 -10.12 18.74
C THR E 160 11.32 -10.91 18.82
N GLY E 161 11.61 -11.70 17.78
CA GLY E 161 12.75 -12.57 17.78
C GLY E 161 12.59 -13.82 18.61
N GLY E 162 11.37 -14.13 19.05
CA GLY E 162 11.14 -15.27 19.92
C GLY E 162 11.19 -16.60 19.19
N HIS E 163 11.03 -17.66 19.98
CA HIS E 163 11.10 -19.01 19.43
C HIS E 163 9.99 -19.27 18.41
N ALA E 164 8.82 -18.67 18.60
CA ALA E 164 7.69 -18.85 17.71
C ALA E 164 7.47 -17.67 16.77
N ASP E 165 8.47 -16.82 16.60
CA ASP E 165 8.37 -15.72 15.66
C ASP E 165 8.38 -16.27 14.24
N PRO E 166 7.35 -15.99 13.42
CA PRO E 166 7.27 -16.59 12.09
C PRO E 166 8.16 -15.95 11.03
N THR E 167 9.03 -15.01 11.42
CA THR E 167 9.86 -14.28 10.48
C THR E 167 11.35 -14.48 10.75
N ASN E 168 11.71 -15.18 11.83
CA ASN E 168 13.10 -15.44 12.15
C ASN E 168 13.81 -16.12 10.99
N GLY E 169 14.99 -15.59 10.64
CA GLY E 169 15.81 -16.18 9.60
C GLY E 169 15.58 -15.67 8.19
N TRP E 170 14.58 -14.82 7.98
CA TRP E 170 14.32 -14.27 6.66
C TRP E 170 15.29 -13.14 6.36
N ASN E 171 15.59 -12.96 5.06
CA ASN E 171 16.47 -11.87 4.67
C ASN E 171 15.71 -10.54 4.73
N GLU E 172 16.44 -9.45 4.48
CA GLU E 172 15.86 -8.11 4.63
C GLU E 172 14.72 -7.87 3.64
N ARG E 173 14.84 -8.37 2.42
CA ARG E 173 13.83 -8.12 1.41
C ARG E 173 12.49 -8.74 1.79
N LEU E 174 12.49 -10.04 2.14
CA LEU E 174 11.26 -10.70 2.53
C LEU E 174 10.68 -10.10 3.80
N ALA E 175 11.52 -9.80 4.78
CA ALA E 175 11.06 -9.21 6.03
C ALA E 175 10.44 -7.83 5.82
N HIS E 176 10.98 -7.03 4.90
CA HIS E 176 10.33 -5.78 4.54
C HIS E 176 9.02 -6.01 3.80
N LEU E 177 8.96 -7.05 2.96
CA LEU E 177 7.73 -7.35 2.23
C LEU E 177 6.60 -7.72 3.17
N VAL E 178 6.87 -8.53 4.19
CA VAL E 178 5.81 -8.93 5.11
C VAL E 178 5.59 -7.86 6.18
N GLY E 179 6.63 -7.13 6.58
CA GLY E 179 6.54 -6.20 7.67
C GLY E 179 6.79 -6.86 9.02
N ALA E 180 6.93 -6.02 10.03
CA ALA E 180 7.16 -6.53 11.39
C ALA E 180 5.88 -7.14 11.93
N PRO E 181 5.91 -8.39 12.40
CA PRO E 181 4.68 -9.01 12.92
C PRO E 181 4.18 -8.34 14.18
N GLY E 182 2.86 -8.32 14.34
CA GLY E 182 2.24 -7.72 15.49
C GLY E 182 1.35 -8.70 16.24
N PRO E 183 0.44 -8.18 17.05
CA PRO E 183 -0.45 -9.08 17.83
C PRO E 183 -1.31 -9.98 16.98
N ALA E 184 -1.72 -9.53 15.78
CA ALA E 184 -2.52 -10.39 14.92
C ALA E 184 -1.74 -11.62 14.47
N GLU E 185 -0.44 -11.47 14.23
CA GLU E 185 0.43 -12.57 13.84
C GLU E 185 0.98 -13.34 15.04
N GLY E 186 0.71 -12.89 16.26
CA GLY E 186 1.14 -13.59 17.45
C GLY E 186 2.35 -13.03 18.15
N VAL E 187 2.86 -11.87 17.74
CA VAL E 187 4.07 -11.28 18.32
C VAL E 187 3.65 -10.09 19.19
N VAL E 188 4.03 -10.13 20.46
CA VAL E 188 3.64 -9.10 21.41
C VAL E 188 4.89 -8.53 22.07
N ASN E 189 4.79 -7.28 22.52
CA ASN E 189 5.89 -6.65 23.23
C ASN E 189 5.41 -5.80 24.40
N SER E 190 4.12 -5.86 24.76
CA SER E 190 3.60 -5.09 25.88
C SER E 190 2.36 -5.79 26.42
N VAL E 191 1.79 -5.21 27.48
CA VAL E 191 0.63 -5.81 28.13
C VAL E 191 -0.60 -5.72 27.22
N ASP E 192 -0.83 -4.55 26.62
CA ASP E 192 -1.98 -4.38 25.73
C ASP E 192 -1.86 -5.27 24.50
N GLU E 193 -0.66 -5.40 23.94
CA GLU E 193 -0.46 -6.30 22.81
C GLU E 193 -0.75 -7.75 23.18
N ALA E 194 -0.35 -8.19 24.36
CA ALA E 194 -0.65 -9.53 24.81
C ALA E 194 -2.14 -9.75 24.99
N ARG E 195 -2.84 -8.76 25.55
CA ARG E 195 -4.30 -8.84 25.65
C ARG E 195 -4.94 -8.99 24.27
N GLN E 196 -4.52 -8.15 23.32
CA GLN E 196 -5.08 -8.22 21.97
C GLN E 196 -4.76 -9.54 21.29
N ALA E 197 -3.56 -10.10 21.53
CA ALA E 197 -3.20 -11.37 20.93
C ALA E 197 -4.05 -12.52 21.48
N VAL E 198 -4.31 -12.50 22.79
CA VAL E 198 -5.19 -13.53 23.36
C VAL E 198 -6.59 -13.41 22.77
N ARG E 199 -7.10 -12.18 22.65
CA ARG E 199 -8.42 -11.99 22.04
C ARG E 199 -8.44 -12.40 20.57
N GLN E 200 -7.33 -12.21 19.86
CA GLN E 200 -7.24 -12.61 18.46
C GLN E 200 -7.20 -14.12 18.30
N ARG E 201 -6.53 -14.83 19.22
CA ARG E 201 -6.60 -16.29 19.21
C ARG E 201 -8.00 -16.77 19.53
N TYR E 202 -8.69 -16.10 20.44
CA TYR E 202 -10.09 -16.44 20.70
C TYR E 202 -10.95 -16.22 19.45
N LYS E 203 -10.69 -15.14 18.71
CA LYS E 203 -11.46 -14.84 17.52
C LYS E 203 -11.29 -15.90 16.43
N GLU E 204 -10.15 -16.58 16.40
CA GLU E 204 -9.84 -17.55 15.36
C GLU E 204 -10.24 -18.97 15.72
N GLY E 205 -10.92 -19.17 16.84
CA GLY E 205 -11.43 -20.49 17.19
C GLY E 205 -10.44 -21.37 17.92
N SER E 206 -9.70 -20.81 18.87
CA SER E 206 -8.75 -21.59 19.66
C SER E 206 -9.44 -22.15 20.90
N ASP E 207 -8.90 -23.26 21.40
CA ASP E 207 -9.38 -23.87 22.62
C ASP E 207 -8.49 -23.59 23.82
N LEU E 208 -7.28 -23.06 23.60
CA LEU E 208 -6.36 -22.74 24.68
C LEU E 208 -5.29 -21.80 24.12
N ILE E 209 -4.34 -21.43 24.98
CA ILE E 209 -3.28 -20.51 24.61
C ILE E 209 -1.91 -21.18 24.76
N KCX E 210 -1.00 -20.85 23.85
CA KCX E 210 0.38 -21.35 23.90
CB KCX E 210 0.61 -22.37 22.78
CG KCX E 210 1.44 -23.58 23.18
CD KCX E 210 2.83 -23.20 23.65
CE KCX E 210 3.77 -24.40 23.63
NZ KCX E 210 4.07 -24.80 22.24
C KCX E 210 1.37 -20.20 23.78
O KCX E 210 1.28 -19.39 22.87
CX KCX E 210 5.09 -25.59 21.98
OQ1 KCX E 210 5.83 -26.00 22.89
OQ2 KCX E 210 5.34 -25.93 20.80
N ILE E 211 2.31 -20.11 24.72
CA ILE E 211 3.37 -19.12 24.64
C ILE E 211 4.74 -19.79 24.71
N THR E 212 5.76 -19.12 24.16
CA THR E 212 7.14 -19.57 24.26
C THR E 212 7.86 -18.62 25.22
N ALA E 213 8.08 -19.10 26.45
CA ALA E 213 8.68 -18.25 27.47
C ALA E 213 10.17 -18.03 27.25
N THR E 214 10.85 -18.99 26.62
CA THR E 214 12.28 -18.87 26.36
C THR E 214 12.59 -19.16 24.89
N GLY E 215 13.87 -19.28 24.56
CA GLY E 215 14.28 -19.71 23.25
C GLY E 215 14.10 -21.21 23.08
N GLY E 216 14.37 -21.68 21.86
CA GLY E 216 14.16 -23.07 21.52
C GLY E 216 15.29 -23.64 20.69
N VAL E 217 15.12 -24.89 20.29
CA VAL E 217 16.13 -25.60 19.52
C VAL E 217 15.90 -25.45 18.02
N LEU E 218 14.67 -25.66 17.56
CA LEU E 218 14.39 -25.76 16.13
C LEU E 218 14.14 -24.41 15.47
N SER E 219 14.18 -23.31 16.22
CA SER E 219 14.00 -22.00 15.62
C SER E 219 15.30 -21.52 14.97
N TYR E 220 15.14 -20.62 14.01
CA TYR E 220 16.29 -20.05 13.29
C TYR E 220 16.83 -18.82 14.03
N ALA E 221 17.14 -19.00 15.32
CA ALA E 221 17.60 -17.93 16.18
C ALA E 221 18.85 -18.38 16.93
N ARG E 222 19.55 -17.39 17.50
CA ARG E 222 20.84 -17.68 18.14
C ARG E 222 20.66 -18.39 19.48
N SER E 223 19.69 -17.96 20.28
CA SER E 223 19.57 -18.44 21.65
C SER E 223 18.71 -19.70 21.72
N GLY E 224 18.90 -20.45 22.81
CA GLY E 224 18.15 -21.66 23.04
C GLY E 224 17.42 -21.68 24.37
N ASP E 225 17.82 -20.84 25.31
CA ASP E 225 17.17 -20.84 26.62
C ASP E 225 17.08 -19.46 27.27
N ALA E 226 17.35 -18.38 26.55
CA ALA E 226 17.32 -17.05 27.16
C ALA E 226 15.88 -16.64 27.49
N PRO E 227 15.68 -15.85 28.55
CA PRO E 227 14.33 -15.42 28.92
C PRO E 227 13.80 -14.39 27.92
N GLN E 228 12.65 -14.69 27.32
CA GLN E 228 12.09 -13.88 26.26
C GLN E 228 10.72 -13.30 26.59
N PHE E 229 10.29 -13.40 27.85
CA PHE E 229 9.05 -12.80 28.31
C PHE E 229 9.31 -12.11 29.63
N THR E 230 8.59 -11.03 29.89
CA THR E 230 8.61 -10.38 31.19
C THR E 230 7.43 -10.84 32.02
N VAL E 231 7.52 -10.61 33.33
CA VAL E 231 6.48 -11.08 34.25
C VAL E 231 5.16 -10.39 33.94
N ASP E 232 5.19 -9.10 33.63
CA ASP E 232 3.97 -8.36 33.32
C ASP E 232 3.28 -8.92 32.08
N GLU E 233 4.04 -9.26 31.04
CA GLU E 233 3.45 -9.77 29.81
C GLU E 233 2.79 -11.14 30.03
N ILE E 234 3.46 -12.04 30.76
CA ILE E 234 2.88 -13.35 31.01
C ILE E 234 1.65 -13.22 31.91
N LYS E 235 1.71 -12.32 32.90
CA LYS E 235 0.55 -12.11 33.76
C LYS E 235 -0.63 -11.57 32.96
N ALA E 236 -0.37 -10.65 32.03
CA ALA E 236 -1.43 -10.15 31.16
C ALA E 236 -2.02 -11.26 30.29
N VAL E 237 -1.17 -12.14 29.75
CA VAL E 237 -1.65 -13.25 28.93
C VAL E 237 -2.56 -14.16 29.76
N VAL E 238 -2.11 -14.53 30.96
CA VAL E 238 -2.89 -15.44 31.80
C VAL E 238 -4.20 -14.79 32.23
N ASP E 239 -4.16 -13.52 32.62
CA ASP E 239 -5.37 -12.83 33.07
C ASP E 239 -6.37 -12.67 31.92
N THR E 240 -5.90 -12.39 30.71
CA THR E 240 -6.81 -12.31 29.58
C THR E 240 -7.41 -13.66 29.24
N ALA E 241 -6.59 -14.72 29.26
CA ALA E 241 -7.09 -16.05 28.94
C ALA E 241 -8.09 -16.54 29.96
N ARG E 242 -7.94 -16.14 31.23
CA ARG E 242 -8.88 -16.55 32.26
C ARG E 242 -10.28 -16.00 32.01
N ASP E 243 -10.38 -14.79 31.46
CA ASP E 243 -11.69 -14.22 31.15
C ASP E 243 -12.41 -15.03 30.08
N TYR E 244 -11.68 -15.52 29.08
CA TYR E 244 -12.25 -16.27 27.98
C TYR E 244 -12.26 -17.78 28.23
N GLY E 245 -11.87 -18.21 29.43
CA GLY E 245 -11.94 -19.62 29.80
C GLY E 245 -10.87 -20.50 29.18
N PHE E 246 -9.67 -19.99 28.97
CA PHE E 246 -8.58 -20.73 28.38
C PHE E 246 -7.56 -21.13 29.44
N ARG E 247 -6.80 -22.17 29.12
CA ARG E 247 -5.62 -22.56 29.88
C ARG E 247 -4.37 -22.25 29.07
N VAL E 248 -3.27 -21.99 29.76
CA VAL E 248 -2.03 -21.53 29.13
C VAL E 248 -0.95 -22.60 29.31
N ALA E 249 -0.34 -23.00 28.20
CA ALA E 249 0.83 -23.88 28.20
C ALA E 249 2.04 -23.08 27.75
N ALA E 250 3.13 -23.23 28.51
CA ALA E 250 4.35 -22.45 28.22
C ALA E 250 5.52 -23.36 27.83
N HIS E 251 6.08 -23.17 26.64
CA HIS E 251 7.32 -23.87 26.24
C HIS E 251 8.49 -23.18 26.95
N ALA E 252 9.32 -23.92 27.69
CA ALA E 252 10.41 -23.29 28.45
C ALA E 252 11.63 -24.20 28.62
N HIS E 253 12.82 -23.72 28.24
CA HIS E 253 14.04 -24.45 28.49
C HIS E 253 14.85 -23.84 29.62
N GLY E 254 15.08 -22.53 29.60
CA GLY E 254 15.90 -21.86 30.64
C GLY E 254 15.20 -21.67 31.97
N THR E 255 15.96 -21.60 33.07
CA THR E 255 15.38 -21.51 34.44
C THR E 255 14.71 -20.15 34.72
N GLU E 256 15.23 -19.04 34.20
CA GLU E 256 14.66 -17.70 34.46
C GLU E 256 13.27 -17.55 33.82
N GLY E 257 13.12 -17.91 32.55
CA GLY E 257 11.85 -17.82 31.88
C GLY E 257 10.83 -18.81 32.41
N MET E 258 11.28 -20.03 32.72
CA MET E 258 10.39 -21.03 33.29
C MET E 258 9.91 -20.61 34.68
N LYS E 259 10.79 -20.01 35.49
CA LYS E 259 10.38 -19.47 36.78
C LYS E 259 9.33 -18.39 36.62
N ARG E 260 9.54 -17.48 35.66
CA ARG E 260 8.56 -16.42 35.42
C ARG E 260 7.21 -17.01 35.00
N ALA E 261 7.23 -18.00 34.11
CA ALA E 261 5.99 -18.63 33.66
C ALA E 261 5.27 -19.32 34.81
N VAL E 262 6.01 -20.04 35.66
CA VAL E 262 5.40 -20.72 36.80
C VAL E 262 4.81 -19.72 37.78
N GLN E 263 5.53 -18.63 38.07
CA GLN E 263 5.02 -17.66 39.02
C GLN E 263 3.88 -16.82 38.47
N ALA E 264 3.76 -16.71 37.14
CA ALA E 264 2.64 -15.97 36.56
C ALA E 264 1.33 -16.74 36.66
N GLY E 265 1.37 -18.07 36.57
CA GLY E 265 0.16 -18.86 36.70
C GLY E 265 -0.22 -19.68 35.49
N VAL E 266 0.77 -20.13 34.71
CA VAL E 266 0.46 -21.01 33.59
C VAL E 266 0.04 -22.39 34.11
N THR E 267 -0.64 -23.13 33.24
CA THR E 267 -1.20 -24.42 33.64
C THR E 267 -0.18 -25.55 33.53
N SER E 268 0.61 -25.57 32.46
CA SER E 268 1.60 -26.61 32.25
C SER E 268 2.89 -26.00 31.72
N ILE E 269 3.99 -26.72 31.93
CA ILE E 269 5.32 -26.33 31.47
C ILE E 269 5.82 -27.41 30.52
N GLU E 270 6.40 -26.99 29.39
CA GLU E 270 6.84 -27.89 28.35
C GLU E 270 8.36 -28.00 28.33
N HIS E 271 8.86 -29.24 28.32
CA HIS E 271 10.25 -29.68 28.18
C HIS E 271 11.13 -29.43 29.40
N GLY E 272 10.73 -28.54 30.31
CA GLY E 272 11.38 -28.35 31.59
C GLY E 272 12.89 -28.56 31.66
N THR E 273 13.64 -28.07 30.66
CA THR E 273 14.98 -28.60 30.42
C THR E 273 15.95 -28.27 31.55
N TYR E 274 15.95 -27.03 32.02
CA TYR E 274 16.91 -26.58 33.03
C TYR E 274 16.23 -26.33 34.37
N MET E 275 15.30 -27.20 34.74
CA MET E 275 14.57 -27.05 35.99
C MET E 275 15.46 -27.39 37.18
N ASP E 276 15.37 -26.57 38.23
CA ASP E 276 16.15 -26.80 39.44
C ASP E 276 15.28 -26.83 40.69
N ASP E 277 15.92 -26.83 41.87
CA ASP E 277 15.18 -27.03 43.12
C ASP E 277 14.17 -25.93 43.38
N GLU E 278 14.56 -24.67 43.16
CA GLU E 278 13.65 -23.56 43.39
C GLU E 278 12.44 -23.64 42.47
N VAL E 279 12.67 -23.94 41.19
CA VAL E 279 11.56 -24.09 40.26
C VAL E 279 10.68 -25.27 40.68
N MET E 280 11.28 -26.39 41.08
CA MET E 280 10.49 -27.54 41.49
C MET E 280 9.61 -27.22 42.69
N ARG E 281 10.15 -26.49 43.66
CA ARG E 281 9.34 -26.05 44.80
C ARG E 281 8.19 -25.17 44.34
N LEU E 282 8.48 -24.26 43.39
CA LEU E 282 7.43 -23.38 42.89
C LEU E 282 6.32 -24.15 42.20
N MET E 283 6.66 -25.13 41.37
CA MET E 283 5.63 -25.94 40.71
C MET E 283 4.85 -26.77 41.73
N LYS E 284 5.54 -27.34 42.71
CA LYS E 284 4.84 -28.13 43.72
C LYS E 284 3.85 -27.29 44.51
N GLN E 285 4.25 -26.06 44.86
CA GLN E 285 3.36 -25.20 45.62
C GLN E 285 2.23 -24.64 44.76
N HIS E 286 2.50 -24.34 43.49
CA HIS E 286 1.50 -23.80 42.59
C HIS E 286 0.61 -24.86 41.97
N GLY E 287 1.04 -26.11 41.94
CA GLY E 287 0.27 -27.16 41.31
C GLY E 287 0.40 -27.23 39.80
N THR E 288 1.51 -26.76 39.25
CA THR E 288 1.71 -26.75 37.80
C THR E 288 2.05 -28.14 37.29
N TRP E 289 1.51 -28.47 36.12
CA TRP E 289 1.81 -29.75 35.48
C TRP E 289 3.07 -29.65 34.63
N TYR E 290 3.76 -30.76 34.49
CA TYR E 290 5.03 -30.84 33.77
C TYR E 290 4.93 -31.86 32.66
N VAL E 291 5.36 -31.49 31.47
CA VAL E 291 5.33 -32.34 30.29
C VAL E 291 6.74 -32.50 29.76
N PRO E 292 7.38 -33.65 29.99
CA PRO E 292 8.80 -33.79 29.65
C PRO E 292 9.09 -33.90 28.16
N THR E 293 8.31 -34.70 27.41
CA THR E 293 8.53 -34.97 25.99
C THR E 293 9.91 -35.62 25.75
N PHE E 294 10.01 -36.87 26.21
CA PHE E 294 11.22 -37.66 25.98
C PHE E 294 11.52 -37.81 24.50
N TYR E 295 10.48 -38.08 23.70
CA TYR E 295 10.66 -38.43 22.29
C TYR E 295 11.34 -37.33 21.52
N ALA E 296 10.93 -36.07 21.75
CA ALA E 296 11.50 -34.95 21.01
C ALA E 296 12.98 -34.79 21.30
N GLY E 297 13.37 -34.88 22.58
CA GLY E 297 14.78 -34.78 22.93
C GLY E 297 15.61 -35.90 22.32
N ARG E 298 15.10 -37.14 22.41
CA ARG E 298 15.83 -38.25 21.79
C ARG E 298 15.98 -38.06 20.28
N PHE E 299 14.90 -37.62 19.61
CA PHE E 299 14.95 -37.44 18.17
C PHE E 299 15.94 -36.36 17.77
N VAL E 300 15.93 -35.22 18.47
CA VAL E 300 16.86 -34.15 18.09
C VAL E 300 18.29 -34.56 18.39
N THR E 301 18.53 -35.30 19.48
CA THR E 301 19.87 -35.78 19.76
C THR E 301 20.35 -36.74 18.67
N GLU E 302 19.48 -37.63 18.22
CA GLU E 302 19.88 -38.56 17.15
C GLU E 302 20.14 -37.81 15.84
N LYS E 303 19.31 -36.83 15.50
CA LYS E 303 19.43 -36.15 14.23
C LYS E 303 20.51 -35.07 14.23
N ALA E 304 21.02 -34.67 15.40
CA ALA E 304 22.11 -33.71 15.44
C ALA E 304 23.46 -34.33 15.06
N ALA E 305 23.53 -35.66 14.95
CA ALA E 305 24.75 -36.32 14.53
C ALA E 305 24.80 -36.58 13.04
N ILE E 306 23.80 -36.15 12.30
CA ILE E 306 23.77 -36.31 10.84
C ILE E 306 24.14 -34.97 10.20
N ASP E 307 25.08 -35.01 9.27
CA ASP E 307 25.58 -33.78 8.66
C ASP E 307 24.58 -33.25 7.64
N GLY E 308 24.18 -31.99 7.81
CA GLY E 308 23.30 -31.33 6.87
C GLY E 308 21.82 -31.48 7.15
N TYR E 309 21.44 -32.30 8.13
CA TYR E 309 20.02 -32.45 8.45
C TYR E 309 19.44 -31.16 9.00
N PHE E 310 20.09 -30.56 9.99
CA PHE E 310 19.71 -29.29 10.56
C PHE E 310 20.56 -28.16 9.98
N PRO E 311 20.07 -26.93 10.03
CA PRO E 311 20.92 -25.79 9.66
C PRO E 311 22.04 -25.63 10.68
N GLU E 312 23.10 -24.93 10.24
CA GLU E 312 24.29 -24.79 11.08
C GLU E 312 23.97 -24.04 12.37
N VAL E 313 23.01 -23.11 12.34
CA VAL E 313 22.63 -22.39 13.55
C VAL E 313 21.80 -23.25 14.50
N VAL E 314 21.23 -24.36 14.01
CA VAL E 314 20.36 -25.19 14.83
C VAL E 314 21.11 -26.35 15.47
N ARG E 315 22.10 -26.91 14.79
CA ARG E 315 22.73 -28.16 15.23
C ARG E 315 23.36 -28.07 16.62
N PRO E 316 24.18 -27.06 16.96
CA PRO E 316 24.74 -27.02 18.32
C PRO E 316 23.69 -26.97 19.41
N LYS E 317 22.61 -26.20 19.21
CA LYS E 317 21.56 -26.13 20.21
C LYS E 317 20.89 -27.49 20.41
N ALA E 318 20.59 -28.20 19.30
CA ALA E 318 20.02 -29.53 19.43
C ALA E 318 20.95 -30.47 20.18
N ALA E 319 22.21 -30.51 19.78
CA ALA E 319 23.16 -31.40 20.44
C ALA E 319 23.30 -31.10 21.92
N ARG E 320 23.28 -29.82 22.29
CA ARG E 320 23.44 -29.46 23.70
C ARG E 320 22.19 -29.78 24.50
N ILE E 321 21.00 -29.46 23.97
CA ILE E 321 19.81 -29.47 24.80
C ILE E 321 19.07 -30.81 24.78
N GLY E 322 19.18 -31.59 23.70
CA GLY E 322 18.42 -32.82 23.61
C GLY E 322 18.76 -33.83 24.70
N ALA E 323 20.04 -33.90 25.08
CA ALA E 323 20.50 -34.95 26.00
C ALA E 323 20.46 -34.50 27.45
N LEU E 324 19.32 -33.93 27.88
CA LEU E 324 19.19 -33.47 29.28
C LEU E 324 17.76 -33.70 29.75
N ILE E 325 16.86 -34.00 28.81
CA ILE E 325 15.42 -34.14 29.15
C ILE E 325 15.20 -35.36 30.05
N SER E 326 15.78 -36.51 29.70
CA SER E 326 15.54 -37.76 30.47
C SER E 326 15.93 -37.57 31.94
N GLN E 327 17.13 -37.07 32.20
CA GLN E 327 17.64 -36.83 33.55
C GLN E 327 16.77 -35.83 34.30
N THR E 328 16.41 -34.72 33.63
CA THR E 328 15.61 -33.72 34.31
C THR E 328 14.22 -34.26 34.68
N ALA E 329 13.61 -35.02 33.77
CA ALA E 329 12.28 -35.57 34.05
C ALA E 329 12.34 -36.59 35.18
N ALA E 330 13.35 -37.46 35.20
CA ALA E 330 13.47 -38.43 36.27
C ALA E 330 13.68 -37.75 37.62
N LYS E 331 14.56 -36.74 37.66
CA LYS E 331 14.86 -36.09 38.93
C LYS E 331 13.72 -35.20 39.37
N ALA E 332 12.87 -34.76 38.43
CA ALA E 332 11.66 -34.04 38.79
C ALA E 332 10.61 -35.00 39.35
N TYR E 333 10.49 -36.19 38.76
CA TYR E 333 9.57 -37.19 39.29
C TYR E 333 9.98 -37.64 40.69
N ARG E 334 11.28 -37.74 40.96
CA ARG E 334 11.72 -38.12 42.29
C ARG E 334 11.35 -37.10 43.37
N ASN E 335 11.16 -35.84 43.00
CA ASN E 335 10.81 -34.80 43.96
C ASN E 335 9.31 -34.59 44.11
N GLY E 336 8.49 -35.28 43.33
CA GLY E 336 7.05 -35.15 43.47
C GLY E 336 6.38 -34.15 42.56
N VAL E 337 7.03 -33.74 41.47
CA VAL E 337 6.40 -32.86 40.49
C VAL E 337 5.41 -33.68 39.67
N ARG E 338 4.18 -33.17 39.56
CA ARG E 338 3.15 -33.87 38.78
C ARG E 338 3.51 -33.87 37.30
N ILE E 339 3.45 -35.04 36.68
CA ILE E 339 3.92 -35.25 35.32
C ILE E 339 2.76 -35.77 34.47
N ALA E 340 2.64 -35.25 33.26
CA ALA E 340 1.61 -35.67 32.32
C ALA E 340 2.25 -36.10 31.01
N PHE E 341 1.48 -36.85 30.21
CA PHE E 341 2.00 -37.49 29.01
C PHE E 341 2.06 -36.51 27.85
N GLY E 342 3.22 -36.42 27.22
CA GLY E 342 3.40 -35.58 26.05
C GLY E 342 4.61 -36.02 25.25
N THR E 343 4.59 -35.81 23.92
CA THR E 343 5.67 -36.36 23.06
C THR E 343 6.28 -35.30 22.15
N ASP E 344 5.49 -34.35 21.65
CA ASP E 344 5.95 -33.35 20.66
C ASP E 344 6.04 -34.00 19.27
N GLN E 345 5.13 -34.95 18.98
CA GLN E 345 5.10 -35.56 17.61
C GLN E 345 4.97 -34.40 16.66
N GLY E 346 5.52 -34.51 15.45
CA GLY E 346 5.64 -33.32 14.58
C GLY E 346 7.13 -33.12 14.50
N VAL E 347 7.83 -33.36 15.61
CA VAL E 347 9.32 -33.39 15.58
C VAL E 347 9.61 -34.85 15.18
N GLY E 348 9.15 -35.81 15.98
CA GLY E 348 9.25 -37.22 15.60
C GLY E 348 8.07 -37.65 14.74
N PRO E 349 8.08 -38.85 14.13
CA PRO E 349 7.00 -39.26 13.20
C PRO E 349 5.63 -39.58 13.82
N HIS E 350 4.54 -39.10 13.22
CA HIS E 350 3.23 -39.34 13.81
C HIS E 350 2.86 -40.82 13.75
N GLY E 351 2.20 -41.29 14.81
CA GLY E 351 1.83 -42.68 14.93
C GLY E 351 2.79 -43.51 15.76
N ASP E 352 3.89 -42.93 16.23
CA ASP E 352 4.87 -43.62 17.06
C ASP E 352 4.88 -43.08 18.49
N ASN E 353 3.79 -42.45 18.89
CA ASN E 353 3.70 -41.75 20.21
C ASN E 353 3.80 -42.70 21.40
N ALA E 354 3.34 -43.95 21.27
CA ALA E 354 3.37 -44.91 22.37
C ALA E 354 4.79 -45.27 22.80
N ARG E 355 5.77 -45.12 21.92
CA ARG E 355 7.17 -45.35 22.31
C ARG E 355 7.59 -44.48 23.48
N GLU E 356 6.99 -43.29 23.62
CA GLU E 356 7.29 -42.45 24.77
C GLU E 356 7.04 -43.19 26.08
N PHE E 357 5.99 -44.02 26.13
CA PHE E 357 5.75 -44.84 27.32
C PHE E 357 7.01 -45.61 27.72
N VAL E 358 7.66 -46.24 26.75
CA VAL E 358 8.87 -46.99 27.04
C VAL E 358 9.93 -46.06 27.64
N TYR E 359 10.11 -44.88 27.03
CA TYR E 359 11.10 -43.94 27.53
C TYR E 359 10.75 -43.50 28.95
N MET E 360 9.47 -43.53 29.31
CA MET E 360 9.08 -43.17 30.66
C MET E 360 9.43 -44.27 31.66
N VAL E 361 9.38 -45.53 31.23
CA VAL E 361 9.55 -46.63 32.17
C VAL E 361 11.04 -46.85 32.44
N GLU E 362 11.87 -46.78 31.41
CA GLU E 362 13.30 -46.97 31.61
C GLU E 362 13.96 -45.82 32.35
N ALA E 363 13.26 -44.70 32.53
CA ALA E 363 13.77 -43.57 33.29
C ALA E 363 13.40 -43.63 34.76
N GLY E 364 12.73 -44.69 35.20
CA GLY E 364 12.41 -44.87 36.60
C GLY E 364 10.98 -44.57 37.00
N ILE E 365 10.08 -44.36 36.05
CA ILE E 365 8.68 -44.08 36.34
C ILE E 365 7.88 -45.37 36.15
N PRO E 366 7.10 -45.80 37.14
CA PRO E 366 6.36 -47.07 37.01
C PRO E 366 5.35 -47.02 35.87
N ALA E 367 5.09 -48.20 35.29
CA ALA E 367 4.16 -48.29 34.17
C ALA E 367 2.75 -47.86 34.55
N ALA E 368 2.32 -48.15 35.77
CA ALA E 368 1.00 -47.73 36.21
C ALA E 368 0.87 -46.21 36.19
N TYR E 369 1.87 -45.51 36.71
CA TYR E 369 1.85 -44.05 36.66
C TYR E 369 1.98 -43.54 35.22
N ALA E 370 2.74 -44.24 34.38
CA ALA E 370 2.87 -43.83 32.98
C ALA E 370 1.53 -43.91 32.27
N LEU E 371 0.74 -44.94 32.55
CA LEU E 371 -0.58 -45.06 31.94
C LEU E 371 -1.56 -44.06 32.55
N GLN E 372 -1.47 -43.83 33.86
CA GLN E 372 -2.34 -42.85 34.49
C GLN E 372 -2.09 -41.45 33.96
N ALA E 373 -0.83 -41.10 33.72
CA ALA E 373 -0.50 -39.78 33.18
C ALA E 373 -1.09 -39.55 31.81
N ALA E 374 -1.31 -40.62 31.03
CA ALA E 374 -1.92 -40.50 29.72
C ALA E 374 -3.44 -40.66 29.74
N THR E 375 -4.03 -41.02 30.86
CA THR E 375 -5.49 -41.27 30.83
C THR E 375 -6.22 -40.38 31.82
N VAL E 376 -5.82 -40.39 33.09
CA VAL E 376 -6.61 -39.67 34.06
C VAL E 376 -5.99 -38.32 34.41
N HIS E 377 -4.65 -38.24 34.32
CA HIS E 377 -3.98 -36.96 34.53
C HIS E 377 -4.12 -36.06 33.31
N ALA E 378 -4.20 -36.64 32.11
CA ALA E 378 -4.38 -35.85 30.90
C ALA E 378 -5.71 -35.11 30.93
N ALA E 379 -6.76 -35.75 31.46
CA ALA E 379 -8.06 -35.08 31.58
C ALA E 379 -7.97 -33.90 32.53
N GLN E 380 -7.23 -34.04 33.63
CA GLN E 380 -7.04 -32.92 34.55
C GLN E 380 -6.26 -31.79 33.90
N VAL E 381 -5.26 -32.14 33.09
CA VAL E 381 -4.51 -31.11 32.37
C VAL E 381 -5.41 -30.39 31.37
N LEU E 382 -6.26 -31.13 30.65
CA LEU E 382 -7.15 -30.53 29.66
C LEU E 382 -8.26 -29.72 30.29
N GLY E 383 -8.64 -30.00 31.53
CA GLY E 383 -9.73 -29.29 32.15
C GLY E 383 -11.10 -29.82 31.83
N VAL E 384 -11.20 -31.07 31.38
CA VAL E 384 -12.46 -31.72 31.09
C VAL E 384 -12.68 -32.84 32.09
N ASP E 385 -13.94 -33.29 32.18
CA ASP E 385 -14.29 -34.34 33.12
C ASP E 385 -15.14 -35.45 32.49
N ASP E 386 -15.22 -35.51 31.17
CA ASP E 386 -16.03 -36.49 30.48
C ASP E 386 -15.20 -37.61 29.84
N GLN E 387 -13.93 -37.73 30.21
CA GLN E 387 -13.05 -38.73 29.62
C GLN E 387 -11.95 -39.06 30.61
N GLY E 388 -11.25 -40.17 30.36
CA GLY E 388 -10.11 -40.54 31.17
C GLY E 388 -10.27 -41.85 31.91
N VAL E 389 -11.49 -42.16 32.35
CA VAL E 389 -11.76 -43.38 33.09
C VAL E 389 -12.99 -44.05 32.49
N LEU E 390 -13.00 -45.39 32.52
CA LEU E 390 -14.11 -46.18 32.00
C LEU E 390 -15.17 -46.30 33.08
N GLU E 391 -15.96 -45.23 33.21
CA GLU E 391 -17.00 -45.13 34.23
C GLU E 391 -18.30 -44.68 33.60
N PRO E 392 -19.44 -45.01 34.20
CA PRO E 392 -20.73 -44.65 33.60
C PRO E 392 -20.87 -43.15 33.42
N GLY E 393 -21.49 -42.75 32.31
CA GLY E 393 -21.74 -41.36 32.00
C GLY E 393 -20.61 -40.64 31.30
N LYS E 394 -19.55 -41.34 30.92
CA LYS E 394 -18.40 -40.73 30.27
C LYS E 394 -18.26 -41.26 28.84
N ARG E 395 -17.47 -40.53 28.06
CA ARG E 395 -17.27 -40.90 26.65
C ARG E 395 -16.67 -42.28 26.53
N ALA E 396 -17.09 -43.01 25.50
CA ALA E 396 -16.66 -44.40 25.29
C ALA E 396 -15.47 -44.42 24.34
N ASP E 397 -14.31 -44.05 24.88
CA ASP E 397 -13.04 -44.17 24.15
C ASP E 397 -12.29 -45.35 24.77
N VAL E 398 -12.27 -46.47 24.05
CA VAL E 398 -11.76 -47.73 24.58
C VAL E 398 -10.71 -48.28 23.62
N ILE E 399 -9.54 -48.63 24.15
CA ILE E 399 -8.53 -49.32 23.36
C ILE E 399 -8.21 -50.65 24.03
N ALA E 400 -7.61 -51.55 23.26
CA ALA E 400 -7.28 -52.87 23.75
C ALA E 400 -5.89 -53.26 23.28
N LEU E 401 -5.14 -53.92 24.17
CA LEU E 401 -3.79 -54.39 23.87
C LEU E 401 -3.75 -55.91 23.94
N ALA E 402 -2.88 -56.50 23.13
CA ALA E 402 -2.73 -57.95 23.13
C ALA E 402 -2.09 -58.43 24.42
N GLY E 403 -1.00 -57.80 24.85
CA GLY E 403 -0.29 -58.19 26.05
C GLY E 403 -0.66 -57.32 27.24
N ASN E 404 0.02 -57.61 28.36
CA ASN E 404 -0.22 -56.90 29.61
C ASN E 404 0.85 -55.84 29.79
N PRO E 405 0.49 -54.55 29.85
CA PRO E 405 1.50 -53.50 29.95
C PRO E 405 2.18 -53.38 31.31
N LEU E 406 1.58 -53.91 32.37
CA LEU E 406 2.15 -53.77 33.70
C LEU E 406 3.33 -54.70 33.95
N GLU E 407 3.58 -55.67 33.07
CA GLU E 407 4.74 -56.54 33.15
C GLU E 407 5.78 -56.24 32.08
N ASP E 408 5.36 -56.08 30.83
CA ASP E 408 6.21 -55.62 29.74
C ASP E 408 5.57 -54.39 29.13
N ILE E 409 6.32 -53.29 29.08
CA ILE E 409 5.77 -52.05 28.55
C ILE E 409 5.64 -52.07 27.03
N ASN E 410 6.46 -52.87 26.34
CA ASN E 410 6.44 -52.90 24.88
C ASN E 410 5.08 -53.33 24.33
N ALA E 411 4.24 -53.95 25.15
CA ALA E 411 2.89 -54.32 24.73
C ALA E 411 2.07 -53.11 24.30
N VAL E 412 2.44 -51.90 24.72
CA VAL E 412 1.74 -50.70 24.26
C VAL E 412 1.97 -50.41 22.79
N LEU E 413 2.88 -51.13 22.15
CA LEU E 413 3.20 -50.90 20.74
C LEU E 413 2.34 -51.74 19.80
N ASP E 414 1.42 -52.55 20.32
CA ASP E 414 0.57 -53.41 19.50
C ASP E 414 -0.89 -53.22 19.94
N VAL E 415 -1.55 -52.23 19.37
CA VAL E 415 -2.94 -51.94 19.67
C VAL E 415 -3.83 -52.70 18.71
N ARG E 416 -4.80 -53.44 19.25
CA ARG E 416 -5.66 -54.31 18.45
C ARG E 416 -7.08 -53.79 18.28
N PHE E 417 -7.62 -53.07 19.25
CA PHE E 417 -8.99 -52.57 19.20
C PHE E 417 -8.99 -51.11 19.58
N VAL E 418 -9.63 -50.28 18.75
CA VAL E 418 -9.74 -48.84 18.96
C VAL E 418 -11.18 -48.43 18.72
N MET E 419 -11.76 -47.80 19.74
CA MET E 419 -13.16 -47.29 19.67
C MET E 419 -13.15 -45.87 20.21
N LYS E 420 -13.86 -44.95 19.55
CA LYS E 420 -13.93 -43.55 19.96
C LYS E 420 -15.36 -43.08 19.84
N ASP E 421 -15.92 -42.60 20.95
CA ASP E 421 -17.29 -42.08 21.02
C ASP E 421 -18.33 -43.13 20.63
N GLY E 422 -18.04 -44.40 20.88
CA GLY E 422 -18.95 -45.47 20.58
C GLY E 422 -18.82 -46.07 19.20
N VAL E 423 -18.00 -45.50 18.33
CA VAL E 423 -17.80 -46.00 16.98
C VAL E 423 -16.48 -46.77 16.93
N ILE E 424 -16.54 -48.00 16.42
CA ILE E 424 -15.34 -48.83 16.33
C ILE E 424 -14.54 -48.43 15.10
N TYR E 425 -13.29 -48.03 15.31
CA TYR E 425 -12.39 -47.71 14.21
C TYR E 425 -11.35 -48.79 13.93
N LYS E 426 -11.08 -49.66 14.89
CA LYS E 426 -10.18 -50.79 14.63
C LYS E 426 -10.62 -51.97 15.48
N GLN E 427 -10.67 -53.14 14.85
CA GLN E 427 -10.99 -54.37 15.58
C GLN E 427 -10.29 -55.57 14.95
N PRO F 22 -50.17 27.74 14.90
CA PRO F 22 -51.21 28.23 15.82
C PRO F 22 -52.46 27.37 15.78
N VAL F 23 -52.45 26.24 16.48
CA VAL F 23 -53.56 25.29 16.44
C VAL F 23 -53.99 24.99 17.87
N ALA F 24 -55.21 24.48 18.02
CA ALA F 24 -55.74 24.05 19.31
C ALA F 24 -56.30 22.64 19.17
N VAL F 25 -55.79 21.73 19.99
CA VAL F 25 -56.21 20.32 19.95
C VAL F 25 -57.10 20.07 21.16
N GLN F 26 -58.28 19.51 20.91
CA GLN F 26 -59.27 19.26 21.97
C GLN F 26 -59.38 17.74 22.15
N CYS F 27 -58.88 17.25 23.28
CA CYS F 27 -58.89 15.82 23.58
C CYS F 27 -59.96 15.51 24.62
N GLY F 28 -60.72 14.44 24.36
CA GLY F 28 -61.75 14.02 25.30
C GLY F 28 -61.18 13.53 26.62
N ARG F 29 -60.03 12.86 26.57
CA ARG F 29 -59.35 12.40 27.77
C ARG F 29 -57.85 12.53 27.56
N LEU F 30 -57.16 12.97 28.62
CA LEU F 30 -55.73 13.25 28.56
C LEU F 30 -55.00 12.39 29.58
N PHE F 31 -53.80 11.97 29.23
CA PHE F 31 -52.95 11.17 30.11
C PHE F 31 -51.83 12.06 30.66
N ASP F 32 -51.64 12.01 31.98
CA ASP F 32 -50.59 12.77 32.65
C ASP F 32 -49.43 11.83 32.93
N ALA F 33 -48.36 11.97 32.15
CA ALA F 33 -47.20 11.11 32.32
C ALA F 33 -46.45 11.39 33.61
N ARG F 34 -46.58 12.60 34.17
CA ARG F 34 -45.87 12.92 35.40
C ARG F 34 -46.43 12.14 36.59
N SER F 35 -47.74 11.92 36.61
CA SER F 35 -48.38 11.22 37.71
C SER F 35 -48.90 9.83 37.36
N GLY F 36 -49.13 9.55 36.08
CA GLY F 36 -49.62 8.25 35.67
C GLY F 36 -51.11 8.08 35.71
N GLN F 37 -51.88 9.16 35.72
CA GLN F 37 -53.33 9.11 35.79
C GLN F 37 -53.95 9.67 34.51
N LEU F 38 -55.18 9.24 34.25
CA LEU F 38 -55.93 9.67 33.07
C LEU F 38 -56.92 10.75 33.49
N LYS F 39 -56.77 11.94 32.91
CA LYS F 39 -57.60 13.08 33.26
C LYS F 39 -58.81 13.16 32.34
N GLY F 40 -59.56 14.26 32.41
CA GLY F 40 -60.74 14.44 31.61
C GLY F 40 -60.48 15.26 30.36
N PRO F 41 -61.51 15.91 29.84
CA PRO F 41 -61.33 16.72 28.62
C PRO F 41 -60.33 17.84 28.83
N HIS F 42 -59.57 18.13 27.77
CA HIS F 42 -58.55 19.18 27.84
C HIS F 42 -58.37 19.79 26.47
N THR F 43 -57.82 21.01 26.46
CA THR F 43 -57.47 21.72 25.24
C THR F 43 -56.00 22.12 25.32
N LEU F 44 -55.25 21.87 24.25
CA LEU F 44 -53.83 22.19 24.20
C LEU F 44 -53.59 23.18 23.08
N LEU F 45 -52.93 24.30 23.40
CA LEU F 45 -52.64 25.33 22.41
C LEU F 45 -51.20 25.17 21.92
N VAL F 46 -51.05 24.79 20.65
CA VAL F 46 -49.75 24.52 20.05
C VAL F 46 -49.38 25.69 19.16
N ALA F 47 -48.22 26.29 19.42
CA ALA F 47 -47.73 27.41 18.65
C ALA F 47 -46.21 27.37 18.62
N ASP F 48 -45.63 27.60 17.45
CA ASP F 48 -44.18 27.65 17.26
C ASP F 48 -43.52 26.33 17.64
N GLY F 49 -44.24 25.23 17.45
CA GLY F 49 -43.68 23.91 17.70
C GLY F 49 -43.61 23.50 19.15
N ARG F 50 -44.11 24.32 20.06
CA ARG F 50 -44.09 24.03 21.49
C ARG F 50 -45.50 24.02 22.03
N ILE F 51 -45.68 23.35 23.16
CA ILE F 51 -46.95 23.36 23.87
C ILE F 51 -47.02 24.66 24.64
N ARG F 52 -48.02 25.49 24.33
CA ARG F 52 -48.08 26.82 24.92
C ARG F 52 -48.89 26.85 26.21
N GLN F 53 -50.08 26.25 26.21
CA GLN F 53 -50.95 26.38 27.36
C GLN F 53 -52.05 25.32 27.31
N VAL F 54 -52.38 24.78 28.49
CA VAL F 54 -53.36 23.72 28.63
C VAL F 54 -54.57 24.27 29.38
N LEU F 55 -55.76 24.00 28.83
CA LEU F 55 -57.02 24.44 29.40
C LEU F 55 -57.81 23.23 29.87
N PRO F 56 -58.14 23.13 31.15
CA PRO F 56 -59.07 22.08 31.59
C PRO F 56 -60.40 22.19 30.88
N GLY F 57 -60.99 21.02 30.60
CA GLY F 57 -62.27 20.96 29.92
C GLY F 57 -62.17 21.25 28.43
N ALA F 65 -56.70 29.32 16.84
CA ALA F 65 -57.11 29.40 15.44
C ALA F 65 -57.81 28.12 15.00
N ARG F 66 -57.09 27.28 14.27
CA ARG F 66 -57.66 26.02 13.81
C ARG F 66 -57.91 25.09 14.99
N VAL F 67 -58.93 24.25 14.86
CA VAL F 67 -59.35 23.34 15.90
C VAL F 67 -59.22 21.90 15.39
N VAL F 68 -58.48 21.08 16.12
CA VAL F 68 -58.42 19.64 15.89
C VAL F 68 -59.25 18.97 16.98
N ASP F 69 -60.14 18.08 16.58
CA ASP F 69 -61.11 17.47 17.49
C ASP F 69 -60.81 15.99 17.63
N LEU F 70 -60.42 15.56 18.83
CA LEU F 70 -60.24 14.16 19.18
C LEU F 70 -61.04 13.83 20.43
N GLY F 71 -62.30 14.27 20.45
CA GLY F 71 -63.12 14.19 21.64
C GLY F 71 -63.47 12.78 22.06
N ASP F 72 -63.39 11.82 21.13
CA ASP F 72 -63.66 10.41 21.45
C ASP F 72 -62.37 9.59 21.50
N LYS F 73 -61.22 10.25 21.60
CA LYS F 73 -59.92 9.58 21.61
C LYS F 73 -59.15 9.99 22.85
N VAL F 74 -58.16 9.17 23.20
CA VAL F 74 -57.31 9.39 24.36
C VAL F 74 -56.00 10.00 23.88
N CYS F 75 -55.63 11.15 24.45
CA CYS F 75 -54.43 11.87 24.06
C CYS F 75 -53.27 11.50 24.97
N LEU F 76 -52.09 11.34 24.39
CA LEU F 76 -50.88 10.98 25.11
C LEU F 76 -49.70 11.72 24.49
N PRO F 77 -48.61 11.88 25.24
CA PRO F 77 -47.36 12.36 24.63
C PRO F 77 -46.80 11.33 23.66
N GLY F 78 -46.04 11.81 22.68
CA GLY F 78 -45.42 10.90 21.74
C GLY F 78 -44.44 9.97 22.42
N TRP F 79 -44.42 8.72 21.98
CA TRP F 79 -43.60 7.71 22.61
C TRP F 79 -42.14 7.82 22.16
N THR F 80 -41.25 7.25 22.97
CA THR F 80 -39.83 7.17 22.65
C THR F 80 -39.38 5.72 22.76
N ASP F 81 -38.67 5.25 21.74
CA ASP F 81 -38.10 3.91 21.72
C ASP F 81 -36.60 4.04 21.88
N LEU F 82 -36.06 3.53 22.97
CA LEU F 82 -34.67 3.76 23.35
C LEU F 82 -33.71 2.74 22.77
N HIS F 83 -34.18 1.80 21.95
CA HIS F 83 -33.29 0.82 21.35
C HIS F 83 -33.87 0.43 19.98
N VAL F 84 -33.35 1.03 18.92
CA VAL F 84 -33.71 0.68 17.55
C VAL F 84 -32.47 0.62 16.69
N HIS F 85 -32.57 -0.08 15.56
CA HIS F 85 -31.54 -0.12 14.53
C HIS F 85 -32.23 0.16 13.21
N LEU F 86 -32.34 1.44 12.85
CA LEU F 86 -33.09 1.85 11.67
C LEU F 86 -32.35 1.56 10.37
N GLY F 87 -31.08 1.15 10.43
CA GLY F 87 -30.32 0.81 9.25
C GLY F 87 -30.31 -0.66 8.89
N SER F 88 -31.16 -1.48 9.49
CA SER F 88 -31.19 -2.90 9.20
C SER F 88 -32.54 -3.48 9.62
N GLN F 89 -32.80 -4.69 9.16
CA GLN F 89 -33.97 -5.46 9.60
C GLN F 89 -33.70 -6.93 9.33
N SER F 90 -33.93 -7.77 10.34
CA SER F 90 -33.56 -9.18 10.24
C SER F 90 -34.38 -9.88 9.17
N SER F 91 -33.71 -10.77 8.43
CA SER F 91 -34.33 -11.48 7.33
C SER F 91 -33.52 -12.75 7.09
N PRO F 92 -34.04 -13.70 6.31
CA PRO F 92 -33.26 -14.91 5.99
C PRO F 92 -31.97 -14.62 5.24
N GLN F 93 -31.86 -13.45 4.59
CA GLN F 93 -30.69 -13.12 3.79
C GLN F 93 -29.74 -12.16 4.50
N SER F 94 -29.90 -11.99 5.82
CA SER F 94 -29.14 -10.97 6.54
C SER F 94 -27.63 -11.25 6.50
N TYR F 95 -27.24 -12.49 6.79
CA TYR F 95 -25.83 -12.81 7.02
C TYR F 95 -25.00 -12.85 5.75
N SER F 96 -25.53 -12.34 4.63
CA SER F 96 -24.75 -12.13 3.44
C SER F 96 -24.73 -10.67 3.01
N GLU F 97 -25.59 -9.81 3.58
CA GLU F 97 -25.68 -8.42 3.13
C GLU F 97 -24.39 -7.65 3.36
N ASP F 98 -23.50 -8.14 4.21
CA ASP F 98 -22.21 -7.48 4.43
C ASP F 98 -21.29 -7.59 3.23
N PHE F 99 -21.60 -8.46 2.26
CA PHE F 99 -20.74 -8.67 1.12
C PHE F 99 -21.38 -8.33 -0.22
N ARG F 100 -22.69 -8.09 -0.25
CA ARG F 100 -23.39 -7.86 -1.50
C ARG F 100 -24.10 -6.51 -1.59
N LEU F 101 -24.28 -5.79 -0.49
CA LEU F 101 -25.07 -4.56 -0.46
C LEU F 101 -24.21 -3.37 -0.09
N ASP F 102 -24.55 -2.21 -0.65
CA ASP F 102 -23.91 -0.94 -0.39
C ASP F 102 -24.73 -0.12 0.60
N PRO F 103 -24.11 0.89 1.23
CA PRO F 103 -24.88 1.73 2.17
C PRO F 103 -26.09 2.42 1.57
N VAL F 104 -26.05 2.79 0.29
CA VAL F 104 -27.20 3.45 -0.33
C VAL F 104 -28.40 2.51 -0.38
N ASP F 105 -28.15 1.22 -0.62
CA ASP F 105 -29.22 0.23 -0.58
C ASP F 105 -29.87 0.18 0.79
N HIS F 106 -29.08 0.34 1.85
CA HIS F 106 -29.63 0.36 3.20
C HIS F 106 -30.39 1.65 3.48
N ALA F 107 -29.92 2.79 2.95
CA ALA F 107 -30.61 4.05 3.16
C ALA F 107 -31.99 4.04 2.51
N PHE F 108 -32.09 3.44 1.32
CA PHE F 108 -33.38 3.38 0.64
C PHE F 108 -34.39 2.55 1.44
N ARG F 109 -33.94 1.54 2.17
CA ARG F 109 -34.83 0.81 3.07
C ARG F 109 -35.12 1.60 4.34
N ALA F 110 -34.12 2.32 4.85
CA ALA F 110 -34.28 3.09 6.06
C ALA F 110 -35.32 4.20 5.91
N VAL F 111 -35.51 4.71 4.69
CA VAL F 111 -36.55 5.71 4.49
C VAL F 111 -37.91 5.15 4.90
N GLY F 112 -38.26 3.97 4.37
CA GLY F 112 -39.52 3.35 4.73
C GLY F 112 -39.56 2.89 6.18
N TYR F 113 -38.44 2.40 6.70
CA TYR F 113 -38.40 2.01 8.11
C TYR F 113 -38.73 3.18 9.02
N ALA F 114 -38.12 4.34 8.78
CA ALA F 114 -38.39 5.53 9.58
C ALA F 114 -39.81 6.01 9.41
N GLU F 115 -40.34 5.94 8.18
CA GLU F 115 -41.73 6.34 7.98
C GLU F 115 -42.67 5.47 8.80
N LYS F 116 -42.47 4.15 8.78
CA LYS F 116 -43.32 3.25 9.57
C LYS F 116 -43.16 3.48 11.07
N THR F 117 -41.93 3.71 11.53
CA THR F 117 -41.70 3.97 12.95
C THR F 117 -42.44 5.23 13.40
N LEU F 118 -42.33 6.32 12.63
CA LEU F 118 -43.05 7.54 12.99
C LEU F 118 -44.55 7.32 12.94
N MET F 119 -45.04 6.61 11.93
CA MET F 119 -46.47 6.40 11.79
C MET F 119 -47.05 5.51 12.88
N ALA F 120 -46.22 4.68 13.51
CA ALA F 120 -46.69 3.79 14.57
C ALA F 120 -46.88 4.49 15.91
N GLY F 121 -46.51 5.76 16.02
CA GLY F 121 -46.70 6.52 17.24
C GLY F 121 -45.42 6.91 17.96
N PHE F 122 -44.25 6.58 17.42
CA PHE F 122 -42.98 6.88 18.08
C PHE F 122 -42.35 8.09 17.40
N THR F 123 -42.40 9.23 18.09
CA THR F 123 -41.85 10.48 17.57
C THR F 123 -40.39 10.68 17.92
N SER F 124 -39.79 9.78 18.70
CA SER F 124 -38.40 9.89 19.08
C SER F 124 -37.81 8.48 19.22
N VAL F 125 -36.57 8.32 18.77
CA VAL F 125 -35.88 7.04 18.88
C VAL F 125 -34.42 7.26 19.25
N ARG F 126 -33.84 6.26 19.90
CA ARG F 126 -32.42 6.21 20.20
C ARG F 126 -31.82 5.05 19.40
N ASP F 127 -31.06 5.38 18.37
CA ASP F 127 -30.41 4.37 17.53
C ASP F 127 -29.09 3.95 18.17
N LEU F 128 -28.91 2.65 18.36
CA LEU F 128 -27.81 2.10 19.15
C LEU F 128 -26.78 1.38 18.29
N GLY F 129 -26.58 1.85 17.07
CA GLY F 129 -25.56 1.26 16.22
C GLY F 129 -25.87 1.34 14.74
N GLY F 130 -24.89 1.72 13.94
CA GLY F 130 -25.07 1.87 12.51
C GLY F 130 -24.49 3.17 11.99
N GLU F 131 -23.88 3.11 10.80
CA GLU F 131 -23.24 4.28 10.21
C GLU F 131 -24.17 5.05 9.28
N VAL F 132 -25.38 4.56 9.04
CA VAL F 132 -26.33 5.27 8.18
C VAL F 132 -27.26 6.17 9.00
N SER F 133 -27.50 5.81 10.26
CA SER F 133 -28.47 6.55 11.08
C SER F 133 -28.15 8.03 11.27
N PRO F 134 -26.91 8.47 11.50
CA PRO F 134 -26.66 9.93 11.58
C PRO F 134 -27.05 10.68 10.31
N HIS F 135 -26.80 10.08 9.14
CA HIS F 135 -27.20 10.70 7.88
C HIS F 135 -28.72 10.78 7.77
N LEU F 136 -29.42 9.73 8.20
CA LEU F 136 -30.88 9.76 8.20
C LEU F 136 -31.41 10.82 9.17
N ARG F 137 -30.75 10.99 10.31
CA ARG F 137 -31.13 12.03 11.25
C ARG F 137 -30.97 13.41 10.62
N ASP F 138 -29.84 13.64 9.95
CA ASP F 138 -29.64 14.92 9.27
C ASP F 138 -30.68 15.15 8.18
N ALA F 139 -31.02 14.10 7.42
CA ALA F 139 -32.02 14.23 6.37
C ALA F 139 -33.39 14.56 6.95
N ILE F 140 -33.78 13.89 8.05
CA ILE F 140 -35.06 14.18 8.67
C ILE F 140 -35.08 15.60 9.22
N ASN F 141 -33.98 16.04 9.84
CA ASN F 141 -33.92 17.40 10.37
C ASN F 141 -34.04 18.44 9.26
N GLN F 142 -33.40 18.19 8.12
CA GLN F 142 -33.52 19.10 6.99
C GLN F 142 -34.88 19.03 6.30
N GLY F 143 -35.68 18.01 6.58
CA GLY F 143 -37.01 17.89 6.01
C GLY F 143 -37.10 17.09 4.73
N LEU F 144 -36.03 16.41 4.33
CA LEU F 144 -36.05 15.66 3.08
C LEU F 144 -36.95 14.43 3.17
N VAL F 145 -36.96 13.76 4.32
CA VAL F 145 -37.76 12.56 4.52
C VAL F 145 -38.49 12.70 5.85
N ARG F 146 -39.54 11.90 6.01
CA ARG F 146 -40.32 11.87 7.24
C ARG F 146 -39.80 10.79 8.17
N GLY F 147 -39.78 11.09 9.46
CA GLY F 147 -39.35 10.14 10.46
C GLY F 147 -39.37 10.74 11.84
N PRO F 148 -38.99 9.95 12.84
CA PRO F 148 -38.93 10.45 14.22
C PRO F 148 -37.66 11.27 14.44
N ARG F 149 -37.54 11.77 15.67
CA ARG F 149 -36.36 12.52 16.10
C ARG F 149 -35.33 11.52 16.63
N ILE F 150 -34.15 11.52 16.01
CA ILE F 150 -33.17 10.45 16.19
C ILE F 150 -32.05 10.94 17.09
N PHE F 151 -31.72 10.15 18.11
CA PHE F 151 -30.48 10.29 18.87
C PHE F 151 -29.61 9.10 18.50
N ALA F 152 -28.54 9.34 17.74
CA ALA F 152 -27.76 8.29 17.12
C ALA F 152 -26.43 8.12 17.84
N ALA F 153 -25.97 6.87 17.93
CA ALA F 153 -24.69 6.56 18.54
C ALA F 153 -23.58 6.35 17.53
N GLY F 154 -23.90 6.02 16.29
CA GLY F 154 -22.89 5.74 15.29
C GLY F 154 -22.34 4.34 15.40
N LYS F 155 -21.04 4.18 15.18
CA LYS F 155 -20.41 2.88 15.33
C LYS F 155 -20.37 2.46 16.80
N SER F 156 -20.53 1.18 17.05
CA SER F 156 -20.45 0.63 18.40
C SER F 156 -19.02 0.24 18.72
N ILE F 157 -18.60 0.50 19.96
CA ILE F 157 -17.24 0.24 20.39
C ILE F 157 -17.16 -1.16 21.00
N ALA F 158 -16.22 -1.97 20.53
CA ALA F 158 -16.01 -3.32 21.02
C ALA F 158 -14.51 -3.58 21.12
N THR F 159 -14.17 -4.80 21.55
CA THR F 159 -12.80 -5.27 21.59
C THR F 159 -12.56 -6.27 20.46
N THR F 160 -11.34 -6.78 20.36
CA THR F 160 -11.01 -7.74 19.32
C THR F 160 -11.80 -9.02 19.52
N GLY F 161 -12.53 -9.43 18.49
CA GLY F 161 -13.41 -10.58 18.59
C GLY F 161 -14.70 -10.32 19.33
N GLY F 162 -15.03 -9.06 19.60
CA GLY F 162 -16.20 -8.73 20.38
C GLY F 162 -17.49 -8.88 19.61
N HIS F 163 -18.60 -8.62 20.31
CA HIS F 163 -19.92 -8.77 19.71
C HIS F 163 -20.12 -7.81 18.55
N ALA F 164 -19.54 -6.61 18.63
CA ALA F 164 -19.68 -5.60 17.59
C ALA F 164 -18.45 -5.49 16.69
N ASP F 165 -17.59 -6.50 16.69
CA ASP F 165 -16.45 -6.51 15.79
C ASP F 165 -16.93 -6.69 14.36
N PRO F 166 -16.61 -5.77 13.43
CA PRO F 166 -17.15 -5.85 12.08
C PRO F 166 -16.45 -6.86 11.17
N THR F 167 -15.53 -7.67 11.71
CA THR F 167 -14.76 -8.60 10.92
C THR F 167 -14.97 -10.05 11.35
N ASN F 168 -15.72 -10.28 12.43
CA ASN F 168 -16.00 -11.63 12.91
C ASN F 168 -16.62 -12.48 11.81
N GLY F 169 -16.08 -13.68 11.63
CA GLY F 169 -16.60 -14.64 10.68
C GLY F 169 -16.02 -14.57 9.28
N TRP F 170 -15.17 -13.60 8.99
CA TRP F 170 -14.56 -13.50 7.67
C TRP F 170 -13.41 -14.49 7.55
N ASN F 171 -13.17 -14.93 6.31
CA ASN F 171 -12.06 -15.86 6.08
C ASN F 171 -10.74 -15.09 6.11
N GLU F 172 -9.63 -15.84 6.00
CA GLU F 172 -8.31 -15.24 6.14
C GLU F 172 -8.02 -14.22 5.04
N ARG F 173 -8.46 -14.49 3.82
CA ARG F 173 -8.16 -13.61 2.69
C ARG F 173 -8.80 -12.24 2.89
N LEU F 174 -10.11 -12.21 3.17
CA LEU F 174 -10.80 -10.95 3.38
C LEU F 174 -10.26 -10.20 4.59
N ALA F 175 -10.00 -10.92 5.68
CA ALA F 175 -9.47 -10.31 6.89
C ALA F 175 -8.09 -9.70 6.67
N HIS F 176 -7.25 -10.35 5.86
CA HIS F 176 -5.98 -9.74 5.49
C HIS F 176 -6.18 -8.53 4.58
N LEU F 177 -7.17 -8.59 3.69
CA LEU F 177 -7.44 -7.45 2.81
C LEU F 177 -7.85 -6.21 3.58
N VAL F 178 -8.72 -6.37 4.58
CA VAL F 178 -9.16 -5.21 5.35
C VAL F 178 -8.14 -4.85 6.44
N GLY F 179 -7.43 -5.83 6.99
CA GLY F 179 -6.55 -5.60 8.11
C GLY F 179 -7.28 -5.68 9.44
N ALA F 180 -6.49 -5.68 10.51
CA ALA F 180 -7.06 -5.76 11.85
C ALA F 180 -7.71 -4.42 12.21
N PRO F 181 -8.98 -4.41 12.61
CA PRO F 181 -9.62 -3.13 12.95
C PRO F 181 -9.01 -2.48 14.17
N GLY F 182 -9.01 -1.15 14.17
CA GLY F 182 -8.47 -0.37 15.26
C GLY F 182 -9.48 0.59 15.85
N PRO F 183 -9.01 1.60 16.56
CA PRO F 183 -9.94 2.57 17.19
C PRO F 183 -10.80 3.31 16.18
N ALA F 184 -10.30 3.56 14.98
CA ALA F 184 -11.11 4.25 13.97
C ALA F 184 -12.31 3.42 13.57
N GLU F 185 -12.15 2.10 13.50
CA GLU F 185 -13.22 1.18 13.17
C GLU F 185 -14.05 0.77 14.39
N GLY F 186 -13.66 1.19 15.59
CA GLY F 186 -14.42 0.91 16.79
C GLY F 186 -13.89 -0.21 17.67
N VAL F 187 -12.71 -0.76 17.37
CA VAL F 187 -12.15 -1.88 18.12
C VAL F 187 -11.01 -1.35 18.98
N VAL F 188 -11.10 -1.57 20.29
CA VAL F 188 -10.12 -1.07 21.23
C VAL F 188 -9.59 -2.22 22.07
N ASN F 189 -8.36 -2.05 22.56
CA ASN F 189 -7.76 -3.05 23.44
C ASN F 189 -6.97 -2.42 24.58
N SER F 190 -7.05 -1.10 24.77
CA SER F 190 -6.33 -0.44 25.85
C SER F 190 -7.07 0.85 26.20
N VAL F 191 -6.54 1.55 27.21
CA VAL F 191 -7.16 2.78 27.68
C VAL F 191 -7.04 3.89 26.64
N ASP F 192 -5.84 4.05 26.07
CA ASP F 192 -5.62 5.08 25.06
C ASP F 192 -6.45 4.82 23.80
N GLU F 193 -6.56 3.55 23.41
CA GLU F 193 -7.40 3.21 22.25
C GLU F 193 -8.87 3.53 22.51
N ALA F 194 -9.36 3.27 23.73
CA ALA F 194 -10.73 3.62 24.07
C ALA F 194 -10.96 5.12 24.04
N ARG F 195 -10.00 5.88 24.56
CA ARG F 195 -10.08 7.34 24.48
C ARG F 195 -10.16 7.81 23.02
N GLN F 196 -9.28 7.28 22.17
CA GLN F 196 -9.28 7.67 20.76
C GLN F 196 -10.56 7.26 20.06
N ALA F 197 -11.13 6.10 20.42
CA ALA F 197 -12.38 5.66 19.81
C ALA F 197 -13.55 6.56 20.20
N VAL F 198 -13.60 6.98 21.47
CA VAL F 198 -14.65 7.91 21.87
C VAL F 198 -14.51 9.23 21.12
N ARG F 199 -13.28 9.73 21.00
CA ARG F 199 -13.06 10.97 20.24
C ARG F 199 -13.40 10.80 18.76
N GLN F 200 -13.17 9.61 18.20
CA GLN F 200 -13.50 9.35 16.81
C GLN F 200 -15.01 9.28 16.58
N ARG F 201 -15.75 8.73 17.55
CA ARG F 201 -17.21 8.78 17.45
C ARG F 201 -17.71 10.20 17.58
N TYR F 202 -17.08 11.02 18.43
CA TYR F 202 -17.43 12.43 18.49
C TYR F 202 -17.17 13.13 17.16
N LYS F 203 -16.05 12.79 16.51
CA LYS F 203 -15.69 13.41 15.25
C LYS F 203 -16.69 13.10 14.14
N GLU F 204 -17.37 11.96 14.22
CA GLU F 204 -18.29 11.52 13.18
C GLU F 204 -19.72 11.95 13.41
N GLY F 205 -19.97 12.77 14.44
CA GLY F 205 -21.31 13.29 14.65
C GLY F 205 -22.22 12.40 15.46
N SER F 206 -21.72 11.79 16.52
CA SER F 206 -22.53 10.94 17.38
C SER F 206 -23.16 11.77 18.50
N ASP F 207 -24.29 11.29 19.00
CA ASP F 207 -24.95 11.91 20.14
C ASP F 207 -24.73 11.17 21.45
N LEU F 208 -24.18 9.96 21.39
CA LEU F 208 -23.92 9.17 22.59
C LEU F 208 -22.96 8.04 22.22
N ILE F 209 -22.63 7.21 23.20
CA ILE F 209 -21.69 6.11 23.01
C ILE F 209 -22.36 4.77 23.29
N KCX F 210 -21.99 3.75 22.52
CA KCX F 210 -22.48 2.40 22.71
CB KCX F 210 -23.45 2.02 21.59
CG KCX F 210 -24.68 1.23 22.01
CD KCX F 210 -24.32 -0.09 22.69
CE KCX F 210 -25.51 -1.03 22.72
NZ KCX F 210 -25.84 -1.50 21.36
C KCX F 210 -21.33 1.41 22.78
O KCX F 210 -20.47 1.39 21.89
CX KCX F 210 -26.62 -2.55 21.18
OQ1 KCX F 210 -27.07 -3.17 22.16
OQ2 KCX F 210 -26.90 -2.94 20.03
N ILE F 211 -21.29 0.58 23.82
CA ILE F 211 -20.28 -0.47 23.92
C ILE F 211 -20.95 -1.82 24.12
N THR F 212 -20.27 -2.90 23.74
CA THR F 212 -20.71 -4.26 23.99
C THR F 212 -19.81 -4.84 25.07
N ALA F 213 -20.35 -4.92 26.30
CA ALA F 213 -19.55 -5.38 27.43
C ALA F 213 -19.32 -6.88 27.40
N THR F 214 -20.24 -7.64 26.81
CA THR F 214 -20.11 -9.09 26.73
C THR F 214 -20.33 -9.58 25.30
N GLY F 215 -20.43 -10.90 25.13
CA GLY F 215 -20.81 -11.46 23.85
C GLY F 215 -22.29 -11.32 23.60
N GLY F 216 -22.71 -11.74 22.39
CA GLY F 216 -24.08 -11.59 21.97
C GLY F 216 -24.59 -12.82 21.25
N VAL F 217 -25.82 -12.71 20.77
CA VAL F 217 -26.49 -13.81 20.10
C VAL F 217 -26.28 -13.76 18.59
N LEU F 218 -26.47 -12.60 17.98
CA LEU F 218 -26.50 -12.49 16.52
C LEU F 218 -25.12 -12.32 15.90
N SER F 219 -24.06 -12.24 16.70
CA SER F 219 -22.73 -12.14 16.14
C SER F 219 -22.22 -13.49 15.67
N TYR F 220 -21.27 -13.46 14.74
CA TYR F 220 -20.65 -14.67 14.21
C TYR F 220 -19.47 -15.11 15.07
N ALA F 221 -19.71 -15.25 16.37
CA ALA F 221 -18.68 -15.61 17.33
C ALA F 221 -19.18 -16.76 18.20
N ARG F 222 -18.24 -17.41 18.89
CA ARG F 222 -18.57 -18.61 19.64
C ARG F 222 -19.28 -18.29 20.95
N SER F 223 -18.90 -17.22 21.62
CA SER F 223 -19.42 -16.93 22.95
C SER F 223 -20.69 -16.07 22.87
N GLY F 224 -21.48 -16.13 23.94
CA GLY F 224 -22.70 -15.38 24.02
C GLY F 224 -22.81 -14.48 25.23
N ASP F 225 -22.00 -14.75 26.28
CA ASP F 225 -22.07 -13.94 27.49
C ASP F 225 -20.73 -13.76 28.20
N ALA F 226 -19.60 -14.10 27.56
CA ALA F 226 -18.32 -13.99 28.23
C ALA F 226 -17.92 -12.52 28.40
N PRO F 227 -17.19 -12.19 29.47
CA PRO F 227 -16.78 -10.79 29.68
C PRO F 227 -15.70 -10.39 28.68
N GLN F 228 -15.97 -9.31 27.94
CA GLN F 228 -15.11 -8.89 26.84
C GLN F 228 -14.56 -7.48 27.03
N PHE F 229 -14.70 -6.91 28.22
CA PHE F 229 -14.14 -5.60 28.54
C PHE F 229 -13.51 -5.68 29.92
N THR F 230 -12.44 -4.93 30.13
CA THR F 230 -11.87 -4.80 31.46
C THR F 230 -12.37 -3.53 32.13
N VAL F 231 -12.21 -3.47 33.45
CA VAL F 231 -12.72 -2.33 34.21
C VAL F 231 -12.03 -1.04 33.77
N ASP F 232 -10.72 -1.11 33.53
CA ASP F 232 -9.98 0.08 33.11
C ASP F 232 -10.47 0.61 31.78
N GLU F 233 -10.74 -0.28 30.82
CA GLU F 233 -11.20 0.16 29.51
C GLU F 233 -12.58 0.82 29.58
N ILE F 234 -13.50 0.24 30.34
CA ILE F 234 -14.83 0.85 30.46
C ILE F 234 -14.75 2.18 31.20
N LYS F 235 -13.90 2.24 32.23
CA LYS F 235 -13.73 3.50 32.95
C LYS F 235 -13.16 4.58 32.04
N ALA F 236 -12.19 4.21 31.19
CA ALA F 236 -11.66 5.16 30.23
C ALA F 236 -12.73 5.63 29.24
N VAL F 237 -13.57 4.72 28.76
CA VAL F 237 -14.64 5.08 27.84
C VAL F 237 -15.59 6.08 28.51
N VAL F 238 -16.02 5.78 29.73
CA VAL F 238 -16.97 6.65 30.44
C VAL F 238 -16.34 8.00 30.72
N ASP F 239 -15.09 8.02 31.17
CA ASP F 239 -14.43 9.28 31.50
C ASP F 239 -14.22 10.14 30.26
N THR F 240 -13.87 9.52 29.13
CA THR F 240 -13.73 10.29 27.90
C THR F 240 -15.08 10.83 27.43
N ALA F 241 -16.13 10.02 27.49
CA ALA F 241 -17.44 10.47 27.04
C ALA F 241 -17.98 11.59 27.92
N ARG F 242 -17.64 11.59 29.21
CA ARG F 242 -18.11 12.65 30.10
C ARG F 242 -17.55 14.00 29.70
N ASP F 243 -16.31 14.04 29.21
CA ASP F 243 -15.72 15.31 28.76
C ASP F 243 -16.48 15.89 27.58
N TYR F 244 -16.92 15.03 26.65
CA TYR F 244 -17.63 15.47 25.46
C TYR F 244 -19.14 15.49 25.64
N GLY F 245 -19.64 15.25 26.85
CA GLY F 245 -21.06 15.35 27.13
C GLY F 245 -21.91 14.22 26.61
N PHE F 246 -21.38 13.00 26.57
CA PHE F 246 -22.10 11.84 26.09
C PHE F 246 -22.55 10.96 27.24
N ARG F 247 -23.57 10.15 26.97
CA ARG F 247 -24.00 9.07 27.85
C ARG F 247 -23.64 7.74 27.21
N VAL F 248 -23.41 6.73 28.04
CA VAL F 248 -22.92 5.42 27.59
C VAL F 248 -24.00 4.37 27.85
N ALA F 249 -24.34 3.62 26.81
CA ALA F 249 -25.22 2.46 26.91
C ALA F 249 -24.40 1.21 26.66
N ALA F 250 -24.58 0.22 27.54
CA ALA F 250 -23.78 -1.02 27.43
C ALA F 250 -24.68 -2.24 27.14
N HIS F 251 -24.43 -2.94 26.04
CA HIS F 251 -25.11 -4.22 25.76
C HIS F 251 -24.45 -5.29 26.64
N ALA F 252 -25.22 -6.03 27.44
CA ALA F 252 -24.63 -7.02 28.36
C ALA F 252 -25.54 -8.21 28.63
N HIS F 253 -25.04 -9.43 28.43
CA HIS F 253 -25.78 -10.63 28.78
C HIS F 253 -25.23 -11.29 30.04
N GLY F 254 -23.91 -11.50 30.11
CA GLY F 254 -23.34 -12.19 31.24
C GLY F 254 -23.22 -11.34 32.49
N THR F 255 -23.15 -11.99 33.65
CA THR F 255 -23.14 -11.28 34.95
C THR F 255 -21.84 -10.53 35.22
N GLU F 256 -20.69 -11.05 34.80
CA GLU F 256 -19.43 -10.38 35.14
C GLU F 256 -19.24 -9.10 34.33
N GLY F 257 -19.46 -9.17 33.01
CA GLY F 257 -19.33 -7.97 32.19
C GLY F 257 -20.35 -6.91 32.55
N MET F 258 -21.58 -7.33 32.86
CA MET F 258 -22.61 -6.39 33.28
C MET F 258 -22.26 -5.74 34.61
N LYS F 259 -21.69 -6.51 35.54
CA LYS F 259 -21.22 -5.94 36.80
C LYS F 259 -20.13 -4.91 36.56
N ARG F 260 -19.17 -5.23 35.68
CA ARG F 260 -18.11 -4.27 35.37
C ARG F 260 -18.67 -3.00 34.76
N ALA F 261 -19.63 -3.13 33.84
CA ALA F 261 -20.23 -1.96 33.21
C ALA F 261 -20.98 -1.11 34.23
N VAL F 262 -21.74 -1.74 35.13
CA VAL F 262 -22.48 -1.00 36.14
C VAL F 262 -21.53 -0.27 37.09
N GLN F 263 -20.45 -0.96 37.51
CA GLN F 263 -19.52 -0.33 38.45
C GLN F 263 -18.65 0.74 37.79
N ALA F 264 -18.49 0.69 36.46
CA ALA F 264 -17.72 1.73 35.80
C ALA F 264 -18.49 3.05 35.70
N GLY F 265 -19.81 2.98 35.55
CA GLY F 265 -20.61 4.18 35.51
C GLY F 265 -21.37 4.42 34.22
N VAL F 266 -21.79 3.34 33.55
CA VAL F 266 -22.61 3.51 32.35
C VAL F 266 -24.01 3.96 32.74
N THR F 267 -24.72 4.53 31.76
CA THR F 267 -26.03 5.13 32.04
C THR F 267 -27.15 4.10 31.99
N SER F 268 -27.11 3.18 31.03
CA SER F 268 -28.14 2.16 30.89
C SER F 268 -27.50 0.82 30.55
N ILE F 269 -28.24 -0.24 30.86
CA ILE F 269 -27.82 -1.61 30.59
C ILE F 269 -28.85 -2.24 29.65
N GLU F 270 -28.38 -2.95 28.64
CA GLU F 270 -29.23 -3.53 27.60
C GLU F 270 -29.33 -5.04 27.77
N HIS F 271 -30.56 -5.54 27.76
CA HIS F 271 -30.99 -6.94 27.76
C HIS F 271 -30.81 -7.66 29.09
N GLY F 272 -29.96 -7.15 29.98
CA GLY F 272 -29.82 -7.63 31.35
C GLY F 272 -30.03 -9.12 31.59
N THR F 273 -29.50 -9.98 30.71
CA THR F 273 -30.02 -11.35 30.62
C THR F 273 -29.75 -12.17 31.87
N TYR F 274 -28.52 -12.11 32.39
CA TYR F 274 -28.12 -12.94 33.53
C TYR F 274 -27.94 -12.10 34.80
N MET F 275 -28.83 -11.13 35.00
CA MET F 275 -28.75 -10.25 36.15
C MET F 275 -29.14 -10.99 37.43
N ASP F 276 -28.37 -10.75 38.50
CA ASP F 276 -28.65 -11.39 39.78
C ASP F 276 -28.75 -10.38 40.92
N ASP F 277 -28.84 -10.82 42.16
CA ASP F 277 -29.11 -9.89 43.28
C ASP F 277 -27.95 -8.91 43.55
N GLU F 278 -26.70 -9.35 43.38
CA GLU F 278 -25.60 -8.40 43.57
C GLU F 278 -25.64 -7.31 42.51
N VAL F 279 -25.88 -7.69 41.25
CA VAL F 279 -25.98 -6.70 40.18
C VAL F 279 -27.17 -5.79 40.42
N MET F 280 -28.31 -6.36 40.84
CA MET F 280 -29.48 -5.53 41.10
C MET F 280 -29.21 -4.51 42.20
N ARG F 281 -28.54 -4.93 43.27
CA ARG F 281 -28.17 -3.99 44.32
C ARG F 281 -27.26 -2.90 43.77
N LEU F 282 -26.30 -3.27 42.92
CA LEU F 282 -25.38 -2.29 42.36
C LEU F 282 -26.11 -1.27 41.49
N MET F 283 -27.05 -1.72 40.66
CA MET F 283 -27.81 -0.78 39.82
C MET F 283 -28.72 0.10 40.66
N LYS F 284 -29.35 -0.47 41.70
CA LYS F 284 -30.21 0.33 42.57
C LYS F 284 -29.41 1.42 43.28
N GLN F 285 -28.20 1.09 43.73
CA GLN F 285 -27.38 2.07 44.42
C GLN F 285 -26.78 3.09 43.46
N HIS F 286 -26.43 2.66 42.24
CA HIS F 286 -25.84 3.55 41.25
C HIS F 286 -26.87 4.35 40.48
N GLY F 287 -28.12 3.90 40.44
CA GLY F 287 -29.13 4.59 39.67
C GLY F 287 -29.13 4.27 38.19
N THR F 288 -28.64 3.10 37.81
CA THR F 288 -28.55 2.71 36.40
C THR F 288 -29.92 2.31 35.87
N TRP F 289 -30.20 2.71 34.63
CA TRP F 289 -31.43 2.33 33.96
C TRP F 289 -31.29 0.98 33.28
N TYR F 290 -32.41 0.27 33.16
CA TYR F 290 -32.44 -1.09 32.62
C TYR F 290 -33.41 -1.14 31.44
N VAL F 291 -32.97 -1.69 30.33
CA VAL F 291 -33.76 -1.81 29.11
C VAL F 291 -33.90 -3.30 28.76
N PRO F 292 -35.06 -3.90 29.02
CA PRO F 292 -35.17 -5.37 28.85
C PRO F 292 -35.22 -5.83 27.39
N THR F 293 -35.98 -5.15 26.53
CA THR F 293 -36.18 -5.55 25.13
C THR F 293 -36.82 -6.95 25.03
N PHE F 294 -38.09 -7.00 25.44
CA PHE F 294 -38.87 -8.24 25.33
C PHE F 294 -38.96 -8.71 23.88
N TYR F 295 -39.18 -7.78 22.95
CA TYR F 295 -39.47 -8.14 21.56
C TYR F 295 -38.32 -8.90 20.93
N ALA F 296 -37.09 -8.45 21.17
CA ALA F 296 -35.93 -9.11 20.55
C ALA F 296 -35.79 -10.54 21.05
N GLY F 297 -35.95 -10.76 22.35
CA GLY F 297 -35.86 -12.11 22.88
C GLY F 297 -36.93 -13.02 22.33
N ARG F 298 -38.18 -12.54 22.28
CA ARG F 298 -39.25 -13.35 21.72
C ARG F 298 -38.99 -13.67 20.25
N PHE F 299 -38.53 -12.67 19.48
CA PHE F 299 -38.27 -12.88 18.06
C PHE F 299 -37.17 -13.91 17.84
N VAL F 300 -36.06 -13.81 18.58
CA VAL F 300 -34.99 -14.77 18.37
C VAL F 300 -35.41 -16.16 18.83
N THR F 301 -36.20 -16.26 19.90
CA THR F 301 -36.69 -17.57 20.32
C THR F 301 -37.58 -18.19 19.25
N GLU F 302 -38.46 -17.40 18.65
CA GLU F 302 -39.30 -17.93 17.58
C GLU F 302 -38.49 -18.34 16.36
N LYS F 303 -37.50 -17.54 15.98
CA LYS F 303 -36.74 -17.82 14.76
C LYS F 303 -35.67 -18.89 14.94
N ALA F 304 -35.32 -19.23 16.17
CA ALA F 304 -34.36 -20.31 16.39
C ALA F 304 -34.97 -21.69 16.15
N ALA F 305 -36.29 -21.78 16.00
CA ALA F 305 -36.96 -23.03 15.70
C ALA F 305 -37.15 -23.28 14.21
N ILE F 306 -36.67 -22.37 13.36
CA ILE F 306 -36.76 -22.53 11.92
C ILE F 306 -35.39 -22.96 11.40
N ASP F 307 -35.38 -24.01 10.58
CA ASP F 307 -34.12 -24.58 10.10
C ASP F 307 -33.54 -23.71 8.98
N GLY F 308 -32.30 -23.28 9.17
CA GLY F 308 -31.59 -22.52 8.16
C GLY F 308 -31.76 -21.01 8.25
N TYR F 309 -32.62 -20.52 9.14
CA TYR F 309 -32.79 -19.08 9.28
C TYR F 309 -31.51 -18.42 9.81
N PHE F 310 -30.99 -18.94 10.90
CA PHE F 310 -29.74 -18.48 11.48
C PHE F 310 -28.59 -19.38 11.07
N PRO F 311 -27.36 -18.88 11.11
CA PRO F 311 -26.20 -19.77 10.91
C PRO F 311 -26.08 -20.75 12.06
N GLU F 312 -25.37 -21.86 11.79
CA GLU F 312 -25.26 -22.93 12.77
C GLU F 312 -24.58 -22.45 14.05
N VAL F 313 -23.65 -21.50 13.95
CA VAL F 313 -22.99 -20.97 15.13
C VAL F 313 -23.89 -20.03 15.93
N VAL F 314 -24.98 -19.54 15.32
CA VAL F 314 -25.85 -18.58 15.99
C VAL F 314 -27.04 -19.25 16.66
N ARG F 315 -27.57 -20.32 16.08
CA ARG F 315 -28.83 -20.90 16.54
C ARG F 315 -28.82 -21.36 17.99
N PRO F 316 -27.82 -22.12 18.48
CA PRO F 316 -27.85 -22.51 19.89
C PRO F 316 -27.84 -21.33 20.86
N LYS F 317 -27.07 -20.28 20.56
CA LYS F 317 -27.05 -19.11 21.42
C LYS F 317 -28.42 -18.43 21.46
N ALA F 318 -29.07 -18.28 20.31
CA ALA F 318 -30.41 -17.70 20.29
C ALA F 318 -31.38 -18.54 21.11
N ALA F 319 -31.40 -19.85 20.87
CA ALA F 319 -32.33 -20.72 21.58
C ALA F 319 -32.09 -20.67 23.10
N ARG F 320 -30.84 -20.59 23.52
CA ARG F 320 -30.54 -20.58 24.95
C ARG F 320 -30.91 -19.23 25.58
N ILE F 321 -30.56 -18.13 24.92
CA ILE F 321 -30.61 -16.84 25.60
C ILE F 321 -31.95 -16.11 25.42
N GLY F 322 -32.68 -16.37 24.33
CA GLY F 322 -33.91 -15.63 24.09
C GLY F 322 -34.97 -15.85 25.15
N ALA F 323 -35.05 -17.06 25.69
CA ALA F 323 -36.14 -17.42 26.61
C ALA F 323 -35.76 -17.19 28.07
N LEU F 324 -35.22 -16.01 28.38
CA LEU F 324 -34.82 -15.72 29.77
C LEU F 324 -35.08 -14.23 30.04
N ILE F 325 -35.34 -13.45 29.00
CA ILE F 325 -35.49 -11.98 29.15
C ILE F 325 -36.76 -11.66 29.95
N SER F 326 -37.89 -12.29 29.63
CA SER F 326 -39.18 -11.97 30.31
C SER F 326 -39.05 -12.17 31.82
N GLN F 327 -38.57 -13.33 32.25
CA GLN F 327 -38.41 -13.65 33.66
C GLN F 327 -37.43 -12.70 34.33
N THR F 328 -36.29 -12.43 33.68
CA THR F 328 -35.31 -11.53 34.28
C THR F 328 -35.87 -10.13 34.46
N ALA F 329 -36.60 -9.62 33.47
CA ALA F 329 -37.16 -8.28 33.55
C ALA F 329 -38.23 -8.20 34.64
N ALA F 330 -39.09 -9.22 34.74
CA ALA F 330 -40.11 -9.20 35.79
C ALA F 330 -39.48 -9.26 37.18
N LYS F 331 -38.47 -10.12 37.35
CA LYS F 331 -37.84 -10.23 38.67
C LYS F 331 -36.99 -8.99 38.99
N ALA F 332 -36.51 -8.28 37.97
CA ALA F 332 -35.85 -7.01 38.20
C ALA F 332 -36.84 -5.93 38.60
N TYR F 333 -38.02 -5.92 37.97
CA TYR F 333 -39.04 -4.95 38.35
C TYR F 333 -39.55 -5.19 39.76
N ARG F 334 -39.63 -6.46 40.19
CA ARG F 334 -40.10 -6.75 41.53
C ARG F 334 -39.14 -6.23 42.60
N ASN F 335 -37.86 -6.08 42.28
CA ASN F 335 -36.86 -5.61 43.23
C ASN F 335 -36.67 -4.10 43.21
N GLY F 336 -37.32 -3.38 42.31
CA GLY F 336 -37.20 -1.94 42.27
C GLY F 336 -36.17 -1.38 41.33
N VAL F 337 -35.71 -2.16 40.35
CA VAL F 337 -34.78 -1.64 39.35
C VAL F 337 -35.56 -0.77 38.37
N ARG F 338 -35.06 0.44 38.14
CA ARG F 338 -35.71 1.36 37.21
C ARG F 338 -35.64 0.84 35.78
N ILE F 339 -36.78 0.80 35.11
CA ILE F 339 -36.92 0.18 33.80
C ILE F 339 -37.39 1.22 32.79
N ALA F 340 -36.81 1.20 31.60
CA ALA F 340 -37.19 2.10 30.52
C ALA F 340 -37.56 1.30 29.28
N PHE F 341 -38.27 1.96 28.36
CA PHE F 341 -38.85 1.29 27.21
C PHE F 341 -37.81 1.10 26.11
N GLY F 342 -37.68 -0.13 25.63
CA GLY F 342 -36.81 -0.45 24.53
C GLY F 342 -37.20 -1.74 23.86
N THR F 343 -36.92 -1.89 22.56
CA THR F 343 -37.43 -3.07 21.81
C THR F 343 -36.33 -3.79 21.02
N ASP F 344 -35.36 -3.04 20.49
CA ASP F 344 -34.31 -3.62 19.61
C ASP F 344 -34.89 -3.88 18.21
N GLN F 345 -35.83 -3.03 17.76
CA GLN F 345 -36.37 -3.17 16.38
C GLN F 345 -35.15 -3.15 15.47
N GLY F 346 -35.20 -3.83 14.33
CA GLY F 346 -33.98 -4.05 13.55
C GLY F 346 -33.77 -5.54 13.68
N VAL F 347 -34.07 -6.08 14.87
CA VAL F 347 -34.11 -7.55 15.07
C VAL F 347 -35.53 -7.90 14.63
N GLY F 348 -36.53 -7.38 15.24
CA GLY F 348 -37.92 -7.54 14.82
C GLY F 348 -38.31 -6.48 13.79
N PRO F 349 -39.48 -6.57 13.13
CA PRO F 349 -39.84 -5.62 12.06
C PRO F 349 -40.19 -4.18 12.49
N HIS F 350 -39.69 -3.17 11.78
CA HIS F 350 -39.96 -1.80 12.20
C HIS F 350 -41.43 -1.45 12.02
N GLY F 351 -41.95 -0.67 12.97
CA GLY F 351 -43.36 -0.30 12.98
C GLY F 351 -44.22 -1.16 13.88
N ASP F 352 -43.67 -2.19 14.50
CA ASP F 352 -44.39 -3.07 15.42
C ASP F 352 -43.92 -2.90 16.86
N ASN F 353 -43.31 -1.76 17.15
CA ASN F 353 -42.67 -1.50 18.48
C ASN F 353 -43.69 -1.46 19.63
N ALA F 354 -44.93 -1.03 19.38
CA ALA F 354 -45.93 -0.93 20.43
C ALA F 354 -46.32 -2.29 21.02
N ARG F 355 -46.12 -3.38 20.28
CA ARG F 355 -46.36 -4.71 20.82
C ARG F 355 -45.55 -4.97 22.08
N GLU F 356 -44.37 -4.35 22.20
CA GLU F 356 -43.58 -4.48 23.42
C GLU F 356 -44.39 -4.08 24.65
N PHE F 357 -45.23 -3.05 24.54
CA PHE F 357 -46.11 -2.68 25.64
C PHE F 357 -46.88 -3.88 26.16
N VAL F 358 -47.48 -4.65 25.24
CA VAL F 358 -48.23 -5.83 25.64
C VAL F 358 -47.33 -6.80 26.40
N TYR F 359 -46.12 -7.05 25.88
CA TYR F 359 -45.20 -7.95 26.55
C TYR F 359 -44.84 -7.44 27.93
N MET F 360 -44.89 -6.13 28.13
CA MET F 360 -44.59 -5.57 29.45
C MET F 360 -45.74 -5.80 30.42
N VAL F 361 -46.98 -5.80 29.93
CA VAL F 361 -48.12 -5.88 30.82
C VAL F 361 -48.36 -7.33 31.27
N GLU F 362 -48.24 -8.28 30.34
CA GLU F 362 -48.43 -9.67 30.70
C GLU F 362 -47.32 -10.23 31.56
N ALA F 363 -46.22 -9.50 31.72
CA ALA F 363 -45.12 -9.91 32.58
C ALA F 363 -45.26 -9.37 34.00
N GLY F 364 -46.33 -8.65 34.30
CA GLY F 364 -46.58 -8.17 35.64
C GLY F 364 -46.30 -6.70 35.89
N ILE F 365 -46.05 -5.92 34.85
CA ILE F 365 -45.78 -4.48 34.97
C ILE F 365 -47.06 -3.73 34.63
N PRO F 366 -47.54 -2.83 35.49
CA PRO F 366 -48.80 -2.13 35.21
C PRO F 366 -48.69 -1.26 33.95
N ALA F 367 -49.84 -1.08 33.30
CA ALA F 367 -49.89 -0.30 32.07
C ALA F 367 -49.48 1.15 32.29
N ALA F 368 -49.82 1.72 33.44
CA ALA F 368 -49.43 3.09 33.73
C ALA F 368 -47.92 3.23 33.77
N TYR F 369 -47.23 2.30 34.43
CA TYR F 369 -45.78 2.33 34.45
C TYR F 369 -45.20 2.03 33.07
N ALA F 370 -45.86 1.16 32.29
CA ALA F 370 -45.38 0.87 30.94
C ALA F 370 -45.42 2.11 30.06
N LEU F 371 -46.46 2.93 30.20
CA LEU F 371 -46.56 4.16 29.43
C LEU F 371 -45.59 5.21 29.96
N GLN F 372 -45.42 5.29 31.28
CA GLN F 372 -44.49 6.23 31.84
C GLN F 372 -43.05 5.93 31.42
N ALA F 373 -42.69 4.65 31.35
CA ALA F 373 -41.34 4.26 30.92
C ALA F 373 -41.05 4.69 29.50
N ALA F 374 -42.07 4.80 28.65
CA ALA F 374 -41.90 5.25 27.28
C ALA F 374 -42.06 6.76 27.11
N THR F 375 -42.47 7.48 28.13
CA THR F 375 -42.71 8.93 27.90
C THR F 375 -41.85 9.76 28.84
N VAL F 376 -41.96 9.53 30.15
CA VAL F 376 -41.29 10.45 31.05
C VAL F 376 -39.96 9.87 31.52
N HIS F 377 -39.87 8.54 31.61
CA HIS F 377 -38.60 7.91 31.96
C HIS F 377 -37.63 7.90 30.78
N ALA F 378 -38.17 7.83 29.55
CA ALA F 378 -37.31 7.87 28.37
C ALA F 378 -36.58 9.21 28.27
N ALA F 379 -37.24 10.30 28.64
CA ALA F 379 -36.58 11.60 28.64
C ALA F 379 -35.45 11.65 29.65
N GLN F 380 -35.64 11.04 30.82
CA GLN F 380 -34.57 10.98 31.81
C GLN F 380 -33.41 10.14 31.31
N VAL F 381 -33.71 9.03 30.61
CA VAL F 381 -32.65 8.21 30.04
C VAL F 381 -31.88 8.99 28.97
N LEU F 382 -32.59 9.74 28.13
CA LEU F 382 -31.95 10.50 27.06
C LEU F 382 -31.17 11.69 27.58
N GLY F 383 -31.51 12.21 28.76
CA GLY F 383 -30.83 13.38 29.27
C GLY F 383 -31.35 14.69 28.76
N VAL F 384 -32.57 14.73 28.24
CA VAL F 384 -33.20 15.95 27.77
C VAL F 384 -34.38 16.27 28.68
N ASP F 385 -34.83 17.53 28.59
CA ASP F 385 -35.93 17.99 29.43
C ASP F 385 -37.00 18.75 28.65
N ASP F 386 -37.00 18.66 27.32
CA ASP F 386 -37.95 19.37 26.49
C ASP F 386 -39.03 18.47 25.91
N GLN F 387 -39.18 17.25 26.43
CA GLN F 387 -40.15 16.30 25.91
C GLN F 387 -40.51 15.32 27.01
N GLY F 388 -41.61 14.59 26.79
CA GLY F 388 -42.02 13.55 27.71
C GLY F 388 -43.37 13.79 28.36
N VAL F 389 -43.70 15.05 28.64
CA VAL F 389 -44.96 15.41 29.28
C VAL F 389 -45.60 16.55 28.50
N LEU F 390 -46.93 16.55 28.47
CA LEU F 390 -47.70 17.58 27.78
C LEU F 390 -47.87 18.77 28.70
N GLU F 391 -46.81 19.58 28.80
CA GLU F 391 -46.76 20.73 29.68
C GLU F 391 -46.28 21.95 28.90
N PRO F 392 -46.65 23.15 29.36
CA PRO F 392 -46.25 24.36 28.62
C PRO F 392 -44.75 24.49 28.50
N GLY F 393 -44.30 24.98 27.34
CA GLY F 393 -42.90 25.19 27.07
C GLY F 393 -42.14 23.99 26.54
N LYS F 394 -42.82 22.88 26.26
CA LYS F 394 -42.18 21.67 25.79
C LYS F 394 -42.63 21.35 24.37
N ARG F 395 -41.88 20.48 23.71
CA ARG F 395 -42.17 20.11 22.33
C ARG F 395 -43.55 19.49 22.21
N ALA F 396 -44.23 19.79 21.11
CA ALA F 396 -45.60 19.32 20.89
C ALA F 396 -45.57 18.02 20.09
N ASP F 397 -45.23 16.94 20.78
CA ASP F 397 -45.31 15.59 20.23
C ASP F 397 -46.51 14.91 20.87
N VAL F 398 -47.60 14.79 20.11
CA VAL F 398 -48.88 14.33 20.64
C VAL F 398 -49.38 13.18 19.78
N ILE F 399 -49.77 12.08 20.43
CA ILE F 399 -50.41 10.97 19.75
C ILE F 399 -51.77 10.73 20.39
N ALA F 400 -52.64 10.03 19.65
CA ALA F 400 -53.99 9.74 20.12
C ALA F 400 -54.35 8.30 19.80
N LEU F 401 -55.04 7.66 20.74
CA LEU F 401 -55.49 6.29 20.59
C LEU F 401 -57.01 6.24 20.59
N ALA F 402 -57.56 5.27 19.86
CA ALA F 402 -59.01 5.11 19.81
C ALA F 402 -59.57 4.64 21.15
N GLY F 403 -58.94 3.61 21.73
CA GLY F 403 -59.38 3.05 22.99
C GLY F 403 -58.58 3.56 24.17
N ASN F 404 -58.93 3.03 25.35
CA ASN F 404 -58.27 3.42 26.60
C ASN F 404 -57.22 2.39 26.96
N PRO F 405 -55.94 2.77 27.04
CA PRO F 405 -54.89 1.78 27.30
C PRO F 405 -54.83 1.28 28.74
N LEU F 406 -55.41 2.01 29.69
CA LEU F 406 -55.34 1.60 31.09
C LEU F 406 -56.28 0.46 31.44
N GLU F 407 -57.20 0.10 30.55
CA GLU F 407 -58.06 -1.07 30.72
C GLU F 407 -57.72 -2.22 29.80
N ASP F 408 -57.50 -1.95 28.52
CA ASP F 408 -56.99 -2.93 27.57
C ASP F 408 -55.73 -2.36 26.94
N ILE F 409 -54.63 -3.10 27.03
CA ILE F 409 -53.36 -2.61 26.51
C ILE F 409 -53.31 -2.67 24.99
N ASN F 410 -54.08 -3.57 24.36
CA ASN F 410 -54.04 -3.73 22.91
C ASN F 410 -54.44 -2.46 22.18
N ALA F 411 -55.10 -1.52 22.86
CA ALA F 411 -55.45 -0.24 22.27
C ALA F 411 -54.22 0.53 21.79
N VAL F 412 -53.03 0.22 22.32
CA VAL F 412 -51.82 0.87 21.83
C VAL F 412 -51.46 0.47 20.42
N LEU F 413 -52.14 -0.52 19.86
CA LEU F 413 -51.84 -1.01 18.51
C LEU F 413 -52.63 -0.28 17.43
N ASP F 414 -53.48 0.68 17.79
CA ASP F 414 -54.29 1.43 16.84
C ASP F 414 -54.13 2.92 17.10
N VAL F 415 -53.11 3.52 16.50
CA VAL F 415 -52.84 4.95 16.66
C VAL F 415 -53.56 5.71 15.55
N ARG F 416 -54.32 6.74 15.94
CA ARG F 416 -55.15 7.48 14.99
C ARG F 416 -54.62 8.87 14.67
N PHE F 417 -53.95 9.53 15.60
CA PHE F 417 -53.46 10.88 15.42
C PHE F 417 -52.01 10.95 15.86
N VAL F 418 -51.15 11.48 14.99
CA VAL F 418 -49.72 11.64 15.27
C VAL F 418 -49.31 13.04 14.86
N MET F 419 -48.72 13.74 15.82
CA MET F 419 -48.21 15.12 15.60
C MET F 419 -46.81 15.19 16.21
N LYS F 420 -45.87 15.83 15.52
CA LYS F 420 -44.50 15.95 15.99
C LYS F 420 -44.00 17.36 15.72
N ASP F 421 -43.58 18.05 16.78
CA ASP F 421 -43.08 19.43 16.70
C ASP F 421 -44.11 20.40 16.13
N GLY F 422 -45.38 20.12 16.36
CA GLY F 422 -46.44 20.99 15.89
C GLY F 422 -46.98 20.69 14.51
N VAL F 423 -46.37 19.77 13.79
CA VAL F 423 -46.80 19.40 12.44
C VAL F 423 -47.56 18.08 12.52
N ILE F 424 -48.77 18.06 11.94
CA ILE F 424 -49.59 16.86 11.96
C ILE F 424 -49.13 15.93 10.86
N TYR F 425 -48.74 14.71 11.24
CA TYR F 425 -48.36 13.68 10.28
C TYR F 425 -49.42 12.62 10.08
N LYS F 426 -50.34 12.45 11.02
CA LYS F 426 -51.46 11.53 10.82
C LYS F 426 -52.68 12.05 11.54
N GLN F 427 -53.83 12.02 10.88
CA GLN F 427 -55.08 12.41 11.49
C GLN F 427 -56.26 11.64 10.90
N PRO G 22 26.91 51.82 9.96
CA PRO G 22 27.36 52.96 10.77
C PRO G 22 26.51 54.20 10.52
N VAL G 23 25.34 54.27 11.16
CA VAL G 23 24.40 55.36 10.94
C VAL G 23 24.03 55.96 12.29
N ALA G 24 23.51 57.18 12.27
CA ALA G 24 23.02 57.85 13.46
C ALA G 24 21.62 58.39 13.19
N VAL G 25 20.65 57.98 14.01
CA VAL G 25 19.26 58.37 13.86
C VAL G 25 18.94 59.40 14.94
N GLN G 26 18.40 60.53 14.52
CA GLN G 26 18.09 61.63 15.43
C GLN G 26 16.57 61.77 15.52
N CYS G 27 16.01 61.41 16.67
CA CYS G 27 14.58 61.46 16.90
C CYS G 27 14.21 62.63 17.79
N GLY G 28 13.16 63.35 17.40
CA GLY G 28 12.70 64.48 18.19
C GLY G 28 12.13 64.08 19.53
N ARG G 29 11.46 62.93 19.59
CA ARG G 29 10.94 62.40 20.85
C ARG G 29 11.09 60.89 20.84
N LEU G 30 11.48 60.33 21.98
CA LEU G 30 11.77 58.90 22.12
C LEU G 30 10.85 58.30 23.18
N PHE G 31 10.45 57.06 22.95
CA PHE G 31 9.63 56.32 23.89
C PHE G 31 10.48 55.29 24.62
N ASP G 32 10.37 55.26 25.94
CA ASP G 32 11.10 54.31 26.77
C ASP G 32 10.15 53.18 27.15
N ALA G 33 10.33 52.02 26.51
CA ALA G 33 9.46 50.88 26.78
C ALA G 33 9.69 50.30 28.18
N ARG G 34 10.87 50.50 28.76
CA ARG G 34 11.13 49.95 30.08
C ARG G 34 10.29 50.64 31.15
N SER G 35 10.06 51.95 31.00
CA SER G 35 9.31 52.72 31.98
C SER G 35 7.94 53.17 31.49
N GLY G 36 7.72 53.25 30.18
CA GLY G 36 6.44 53.67 29.67
C GLY G 36 6.26 55.16 29.52
N GLN G 37 7.35 55.93 29.48
CA GLN G 37 7.29 57.38 29.37
C GLN G 37 7.91 57.84 28.05
N LEU G 38 7.49 59.02 27.62
CA LEU G 38 7.98 59.62 26.39
C LEU G 38 9.04 60.67 26.73
N LYS G 39 10.25 60.45 26.23
CA LYS G 39 11.37 61.34 26.54
C LYS G 39 11.49 62.43 25.47
N GLY G 40 12.59 63.18 25.51
CA GLY G 40 12.81 64.26 24.57
C GLY G 40 13.68 63.85 23.41
N PRO G 41 14.36 64.81 22.80
CA PRO G 41 15.23 64.50 21.65
C PRO G 41 16.33 63.53 22.03
N HIS G 42 16.68 62.66 21.09
CA HIS G 42 17.72 61.66 21.34
C HIS G 42 18.40 61.31 20.03
N THR G 43 19.62 60.77 20.15
CA THR G 43 20.38 60.27 19.02
C THR G 43 20.79 58.84 19.30
N LEU G 44 20.60 57.96 18.32
CA LEU G 44 20.92 56.54 18.45
C LEU G 44 21.96 56.17 17.41
N LEU G 45 23.05 55.56 17.87
CA LEU G 45 24.15 55.16 16.98
C LEU G 45 24.00 53.68 16.66
N VAL G 46 23.70 53.37 15.40
CA VAL G 46 23.46 52.01 14.94
C VAL G 46 24.68 51.54 14.16
N ALA G 47 25.25 50.42 14.60
CA ALA G 47 26.42 49.84 13.95
C ALA G 47 26.38 48.33 14.12
N ASP G 48 26.67 47.61 13.02
CA ASP G 48 26.71 46.15 13.02
C ASP G 48 25.38 45.53 13.41
N GLY G 49 24.28 46.22 13.08
CA GLY G 49 22.96 45.68 13.34
C GLY G 49 22.48 45.79 14.76
N ARG G 50 23.26 46.41 15.64
CA ARG G 50 22.89 46.57 17.04
C ARG G 50 22.85 48.04 17.40
N ILE G 51 22.13 48.34 18.47
CA ILE G 51 22.12 49.70 19.02
C ILE G 51 23.38 49.88 19.85
N ARG G 52 24.21 50.82 19.46
CA ARG G 52 25.51 50.96 20.09
C ARG G 52 25.48 51.93 21.27
N GLN G 53 24.88 53.10 21.10
CA GLN G 53 24.95 54.12 22.14
C GLN G 53 23.90 55.19 21.90
N VAL G 54 23.29 55.65 23.00
CA VAL G 54 22.21 56.63 22.98
C VAL G 54 22.73 57.93 23.58
N LEU G 55 22.49 59.04 22.89
CA LEU G 55 22.91 60.37 23.31
C LEU G 55 21.67 61.20 23.63
N PRO G 56 21.51 61.69 24.86
CA PRO G 56 20.44 62.64 25.13
C PRO G 56 20.58 63.88 24.25
N GLY G 57 19.44 64.43 23.86
CA GLY G 57 19.41 65.61 23.02
C GLY G 57 19.76 65.34 21.58
N ALA G 65 28.39 58.53 11.13
CA ALA G 65 28.53 58.79 9.71
C ALA G 65 27.28 59.42 9.13
N ARG G 66 26.48 58.61 8.44
CA ARG G 66 25.23 59.10 7.86
C ARG G 66 24.25 59.49 8.96
N VAL G 67 23.42 60.48 8.66
CA VAL G 67 22.46 61.02 9.61
C VAL G 67 21.05 60.82 9.04
N VAL G 68 20.20 60.16 9.81
CA VAL G 68 18.77 60.06 9.52
C VAL G 68 18.05 61.02 10.47
N ASP G 69 17.17 61.85 9.92
CA ASP G 69 16.52 62.92 10.68
C ASP G 69 15.03 62.63 10.78
N LEU G 70 14.55 62.38 12.00
CA LEU G 70 13.13 62.23 12.30
C LEU G 70 12.75 63.18 13.43
N GLY G 71 13.18 64.44 13.30
CA GLY G 71 13.03 65.41 14.38
C GLY G 71 11.60 65.79 14.69
N ASP G 72 10.69 65.60 13.74
CA ASP G 72 9.28 65.89 13.95
C ASP G 72 8.44 64.61 14.12
N LYS G 73 9.10 63.49 14.39
CA LYS G 73 8.43 62.21 14.53
C LYS G 73 8.77 61.60 15.88
N VAL G 74 7.96 60.62 16.29
CA VAL G 74 8.12 59.92 17.56
C VAL G 74 8.76 58.57 17.27
N CYS G 75 9.87 58.29 17.93
CA CYS G 75 10.61 57.05 17.73
C CYS G 75 10.20 56.01 18.77
N LEU G 76 10.07 54.76 18.32
CA LEU G 76 9.68 53.65 19.17
C LEU G 76 10.44 52.40 18.74
N PRO G 77 10.58 51.42 19.62
CA PRO G 77 11.09 50.11 19.19
C PRO G 77 10.10 49.42 18.26
N GLY G 78 10.63 48.56 17.40
CA GLY G 78 9.77 47.82 16.50
C GLY G 78 8.81 46.92 17.25
N TRP G 79 7.58 46.84 16.76
CA TRP G 79 6.54 46.09 17.44
C TRP G 79 6.68 44.60 17.18
N THR G 80 6.07 43.80 18.06
CA THR G 80 6.01 42.36 17.91
C THR G 80 4.56 41.91 18.00
N ASP G 81 4.14 41.08 17.06
CA ASP G 81 2.80 40.50 17.05
C ASP G 81 2.93 39.03 17.39
N LEU G 82 2.36 38.63 18.52
CA LEU G 82 2.58 37.30 19.08
C LEU G 82 1.59 36.26 18.57
N HIS G 83 0.68 36.62 17.65
CA HIS G 83 -0.27 35.65 17.12
C HIS G 83 -0.59 36.06 15.68
N VAL G 84 0.07 35.42 14.71
CA VAL G 84 -0.21 35.61 13.29
C VAL G 84 -0.24 34.27 12.59
N HIS G 85 -0.88 34.23 11.43
CA HIS G 85 -0.87 33.08 10.53
C HIS G 85 -0.52 33.60 9.15
N LEU G 86 0.77 33.68 8.84
CA LEU G 86 1.23 34.27 7.60
C LEU G 86 1.01 33.39 6.39
N GLY G 87 0.60 32.13 6.58
CA GLY G 87 0.31 31.23 5.49
C GLY G 87 -1.14 31.16 5.06
N SER G 88 -1.98 32.08 5.52
CA SER G 88 -3.39 32.06 5.16
C SER G 88 -3.98 33.44 5.38
N GLN G 89 -5.18 33.64 4.83
CA GLN G 89 -5.96 34.85 5.08
C GLN G 89 -7.42 34.54 4.78
N SER G 90 -8.31 34.88 5.71
CA SER G 90 -9.71 34.50 5.60
C SER G 90 -10.36 35.18 4.40
N SER G 91 -11.21 34.41 3.70
CA SER G 91 -11.87 34.89 2.50
C SER G 91 -13.13 34.04 2.31
N PRO G 92 -14.04 34.46 1.42
CA PRO G 92 -15.23 33.63 1.15
C PRO G 92 -14.90 32.26 0.56
N GLN G 93 -13.70 32.08 0.00
CA GLN G 93 -13.33 30.83 -0.64
C GLN G 93 -12.40 29.97 0.23
N SER G 94 -12.30 30.30 1.52
CA SER G 94 -11.32 29.64 2.38
C SER G 94 -11.60 28.14 2.52
N TYR G 95 -12.84 27.78 2.79
CA TYR G 95 -13.17 26.41 3.18
C TYR G 95 -13.15 25.42 2.02
N SER G 96 -12.60 25.82 0.87
CA SER G 96 -12.32 24.90 -0.21
C SER G 96 -10.83 24.83 -0.56
N GLU G 97 -10.01 25.77 -0.06
CA GLU G 97 -8.60 25.81 -0.45
C GLU G 97 -7.84 24.56 -0.03
N ASP G 98 -8.37 23.78 0.91
CA ASP G 98 -7.72 22.53 1.31
C ASP G 98 -7.77 21.47 0.23
N PHE G 99 -8.59 21.65 -0.81
CA PHE G 99 -8.75 20.65 -1.85
C PHE G 99 -8.34 21.13 -3.24
N ARG G 100 -8.10 22.43 -3.42
CA ARG G 100 -7.80 22.98 -4.73
C ARG G 100 -6.45 23.67 -4.84
N LEU G 101 -5.79 23.99 -3.74
CA LEU G 101 -4.57 24.79 -3.75
C LEU G 101 -3.40 23.99 -3.22
N ASP G 102 -2.22 24.26 -3.77
CA ASP G 102 -0.95 23.67 -3.37
C ASP G 102 -0.19 24.61 -2.45
N PRO G 103 0.80 24.09 -1.70
CA PRO G 103 1.59 24.97 -0.82
C PRO G 103 2.31 26.10 -1.52
N VAL G 104 2.73 25.91 -2.78
CA VAL G 104 3.42 26.98 -3.50
C VAL G 104 2.49 28.16 -3.74
N ASP G 105 1.21 27.87 -4.00
CA ASP G 105 0.22 28.93 -4.15
C ASP G 105 0.10 29.74 -2.87
N HIS G 106 0.21 29.09 -1.71
CA HIS G 106 0.16 29.80 -0.45
C HIS G 106 1.43 30.60 -0.20
N ALA G 107 2.60 30.08 -0.61
CA ALA G 107 3.85 30.80 -0.43
C ALA G 107 3.87 32.08 -1.24
N PHE G 108 3.33 32.03 -2.46
CA PHE G 108 3.29 33.23 -3.30
C PHE G 108 2.43 34.33 -2.67
N ARG G 109 1.39 33.96 -1.93
CA ARG G 109 0.61 34.95 -1.19
C ARG G 109 1.34 35.40 0.07
N ALA G 110 2.03 34.47 0.73
CA ALA G 110 2.75 34.78 1.95
C ALA G 110 3.86 35.80 1.73
N VAL G 111 4.43 35.85 0.52
CA VAL G 111 5.44 36.87 0.25
C VAL G 111 4.85 38.26 0.45
N GLY G 112 3.70 38.54 -0.17
CA GLY G 112 3.06 39.83 0.00
C GLY G 112 2.54 40.04 1.41
N TYR G 113 2.02 38.99 2.04
CA TYR G 113 1.56 39.12 3.42
C TYR G 113 2.69 39.56 4.35
N ALA G 114 3.86 38.93 4.24
CA ALA G 114 5.01 39.30 5.05
C ALA G 114 5.49 40.71 4.73
N GLU G 115 5.48 41.08 3.45
CA GLU G 115 5.88 42.44 3.10
C GLU G 115 4.96 43.47 3.75
N LYS G 116 3.65 43.26 3.69
CA LYS G 116 2.72 44.18 4.33
C LYS G 116 2.87 44.21 5.85
N THR G 117 3.09 43.05 6.46
CA THR G 117 3.28 43.00 7.90
C THR G 117 4.52 43.80 8.33
N LEU G 118 5.64 43.60 7.63
CA LEU G 118 6.84 44.37 7.96
C LEU G 118 6.63 45.85 7.72
N MET G 119 5.95 46.21 6.62
CA MET G 119 5.75 47.62 6.30
C MET G 119 4.81 48.32 7.27
N ALA G 120 3.94 47.56 7.95
CA ALA G 120 3.00 48.13 8.90
C ALA G 120 3.64 48.51 10.23
N GLY G 121 4.91 48.16 10.45
CA GLY G 121 5.61 48.50 11.67
C GLY G 121 5.97 47.33 12.56
N PHE G 122 5.67 46.10 12.16
CA PHE G 122 5.93 44.92 12.98
C PHE G 122 7.18 44.23 12.44
N THR G 123 8.28 44.36 13.18
CA THR G 123 9.55 43.76 12.79
C THR G 123 9.74 42.36 13.32
N SER G 124 8.80 41.85 14.12
CA SER G 124 8.90 40.51 14.68
C SER G 124 7.50 39.95 14.82
N VAL G 125 7.35 38.66 14.52
CA VAL G 125 6.06 37.97 14.65
C VAL G 125 6.27 36.57 15.21
N ARG G 126 5.24 36.07 15.88
CA ARG G 126 5.17 34.69 16.34
C ARG G 126 4.05 33.99 15.57
N ASP G 127 4.43 33.10 14.66
CA ASP G 127 3.47 32.36 13.85
C ASP G 127 3.03 31.13 14.64
N LEU G 128 1.71 30.96 14.78
CA LEU G 128 1.13 29.96 15.68
C LEU G 128 0.46 28.82 14.92
N GLY G 129 0.98 28.48 13.75
CA GLY G 129 0.44 27.36 13.00
C GLY G 129 0.58 27.50 11.50
N GLY G 130 1.00 26.42 10.85
CA GLY G 130 1.23 26.43 9.42
C GLY G 130 2.55 25.80 9.03
N GLU G 131 2.56 25.05 7.93
CA GLU G 131 3.75 24.35 7.47
C GLU G 131 4.56 25.16 6.48
N VAL G 132 4.08 26.33 6.06
CA VAL G 132 4.83 27.17 5.13
C VAL G 132 5.68 28.20 5.87
N SER G 133 5.27 28.59 7.08
CA SER G 133 5.97 29.66 7.81
C SER G 133 7.44 29.37 8.11
N PRO G 134 7.86 28.17 8.51
CA PRO G 134 9.32 27.95 8.68
C PRO G 134 10.13 28.19 7.42
N HIS G 135 9.58 27.79 6.25
CA HIS G 135 10.27 28.04 4.99
C HIS G 135 10.35 29.54 4.70
N LEU G 136 9.27 30.28 4.99
CA LEU G 136 9.31 31.73 4.81
C LEU G 136 10.32 32.38 5.75
N ARG G 137 10.43 31.86 6.98
CA ARG G 137 11.43 32.37 7.91
C ARG G 137 12.83 32.14 7.38
N ASP G 138 13.10 30.94 6.86
CA ASP G 138 14.41 30.66 6.27
C ASP G 138 14.69 31.56 5.08
N ALA G 139 13.68 31.79 4.23
CA ALA G 139 13.86 32.66 3.07
C ALA G 139 14.16 34.10 3.49
N ILE G 140 13.44 34.61 4.50
CA ILE G 140 13.69 35.96 4.98
C ILE G 140 15.09 36.06 5.59
N ASN G 141 15.49 35.05 6.35
CA ASN G 141 16.83 35.06 6.96
C ASN G 141 17.91 35.04 5.89
N GLN G 142 17.73 34.27 4.82
CA GLN G 142 18.69 34.27 3.73
C GLN G 142 18.65 35.53 2.88
N GLY G 143 17.62 36.35 3.01
CA GLY G 143 17.53 37.59 2.27
C GLY G 143 16.79 37.52 0.96
N LEU G 144 16.13 36.40 0.66
CA LEU G 144 15.44 36.26 -0.62
C LEU G 144 14.20 37.16 -0.70
N VAL G 145 13.48 37.31 0.41
CA VAL G 145 12.27 38.12 0.46
C VAL G 145 12.34 39.00 1.69
N ARG G 146 11.54 40.06 1.68
CA ARG G 146 11.45 40.99 2.80
C ARG G 146 10.32 40.58 3.73
N GLY G 147 10.56 40.71 5.03
CA GLY G 147 9.56 40.40 6.03
C GLY G 147 10.09 40.60 7.42
N PRO G 148 9.26 40.34 8.42
CA PRO G 148 9.69 40.45 9.82
C PRO G 148 10.51 39.23 10.24
N ARG G 149 10.95 39.26 11.50
CA ARG G 149 11.67 38.15 12.10
C ARG G 149 10.66 37.18 12.70
N ILE G 150 10.68 35.93 12.23
CA ILE G 150 9.61 34.98 12.49
C ILE G 150 10.05 33.99 13.54
N PHE G 151 9.22 33.78 14.55
CA PHE G 151 9.32 32.64 15.46
C PHE G 151 8.15 31.72 15.14
N ALA G 152 8.44 30.58 14.54
CA ALA G 152 7.41 29.71 13.97
C ALA G 152 7.21 28.48 14.83
N ALA G 153 5.96 28.02 14.92
CA ALA G 153 5.62 26.82 15.67
C ALA G 153 5.46 25.59 14.79
N GLY G 154 5.19 25.76 13.50
CA GLY G 154 4.96 24.63 12.63
C GLY G 154 3.55 24.09 12.73
N LYS G 155 3.41 22.77 12.67
CA LYS G 155 2.10 22.16 12.83
C LYS G 155 1.62 22.29 14.28
N SER G 156 0.32 22.47 14.44
CA SER G 156 -0.29 22.56 15.76
C SER G 156 -0.70 21.17 16.24
N ILE G 157 -0.50 20.91 17.53
CA ILE G 157 -0.78 19.61 18.11
C ILE G 157 -2.20 19.59 18.66
N ALA G 158 -2.99 18.59 18.26
CA ALA G 158 -4.36 18.44 18.71
C ALA G 158 -4.63 16.96 18.99
N THR G 159 -5.86 16.66 19.39
CA THR G 159 -6.33 15.30 19.57
C THR G 159 -7.27 14.93 18.44
N THR G 160 -7.77 13.70 18.47
CA THR G 160 -8.68 13.23 17.43
C THR G 160 -9.98 14.04 17.47
N GLY G 161 -10.33 14.63 16.34
CA GLY G 161 -11.49 15.51 16.27
C GLY G 161 -11.27 16.88 16.86
N GLY G 162 -10.03 17.25 17.15
CA GLY G 162 -9.73 18.51 17.80
C GLY G 162 -9.84 19.70 16.87
N HIS G 163 -9.62 20.88 17.44
CA HIS G 163 -9.75 22.12 16.68
C HIS G 163 -8.72 22.19 15.55
N ALA G 164 -7.53 21.62 15.75
CA ALA G 164 -6.48 21.65 14.76
C ALA G 164 -6.32 20.32 14.02
N ASP G 165 -7.33 19.45 14.07
CA ASP G 165 -7.29 18.21 13.32
C ASP G 165 -7.40 18.51 11.84
N PRO G 166 -6.43 18.09 11.00
CA PRO G 166 -6.45 18.46 9.59
C PRO G 166 -7.42 17.65 8.73
N THR G 167 -8.25 16.79 9.33
CA THR G 167 -9.15 15.92 8.60
C THR G 167 -10.61 16.18 8.93
N ASN G 168 -10.89 17.05 9.90
CA ASN G 168 -12.26 17.37 10.28
C ASN G 168 -13.06 17.85 9.07
N GLY G 169 -14.25 17.28 8.90
CA GLY G 169 -15.16 17.68 7.85
C GLY G 169 -15.03 16.93 6.53
N TRP G 170 -14.04 16.06 6.40
CA TRP G 170 -13.88 15.29 5.17
C TRP G 170 -14.86 14.12 5.14
N ASN G 171 -15.25 13.74 3.92
CA ASN G 171 -16.15 12.60 3.78
C ASN G 171 -15.39 11.30 4.02
N GLU G 172 -16.12 10.18 4.01
CA GLU G 172 -15.53 8.89 4.34
C GLU G 172 -14.46 8.47 3.33
N ARG G 173 -14.67 8.76 2.05
CA ARG G 173 -13.73 8.33 1.03
C ARG G 173 -12.38 9.00 1.20
N LEU G 174 -12.37 10.33 1.31
CA LEU G 174 -11.11 11.05 1.50
C LEU G 174 -10.43 10.67 2.80
N ALA G 175 -11.20 10.54 3.87
CA ALA G 175 -10.64 10.17 5.17
C ALA G 175 -10.03 8.78 5.16
N HIS G 176 -10.63 7.83 4.43
CA HIS G 176 -10.00 6.53 4.24
C HIS G 176 -8.75 6.62 3.38
N LEU G 177 -8.76 7.50 2.37
CA LEU G 177 -7.59 7.67 1.52
C LEU G 177 -6.39 8.19 2.29
N VAL G 178 -6.60 9.17 3.17
CA VAL G 178 -5.48 9.71 3.93
C VAL G 178 -5.16 8.83 5.15
N GLY G 179 -6.16 8.20 5.74
CA GLY G 179 -5.99 7.45 6.97
C GLY G 179 -6.15 8.34 8.19
N ALA G 180 -6.19 7.69 9.35
CA ALA G 180 -6.33 8.41 10.61
C ALA G 180 -5.02 9.11 10.94
N PRO G 181 -5.02 10.42 11.19
CA PRO G 181 -3.77 11.11 11.50
C PRO G 181 -3.17 10.66 12.82
N GLY G 182 -1.85 10.66 12.89
CA GLY G 182 -1.12 10.27 14.07
C GLY G 182 -0.20 11.35 14.57
N PRO G 183 0.78 10.98 15.39
CA PRO G 183 1.71 11.98 15.93
C PRO G 183 2.50 12.72 14.88
N ALA G 184 2.82 12.08 13.75
CA ALA G 184 3.55 12.76 12.69
C ALA G 184 2.74 13.90 12.10
N GLU G 185 1.42 13.72 12.00
CA GLU G 185 0.52 14.75 11.49
C GLU G 185 0.06 15.71 12.58
N GLY G 186 0.42 15.47 13.83
CA GLY G 186 0.08 16.37 14.91
C GLY G 186 -1.09 15.95 15.79
N VAL G 187 -1.62 14.74 15.62
CA VAL G 187 -2.77 14.27 16.38
C VAL G 187 -2.29 13.24 17.40
N VAL G 188 -2.57 13.49 18.68
CA VAL G 188 -2.11 12.63 19.76
C VAL G 188 -3.30 12.21 20.59
N ASN G 189 -3.17 11.05 21.24
CA ASN G 189 -4.20 10.55 22.13
C ASN G 189 -3.63 9.91 23.39
N SER G 190 -2.33 10.04 23.64
CA SER G 190 -1.71 9.47 24.83
C SER G 190 -0.44 10.25 25.15
N VAL G 191 0.19 9.87 26.27
CA VAL G 191 1.41 10.55 26.70
C VAL G 191 2.55 10.28 25.74
N ASP G 192 2.73 9.02 25.33
CA ASP G 192 3.81 8.68 24.42
C ASP G 192 3.62 9.35 23.06
N GLU G 193 2.38 9.41 22.57
CA GLU G 193 2.11 10.10 21.31
C GLU G 193 2.42 11.58 21.41
N ALA G 194 2.09 12.21 22.53
CA ALA G 194 2.42 13.62 22.72
C ALA G 194 3.92 13.86 22.73
N ARG G 195 4.67 12.97 23.41
CA ARG G 195 6.13 13.06 23.38
C ARG G 195 6.66 12.96 21.96
N GLN G 196 6.17 11.97 21.20
CA GLN G 196 6.63 11.80 19.82
C GLN G 196 6.26 12.99 18.95
N ALA G 197 5.09 13.58 19.18
CA ALA G 197 4.68 14.75 18.39
C ALA G 197 5.55 15.96 18.68
N VAL G 198 5.92 16.17 19.95
CA VAL G 198 6.82 17.28 20.27
C VAL G 198 8.17 17.05 19.60
N ARG G 199 8.68 15.81 19.65
CA ARG G 199 9.95 15.51 18.99
C ARG G 199 9.85 15.66 17.47
N GLN G 200 8.69 15.36 16.90
CA GLN G 200 8.50 15.52 15.46
C GLN G 200 8.44 16.98 15.05
N ARG G 201 7.84 17.84 15.88
CA ARG G 201 7.89 19.28 15.61
C ARG G 201 9.31 19.81 15.74
N TYR G 202 10.08 19.28 16.70
CA TYR G 202 11.50 19.66 16.79
C TYR G 202 12.26 19.23 15.54
N LYS G 203 11.95 18.04 15.01
CA LYS G 203 12.63 17.53 13.83
C LYS G 203 12.37 18.39 12.59
N GLU G 204 11.24 19.07 12.54
CA GLU G 204 10.84 19.85 11.37
C GLU G 204 11.26 21.31 11.45
N GLY G 205 12.03 21.68 12.47
CA GLY G 205 12.53 23.04 12.56
C GLY G 205 11.60 24.04 13.19
N SER G 206 10.94 23.66 14.27
CA SER G 206 10.05 24.57 14.99
C SER G 206 10.82 25.33 16.06
N ASP G 207 10.32 26.51 16.40
CA ASP G 207 10.88 27.32 17.47
C ASP G 207 10.08 27.25 18.76
N LEU G 208 8.87 26.69 18.72
CA LEU G 208 8.03 26.57 19.90
C LEU G 208 6.93 25.56 19.59
N ILE G 209 6.04 25.35 20.57
CA ILE G 209 4.97 24.38 20.44
C ILE G 209 3.61 25.07 20.57
N KCX G 210 2.63 24.60 19.81
CA KCX G 210 1.26 25.11 19.87
CB KCX G 210 0.93 25.93 18.62
CG KCX G 210 0.13 27.20 18.86
CD KCX G 210 -1.22 26.91 19.49
CE KCX G 210 -2.16 28.09 19.34
NZ KCX G 210 -2.57 28.25 17.93
C KCX G 210 0.27 23.96 20.03
O KCX G 210 0.30 23.01 19.26
CX KCX G 210 -3.62 28.99 17.61
OQ1 KCX G 210 -4.28 29.56 18.49
OQ2 KCX G 210 -3.95 29.13 16.42
N ILE G 211 -0.60 24.04 21.03
CA ILE G 211 -1.66 23.06 21.20
C ILE G 211 -3.02 23.74 21.26
N THR G 212 -4.07 23.00 20.91
CA THR G 212 -5.45 23.46 21.03
C THR G 212 -6.08 22.70 22.19
N ALA G 213 -6.22 23.38 23.34
CA ALA G 213 -6.73 22.72 24.53
C ALA G 213 -8.23 22.48 24.45
N THR G 214 -8.96 23.31 23.72
CA THR G 214 -10.41 23.16 23.59
C THR G 214 -10.83 23.21 22.13
N GLY G 215 -12.13 23.27 21.88
CA GLY G 215 -12.64 23.48 20.54
C GLY G 215 -12.49 24.92 20.11
N GLY G 216 -12.85 25.18 18.85
CA GLY G 216 -12.67 26.49 18.27
C GLY G 216 -13.87 26.91 17.43
N VAL G 217 -13.73 28.08 16.81
CA VAL G 217 -14.80 28.66 16.01
C VAL G 217 -14.69 28.25 14.54
N LEU G 218 -13.49 28.37 13.97
CA LEU G 218 -13.32 28.22 12.54
C LEU G 218 -13.11 26.78 12.09
N SER G 219 -13.09 25.83 13.02
CA SER G 219 -12.95 24.43 12.64
C SER G 219 -14.28 23.86 12.18
N TYR G 220 -14.20 22.81 11.37
CA TYR G 220 -15.38 22.12 10.85
C TYR G 220 -15.86 21.04 11.82
N ALA G 221 -16.08 21.44 13.08
CA ALA G 221 -16.46 20.54 14.15
C ALA G 221 -17.65 21.11 14.90
N ARG G 222 -18.31 20.25 15.68
CA ARG G 222 -19.55 20.65 16.36
C ARG G 222 -19.27 21.57 17.54
N SER G 223 -18.24 21.28 18.32
CA SER G 223 -18.02 21.98 19.58
C SER G 223 -17.17 23.23 19.37
N GLY G 224 -17.29 24.16 20.33
CA GLY G 224 -16.53 25.39 20.29
C GLY G 224 -15.70 25.63 21.54
N ASP G 225 -16.03 24.96 22.64
CA ASP G 225 -15.28 25.18 23.88
C ASP G 225 -15.14 23.93 24.76
N ALA G 226 -15.44 22.74 24.24
CA ALA G 226 -15.36 21.54 25.06
C ALA G 226 -13.90 21.18 25.35
N PRO G 227 -13.63 20.58 26.51
CA PRO G 227 -12.24 20.20 26.85
C PRO G 227 -11.78 19.03 26.02
N GLN G 228 -10.68 19.21 25.29
CA GLN G 228 -10.20 18.23 24.33
C GLN G 228 -8.81 17.70 24.65
N PHE G 229 -8.29 18.00 25.83
CA PHE G 229 -7.01 17.48 26.29
C PHE G 229 -7.14 17.04 27.73
N THR G 230 -6.41 16.00 28.11
CA THR G 230 -6.35 15.59 29.50
C THR G 230 -5.10 16.19 30.16
N VAL G 231 -5.10 16.19 31.49
CA VAL G 231 -4.00 16.79 32.24
C VAL G 231 -2.69 16.06 31.95
N ASP G 232 -2.74 14.73 31.87
CA ASP G 232 -1.53 13.95 31.60
C ASP G 232 -0.94 14.29 30.24
N GLU G 233 -1.79 14.43 29.22
CA GLU G 233 -1.29 14.73 27.88
C GLU G 233 -0.63 16.11 27.82
N ILE G 234 -1.25 17.12 28.43
CA ILE G 234 -0.65 18.46 28.41
C ILE G 234 0.64 18.48 29.23
N LYS G 235 0.66 17.76 30.36
CA LYS G 235 1.88 17.68 31.16
C LYS G 235 3.00 17.02 30.37
N ALA G 236 2.67 15.95 29.63
CA ALA G 236 3.67 15.31 28.78
C ALA G 236 4.18 16.26 27.70
N VAL G 237 3.29 17.03 27.07
CA VAL G 237 3.71 17.97 26.05
C VAL G 237 4.67 19.00 26.64
N VAL G 238 4.31 19.59 27.79
CA VAL G 238 5.14 20.61 28.41
C VAL G 238 6.48 20.04 28.83
N ASP G 239 6.48 18.85 29.45
CA ASP G 239 7.72 18.25 29.90
C ASP G 239 8.64 17.89 28.74
N THR G 240 8.07 17.41 27.63
CA THR G 240 8.90 17.12 26.46
C THR G 240 9.47 18.40 25.85
N ALA G 241 8.64 19.45 25.75
CA ALA G 241 9.11 20.70 25.17
C ALA G 241 10.18 21.35 26.02
N ARG G 242 10.13 21.17 27.34
CA ARG G 242 11.14 21.75 28.22
C ARG G 242 12.52 21.16 27.96
N ASP G 243 12.59 19.87 27.62
CA ASP G 243 13.88 19.25 27.32
C ASP G 243 14.51 19.86 26.08
N TYR G 244 13.71 20.17 25.07
CA TYR G 244 14.19 20.72 23.81
C TYR G 244 14.20 22.26 23.80
N GLY G 245 13.90 22.89 24.94
CA GLY G 245 13.99 24.33 25.05
C GLY G 245 12.88 25.11 24.37
N PHE G 246 11.67 24.57 24.35
CA PHE G 246 10.53 25.21 23.72
C PHE G 246 9.59 25.79 24.77
N ARG G 247 8.79 26.77 24.33
CA ARG G 247 7.67 27.28 25.10
C ARG G 247 6.37 26.85 24.44
N VAL G 248 5.32 26.72 25.25
CA VAL G 248 4.05 26.17 24.80
C VAL G 248 2.98 27.26 24.88
N ALA G 249 2.28 27.47 23.76
CA ALA G 249 1.11 28.34 23.70
C ALA G 249 -0.12 27.49 23.50
N ALA G 250 -1.16 27.76 24.30
CA ALA G 250 -2.39 26.96 24.22
C ALA G 250 -3.59 27.80 23.77
N HIS G 251 -4.24 27.40 22.67
CA HIS G 251 -5.50 28.04 22.25
C HIS G 251 -6.61 27.49 23.16
N ALA G 252 -7.39 28.35 23.83
CA ALA G 252 -8.42 27.86 24.76
C ALA G 252 -9.63 28.79 24.86
N HIS G 253 -10.84 28.26 24.66
CA HIS G 253 -12.05 29.04 24.85
C HIS G 253 -12.77 28.64 26.14
N GLY G 254 -12.98 27.34 26.36
CA GLY G 254 -13.72 26.89 27.52
C GLY G 254 -12.93 26.94 28.81
N THR G 255 -13.64 27.01 29.94
CA THR G 255 -12.99 27.17 31.27
C THR G 255 -12.25 25.91 31.73
N GLU G 256 -12.76 24.71 31.43
CA GLU G 256 -12.10 23.51 31.95
C GLU G 256 -10.79 23.23 31.23
N GLY G 257 -10.79 23.28 29.90
CA GLY G 257 -9.56 23.06 29.16
C GLY G 257 -8.52 24.12 29.44
N MET G 258 -8.95 25.39 29.57
CA MET G 258 -8.03 26.45 29.90
C MET G 258 -7.45 26.29 31.30
N LYS G 259 -8.26 25.83 32.26
CA LYS G 259 -7.75 25.53 33.58
C LYS G 259 -6.71 24.42 33.54
N ARG G 260 -6.97 23.37 32.77
CA ARG G 260 -6.01 22.27 32.63
C ARG G 260 -4.71 22.77 32.03
N ALA G 261 -4.79 23.60 30.99
CA ALA G 261 -3.59 24.12 30.34
C ALA G 261 -2.80 25.01 31.29
N VAL G 262 -3.48 25.86 32.07
CA VAL G 262 -2.79 26.73 33.02
C VAL G 262 -2.10 25.90 34.10
N GLN G 263 -2.79 24.89 34.63
CA GLN G 263 -2.22 24.08 35.70
C GLN G 263 -1.12 23.14 35.21
N ALA G 264 -1.10 22.82 33.91
CA ALA G 264 -0.03 21.98 33.40
C ALA G 264 1.28 22.74 33.26
N GLY G 265 1.22 24.04 32.95
CA GLY G 265 2.42 24.84 32.87
C GLY G 265 2.72 25.44 31.51
N VAL G 266 1.68 25.75 30.74
CA VAL G 266 1.90 26.43 29.46
C VAL G 266 2.34 27.86 29.70
N THR G 267 2.94 28.46 28.67
CA THR G 267 3.53 29.79 28.82
C THR G 267 2.50 30.89 28.57
N SER G 268 1.63 30.73 27.58
CA SER G 268 0.62 31.72 27.27
C SER G 268 -0.70 31.03 26.94
N ILE G 269 -1.79 31.78 27.11
CA ILE G 269 -3.14 31.32 26.83
C ILE G 269 -3.72 32.24 25.74
N GLU G 270 -4.38 31.65 24.76
CA GLU G 270 -4.90 32.38 23.61
C GLU G 270 -6.42 32.47 23.68
N HIS G 271 -6.92 33.70 23.50
CA HIS G 271 -8.32 34.12 23.38
C HIS G 271 -9.11 34.08 24.69
N GLY G 272 -8.64 33.35 25.70
CA GLY G 272 -9.19 33.39 27.05
C GLY G 272 -10.68 33.60 27.19
N THR G 273 -11.51 32.98 26.34
CA THR G 273 -12.87 33.46 26.12
C THR G 273 -13.74 33.34 27.36
N TYR G 274 -13.73 32.18 28.02
CA TYR G 274 -14.59 31.91 29.16
C TYR G 274 -13.81 31.87 30.47
N MET G 275 -12.84 32.77 30.61
CA MET G 275 -12.00 32.79 31.80
C MET G 275 -12.78 33.38 32.99
N ASP G 276 -12.63 32.76 34.16
CA ASP G 276 -13.33 33.22 35.35
C ASP G 276 -12.38 33.46 36.52
N ASP G 277 -12.89 33.71 37.70
CA ASP G 277 -12.01 34.14 38.84
C ASP G 277 -11.05 33.03 39.30
N GLU G 278 -11.48 31.76 39.26
CA GLU G 278 -10.54 30.70 39.61
C GLU G 278 -9.40 30.62 38.61
N VAL G 279 -9.73 30.70 37.32
CA VAL G 279 -8.69 30.68 36.29
C VAL G 279 -7.79 31.91 36.42
N MET G 280 -8.37 33.08 36.68
CA MET G 280 -7.57 34.29 36.84
C MET G 280 -6.60 34.15 38.01
N ARG G 281 -7.07 33.61 39.13
CA ARG G 281 -6.18 33.38 40.26
C ARG G 281 -5.06 32.42 39.89
N LEU G 282 -5.40 31.35 39.15
CA LEU G 282 -4.38 30.38 38.75
C LEU G 282 -3.33 31.01 37.85
N MET G 283 -3.74 31.83 36.88
CA MET G 283 -2.77 32.51 36.02
C MET G 283 -1.92 33.50 36.80
N LYS G 284 -2.54 34.25 37.72
CA LYS G 284 -1.78 35.21 38.51
C LYS G 284 -0.72 34.51 39.37
N GLN G 285 -1.08 33.36 39.95
CA GLN G 285 -0.12 32.64 40.78
C GLN G 285 0.94 31.93 39.94
N HIS G 286 0.56 31.43 38.76
CA HIS G 286 1.50 30.72 37.89
C HIS G 286 2.33 31.65 37.03
N GLY G 287 1.90 32.90 36.84
CA GLY G 287 2.61 33.81 35.97
C GLY G 287 2.37 33.61 34.50
N THR G 288 1.21 33.08 34.12
CA THR G 288 0.90 32.83 32.72
C THR G 288 0.53 34.11 32.00
N TRP G 289 0.98 34.23 30.75
CA TRP G 289 0.64 35.37 29.92
C TRP G 289 -0.68 35.13 29.20
N TYR G 290 -1.39 36.23 28.91
CA TYR G 290 -2.72 36.18 28.30
C TYR G 290 -2.70 37.01 27.02
N VAL G 291 -3.21 36.43 25.94
CA VAL G 291 -3.27 37.06 24.64
C VAL G 291 -4.73 37.13 24.21
N PRO G 292 -5.35 38.32 24.28
CA PRO G 292 -6.80 38.39 24.03
C PRO G 292 -7.19 38.26 22.56
N THR G 293 -6.48 38.92 21.64
CA THR G 293 -6.80 38.94 20.21
C THR G 293 -8.20 39.55 19.96
N PHE G 294 -8.27 40.86 20.21
CA PHE G 294 -9.50 41.61 19.94
C PHE G 294 -9.91 41.51 18.48
N TYR G 295 -8.94 41.62 17.57
CA TYR G 295 -9.23 41.74 16.14
C TYR G 295 -9.95 40.52 15.62
N ALA G 296 -9.51 39.32 16.03
CA ALA G 296 -10.14 38.09 15.54
C ALA G 296 -11.59 38.00 15.96
N GLY G 297 -11.88 38.30 17.23
CA GLY G 297 -13.27 38.27 17.70
C GLY G 297 -14.14 39.28 16.97
N ARG G 298 -13.63 40.51 16.81
CA ARG G 298 -14.41 41.50 16.07
C ARG G 298 -14.67 41.06 14.63
N PHE G 299 -13.65 40.51 13.96
CA PHE G 299 -13.80 40.09 12.58
C PHE G 299 -14.81 38.96 12.44
N VAL G 300 -14.74 37.95 13.32
CA VAL G 300 -15.69 36.84 13.20
C VAL G 300 -17.10 37.30 13.54
N THR G 301 -17.26 38.22 14.50
CA THR G 301 -18.59 38.75 14.79
C THR G 301 -19.14 39.51 13.59
N GLU G 302 -18.32 40.31 12.93
CA GLU G 302 -18.80 41.04 11.75
C GLU G 302 -19.15 40.09 10.61
N LYS G 303 -18.33 39.07 10.39
CA LYS G 303 -18.55 38.16 9.26
C LYS G 303 -19.62 37.11 9.53
N ALA G 304 -20.04 36.92 10.78
CA ALA G 304 -21.12 35.99 11.07
C ALA G 304 -22.49 36.54 10.69
N ALA G 305 -22.59 37.83 10.36
CA ALA G 305 -23.83 38.43 9.92
C ALA G 305 -24.00 38.42 8.41
N ILE G 306 -23.05 37.87 7.68
CA ILE G 306 -23.13 37.77 6.23
C ILE G 306 -23.54 36.35 5.85
N ASP G 307 -24.55 36.23 5.00
CA ASP G 307 -25.09 34.92 4.65
C ASP G 307 -24.16 34.22 3.66
N GLY G 308 -23.74 33.01 4.01
CA GLY G 308 -22.93 32.19 3.14
C GLY G 308 -21.43 32.38 3.27
N TYR G 309 -20.98 33.35 4.08
CA TYR G 309 -19.54 33.54 4.26
C TYR G 309 -18.91 32.35 4.97
N PHE G 310 -19.49 31.95 6.09
CA PHE G 310 -19.06 30.78 6.85
C PHE G 310 -19.94 29.59 6.53
N PRO G 311 -19.44 28.37 6.75
CA PRO G 311 -20.31 27.20 6.65
C PRO G 311 -21.35 27.21 7.76
N GLU G 312 -22.44 26.46 7.53
CA GLU G 312 -23.56 26.47 8.46
C GLU G 312 -23.14 25.95 9.84
N VAL G 313 -22.18 25.03 9.89
CA VAL G 313 -21.71 24.51 11.17
C VAL G 313 -20.81 25.52 11.90
N VAL G 314 -20.29 26.53 11.19
CA VAL G 314 -19.37 27.47 11.78
C VAL G 314 -20.06 28.75 12.27
N ARG G 315 -21.12 29.18 11.58
CA ARG G 315 -21.72 30.48 11.85
C ARG G 315 -22.24 30.64 13.28
N PRO G 316 -23.03 29.71 13.85
CA PRO G 316 -23.49 29.91 15.22
C PRO G 316 -22.36 30.03 16.24
N LYS G 317 -21.29 29.23 16.08
CA LYS G 317 -20.16 29.33 17.00
C LYS G 317 -19.49 30.69 16.91
N ALA G 318 -19.29 31.20 15.69
CA ALA G 318 -18.71 32.53 15.54
C ALA G 318 -19.59 33.60 16.19
N ALA G 319 -20.88 33.58 15.89
CA ALA G 319 -21.79 34.58 16.45
C ALA G 319 -21.81 34.53 17.97
N ARG G 320 -21.75 33.33 18.54
CA ARG G 320 -21.80 33.21 20.00
C ARG G 320 -20.50 33.67 20.64
N ILE G 321 -19.36 33.25 20.09
CA ILE G 321 -18.10 33.39 20.81
C ILE G 321 -17.37 34.71 20.51
N GLY G 322 -17.57 35.29 19.32
CA GLY G 322 -16.83 36.49 18.97
C GLY G 322 -17.09 37.67 19.89
N ALA G 323 -18.34 37.79 20.37
CA ALA G 323 -18.76 39.01 21.11
C ALA G 323 -18.41 38.99 22.61
N LEU G 324 -17.47 38.16 23.05
CA LEU G 324 -17.19 38.06 24.50
C LEU G 324 -15.73 38.38 24.79
N ILE G 325 -14.89 38.52 23.76
CA ILE G 325 -13.43 38.71 23.96
C ILE G 325 -13.15 40.06 24.63
N SER G 326 -13.77 41.14 24.14
CA SER G 326 -13.48 42.50 24.66
C SER G 326 -13.75 42.57 26.17
N GLN G 327 -14.93 42.13 26.60
CA GLN G 327 -15.32 42.14 28.01
C GLN G 327 -14.41 41.26 28.84
N THR G 328 -14.10 40.05 28.34
CA THR G 328 -13.24 39.16 29.11
C THR G 328 -11.84 39.75 29.28
N ALA G 329 -11.28 40.36 28.22
CA ALA G 329 -9.96 40.94 28.31
C ALA G 329 -9.93 42.13 29.25
N ALA G 330 -10.95 42.99 29.20
CA ALA G 330 -10.99 44.13 30.11
C ALA G 330 -11.10 43.67 31.56
N LYS G 331 -11.96 42.69 31.83
CA LYS G 331 -12.12 42.25 33.21
C LYS G 331 -10.93 41.44 33.69
N ALA G 332 -10.17 40.85 32.76
CA ALA G 332 -8.91 40.22 33.13
C ALA G 332 -7.84 41.27 33.46
N TYR G 333 -7.80 42.35 32.68
CA TYR G 333 -6.85 43.42 32.98
C TYR G 333 -7.17 44.09 34.32
N ARG G 334 -8.44 44.23 34.65
CA ARG G 334 -8.80 44.85 35.93
C ARG G 334 -8.34 44.03 37.13
N ASN G 335 -8.17 42.71 36.97
CA ASN G 335 -7.75 41.85 38.07
C ASN G 335 -6.23 41.65 38.14
N GLY G 336 -5.47 42.19 37.20
CA GLY G 336 -4.02 42.09 37.24
C GLY G 336 -3.42 40.95 36.46
N VAL G 337 -4.15 40.36 35.52
CA VAL G 337 -3.59 39.33 34.66
C VAL G 337 -2.67 39.98 33.64
N ARG G 338 -1.45 39.46 33.52
CA ARG G 338 -0.49 40.00 32.57
C ARG G 338 -0.95 39.76 31.14
N ILE G 339 -0.95 40.80 30.33
CA ILE G 339 -1.51 40.78 28.99
C ILE G 339 -0.42 41.14 27.98
N ALA G 340 -0.39 40.41 26.87
CA ALA G 340 0.57 40.67 25.79
C ALA G 340 -0.18 40.87 24.48
N PHE G 341 0.53 41.47 23.52
CA PHE G 341 -0.08 41.90 22.27
C PHE G 341 -0.22 40.73 21.30
N GLY G 342 -1.43 40.54 20.77
CA GLY G 342 -1.69 39.52 19.78
C GLY G 342 -2.96 39.82 19.01
N THR G 343 -3.03 39.40 17.74
CA THR G 343 -4.18 39.79 16.89
C THR G 343 -4.85 38.60 16.21
N ASP G 344 -4.08 37.58 15.84
CA ASP G 344 -4.62 36.41 15.06
C ASP G 344 -4.81 36.83 13.60
N GLN G 345 -3.94 37.71 13.07
CA GLN G 345 -4.01 38.08 11.63
C GLN G 345 -3.94 36.76 10.87
N GLY G 346 -4.58 36.67 9.72
CA GLY G 346 -4.75 35.37 9.07
C GLY G 346 -6.24 35.15 9.13
N VAL G 347 -6.87 35.58 10.23
CA VAL G 347 -8.35 35.62 10.31
C VAL G 347 -8.68 36.98 9.69
N GLY G 348 -8.17 38.07 10.27
CA GLY G 348 -8.31 39.40 9.67
C GLY G 348 -7.20 39.66 8.66
N PRO G 349 -7.26 40.74 7.86
CA PRO G 349 -6.25 40.98 6.80
C PRO G 349 -4.84 41.39 7.25
N HIS G 350 -3.80 40.81 6.66
CA HIS G 350 -2.44 41.13 7.09
C HIS G 350 -2.09 42.58 6.77
N GLY G 351 -1.35 43.23 7.67
CA GLY G 351 -0.99 44.62 7.52
C GLY G 351 -1.89 45.58 8.27
N ASP G 352 -2.95 45.09 8.92
CA ASP G 352 -3.87 45.92 9.69
C ASP G 352 -3.77 45.63 11.19
N ASN G 353 -2.65 45.07 11.61
CA ASN G 353 -2.45 44.60 13.01
C ASN G 353 -2.47 45.75 14.03
N ALA G 354 -2.03 46.95 13.66
CA ALA G 354 -1.99 48.08 14.58
C ALA G 354 -3.37 48.53 15.04
N ARG G 355 -4.42 48.24 14.28
CA ARG G 355 -5.78 48.54 14.72
C ARG G 355 -6.11 47.88 16.05
N GLU G 356 -5.49 46.73 16.35
CA GLU G 356 -5.70 46.10 17.65
C GLU G 356 -5.36 47.05 18.79
N PHE G 357 -4.31 47.87 18.62
CA PHE G 357 -4.00 48.88 19.62
C PHE G 357 -5.21 49.70 19.98
N VAL G 358 -5.94 50.18 18.97
CA VAL G 358 -7.14 50.97 19.22
C VAL G 358 -8.15 50.16 20.04
N TYR G 359 -8.37 48.90 19.65
CA TYR G 359 -9.30 48.06 20.39
C TYR G 359 -8.86 47.87 21.83
N MET G 360 -7.55 47.96 22.09
CA MET G 360 -7.06 47.83 23.45
C MET G 360 -7.34 49.08 24.26
N VAL G 361 -7.31 50.26 23.62
CA VAL G 361 -7.43 51.50 24.37
C VAL G 361 -8.90 51.78 24.72
N GLU G 362 -9.81 51.53 23.78
CA GLU G 362 -11.22 51.76 24.05
C GLU G 362 -11.81 50.74 25.01
N ALA G 363 -11.09 49.67 25.33
CA ALA G 363 -11.54 48.69 26.31
C ALA G 363 -11.06 49.01 27.72
N GLY G 364 -10.36 50.13 27.91
CA GLY G 364 -9.94 50.54 29.23
C GLY G 364 -8.49 50.31 29.57
N ILE G 365 -7.66 49.91 28.61
CA ILE G 365 -6.24 49.67 28.84
C ILE G 365 -5.48 50.91 28.37
N PRO G 366 -4.62 51.50 29.21
CA PRO G 366 -3.91 52.72 28.81
C PRO G 366 -2.99 52.47 27.62
N ALA G 367 -2.77 53.53 26.84
CA ALA G 367 -1.93 53.43 25.65
C ALA G 367 -0.50 53.07 25.99
N ALA G 368 0.02 53.56 27.12
CA ALA G 368 1.38 53.21 27.52
C ALA G 368 1.52 51.71 27.75
N TYR G 369 0.55 51.11 28.45
CA TYR G 369 0.60 49.67 28.64
C TYR G 369 0.36 48.92 27.33
N ALA G 370 -0.47 49.47 26.44
CA ALA G 370 -0.69 48.83 25.15
C ALA G 370 0.59 48.77 24.33
N LEU G 371 1.39 49.85 24.38
CA LEU G 371 2.66 49.84 23.66
C LEU G 371 3.69 48.96 24.35
N GLN G 372 3.70 48.95 25.69
CA GLN G 372 4.62 48.10 26.41
C GLN G 372 4.34 46.62 26.15
N ALA G 373 3.06 46.24 26.07
CA ALA G 373 2.70 44.85 25.79
C ALA G 373 3.19 44.39 24.43
N ALA G 374 3.35 45.31 23.47
CA ALA G 374 3.86 44.96 22.16
C ALA G 374 5.37 45.11 22.04
N THR G 375 6.04 45.65 23.03
CA THR G 375 7.49 45.89 22.85
C THR G 375 8.30 45.17 23.92
N VAL G 376 8.00 45.40 25.20
CA VAL G 376 8.87 44.85 26.22
C VAL G 376 8.28 43.59 26.83
N HIS G 377 6.94 43.50 26.86
CA HIS G 377 6.30 42.28 27.33
C HIS G 377 6.35 41.18 26.28
N ALA G 378 6.33 41.55 24.99
CA ALA G 378 6.43 40.56 23.93
C ALA G 378 7.77 39.83 23.98
N ALA G 379 8.85 40.55 24.32
CA ALA G 379 10.15 39.89 24.46
C ALA G 379 10.15 38.89 25.60
N GLN G 380 9.49 39.23 26.71
CA GLN G 380 9.37 38.28 27.82
C GLN G 380 8.56 37.07 27.42
N VAL G 381 7.49 37.27 26.65
CA VAL G 381 6.70 36.14 26.16
C VAL G 381 7.53 35.26 25.25
N LEU G 382 8.31 35.86 24.35
CA LEU G 382 9.13 35.10 23.41
C LEU G 382 10.30 34.39 24.08
N GLY G 383 10.76 34.88 25.23
CA GLY G 383 11.90 34.28 25.88
C GLY G 383 13.24 34.75 25.36
N VAL G 384 13.28 35.90 24.70
CA VAL G 384 14.53 36.47 24.22
C VAL G 384 14.82 37.76 24.99
N ASP G 385 16.07 38.20 24.91
CA ASP G 385 16.50 39.40 25.64
C ASP G 385 17.28 40.37 24.76
N ASP G 386 17.26 40.20 23.44
CA ASP G 386 18.01 41.05 22.54
C ASP G 386 17.13 42.04 21.78
N GLN G 387 15.89 42.24 22.22
CA GLN G 387 14.96 43.13 21.54
C GLN G 387 13.94 43.63 22.54
N GLY G 388 13.22 44.68 22.15
CA GLY G 388 12.14 45.19 22.96
C GLY G 388 12.34 46.61 23.46
N VAL G 389 13.59 46.98 23.75
CA VAL G 389 13.90 48.31 24.25
C VAL G 389 15.08 48.86 23.45
N LEU G 390 15.08 50.18 23.26
CA LEU G 390 16.15 50.87 22.53
C LEU G 390 17.29 51.17 23.48
N GLU G 391 18.09 50.13 23.74
CA GLU G 391 19.20 50.19 24.68
C GLU G 391 20.46 49.64 24.03
N PRO G 392 21.63 50.06 24.49
CA PRO G 392 22.88 49.59 23.87
C PRO G 392 23.01 48.08 23.94
N GLY G 393 23.56 47.50 22.87
CA GLY G 393 23.79 46.08 22.79
C GLY G 393 22.62 45.24 22.30
N LYS G 394 21.52 45.88 21.89
CA LYS G 394 20.33 45.18 21.43
C LYS G 394 20.09 45.45 19.95
N ARG G 395 19.24 44.61 19.36
CA ARG G 395 18.94 44.72 17.94
C ARG G 395 18.32 46.08 17.62
N ALA G 396 18.67 46.61 16.46
CA ALA G 396 18.20 47.94 16.05
C ALA G 396 16.95 47.81 15.19
N ASP G 397 15.84 47.56 15.86
CA ASP G 397 14.51 47.56 15.24
C ASP G 397 13.81 48.83 15.70
N VAL G 398 13.73 49.81 14.80
CA VAL G 398 13.24 51.15 15.15
C VAL G 398 12.13 51.53 14.18
N ILE G 399 11.00 51.97 14.73
CA ILE G 399 9.92 52.52 13.92
C ILE G 399 9.65 53.95 14.37
N ALA G 400 8.99 54.71 13.50
CA ALA G 400 8.68 56.10 13.79
C ALA G 400 7.25 56.41 13.36
N LEU G 401 6.58 57.21 14.17
CA LEU G 401 5.21 57.64 13.91
C LEU G 401 5.16 59.14 13.72
N ALA G 402 4.22 59.60 12.88
CA ALA G 402 4.06 61.03 12.64
C ALA G 402 3.52 61.73 13.88
N GLY G 403 2.47 61.19 14.49
CA GLY G 403 1.85 61.77 15.66
C GLY G 403 2.30 61.13 16.95
N ASN G 404 1.72 61.60 18.04
CA ASN G 404 2.05 61.12 19.38
C ASN G 404 1.00 60.10 19.82
N PRO G 405 1.37 58.84 20.07
CA PRO G 405 0.38 57.83 20.42
C PRO G 405 -0.19 57.94 21.83
N LEU G 406 0.48 58.65 22.73
CA LEU G 406 0.01 58.74 24.11
C LEU G 406 -1.15 59.71 24.28
N GLU G 407 -1.48 60.51 23.26
CA GLU G 407 -2.63 61.39 23.29
C GLU G 407 -3.74 60.92 22.37
N ASP G 408 -3.41 60.55 21.13
CA ASP G 408 -4.34 59.92 20.20
C ASP G 408 -3.74 58.59 19.76
N ILE G 409 -4.49 57.50 19.96
CA ILE G 409 -3.97 56.19 19.61
C ILE G 409 -3.95 55.95 18.10
N ASN G 410 -4.83 56.62 17.35
CA ASN G 410 -4.91 56.41 15.91
C ASN G 410 -3.61 56.73 15.19
N ALA G 411 -2.71 57.48 15.83
CA ALA G 411 -1.39 57.75 15.26
C ALA G 411 -0.60 56.48 14.98
N VAL G 412 -0.94 55.36 15.63
CA VAL G 412 -0.26 54.11 15.33
C VAL G 412 -0.59 53.57 13.95
N LEU G 413 -1.56 54.18 13.26
CA LEU G 413 -1.97 53.71 11.94
C LEU G 413 -1.19 54.37 10.81
N ASP G 414 -0.25 55.25 11.11
CA ASP G 414 0.54 55.96 10.10
C ASP G 414 2.02 55.83 10.45
N VAL G 415 2.65 54.76 10.01
CA VAL G 415 4.06 54.51 10.26
C VAL G 415 4.88 55.10 9.12
N ARG G 416 5.88 55.91 9.45
CA ARG G 416 6.67 56.62 8.46
C ARG G 416 8.07 56.07 8.26
N PHE G 417 8.69 55.53 9.31
CA PHE G 417 10.05 55.02 9.24
C PHE G 417 10.09 53.64 9.86
N VAL G 418 10.67 52.67 9.14
CA VAL G 418 10.81 51.30 9.58
C VAL G 418 12.23 50.84 9.31
N MET G 419 12.89 50.39 10.38
CA MET G 419 14.28 49.87 10.29
C MET G 419 14.32 48.56 11.06
N LYS G 420 14.99 47.54 10.52
CA LYS G 420 15.09 46.23 11.15
C LYS G 420 16.52 45.73 11.01
N ASP G 421 17.16 45.44 12.15
CA ASP G 421 18.53 44.94 12.20
C ASP G 421 19.53 45.90 11.56
N GLY G 422 19.24 47.20 11.61
CA GLY G 422 20.13 48.19 11.07
C GLY G 422 19.90 48.55 9.62
N VAL G 423 19.02 47.85 8.92
CA VAL G 423 18.71 48.11 7.52
C VAL G 423 17.40 48.87 7.45
N ILE G 424 17.40 49.99 6.73
CA ILE G 424 16.20 50.80 6.58
C ILE G 424 15.31 50.21 5.50
N TYR G 425 14.08 49.85 5.87
CA TYR G 425 13.11 49.35 4.91
C TYR G 425 12.05 50.37 4.53
N LYS G 426 11.83 51.40 5.35
CA LYS G 426 10.92 52.46 4.97
C LYS G 426 11.40 53.77 5.56
N GLN G 427 11.40 54.83 4.75
CA GLN G 427 11.76 56.16 5.23
C GLN G 427 11.01 57.24 4.45
N PRO H 22 51.32 -25.11 15.66
CA PRO H 22 52.42 -25.44 16.56
C PRO H 22 53.67 -24.61 16.28
N VAL H 23 53.70 -23.38 16.78
CA VAL H 23 54.79 -22.46 16.50
C VAL H 23 55.33 -21.93 17.82
N ALA H 24 56.55 -21.40 17.79
CA ALA H 24 57.17 -20.76 18.93
C ALA H 24 57.71 -19.40 18.53
N VAL H 25 57.26 -18.36 19.21
CA VAL H 25 57.65 -16.99 18.90
C VAL H 25 58.63 -16.53 19.98
N GLN H 26 59.78 -16.02 19.55
CA GLN H 26 60.85 -15.61 20.46
C GLN H 26 60.97 -14.09 20.39
N CYS H 27 60.56 -13.40 21.45
CA CYS H 27 60.57 -11.95 21.50
C CYS H 27 61.72 -11.47 22.38
N GLY H 28 62.45 -10.47 21.90
CA GLY H 28 63.54 -9.91 22.68
C GLY H 28 63.07 -9.19 23.93
N ARG H 29 61.92 -8.53 23.85
CA ARG H 29 61.32 -7.86 25.00
C ARG H 29 59.81 -8.02 24.93
N LEU H 30 59.21 -8.26 26.09
CA LEU H 30 57.78 -8.54 26.19
C LEU H 30 57.11 -7.51 27.10
N PHE H 31 55.88 -7.15 26.77
CA PHE H 31 55.11 -6.21 27.56
C PHE H 31 54.04 -6.99 28.33
N ASP H 32 53.95 -6.71 29.64
CA ASP H 32 52.96 -7.35 30.50
C ASP H 32 51.81 -6.37 30.71
N ALA H 33 50.69 -6.62 30.04
CA ALA H 33 49.53 -5.74 30.16
C ALA H 33 48.89 -5.79 31.53
N ARG H 34 49.06 -6.88 32.27
CA ARG H 34 48.45 -7.00 33.58
C ARG H 34 49.10 -6.03 34.58
N SER H 35 50.41 -5.80 34.46
CA SER H 35 51.12 -4.93 35.38
C SER H 35 51.60 -3.63 34.74
N GLY H 36 51.73 -3.58 33.42
CA GLY H 36 52.18 -2.36 32.78
C GLY H 36 53.68 -2.19 32.67
N GLN H 37 54.44 -3.26 32.81
CA GLN H 37 55.90 -3.22 32.76
C GLN H 37 56.42 -3.99 31.55
N LEU H 38 57.62 -3.62 31.13
CA LEU H 38 58.28 -4.26 30.00
C LEU H 38 59.31 -5.25 30.52
N LYS H 39 59.12 -6.52 30.16
CA LYS H 39 59.99 -7.59 30.64
C LYS H 39 61.13 -7.83 29.66
N GLY H 40 61.89 -8.90 29.86
CA GLY H 40 63.01 -9.23 29.01
C GLY H 40 62.65 -10.25 27.95
N PRO H 41 63.65 -10.99 27.47
CA PRO H 41 63.39 -11.99 26.42
C PRO H 41 62.40 -13.05 26.89
N HIS H 42 61.58 -13.52 25.96
CA HIS H 42 60.58 -14.52 26.29
C HIS H 42 60.28 -15.37 25.05
N THR H 43 59.75 -16.56 25.30
CA THR H 43 59.31 -17.46 24.25
C THR H 43 57.86 -17.84 24.50
N LEU H 44 57.03 -17.77 23.46
CA LEU H 44 55.61 -18.09 23.57
C LEU H 44 55.29 -19.25 22.65
N LEU H 45 54.66 -20.29 23.20
CA LEU H 45 54.30 -21.48 22.44
C LEU H 45 52.84 -21.39 22.02
N VAL H 46 52.59 -21.24 20.72
CA VAL H 46 51.25 -21.07 20.18
C VAL H 46 50.82 -22.38 19.54
N ALA H 47 49.69 -22.91 19.99
CA ALA H 47 49.14 -24.15 19.46
C ALA H 47 47.62 -24.09 19.54
N ASP H 48 46.96 -24.51 18.46
CA ASP H 48 45.49 -24.59 18.39
C ASP H 48 44.86 -23.21 18.60
N GLY H 49 45.55 -22.16 18.17
CA GLY H 49 45.00 -20.82 18.24
C GLY H 49 45.04 -20.17 19.61
N ARG H 50 45.61 -20.84 20.61
CA ARG H 50 45.71 -20.30 21.95
C ARG H 50 47.17 -20.18 22.35
N ILE H 51 47.42 -19.35 23.35
CA ILE H 51 48.75 -19.26 23.94
C ILE H 51 48.89 -20.40 24.93
N ARG H 52 49.86 -21.28 24.69
CA ARG H 52 49.96 -22.49 25.49
C ARG H 52 50.87 -22.30 26.71
N GLN H 53 52.05 -21.72 26.51
CA GLN H 53 53.01 -21.65 27.60
C GLN H 53 54.09 -20.62 27.29
N VAL H 54 54.51 -19.89 28.33
CA VAL H 54 55.49 -18.83 28.22
C VAL H 54 56.76 -19.25 28.94
N LEU H 55 57.89 -19.09 28.29
CA LEU H 55 59.20 -19.43 28.83
C LEU H 55 60.01 -18.16 29.02
N PRO H 56 60.44 -17.85 30.24
CA PRO H 56 61.39 -16.75 30.42
C PRO H 56 62.66 -16.99 29.63
N GLY H 57 63.22 -15.89 29.13
CA GLY H 57 64.44 -15.96 28.35
C GLY H 57 64.24 -16.48 26.95
N ALA H 65 57.97 -26.38 17.34
CA ALA H 65 58.29 -26.70 15.95
C ALA H 65 58.94 -25.52 15.25
N ARG H 66 58.17 -24.81 14.43
CA ARG H 66 58.69 -23.65 13.73
C ARG H 66 59.02 -22.53 14.71
N VAL H 67 60.02 -21.74 14.36
CA VAL H 67 60.52 -20.66 15.21
C VAL H 67 60.35 -19.34 14.47
N VAL H 68 59.65 -18.40 15.09
CA VAL H 68 59.56 -17.03 14.63
C VAL H 68 60.45 -16.19 15.53
N ASP H 69 61.31 -15.37 14.91
CA ASP H 69 62.34 -14.63 15.63
C ASP H 69 62.05 -13.13 15.54
N LEU H 70 61.75 -12.51 16.68
CA LEU H 70 61.58 -11.07 16.79
C LEU H 70 62.47 -10.54 17.91
N GLY H 71 63.74 -10.98 17.90
CA GLY H 71 64.64 -10.70 19.00
C GLY H 71 65.01 -9.23 19.15
N ASP H 72 64.87 -8.45 18.08
CA ASP H 72 65.14 -7.02 18.13
C ASP H 72 63.86 -6.18 18.13
N LYS H 73 62.73 -6.81 18.43
CA LYS H 73 61.44 -6.13 18.42
C LYS H 73 60.76 -6.31 19.78
N VAL H 74 59.77 -5.46 20.03
CA VAL H 74 59.01 -5.47 21.28
C VAL H 74 57.67 -6.15 21.00
N CYS H 75 57.36 -7.18 21.79
CA CYS H 75 56.14 -7.94 21.62
C CYS H 75 55.05 -7.42 22.55
N LEU H 76 53.82 -7.34 22.03
CA LEU H 76 52.67 -6.87 22.77
C LEU H 76 51.44 -7.68 22.37
N PRO H 77 50.42 -7.72 23.22
CA PRO H 77 49.14 -8.28 22.79
C PRO H 77 48.49 -7.43 21.71
N GLY H 78 47.67 -8.07 20.88
CA GLY H 78 46.98 -7.32 19.85
C GLY H 78 46.04 -6.28 20.44
N TRP H 79 45.98 -5.12 19.79
CA TRP H 79 45.19 -4.02 20.29
C TRP H 79 43.72 -4.20 19.98
N THR H 80 42.89 -3.50 20.75
CA THR H 80 41.45 -3.46 20.53
C THR H 80 41.00 -2.01 20.42
N ASP H 81 40.21 -1.71 19.39
CA ASP H 81 39.63 -0.39 19.19
C ASP H 81 38.14 -0.49 19.47
N LEU H 82 37.69 0.21 20.50
CA LEU H 82 36.33 0.05 21.02
C LEU H 82 35.32 0.97 20.34
N HIS H 83 35.72 1.75 19.34
CA HIS H 83 34.79 2.62 18.65
C HIS H 83 35.26 2.77 17.20
N VAL H 84 34.66 2.00 16.29
CA VAL H 84 34.93 2.10 14.86
C VAL H 84 33.62 2.03 14.10
N HIS H 85 33.64 2.52 12.86
CA HIS H 85 32.53 2.39 11.92
C HIS H 85 33.12 1.89 10.62
N LEU H 86 33.21 0.57 10.47
CA LEU H 86 33.86 -0.04 9.33
C LEU H 86 33.04 0.02 8.06
N GLY H 87 31.77 0.45 8.14
CA GLY H 87 30.93 0.59 6.98
C GLY H 87 30.88 1.98 6.37
N SER H 88 31.77 2.87 6.76
CA SER H 88 31.77 4.23 6.24
C SER H 88 33.14 4.86 6.45
N GLN H 89 33.36 5.97 5.76
CA GLN H 89 34.55 6.80 5.98
C GLN H 89 34.25 8.20 5.49
N SER H 90 34.55 9.20 6.32
CA SER H 90 34.17 10.57 6.01
C SER H 90 34.91 11.08 4.78
N SER H 91 34.18 11.83 3.95
CA SER H 91 34.71 12.35 2.70
C SER H 91 33.88 13.57 2.31
N PRO H 92 34.33 14.36 1.34
CA PRO H 92 33.51 15.50 0.88
C PRO H 92 32.18 15.09 0.28
N GLN H 93 32.03 13.84 -0.14
CA GLN H 93 30.80 13.38 -0.79
C GLN H 93 29.92 12.56 0.14
N SER H 94 30.17 12.62 1.46
CA SER H 94 29.47 11.74 2.39
C SER H 94 27.97 12.02 2.42
N TYR H 95 27.59 13.29 2.52
CA TYR H 95 26.21 13.65 2.80
C TYR H 95 25.28 13.49 1.60
N SER H 96 25.73 12.79 0.55
CA SER H 96 24.86 12.37 -0.52
C SER H 96 24.81 10.87 -0.69
N GLU H 97 25.72 10.11 -0.05
CA GLU H 97 25.79 8.67 -0.25
C GLU H 97 24.52 7.95 0.19
N ASP H 98 23.69 8.59 1.02
CA ASP H 98 22.43 7.98 1.43
C ASP H 98 21.42 7.90 0.30
N PHE H 99 21.65 8.58 -0.82
CA PHE H 99 20.71 8.61 -1.91
C PHE H 99 21.25 8.03 -3.22
N ARG H 100 22.55 7.78 -3.31
CA ARG H 100 23.16 7.33 -4.55
C ARG H 100 23.87 5.99 -4.46
N LEU H 101 24.14 5.47 -3.27
CA LEU H 101 24.93 4.26 -3.09
C LEU H 101 24.11 3.15 -2.46
N ASP H 102 24.42 1.92 -2.83
CA ASP H 102 23.81 0.71 -2.31
C ASP H 102 24.70 0.07 -1.27
N PRO H 103 24.14 -0.82 -0.43
CA PRO H 103 24.98 -1.49 0.58
C PRO H 103 26.15 -2.29 0.03
N VAL H 104 26.02 -2.86 -1.18
CA VAL H 104 27.12 -3.63 -1.75
C VAL H 104 28.31 -2.72 -2.05
N ASP H 105 28.03 -1.49 -2.48
CA ASP H 105 29.10 -0.51 -2.70
C ASP H 105 29.85 -0.23 -1.40
N HIS H 106 29.13 -0.20 -0.28
CA HIS H 106 29.78 0.00 1.01
C HIS H 106 30.57 -1.22 1.45
N ALA H 107 30.07 -2.43 1.16
CA ALA H 107 30.79 -3.65 1.53
C ALA H 107 32.11 -3.76 0.78
N PHE H 108 32.13 -3.38 -0.50
CA PHE H 108 33.36 -3.43 -1.27
C PHE H 108 34.42 -2.49 -0.70
N ARG H 109 34.01 -1.37 -0.12
CA ARG H 109 34.97 -0.49 0.58
C ARG H 109 35.36 -1.06 1.94
N ALA H 110 34.40 -1.67 2.63
CA ALA H 110 34.65 -2.23 3.94
C ALA H 110 35.68 -3.35 3.91
N VAL H 111 35.79 -4.07 2.78
CA VAL H 111 36.82 -5.10 2.68
C VAL H 111 38.20 -4.48 2.88
N GLY H 112 38.50 -3.42 2.13
CA GLY H 112 39.78 -2.74 2.29
C GLY H 112 39.93 -2.05 3.63
N TYR H 113 38.84 -1.47 4.14
CA TYR H 113 38.91 -0.84 5.46
C TYR H 113 39.32 -1.84 6.54
N ALA H 114 38.69 -3.03 6.54
CA ALA H 114 39.02 -4.06 7.51
C ALA H 114 40.44 -4.57 7.32
N GLU H 115 40.87 -4.72 6.06
CA GLU H 115 42.24 -5.15 5.83
C GLU H 115 43.24 -4.16 6.42
N LYS H 116 43.03 -2.86 6.18
CA LYS H 116 43.93 -1.85 6.75
C LYS H 116 43.88 -1.82 8.27
N THR H 117 42.69 -1.96 8.85
CA THR H 117 42.57 -1.97 10.31
C THR H 117 43.35 -3.14 10.92
N LEU H 118 43.19 -4.35 10.35
CA LEU H 118 43.94 -5.49 10.85
C LEU H 118 45.43 -5.29 10.66
N MET H 119 45.84 -4.76 9.51
CA MET H 119 47.26 -4.59 9.23
C MET H 119 47.91 -3.53 10.11
N ALA H 120 47.13 -2.60 10.65
CA ALA H 120 47.67 -1.54 11.50
C ALA H 120 47.96 -2.01 12.93
N GLY H 121 47.60 -3.24 13.28
CA GLY H 121 47.89 -3.78 14.59
C GLY H 121 46.67 -4.04 15.46
N PHE H 122 45.46 -3.80 14.96
CA PHE H 122 44.24 -3.97 15.75
C PHE H 122 43.58 -5.27 15.34
N THR H 123 43.68 -6.28 16.21
CA THR H 123 43.10 -7.59 15.95
C THR H 123 41.67 -7.72 16.43
N SER H 124 41.13 -6.70 17.09
CA SER H 124 39.77 -6.73 17.59
C SER H 124 39.20 -5.33 17.53
N VAL H 125 37.92 -5.23 17.15
CA VAL H 125 37.22 -3.94 17.09
C VAL H 125 35.80 -4.09 17.60
N ARG H 126 35.26 -2.99 18.12
CA ARG H 126 33.86 -2.88 18.50
C ARG H 126 33.20 -1.87 17.56
N ASP H 127 32.36 -2.36 16.66
CA ASP H 127 31.65 -1.51 15.71
C ASP H 127 30.38 -0.98 16.38
N LEU H 128 30.21 0.34 16.35
CA LEU H 128 29.16 1.01 17.12
C LEU H 128 28.06 1.58 16.23
N GLY H 129 27.78 0.92 15.12
CA GLY H 129 26.70 1.36 14.26
C GLY H 129 26.91 1.03 12.79
N GLY H 130 25.86 0.53 12.15
CA GLY H 130 25.94 0.13 10.75
C GLY H 130 25.33 -1.24 10.50
N GLU H 131 24.64 -1.38 9.38
CA GLU H 131 23.96 -2.63 9.04
C GLU H 131 24.82 -3.55 8.19
N VAL H 132 26.01 -3.11 7.78
CA VAL H 132 26.90 -3.97 6.98
C VAL H 132 27.89 -4.72 7.87
N SER H 133 28.22 -4.15 9.04
CA SER H 133 29.25 -4.75 9.89
C SER H 133 28.96 -6.17 10.36
N PRO H 134 27.74 -6.56 10.75
CA PRO H 134 27.51 -7.98 11.09
C PRO H 134 27.81 -8.94 9.95
N HIS H 135 27.47 -8.54 8.71
CA HIS H 135 27.78 -9.38 7.55
C HIS H 135 29.29 -9.48 7.35
N LEU H 136 30.01 -8.37 7.54
CA LEU H 136 31.47 -8.42 7.43
C LEU H 136 32.07 -9.30 8.52
N ARG H 137 31.50 -9.26 9.73
CA ARG H 137 31.96 -10.14 10.80
C ARG H 137 31.76 -11.60 10.43
N ASP H 138 30.58 -11.93 9.89
CA ASP H 138 30.34 -13.31 9.45
C ASP H 138 31.30 -13.73 8.35
N ALA H 139 31.57 -12.83 7.40
CA ALA H 139 32.49 -13.14 6.32
C ALA H 139 33.91 -13.37 6.84
N ILE H 140 34.37 -12.53 7.77
CA ILE H 140 35.70 -12.72 8.34
C ILE H 140 35.77 -14.02 9.12
N ASN H 141 34.72 -14.34 9.88
CA ASN H 141 34.71 -15.59 10.64
C ASN H 141 34.74 -16.80 9.72
N GLN H 142 34.02 -16.75 8.60
CA GLN H 142 34.07 -17.84 7.64
C GLN H 142 35.37 -17.90 6.85
N GLY H 143 36.19 -16.85 6.89
CA GLY H 143 37.46 -16.84 6.21
C GLY H 143 37.46 -16.27 4.81
N LEU H 144 36.35 -15.66 4.38
CA LEU H 144 36.27 -15.14 3.02
C LEU H 144 37.17 -13.91 2.83
N VAL H 145 37.26 -13.05 3.85
CA VAL H 145 38.07 -11.85 3.79
C VAL H 145 38.90 -11.76 5.07
N ARG H 146 39.95 -10.96 5.01
CA ARG H 146 40.82 -10.72 6.15
C ARG H 146 40.37 -9.49 6.91
N GLY H 147 40.44 -9.57 8.23
CA GLY H 147 40.07 -8.46 9.08
C GLY H 147 40.20 -8.81 10.55
N PRO H 148 39.89 -7.86 11.42
CA PRO H 148 39.94 -8.12 12.87
C PRO H 148 38.71 -8.88 13.32
N ARG H 149 38.67 -9.17 14.62
CA ARG H 149 37.54 -9.82 15.25
C ARG H 149 36.54 -8.74 15.68
N ILE H 150 35.31 -8.84 15.16
CA ILE H 150 34.35 -7.75 15.23
C ILE H 150 33.30 -8.07 16.29
N PHE H 151 33.04 -7.12 17.18
CA PHE H 151 31.86 -7.12 18.03
C PHE H 151 30.96 -6.00 17.53
N ALA H 152 29.85 -6.37 16.91
CA ALA H 152 29.01 -5.43 16.18
C ALA H 152 27.73 -5.13 16.95
N ALA H 153 27.27 -3.88 16.86
CA ALA H 153 26.04 -3.46 17.51
C ALA H 153 24.85 -3.42 16.56
N GLY H 154 25.08 -3.31 15.26
CA GLY H 154 23.99 -3.20 14.31
C GLY H 154 23.45 -1.79 14.22
N LYS H 155 22.13 -1.67 14.07
CA LYS H 155 21.51 -0.35 14.04
C LYS H 155 21.57 0.31 15.42
N SER H 156 21.74 1.61 15.43
CA SER H 156 21.77 2.38 16.67
C SER H 156 20.35 2.84 17.03
N ILE H 157 20.03 2.79 18.32
CA ILE H 157 18.71 3.13 18.80
C ILE H 157 18.66 4.61 19.17
N ALA H 158 17.68 5.34 18.63
CA ALA H 158 17.50 6.75 18.90
C ALA H 158 16.01 7.04 19.07
N THR H 159 15.70 8.31 19.30
CA THR H 159 14.33 8.79 19.36
C THR H 159 14.01 9.58 18.10
N THR H 160 12.77 10.08 18.01
CA THR H 160 12.36 10.85 16.85
C THR H 160 13.16 12.14 16.77
N GLY H 161 13.81 12.36 15.63
CA GLY H 161 14.68 13.51 15.47
C GLY H 161 16.03 13.37 16.14
N GLY H 162 16.38 12.18 16.60
CA GLY H 162 17.61 11.97 17.34
C GLY H 162 18.84 11.98 16.46
N HIS H 163 20.00 11.84 17.11
CA HIS H 163 21.27 11.88 16.40
C HIS H 163 21.39 10.73 15.41
N ALA H 164 20.82 9.56 15.73
CA ALA H 164 20.89 8.39 14.87
C ALA H 164 19.60 8.14 14.10
N ASP H 165 18.74 9.14 13.98
CA ASP H 165 17.53 9.00 13.19
C ASP H 165 17.90 8.93 11.71
N PRO H 166 17.53 7.87 10.99
CA PRO H 166 17.96 7.72 9.60
C PRO H 166 17.19 8.56 8.59
N THR H 167 16.31 9.46 9.05
CA THR H 167 15.47 10.25 8.17
C THR H 167 15.71 11.75 8.33
N ASN H 168 16.53 12.15 9.30
CA ASN H 168 16.84 13.56 9.52
C ASN H 168 17.37 14.21 8.25
N GLY H 169 16.81 15.36 7.91
CA GLY H 169 17.25 16.14 6.77
C GLY H 169 16.57 15.84 5.44
N TRP H 170 15.71 14.84 5.39
CA TRP H 170 15.00 14.52 4.16
C TRP H 170 13.84 15.48 3.95
N ASN H 171 13.50 15.71 2.68
CA ASN H 171 12.38 16.58 2.37
C ASN H 171 11.07 15.84 2.64
N GLU H 172 9.95 16.57 2.49
CA GLU H 172 8.64 16.01 2.82
C GLU H 172 8.28 14.82 1.94
N ARG H 173 8.63 14.88 0.65
CA ARG H 173 8.25 13.82 -0.27
C ARG H 173 8.91 12.50 0.10
N LEU H 174 10.24 12.51 0.28
CA LEU H 174 10.95 11.29 0.65
C LEU H 174 10.50 10.77 2.01
N ALA H 175 10.33 11.67 2.97
CA ALA H 175 9.89 11.27 4.31
C ALA H 175 8.50 10.65 4.30
N HIS H 176 7.60 11.15 3.46
CA HIS H 176 6.30 10.49 3.29
C HIS H 176 6.45 9.15 2.59
N LEU H 177 7.37 9.05 1.63
CA LEU H 177 7.58 7.78 0.94
C LEU H 177 8.06 6.68 1.88
N VAL H 178 9.00 7.01 2.77
CA VAL H 178 9.50 5.99 3.69
C VAL H 178 8.57 5.82 4.90
N GLY H 179 7.90 6.88 5.33
CA GLY H 179 7.10 6.84 6.53
C GLY H 179 7.93 7.15 7.77
N ALA H 180 7.22 7.36 8.87
CA ALA H 180 7.88 7.65 10.14
C ALA H 180 8.56 6.39 10.66
N PRO H 181 9.85 6.44 10.97
CA PRO H 181 10.53 5.23 11.47
C PRO H 181 10.01 4.80 12.84
N GLY H 182 10.02 3.49 13.06
CA GLY H 182 9.57 2.92 14.30
C GLY H 182 10.63 2.07 14.97
N PRO H 183 10.21 1.19 15.88
CA PRO H 183 11.19 0.34 16.59
C PRO H 183 11.99 -0.57 15.67
N ALA H 184 11.40 -1.02 14.56
CA ALA H 184 12.14 -1.88 13.63
C ALA H 184 13.30 -1.13 13.00
N GLU H 185 13.13 0.16 12.73
CA GLU H 185 14.17 1.00 12.16
C GLU H 185 15.08 1.61 13.22
N GLY H 186 14.79 1.40 14.51
CA GLY H 186 15.63 1.87 15.58
C GLY H 186 15.16 3.13 16.28
N VAL H 187 13.96 3.63 15.99
CA VAL H 187 13.45 4.86 16.58
C VAL H 187 12.38 4.50 17.60
N VAL H 188 12.57 4.93 18.85
CA VAL H 188 11.66 4.60 19.93
C VAL H 188 11.18 5.88 20.59
N ASN H 189 9.99 5.82 21.20
CA ASN H 189 9.45 6.95 21.93
C ASN H 189 8.75 6.53 23.22
N SER H 190 8.86 5.26 23.63
CA SER H 190 8.23 4.80 24.84
C SER H 190 9.00 3.58 25.36
N VAL H 191 8.55 3.07 26.51
CA VAL H 191 9.21 1.93 27.14
C VAL H 191 9.02 0.66 26.32
N ASP H 192 7.78 0.41 25.87
CA ASP H 192 7.50 -0.77 25.07
C ASP H 192 8.23 -0.73 23.73
N GLU H 193 8.30 0.45 23.11
CA GLU H 193 9.05 0.59 21.86
C GLU H 193 10.53 0.30 22.06
N ALA H 194 11.11 0.76 23.18
CA ALA H 194 12.50 0.48 23.46
C ALA H 194 12.74 -1.01 23.68
N ARG H 195 11.82 -1.68 24.39
CA ARG H 195 11.92 -3.13 24.55
C ARG H 195 11.89 -3.84 23.20
N GLN H 196 10.94 -3.45 22.34
CA GLN H 196 10.84 -4.07 21.02
C GLN H 196 12.07 -3.80 20.17
N ALA H 197 12.66 -2.60 20.28
CA ALA H 197 13.85 -2.28 19.51
C ALA H 197 15.05 -3.11 19.97
N VAL H 198 15.20 -3.30 21.27
CA VAL H 198 16.28 -4.16 21.75
C VAL H 198 16.10 -5.59 21.25
N ARG H 199 14.86 -6.10 21.30
CA ARG H 199 14.59 -7.44 20.79
C ARG H 199 14.82 -7.53 19.28
N GLN H 200 14.54 -6.45 18.55
CA GLN H 200 14.77 -6.43 17.11
C GLN H 200 16.25 -6.41 16.76
N ARG H 201 17.07 -5.71 17.55
CA ARG H 201 18.51 -5.79 17.36
C ARG H 201 19.04 -7.18 17.70
N TYR H 202 18.47 -7.83 18.72
CA TYR H 202 18.84 -9.21 18.99
C TYR H 202 18.47 -10.12 17.83
N LYS H 203 17.31 -9.89 17.21
CA LYS H 203 16.86 -10.72 16.10
C LYS H 203 17.78 -10.60 14.88
N GLU H 204 18.45 -9.47 14.72
CA GLU H 204 19.28 -9.22 13.54
C GLU H 204 20.73 -9.62 13.76
N GLY H 205 21.06 -10.24 14.88
CA GLY H 205 22.40 -10.73 15.09
C GLY H 205 23.37 -9.72 15.65
N SER H 206 22.96 -8.93 16.65
CA SER H 206 23.83 -7.97 17.27
C SER H 206 24.54 -8.58 18.47
N ASP H 207 25.72 -8.03 18.80
CA ASP H 207 26.47 -8.45 19.97
C ASP H 207 26.33 -7.50 21.14
N LEU H 208 25.77 -6.31 20.93
CA LEU H 208 25.58 -5.34 21.98
C LEU H 208 24.59 -4.29 21.50
N ILE H 209 24.32 -3.30 22.35
CA ILE H 209 23.37 -2.25 22.04
C ILE H 209 24.05 -0.88 22.04
N KCX H 210 23.61 -0.01 21.14
CA KCX H 210 24.12 1.37 21.06
CB KCX H 210 25.00 1.54 19.82
CG KCX H 210 26.25 2.38 20.02
CD KCX H 210 25.93 3.80 20.46
CE KCX H 210 27.12 4.72 20.26
NZ KCX H 210 27.35 4.95 18.81
C KCX H 210 22.96 2.36 21.04
O KCX H 210 22.05 2.23 20.23
CX KCX H 210 28.10 5.96 18.41
OQ1 KCX H 210 28.62 6.73 19.23
OQ2 KCX H 210 28.29 6.14 17.19
N ILE H 211 22.99 3.35 21.93
CA ILE H 211 22.00 4.41 21.92
C ILE H 211 22.67 5.78 21.84
N THR H 212 21.95 6.77 21.33
CA THR H 212 22.40 8.16 21.31
C THR H 212 21.59 8.92 22.34
N ALA H 213 22.21 9.20 23.49
CA ALA H 213 21.49 9.85 24.59
C ALA H 213 21.25 11.33 24.32
N THR H 214 22.12 11.97 23.54
CA THR H 214 21.98 13.39 23.22
C THR H 214 22.09 13.62 21.72
N GLY H 215 22.16 14.89 21.32
CA GLY H 215 22.44 15.23 19.94
C GLY H 215 23.90 15.04 19.60
N GLY H 216 24.22 15.25 18.32
CA GLY H 216 25.56 15.02 17.82
C GLY H 216 26.02 16.10 16.87
N VAL H 217 27.21 15.90 16.33
CA VAL H 217 27.82 16.86 15.42
C VAL H 217 27.49 16.56 13.97
N LEU H 218 27.64 15.31 13.55
CA LEU H 218 27.57 14.96 12.14
C LEU H 218 26.15 14.69 11.66
N SER H 219 25.15 14.76 12.54
CA SER H 219 23.78 14.56 12.10
C SER H 219 23.23 15.83 11.44
N TYR H 220 22.22 15.64 10.61
CA TYR H 220 21.55 16.75 9.93
C TYR H 220 20.44 17.34 10.79
N ALA H 221 20.77 17.70 12.03
CA ALA H 221 19.81 18.22 12.98
C ALA H 221 20.37 19.50 13.61
N ARG H 222 19.48 20.26 14.24
CA ARG H 222 19.86 21.57 14.75
C ARG H 222 20.66 21.47 16.04
N SER H 223 20.34 20.53 16.91
CA SER H 223 20.96 20.47 18.22
C SER H 223 22.22 19.60 18.20
N GLY H 224 23.08 19.85 19.18
CA GLY H 224 24.32 19.10 19.30
C GLY H 224 24.52 18.42 20.64
N ASP H 225 23.80 18.87 21.68
CA ASP H 225 23.95 18.29 23.00
C ASP H 225 22.67 18.24 23.82
N ALA H 226 21.50 18.46 23.22
CA ALA H 226 20.27 18.47 23.99
C ALA H 226 19.90 17.05 24.44
N PRO H 227 19.25 16.92 25.60
CA PRO H 227 18.86 15.58 26.08
C PRO H 227 17.72 15.02 25.26
N GLN H 228 17.95 13.84 24.68
CA GLN H 228 17.01 13.24 23.74
C GLN H 228 16.47 11.89 24.21
N PHE H 229 16.71 11.52 25.46
CA PHE H 229 16.18 10.30 26.04
C PHE H 229 15.67 10.62 27.43
N THR H 230 14.61 9.92 27.84
CA THR H 230 14.14 10.03 29.22
C THR H 230 14.70 8.87 30.05
N VAL H 231 14.64 9.04 31.37
CA VAL H 231 15.21 8.04 32.27
C VAL H 231 14.49 6.71 32.11
N ASP H 232 13.17 6.74 31.97
CA ASP H 232 12.40 5.50 31.81
C ASP H 232 12.80 4.75 30.55
N GLU H 233 12.99 5.46 29.44
CA GLU H 233 13.36 4.80 28.19
C GLU H 233 14.74 4.15 28.27
N ILE H 234 15.71 4.85 28.85
CA ILE H 234 17.05 4.27 28.97
C ILE H 234 17.04 3.08 29.94
N LYS H 235 16.26 3.20 31.02
CA LYS H 235 16.16 2.08 31.95
C LYS H 235 15.53 0.87 31.29
N ALA H 236 14.50 1.09 30.46
CA ALA H 236 13.90 -0.01 29.72
C ALA H 236 14.90 -0.64 28.75
N VAL H 237 15.70 0.18 28.07
CA VAL H 237 16.69 -0.36 27.14
C VAL H 237 17.70 -1.23 27.89
N VAL H 238 18.22 -0.73 29.01
CA VAL H 238 19.22 -1.47 29.78
C VAL H 238 18.63 -2.75 30.34
N ASP H 239 17.41 -2.69 30.88
CA ASP H 239 16.78 -3.87 31.47
C ASP H 239 16.49 -4.93 30.40
N THR H 240 16.06 -4.50 29.22
CA THR H 240 15.82 -5.47 28.15
C THR H 240 17.14 -6.10 27.67
N ALA H 241 18.19 -5.28 27.52
CA ALA H 241 19.47 -5.81 27.06
C ALA H 241 20.08 -6.76 28.07
N ARG H 242 19.83 -6.55 29.36
CA ARG H 242 20.37 -7.45 30.38
C ARG H 242 19.80 -8.85 30.27
N ASP H 243 18.52 -8.96 29.88
CA ASP H 243 17.91 -10.28 29.71
C ASP H 243 18.59 -11.07 28.58
N TYR H 244 18.95 -10.38 27.50
CA TYR H 244 19.56 -11.01 26.34
C TYR H 244 21.09 -11.02 26.41
N GLY H 245 21.67 -10.58 27.52
CA GLY H 245 23.11 -10.64 27.71
C GLY H 245 23.91 -9.61 26.94
N PHE H 246 23.38 -8.42 26.75
CA PHE H 246 24.04 -7.36 26.01
C PHE H 246 24.57 -6.30 26.96
N ARG H 247 25.57 -5.55 26.48
CA ARG H 247 26.05 -4.35 27.13
C ARG H 247 25.64 -3.13 26.30
N VAL H 248 25.47 -2.00 26.96
CA VAL H 248 24.94 -0.79 26.34
C VAL H 248 26.02 0.29 26.33
N ALA H 249 26.28 0.85 25.15
CA ALA H 249 27.16 2.00 24.99
C ALA H 249 26.32 3.20 24.59
N ALA H 250 26.55 4.32 25.27
CA ALA H 250 25.75 5.54 25.01
C ALA H 250 26.61 6.68 24.46
N HIS H 251 26.27 7.18 23.27
CA HIS H 251 26.92 8.39 22.73
C HIS H 251 26.32 9.60 23.46
N ALA H 252 27.15 10.46 24.07
CA ALA H 252 26.62 11.59 24.85
C ALA H 252 27.54 12.81 24.84
N HIS H 253 27.02 13.98 24.47
CA HIS H 253 27.78 15.22 24.56
C HIS H 253 27.32 16.08 25.72
N GLY H 254 26.01 16.31 25.85
CA GLY H 254 25.51 17.19 26.89
C GLY H 254 25.50 16.56 28.27
N THR H 255 25.51 17.41 29.30
CA THR H 255 25.60 16.92 30.71
C THR H 255 24.32 16.24 31.19
N GLU H 256 23.14 16.69 30.78
CA GLU H 256 21.92 16.09 31.32
C GLU H 256 21.68 14.70 30.75
N GLY H 257 21.78 14.54 29.43
CA GLY H 257 21.60 13.23 28.83
C GLY H 257 22.66 12.23 29.29
N MET H 258 23.91 12.69 29.44
CA MET H 258 24.96 11.83 29.92
C MET H 258 24.72 11.42 31.37
N LYS H 259 24.22 12.34 32.21
CA LYS H 259 23.85 11.99 33.57
C LYS H 259 22.75 10.95 33.60
N ARG H 260 21.73 11.11 32.75
CA ARG H 260 20.66 10.13 32.68
C ARG H 260 21.18 8.76 32.26
N ALA H 261 22.06 8.73 31.26
CA ALA H 261 22.62 7.45 30.80
C ALA H 261 23.46 6.79 31.89
N VAL H 262 24.28 7.57 32.60
CA VAL H 262 25.09 7.01 33.68
C VAL H 262 24.21 6.47 34.80
N GLN H 263 23.17 7.21 35.18
CA GLN H 263 22.32 6.76 36.27
C GLN H 263 21.42 5.60 35.88
N ALA H 264 21.15 5.41 34.58
CA ALA H 264 20.34 4.28 34.16
C ALA H 264 21.10 2.97 34.22
N GLY H 265 22.42 3.00 33.97
CA GLY H 265 23.22 1.79 34.06
C GLY H 265 23.88 1.34 32.78
N VAL H 266 24.23 2.29 31.90
CA VAL H 266 24.97 1.92 30.70
C VAL H 266 26.40 1.52 31.07
N THR H 267 27.03 0.79 30.15
CA THR H 267 28.36 0.24 30.42
C THR H 267 29.47 1.24 30.12
N SER H 268 29.36 1.98 29.02
CA SER H 268 30.37 2.95 28.63
C SER H 268 29.70 4.22 28.12
N ILE H 269 30.45 5.32 28.19
CA ILE H 269 30.00 6.63 27.72
C ILE H 269 30.95 7.08 26.62
N GLU H 270 30.40 7.61 25.53
CA GLU H 270 31.17 7.99 24.35
C GLU H 270 31.28 9.51 24.25
N HIS H 271 32.50 10.00 24.06
CA HIS H 271 32.92 11.38 23.80
C HIS H 271 32.83 12.31 25.00
N GLY H 272 32.06 11.96 26.02
CA GLY H 272 32.02 12.67 27.30
C GLY H 272 32.23 14.18 27.26
N THR H 273 31.64 14.88 26.29
CA THR H 273 32.13 16.20 25.92
C THR H 273 31.95 17.23 27.04
N TYR H 274 30.77 17.27 27.66
CA TYR H 274 30.45 18.28 28.67
C TYR H 274 30.36 17.67 30.06
N MET H 275 31.28 16.75 30.37
CA MET H 275 31.27 16.08 31.65
C MET H 275 31.76 17.01 32.76
N ASP H 276 31.08 16.98 33.90
CA ASP H 276 31.47 17.82 35.03
C ASP H 276 31.66 17.02 36.31
N ASP H 277 31.79 17.71 37.45
CA ASP H 277 32.15 17.04 38.70
C ASP H 277 31.08 16.04 39.14
N GLU H 278 29.81 16.43 39.05
CA GLU H 278 28.74 15.53 39.47
C GLU H 278 28.71 14.27 38.60
N VAL H 279 28.86 14.45 37.28
CA VAL H 279 28.89 13.30 36.39
C VAL H 279 30.10 12.42 36.70
N MET H 280 31.26 13.01 36.94
CA MET H 280 32.44 12.22 37.26
C MET H 280 32.24 11.42 38.54
N ARG H 281 31.64 12.03 39.56
CA ARG H 281 31.34 11.29 40.79
C ARG H 281 30.39 10.13 40.50
N LEU H 282 29.38 10.37 39.67
CA LEU H 282 28.45 9.29 39.33
C LEU H 282 29.12 8.14 38.60
N MET H 283 30.00 8.45 37.63
CA MET H 283 30.72 7.39 36.92
C MET H 283 31.67 6.65 37.85
N LYS H 284 32.37 7.37 38.73
CA LYS H 284 33.29 6.71 39.65
C LYS H 284 32.53 5.77 40.59
N GLN H 285 31.37 6.20 41.08
CA GLN H 285 30.60 5.34 41.99
C GLN H 285 29.95 4.18 41.25
N HIS H 286 29.51 4.40 40.01
CA HIS H 286 28.85 3.35 39.23
C HIS H 286 29.83 2.43 38.52
N GLY H 287 31.07 2.86 38.32
CA GLY H 287 32.02 2.05 37.60
C GLY H 287 31.90 2.10 36.09
N THR H 288 31.38 3.20 35.55
CA THR H 288 31.19 3.32 34.12
C THR H 288 32.51 3.62 33.41
N TRP H 289 32.70 3.04 32.24
CA TRP H 289 33.88 3.29 31.43
C TRP H 289 33.67 4.51 30.54
N TYR H 290 34.77 5.19 30.23
CA TYR H 290 34.76 6.43 29.46
C TYR H 290 35.64 6.27 28.22
N VAL H 291 35.11 6.63 27.07
CA VAL H 291 35.82 6.54 25.79
C VAL H 291 35.91 7.94 25.19
N PRO H 292 37.09 8.57 25.25
CA PRO H 292 37.19 9.98 24.82
C PRO H 292 37.12 10.19 23.31
N THR H 293 37.81 9.37 22.52
CA THR H 293 37.91 9.52 21.07
C THR H 293 38.54 10.87 20.68
N PHE H 294 39.83 10.99 20.98
CA PHE H 294 40.59 12.19 20.60
C PHE H 294 40.56 12.41 19.09
N TYR H 295 40.72 11.33 18.32
CA TYR H 295 40.91 11.45 16.87
C TYR H 295 39.70 12.10 16.21
N ALA H 296 38.50 11.70 16.61
CA ALA H 296 37.30 12.25 15.99
C ALA H 296 37.18 13.75 16.23
N GLY H 297 37.44 14.18 17.46
CA GLY H 297 37.38 15.60 17.76
C GLY H 297 38.41 16.41 16.98
N ARG H 298 39.64 15.91 16.93
CA ARG H 298 40.67 16.61 16.15
C ARG H 298 40.29 16.67 14.67
N PHE H 299 39.78 15.56 14.12
CA PHE H 299 39.42 15.53 12.71
C PHE H 299 38.30 16.51 12.40
N VAL H 300 37.25 16.54 13.23
CA VAL H 300 36.15 17.46 12.94
C VAL H 300 36.59 18.91 13.12
N THR H 301 37.46 19.18 14.10
CA THR H 301 37.96 20.54 14.25
C THR H 301 38.78 20.97 13.03
N GLU H 302 39.61 20.07 12.50
CA GLU H 302 40.39 20.42 11.31
C GLU H 302 39.48 20.62 10.10
N LYS H 303 38.47 19.77 9.93
CA LYS H 303 37.62 19.85 8.74
C LYS H 303 36.56 20.94 8.82
N ALA H 304 36.29 21.50 10.00
CA ALA H 304 35.35 22.60 10.10
C ALA H 304 35.94 23.91 9.58
N ALA H 305 37.24 23.96 9.32
CA ALA H 305 37.88 25.14 8.76
C ALA H 305 37.95 25.12 7.24
N ILE H 306 37.41 24.09 6.60
CA ILE H 306 37.40 24.00 5.15
C ILE H 306 35.99 24.34 4.66
N ASP H 307 35.91 25.24 3.68
CA ASP H 307 34.62 25.72 3.21
C ASP H 307 33.97 24.68 2.30
N GLY H 308 32.74 24.30 2.65
CA GLY H 308 31.97 23.38 1.84
C GLY H 308 32.15 21.91 2.17
N TYR H 309 33.08 21.57 3.07
CA TYR H 309 33.26 20.17 3.43
C TYR H 309 32.04 19.63 4.16
N PHE H 310 31.59 20.32 5.18
CA PHE H 310 30.39 19.98 5.93
C PHE H 310 29.21 20.80 5.45
N PRO H 311 27.99 20.33 5.67
CA PRO H 311 26.81 21.17 5.41
C PRO H 311 26.77 22.34 6.38
N GLU H 312 26.04 23.38 5.98
CA GLU H 312 25.99 24.61 6.77
C GLU H 312 25.41 24.36 8.16
N VAL H 313 24.49 23.41 8.28
CA VAL H 313 23.91 23.09 9.59
C VAL H 313 24.88 22.30 10.46
N VAL H 314 25.92 21.70 9.87
CA VAL H 314 26.84 20.87 10.62
C VAL H 314 28.09 21.62 11.08
N ARG H 315 28.55 22.59 10.29
CA ARG H 315 29.84 23.23 10.55
C ARG H 315 29.93 23.93 11.90
N PRO H 316 28.97 24.76 12.33
CA PRO H 316 29.10 25.39 13.65
C PRO H 316 29.18 24.40 14.79
N LYS H 317 28.39 23.31 14.74
CA LYS H 317 28.44 22.31 15.78
C LYS H 317 29.81 21.64 15.84
N ALA H 318 30.38 21.29 14.68
CA ALA H 318 31.71 20.71 14.67
C ALA H 318 32.74 21.67 15.26
N ALA H 319 32.74 22.91 14.80
CA ALA H 319 33.71 23.89 15.29
C ALA H 319 33.59 24.10 16.79
N ARG H 320 32.36 24.10 17.31
CA ARG H 320 32.17 24.33 18.74
C ARG H 320 32.60 23.12 19.57
N ILE H 321 32.21 21.91 19.13
CA ILE H 321 32.32 20.76 20.01
C ILE H 321 33.65 20.01 19.86
N GLY H 322 34.29 20.07 18.69
CA GLY H 322 35.50 19.29 18.49
C GLY H 322 36.63 19.68 19.43
N ALA H 323 36.73 20.97 19.76
CA ALA H 323 37.91 21.49 20.50
C ALA H 323 37.82 21.33 22.03
N LEU H 324 36.98 20.45 22.53
CA LEU H 324 36.81 20.34 24.01
C LEU H 324 37.11 18.93 24.49
N ILE H 325 37.31 17.97 23.58
CA ILE H 325 37.48 16.55 23.97
C ILE H 325 38.80 16.36 24.73
N SER H 326 39.90 16.92 24.21
CA SER H 326 41.24 16.71 24.84
C SER H 326 41.23 17.17 26.29
N GLN H 327 40.76 18.38 26.56
CA GLN H 327 40.70 18.94 27.90
C GLN H 327 39.78 18.12 28.80
N THR H 328 38.60 17.75 28.29
CA THR H 328 37.68 16.97 29.11
C THR H 328 38.26 15.62 29.47
N ALA H 329 38.92 14.94 28.52
CA ALA H 329 39.50 13.64 28.79
C ALA H 329 40.64 13.73 29.78
N ALA H 330 41.50 14.75 29.66
CA ALA H 330 42.60 14.90 30.61
C ALA H 330 42.09 15.18 32.01
N LYS H 331 41.09 16.07 32.13
CA LYS H 331 40.59 16.43 33.45
C LYS H 331 39.69 15.34 34.02
N ALA H 332 39.19 14.44 33.17
CA ALA H 332 38.53 13.23 33.67
C ALA H 332 39.55 12.22 34.18
N TYR H 333 40.68 12.08 33.48
CA TYR H 333 41.73 11.18 33.94
C TYR H 333 42.33 11.64 35.25
N ARG H 334 42.48 12.96 35.45
CA ARG H 334 43.03 13.45 36.70
C ARG H 334 42.15 13.15 37.90
N ASN H 335 40.86 12.94 37.70
CA ASN H 335 39.93 12.65 38.79
C ASN H 335 39.74 11.16 39.05
N GLY H 336 40.32 10.30 38.24
CA GLY H 336 40.22 8.87 38.45
C GLY H 336 39.12 8.17 37.69
N VAL H 337 38.58 8.77 36.64
CA VAL H 337 37.59 8.10 35.81
C VAL H 337 38.30 7.06 34.94
N ARG H 338 37.78 5.83 34.95
CA ARG H 338 38.37 4.76 34.15
C ARG H 338 38.20 5.05 32.66
N ILE H 339 39.28 4.95 31.91
CA ILE H 339 39.32 5.35 30.50
C ILE H 339 39.73 4.15 29.66
N ALA H 340 39.06 3.96 28.52
CA ALA H 340 39.37 2.90 27.59
C ALA H 340 39.64 3.47 26.20
N PHE H 341 40.28 2.66 25.37
CA PHE H 341 40.77 3.12 24.07
C PHE H 341 39.65 3.13 23.04
N GLY H 342 39.48 4.26 22.37
CA GLY H 342 38.52 4.38 21.30
C GLY H 342 38.86 5.55 20.39
N THR H 343 38.57 5.43 19.10
CA THR H 343 38.99 6.41 18.11
C THR H 343 37.85 6.99 17.27
N ASP H 344 36.77 6.24 17.05
CA ASP H 344 35.66 6.67 16.15
C ASP H 344 36.15 6.69 14.70
N GLN H 345 37.04 5.77 14.31
CA GLN H 345 37.47 5.68 12.89
C GLN H 345 36.20 5.51 12.09
N GLY H 346 36.16 6.00 10.85
CA GLY H 346 34.89 6.08 10.13
C GLY H 346 34.67 7.56 9.98
N VAL H 347 35.04 8.33 11.01
CA VAL H 347 35.08 9.81 10.92
C VAL H 347 36.46 10.07 10.33
N GLY H 348 37.51 9.64 11.01
CA GLY H 348 38.87 9.72 10.45
C GLY H 348 39.19 8.49 9.61
N PRO H 349 40.30 8.46 8.85
CA PRO H 349 40.59 7.34 7.93
C PRO H 349 40.99 6.00 8.58
N HIS H 350 40.44 4.88 8.10
CA HIS H 350 40.74 3.60 8.72
C HIS H 350 42.20 3.21 8.49
N GLY H 351 42.79 2.61 9.52
CA GLY H 351 44.20 2.24 9.49
C GLY H 351 45.12 3.23 10.16
N ASP H 352 44.60 4.35 10.65
CA ASP H 352 45.39 5.37 11.33
C ASP H 352 45.03 5.45 12.82
N ASN H 353 44.45 4.38 13.34
CA ASN H 353 43.91 4.36 14.74
C ASN H 353 45.01 4.51 15.80
N ALA H 354 46.23 4.03 15.54
CA ALA H 354 47.32 4.11 16.52
C ALA H 354 47.73 5.54 16.84
N ARG H 355 47.48 6.49 15.93
CA ARG H 355 47.76 7.90 16.22
C ARG H 355 47.03 8.37 17.47
N GLU H 356 45.86 7.79 17.78
CA GLU H 356 45.17 8.14 19.01
C GLU H 356 46.06 7.96 20.23
N PHE H 357 46.89 6.91 20.24
CA PHE H 357 47.85 6.73 21.33
C PHE H 357 48.65 8.00 21.57
N VAL H 358 49.19 8.59 20.50
CA VAL H 358 49.96 9.81 20.64
C VAL H 358 49.11 10.90 21.27
N TYR H 359 47.88 11.07 20.78
CA TYR H 359 47.01 12.11 21.33
C TYR H 359 46.75 11.89 22.81
N MET H 360 46.80 10.64 23.26
CA MET H 360 46.65 10.37 24.69
C MET H 360 47.89 10.80 25.46
N VAL H 361 49.08 10.47 24.96
CA VAL H 361 50.30 10.69 25.74
C VAL H 361 50.58 12.18 25.89
N GLU H 362 50.34 12.96 24.83
CA GLU H 362 50.51 14.40 24.93
C GLU H 362 49.41 15.06 25.77
N ALA H 363 48.37 14.33 26.14
CA ALA H 363 47.32 14.88 26.99
C ALA H 363 47.56 14.62 28.47
N GLY H 364 48.70 14.05 28.83
CA GLY H 364 49.03 13.79 30.21
C GLY H 364 48.78 12.39 30.71
N ILE H 365 48.46 11.45 29.84
CA ILE H 365 48.21 10.06 30.21
C ILE H 365 49.47 9.25 29.90
N PRO H 366 50.03 8.53 30.87
CA PRO H 366 51.27 7.78 30.61
C PRO H 366 51.08 6.72 29.55
N ALA H 367 52.18 6.42 28.84
CA ALA H 367 52.12 5.44 27.76
C ALA H 367 51.74 4.05 28.25
N ALA H 368 52.18 3.68 29.45
CA ALA H 368 51.82 2.38 30.00
C ALA H 368 50.30 2.26 30.18
N TYR H 369 49.67 3.30 30.73
CA TYR H 369 48.22 3.28 30.85
C TYR H 369 47.54 3.35 29.49
N ALA H 370 48.13 4.07 28.53
CA ALA H 370 47.55 4.13 27.19
C ALA H 370 47.54 2.76 26.53
N LEU H 371 48.60 1.96 26.73
CA LEU H 371 48.64 0.63 26.17
C LEU H 371 47.72 -0.32 26.94
N GLN H 372 47.66 -0.17 28.26
CA GLN H 372 46.76 -1.01 29.06
C GLN H 372 45.30 -0.76 28.69
N ALA H 373 44.92 0.49 28.43
CA ALA H 373 43.55 0.81 28.05
C ALA H 373 43.15 0.15 26.74
N ALA H 374 44.10 -0.12 25.85
CA ALA H 374 43.84 -0.79 24.60
C ALA H 374 43.99 -2.30 24.67
N THR H 375 44.48 -2.85 25.76
CA THR H 375 44.72 -4.31 25.77
C THR H 375 43.94 -4.97 26.90
N VAL H 376 44.14 -4.52 28.14
CA VAL H 376 43.54 -5.26 29.23
C VAL H 376 42.24 -4.61 29.69
N HIS H 377 42.16 -3.28 29.56
CA HIS H 377 40.91 -2.59 29.89
C HIS H 377 39.86 -2.78 28.80
N ALA H 378 40.30 -2.92 27.54
CA ALA H 378 39.36 -3.16 26.45
C ALA H 378 38.63 -4.49 26.64
N ALA H 379 39.33 -5.51 27.14
CA ALA H 379 38.67 -6.79 27.40
C ALA H 379 37.62 -6.65 28.49
N GLN H 380 37.90 -5.86 29.52
CA GLN H 380 36.90 -5.61 30.56
C GLN H 380 35.70 -4.86 30.00
N VAL H 381 35.95 -3.90 29.12
CA VAL H 381 34.84 -3.18 28.49
C VAL H 381 34.00 -4.12 27.63
N LEU H 382 34.65 -5.01 26.88
CA LEU H 382 33.93 -5.94 26.01
C LEU H 382 33.20 -7.02 26.77
N GLY H 383 33.62 -7.33 28.00
CA GLY H 383 33.00 -8.40 28.76
C GLY H 383 33.48 -9.78 28.43
N VAL H 384 34.68 -9.91 27.84
CA VAL H 384 35.27 -11.19 27.54
C VAL H 384 36.52 -11.37 28.40
N ASP H 385 36.97 -12.61 28.50
CA ASP H 385 38.14 -12.94 29.32
C ASP H 385 39.14 -13.83 28.60
N ASP H 386 39.03 -13.97 27.28
CA ASP H 386 39.93 -14.82 26.51
C ASP H 386 40.96 -14.03 25.71
N GLN H 387 41.13 -12.75 26.01
CA GLN H 387 42.06 -11.91 25.26
C GLN H 387 42.49 -10.76 26.15
N GLY H 388 43.57 -10.08 25.73
CA GLY H 388 44.04 -8.91 26.43
C GLY H 388 45.42 -9.04 27.00
N VAL H 389 45.79 -10.23 27.46
CA VAL H 389 47.09 -10.48 28.06
C VAL H 389 47.69 -11.74 27.44
N LEU H 390 49.02 -11.75 27.31
CA LEU H 390 49.74 -12.89 26.75
C LEU H 390 49.98 -13.91 27.85
N GLU H 391 48.94 -14.68 28.16
CA GLU H 391 48.95 -15.66 29.23
C GLU H 391 48.44 -17.00 28.72
N PRO H 392 48.84 -18.11 29.33
CA PRO H 392 48.40 -19.42 28.85
C PRO H 392 46.89 -19.56 28.86
N GLY H 393 46.36 -20.23 27.84
CA GLY H 393 44.95 -20.48 27.72
C GLY H 393 44.14 -19.38 27.05
N LYS H 394 44.79 -18.34 26.54
CA LYS H 394 44.11 -17.22 25.91
C LYS H 394 44.45 -17.16 24.43
N ARG H 395 43.64 -16.40 23.70
CA ARG H 395 43.82 -16.28 22.25
C ARG H 395 45.19 -15.69 21.93
N ALA H 396 45.79 -16.17 20.84
CA ALA H 396 47.13 -15.75 20.45
C ALA H 396 47.04 -14.61 19.43
N ASP H 397 46.76 -13.43 19.95
CA ASP H 397 46.78 -12.19 19.17
C ASP H 397 48.03 -11.42 19.60
N VAL H 398 49.05 -11.44 18.75
CA VAL H 398 50.37 -10.91 19.10
C VAL H 398 50.80 -9.92 18.02
N ILE H 399 51.21 -8.73 18.44
CA ILE H 399 51.80 -7.75 17.54
C ILE H 399 53.20 -7.42 18.02
N ALA H 400 54.00 -6.87 17.12
CA ALA H 400 55.38 -6.52 17.43
C ALA H 400 55.70 -5.15 16.84
N LEU H 401 56.47 -4.37 17.60
CA LEU H 401 56.90 -3.04 17.19
C LEU H 401 58.41 -3.01 17.07
N ALA H 402 58.91 -2.18 16.15
CA ALA H 402 60.35 -2.04 15.96
C ALA H 402 60.99 -1.35 17.15
N GLY H 403 60.41 -0.23 17.60
CA GLY H 403 60.94 0.53 18.71
C GLY H 403 60.23 0.23 20.02
N ASN H 404 60.66 0.95 21.06
CA ASN H 404 60.11 0.79 22.40
C ASN H 404 59.07 1.87 22.65
N PRO H 405 57.80 1.53 22.89
CA PRO H 405 56.76 2.55 23.06
C PRO H 405 56.82 3.29 24.39
N LEU H 406 57.48 2.74 25.41
CA LEU H 406 57.50 3.37 26.72
C LEU H 406 58.46 4.56 26.79
N GLU H 407 59.31 4.75 25.79
CA GLU H 407 60.19 5.92 25.71
C GLU H 407 59.75 6.90 24.64
N ASP H 408 59.45 6.41 23.43
CA ASP H 408 58.86 7.22 22.37
C ASP H 408 57.56 6.56 21.94
N ILE H 409 56.46 7.32 21.99
CA ILE H 409 55.16 6.75 21.65
C ILE H 409 55.00 6.55 20.14
N ASN H 410 55.71 7.33 19.33
CA ASN H 410 55.56 7.23 17.87
C ASN H 410 55.92 5.85 17.34
N ALA H 411 56.64 5.04 18.12
CA ALA H 411 56.95 3.68 17.73
C ALA H 411 55.69 2.84 17.48
N VAL H 412 54.54 3.25 18.03
CA VAL H 412 53.30 2.53 17.76
C VAL H 412 52.83 2.69 16.33
N LEU H 413 53.47 3.57 15.56
CA LEU H 413 53.07 3.82 14.17
C LEU H 413 53.78 2.91 13.18
N ASP H 414 54.65 2.01 13.64
CA ASP H 414 55.41 1.11 12.76
C ASP H 414 55.26 -0.32 13.29
N VAL H 415 54.21 -1.00 12.88
CA VAL H 415 53.96 -2.38 13.29
C VAL H 415 54.60 -3.32 12.28
N ARG H 416 55.39 -4.27 12.77
CA ARG H 416 56.15 -5.17 11.92
C ARG H 416 55.61 -6.59 11.88
N PHE H 417 55.02 -7.07 12.96
CA PHE H 417 54.52 -8.44 13.03
C PHE H 417 53.11 -8.42 13.59
N VAL H 418 52.18 -9.09 12.89
CA VAL H 418 50.78 -9.17 13.29
C VAL H 418 50.35 -10.62 13.17
N MET H 419 49.85 -11.15 14.28
CA MET H 419 49.33 -12.54 14.35
C MET H 419 47.97 -12.51 15.05
N LYS H 420 46.99 -13.24 14.55
CA LYS H 420 45.65 -13.28 15.13
C LYS H 420 45.16 -14.72 15.14
N ASP H 421 44.82 -15.21 16.33
CA ASP H 421 44.31 -16.58 16.52
C ASP H 421 45.31 -17.64 16.06
N GLY H 422 46.59 -17.33 16.13
CA GLY H 422 47.63 -18.27 15.75
C GLY H 422 48.05 -18.21 14.31
N VAL H 423 47.38 -17.43 13.47
CA VAL H 423 47.71 -17.30 12.06
C VAL H 423 48.47 -15.99 11.86
N ILE H 424 49.63 -16.08 11.20
CA ILE H 424 50.45 -14.89 10.95
C ILE H 424 49.90 -14.16 9.74
N TYR H 425 49.53 -12.89 9.94
CA TYR H 425 49.07 -12.05 8.85
C TYR H 425 50.11 -11.03 8.39
N LYS H 426 51.10 -10.71 9.22
CA LYS H 426 52.18 -9.84 8.78
C LYS H 426 53.46 -10.24 9.49
N GLN H 427 54.55 -10.33 8.73
CA GLN H 427 55.86 -10.62 9.32
C GLN H 427 56.97 -9.97 8.51
ZN ZN I . 24.19 -18.98 -17.48
ZN ZN J . 21.87 -20.36 -19.75
N PHE K . 22.44 -22.50 -16.93
CA PHE K . 22.05 -23.73 -17.61
C PHE K . 20.59 -24.06 -17.33
O PHE K . 20.13 -23.98 -16.19
CB PHE K . 22.95 -24.89 -17.18
CG PHE K . 23.23 -25.89 -18.25
CD1 PHE K . 24.07 -25.58 -19.31
CD2 PHE K . 22.63 -27.15 -18.23
CE1 PHE K . 24.33 -26.50 -20.29
CE2 PHE K . 22.88 -28.06 -19.22
CZ PHE K . 23.73 -27.74 -20.25
OXT PHE K . 19.83 -24.40 -18.23
ZN ZN L . 16.73 23.19 -20.83
ZN ZN M . 17.82 20.75 -23.14
N PHE N . 20.29 21.44 -20.63
CA PHE N . 21.42 21.01 -21.44
C PHE N . 21.78 19.56 -21.12
O PHE N . 21.84 19.16 -19.97
CB PHE N . 22.63 21.91 -21.19
CG PHE N . 23.50 22.13 -22.39
CD1 PHE N . 23.06 22.93 -23.44
CD2 PHE N . 24.74 21.53 -22.49
CE1 PHE N . 23.85 23.13 -24.55
CE2 PHE N . 25.53 21.73 -23.60
CZ PHE N . 25.08 22.53 -24.64
OXT PHE N . 22.01 18.75 -22.02
ZN ZN O . -25.54 15.88 -18.62
ZN ZN P . -23.40 16.84 -21.26
N PHE Q . -23.79 19.44 -18.81
CA PHE Q . -23.46 20.52 -19.72
C PHE Q . -21.97 20.88 -19.60
O PHE Q . -21.43 21.00 -18.51
CB PHE Q . -24.32 21.75 -19.42
CG PHE Q . -24.67 22.56 -20.63
CD1 PHE Q . -25.60 22.07 -21.55
CD2 PHE Q . -24.09 23.79 -20.86
CE1 PHE Q . -25.93 22.81 -22.66
CE2 PHE Q . -24.43 24.53 -21.97
CZ PHE Q . -25.34 24.04 -22.88
OXT PHE Q . -21.28 21.06 -20.60
ZN ZN R . -18.08 -26.29 -15.27
ZN ZN S . -19.35 -24.27 -17.88
N PHE T . -21.63 -24.52 -15.11
CA PHE T . -22.82 -24.22 -15.89
C PHE T . -23.16 -22.73 -15.81
O PHE T . -23.14 -22.14 -14.73
CB PHE T . -24.00 -25.06 -15.41
CG PHE T . -24.95 -25.47 -16.49
CD1 PHE T . -24.58 -26.44 -17.41
CD2 PHE T . -26.20 -24.89 -16.59
CE1 PHE T . -25.46 -26.82 -18.41
CE2 PHE T . -27.07 -25.27 -17.59
CZ PHE T . -26.70 -26.24 -18.51
OXT PHE T . -23.46 -22.09 -16.81
ZN ZN U . 5.99 -27.93 20.48
ZN ZN V . 8.29 -26.49 22.72
N PHE W . 10.09 -27.83 20.30
CA PHE W . 11.39 -28.03 20.93
C PHE W . 12.38 -26.96 20.47
O PHE W . 12.98 -26.25 21.28
CB PHE W . 11.93 -29.43 20.62
CG PHE W . 12.67 -30.07 21.76
CD1 PHE W . 11.99 -30.67 22.79
CD2 PHE W . 14.05 -30.07 21.78
CE1 PHE W . 12.66 -31.26 23.84
CE2 PHE W . 14.73 -30.66 22.83
CZ PHE W . 14.04 -31.26 23.86
OXT PHE W . 12.60 -26.78 19.28
ZN ZN X . -28.89 -3.64 19.70
ZN ZN Y . -27.55 -5.63 22.26
N PHE Z . -28.76 -7.74 20.01
CA PHE Z . -29.00 -8.95 20.80
C PHE Z . -27.91 -9.97 20.52
O PHE Z . -27.24 -10.46 21.44
CB PHE Z . -30.38 -9.53 20.48
CG PHE Z . -31.07 -10.13 21.67
CD1 PHE Z . -31.72 -9.33 22.59
CD2 PHE Z . -31.07 -11.50 21.87
CE1 PHE Z . -32.37 -9.87 23.69
CE2 PHE Z . -31.71 -12.05 22.97
CZ PHE Z . -32.36 -11.24 23.87
OXT PHE Z . -27.67 -10.34 19.37
ZN ZN AA . -4.63 31.05 15.81
ZN ZN BA . -6.75 30.03 18.42
N PHE CA . -8.74 30.94 15.94
CA PHE CA . -9.99 31.26 16.63
C PHE CA . -11.00 30.14 16.43
O PHE CA . -11.54 29.58 17.40
CB PHE CA . -10.55 32.59 16.13
CG PHE CA . -11.21 33.42 17.20
CD1 PHE CA . -10.46 34.18 18.06
CD2 PHE CA . -12.59 33.43 17.32
CE1 PHE CA . -11.06 34.94 19.04
CE2 PHE CA . -13.20 34.19 18.30
CZ PHE CA . -12.43 34.95 19.16
OXT PHE CA . -11.31 29.75 15.31
ZN ZN DA . 30.24 6.76 16.59
ZN ZN EA . 29.09 9.17 18.88
N PHE FA . 30.12 10.85 16.21
CA PHE FA . 30.40 12.18 16.76
C PHE FA . 29.29 13.15 16.39
O PHE FA . 28.69 13.78 17.26
CB PHE FA . 31.75 12.68 16.25
CG PHE FA . 32.53 13.48 17.26
CD1 PHE FA . 33.25 12.84 18.26
CD2 PHE FA . 32.53 14.86 17.23
CE1 PHE FA . 33.97 13.56 19.19
CE2 PHE FA . 33.25 15.59 18.16
CZ PHE FA . 33.97 14.94 19.14
OXT PHE FA . 28.96 13.32 15.22
#